data_7WID
#
_entry.id   7WID
#
_cell.length_a   94.178
_cell.length_b   126.385
_cell.length_c   145.449
_cell.angle_alpha   90.000
_cell.angle_beta   94.090
_cell.angle_gamma   90.000
#
_symmetry.space_group_name_H-M   'P 1 21 1'
#
loop_
_entity.id
_entity.type
_entity.pdbx_description
1 polymer 'ATP-dependent Clp protease proteolytic subunit'
2 non-polymer (6S,9aS)-6-[(2S)-butan-2-yl]-8-(naphthalen-1-ylmethyl)-4,7-bis(oxidanylidene)-N-[4,4,4-tris(fluoranyl)butyl]-3,6,9,9a-tetrahydro-2H-pyrazino[1,2-a]pyrimidine-1-carboxamide
3 non-polymer 'MAGNESIUM ION'
4 non-polymer (4S)-2-METHYL-2,4-PENTANEDIOL
5 water water
#
_entity_poly.entity_id   1
_entity_poly.type   'polypeptide(L)'
_entity_poly.pdbx_seq_one_letter_code
;MNLIPTVIETTNRGERAYDIYSRLLKDRIIMLGSQIDDNVANSIVSQLLFLQAQDSEKDIYLYINSPGGSVTAGFAIYDT
IQHIKPDVQTICIGMAASMGSFLLAAGAKGKRFALPNAEVMIHQPLGGAQGQATEIEIAANHILKTREKLNRILSERTGQ
SIEKIQKDTDRDNFLTAEEAKEYGLIDEVMVPETK
;
_entity_poly.pdbx_strand_id   A,B,C,D,E,F,G,H,I,J,K,L,M,N
#
# COMPACT_ATOMS: atom_id res chain seq x y z
N LEU A 3 1.27 23.13 -19.18
CA LEU A 3 1.66 23.71 -20.52
C LEU A 3 1.86 25.23 -20.44
N ILE A 4 3.14 25.65 -20.40
CA ILE A 4 3.53 27.07 -20.36
C ILE A 4 3.66 27.57 -21.80
N PRO A 5 2.89 28.61 -22.17
CA PRO A 5 2.95 29.07 -23.56
C PRO A 5 4.24 29.79 -23.94
N THR A 6 4.54 29.77 -25.23
CA THR A 6 5.72 30.40 -25.79
C THR A 6 5.30 31.65 -26.54
N VAL A 7 6.12 32.70 -26.42
CA VAL A 7 5.97 33.94 -27.21
C VAL A 7 7.20 34.17 -28.09
N ILE A 8 6.95 34.57 -29.34
CA ILE A 8 8.00 34.82 -30.32
C ILE A 8 7.96 36.27 -30.78
N GLU A 9 9.10 36.94 -30.65
CA GLU A 9 9.29 38.34 -31.04
C GLU A 9 10.34 38.38 -32.16
N THR A 10 10.05 39.11 -33.23
CA THR A 10 10.94 39.20 -34.40
C THR A 10 12.04 40.29 -34.23
N THR A 11 13.31 39.85 -34.20
CA THR A 11 14.49 40.73 -34.28
C THR A 11 15.16 40.66 -35.67
N ASN A 12 16.17 41.52 -35.85
CA ASN A 12 16.96 41.56 -37.10
C ASN A 12 17.72 40.26 -37.38
N ARG A 13 18.32 39.69 -36.34
CA ARG A 13 19.05 38.42 -36.45
C ARG A 13 18.20 37.15 -36.23
N GLY A 14 16.86 37.29 -36.26
CA GLY A 14 15.94 36.14 -36.12
C GLY A 14 14.73 36.44 -35.25
N GLU A 15 13.96 35.40 -34.94
CA GLU A 15 12.83 35.50 -34.01
C GLU A 15 13.23 34.83 -32.70
N ARG A 16 13.20 35.60 -31.60
CA ARG A 16 13.65 35.07 -30.30
C ARG A 16 12.40 34.50 -29.68
N ALA A 17 12.50 33.25 -29.21
CA ALA A 17 11.39 32.54 -28.62
C ALA A 17 11.59 32.47 -27.10
N TYR A 18 10.55 32.84 -26.36
CA TYR A 18 10.56 32.85 -24.90
C TYR A 18 9.36 32.09 -24.37
N ASP A 19 9.56 31.25 -23.35
CA ASP A 19 8.44 30.85 -22.50
C ASP A 19 7.96 32.12 -21.78
N ILE A 20 6.67 32.16 -21.45
CA ILE A 20 6.06 33.40 -20.94
C ILE A 20 6.79 33.99 -19.71
N TYR A 21 7.25 33.13 -18.80
CA TYR A 21 7.93 33.59 -17.58
C TYR A 21 9.30 34.19 -17.89
N SER A 22 10.05 33.55 -18.77
CA SER A 22 11.32 34.10 -19.27
C SER A 22 11.13 35.42 -20.00
N ARG A 23 10.01 35.57 -20.73
CA ARG A 23 9.68 36.85 -21.36
C ARG A 23 9.48 37.95 -20.31
N LEU A 24 8.75 37.63 -19.24
CA LEU A 24 8.58 38.59 -18.14
C LEU A 24 9.90 38.96 -17.49
N LEU A 25 10.79 37.97 -17.31
CA LEU A 25 12.12 38.22 -16.75
C LEU A 25 12.95 39.21 -17.57
N LYS A 26 12.78 39.16 -18.90
CA LYS A 26 13.43 40.15 -19.80
C LYS A 26 13.07 41.60 -19.43
N ASP A 27 11.85 41.82 -18.94
CA ASP A 27 11.43 43.12 -18.42
C ASP A 27 11.51 43.24 -16.88
N ARG A 28 12.44 42.49 -16.27
CA ARG A 28 12.80 42.61 -14.86
C ARG A 28 11.67 42.23 -13.90
N ILE A 29 10.80 41.32 -14.35
CA ILE A 29 9.71 40.80 -13.53
C ILE A 29 10.07 39.38 -13.11
N ILE A 30 10.07 39.14 -11.79
CA ILE A 30 10.33 37.82 -11.21
C ILE A 30 9.02 37.32 -10.60
N MET A 31 8.70 36.06 -10.86
CA MET A 31 7.46 35.45 -10.38
C MET A 31 7.73 34.56 -9.17
N LEU A 32 7.23 34.97 -8.00
CA LEU A 32 7.15 34.09 -6.85
C LEU A 32 5.71 33.60 -6.79
N GLY A 33 5.46 32.49 -7.48
CA GLY A 33 4.11 31.99 -7.72
C GLY A 33 3.81 30.62 -7.16
N SER A 34 4.58 30.18 -6.17
CA SER A 34 4.42 28.85 -5.60
C SER A 34 4.82 28.84 -4.13
N GLN A 35 4.65 27.68 -3.51
CA GLN A 35 5.21 27.42 -2.18
C GLN A 35 6.72 27.66 -2.20
N ILE A 36 7.23 28.29 -1.14
CA ILE A 36 8.65 28.64 -1.05
C ILE A 36 9.42 27.44 -0.52
N ASP A 37 10.25 26.85 -1.37
CA ASP A 37 11.24 25.85 -0.96
C ASP A 37 12.61 26.29 -1.46
N ASP A 38 13.64 25.49 -1.22
CA ASP A 38 15.01 25.89 -1.60
C ASP A 38 15.19 26.07 -3.10
N ASN A 39 14.54 25.22 -3.90
CA ASN A 39 14.58 25.34 -5.37
C ASN A 39 14.03 26.69 -5.85
N VAL A 40 12.88 27.06 -5.32
CA VAL A 40 12.26 28.36 -5.63
C VAL A 40 13.19 29.50 -5.20
N ALA A 41 13.72 29.42 -3.98
CA ALA A 41 14.62 30.45 -3.48
C ALA A 41 15.89 30.57 -4.34
N ASN A 42 16.50 29.44 -4.69
CA ASN A 42 17.73 29.47 -5.52
C ASN A 42 17.48 30.13 -6.86
N SER A 43 16.34 29.81 -7.48
CA SER A 43 15.94 30.41 -8.74
C SER A 43 15.75 31.93 -8.63
N ILE A 44 14.99 32.36 -7.63
CA ILE A 44 14.73 33.79 -7.42
C ILE A 44 16.01 34.56 -7.10
N VAL A 45 16.85 33.99 -6.23
CA VAL A 45 18.15 34.59 -5.89
C VAL A 45 19.00 34.79 -7.15
N SER A 46 19.07 33.75 -7.99
CA SER A 46 19.79 33.81 -9.26
C SER A 46 19.25 34.88 -10.20
N GLN A 47 17.92 34.97 -10.30
CA GLN A 47 17.27 36.00 -11.12
C GLN A 47 17.59 37.42 -10.61
N LEU A 48 17.54 37.60 -9.30
CA LEU A 48 17.88 38.90 -8.69
C LEU A 48 19.31 39.31 -8.98
N LEU A 49 20.24 38.37 -8.81
CA LEU A 49 21.65 38.63 -9.08
C LEU A 49 21.89 38.97 -10.56
N PHE A 50 21.25 38.21 -11.45
CA PHE A 50 21.31 38.47 -12.89
C PHE A 50 20.78 39.86 -13.25
N LEU A 51 19.60 40.20 -12.73
CA LEU A 51 18.98 41.49 -13.05
C LEU A 51 19.82 42.68 -12.55
N GLN A 52 20.41 42.56 -11.36
CA GLN A 52 21.34 43.59 -10.86
C GLN A 52 22.53 43.79 -11.81
N ALA A 53 23.09 42.68 -12.28
CA ALA A 53 24.22 42.73 -13.18
C ALA A 53 23.83 43.37 -14.51
N GLN A 54 22.65 43.04 -14.97
CA GLN A 54 22.14 43.61 -16.20
C GLN A 54 21.90 45.10 -16.13
N ASP A 55 21.42 45.57 -15.00
CA ASP A 55 21.13 46.97 -14.80
C ASP A 55 21.07 47.18 -13.32
N SER A 56 22.07 47.87 -12.79
CA SER A 56 22.11 48.08 -11.37
C SER A 56 21.18 49.17 -10.86
N GLU A 57 20.53 49.94 -11.73
CA GLU A 57 19.68 51.02 -11.24
C GLU A 57 18.18 50.85 -11.42
N LYS A 58 17.79 50.21 -12.51
CA LYS A 58 16.38 50.00 -12.85
C LYS A 58 15.63 49.09 -11.85
N ASP A 59 14.42 49.46 -11.52
CA ASP A 59 13.59 48.68 -10.59
C ASP A 59 13.41 47.23 -11.06
N ILE A 60 13.26 46.34 -10.09
CA ILE A 60 12.87 44.96 -10.30
C ILE A 60 11.45 44.82 -9.73
N TYR A 61 10.66 43.94 -10.34
CA TYR A 61 9.27 43.71 -9.93
C TYR A 61 9.11 42.26 -9.47
N LEU A 62 8.84 42.07 -8.17
CA LEU A 62 8.60 40.75 -7.62
C LEU A 62 7.10 40.51 -7.43
N TYR A 63 6.55 39.70 -8.30
CA TYR A 63 5.17 39.24 -8.22
C TYR A 63 5.08 38.18 -7.13
N ILE A 64 4.10 38.31 -6.24
CA ILE A 64 3.91 37.34 -5.15
C ILE A 64 2.49 36.79 -5.14
N ASN A 65 2.38 35.52 -5.49
CA ASN A 65 1.18 34.70 -5.30
C ASN A 65 1.65 33.40 -4.66
N SER A 66 1.74 33.38 -3.34
CA SER A 66 2.41 32.30 -2.61
C SER A 66 1.81 32.07 -1.23
N PRO A 67 1.62 30.79 -0.84
CA PRO A 67 1.21 30.46 0.52
C PRO A 67 2.35 30.45 1.55
N GLY A 68 3.56 30.85 1.13
CA GLY A 68 4.74 30.84 1.99
C GLY A 68 5.45 29.52 1.87
N GLY A 69 6.13 29.12 2.95
CA GLY A 69 6.91 27.88 2.97
C GLY A 69 8.12 28.00 3.88
N SER A 70 9.26 27.50 3.41
CA SER A 70 10.48 27.45 4.22
C SER A 70 10.97 28.85 4.63
N VAL A 71 11.21 29.02 5.93
CA VAL A 71 11.68 30.29 6.48
C VAL A 71 13.11 30.60 5.98
N THR A 72 14.00 29.60 6.01
CA THR A 72 15.38 29.82 5.55
C THR A 72 15.43 30.12 4.05
N ALA A 73 14.62 29.42 3.27
CA ALA A 73 14.47 29.72 1.84
C ALA A 73 13.93 31.13 1.62
N GLY A 74 12.94 31.51 2.41
CA GLY A 74 12.44 32.89 2.42
C GLY A 74 13.51 33.92 2.74
N PHE A 75 14.35 33.63 3.74
CA PHE A 75 15.45 34.52 4.09
C PHE A 75 16.55 34.59 3.04
N ALA A 76 16.73 33.53 2.25
CA ALA A 76 17.62 33.59 1.09
C ALA A 76 17.18 34.70 0.13
N ILE A 77 15.88 34.71 -0.15
CA ILE A 77 15.28 35.72 -1.04
C ILE A 77 15.35 37.10 -0.38
N TYR A 78 14.94 37.18 0.89
CA TYR A 78 14.97 38.43 1.66
C TYR A 78 16.35 39.11 1.64
N ASP A 79 17.37 38.36 2.03
CA ASP A 79 18.74 38.91 2.09
C ASP A 79 19.28 39.33 0.73
N THR A 80 18.94 38.59 -0.31
CA THR A 80 19.37 38.94 -1.66
C THR A 80 18.69 40.23 -2.12
N ILE A 81 17.40 40.38 -1.82
CA ILE A 81 16.67 41.63 -2.10
C ILE A 81 17.37 42.82 -1.44
N GLN A 82 17.69 42.69 -0.16
CA GLN A 82 18.31 43.80 0.58
C GLN A 82 19.76 44.04 0.15
N HIS A 83 20.46 42.99 -0.28
CA HIS A 83 21.85 43.13 -0.72
C HIS A 83 22.02 43.93 -2.02
N ILE A 84 21.17 43.65 -3.00
CA ILE A 84 21.34 44.24 -4.34
C ILE A 84 20.98 45.73 -4.39
N LYS A 85 21.54 46.42 -5.38
CA LYS A 85 21.35 47.85 -5.60
C LYS A 85 19.94 48.29 -5.98
N PRO A 86 19.37 47.66 -7.03
CA PRO A 86 18.05 48.08 -7.50
C PRO A 86 16.95 47.92 -6.45
N ASP A 87 15.98 48.83 -6.46
CA ASP A 87 14.75 48.65 -5.70
C ASP A 87 14.02 47.42 -6.24
N VAL A 88 13.52 46.59 -5.33
CA VAL A 88 12.66 45.48 -5.68
C VAL A 88 11.26 45.84 -5.22
N GLN A 89 10.39 46.13 -6.20
CA GLN A 89 8.98 46.32 -5.90
C GLN A 89 8.36 44.96 -5.60
N THR A 90 7.38 44.94 -4.71
CA THR A 90 6.62 43.72 -4.45
C THR A 90 5.15 43.97 -4.77
N ILE A 91 4.52 43.00 -5.42
CA ILE A 91 3.14 43.12 -5.84
C ILE A 91 2.39 41.83 -5.49
N CYS A 92 1.47 41.92 -4.54
CA CYS A 92 0.66 40.76 -4.15
C CYS A 92 -0.56 40.63 -5.05
N ILE A 93 -0.65 39.50 -5.73
CA ILE A 93 -1.77 39.19 -6.62
C ILE A 93 -2.24 37.78 -6.24
N GLY A 94 -3.52 37.64 -5.93
CA GLY A 94 -4.07 36.39 -5.44
C GLY A 94 -3.91 36.27 -3.92
N MET A 95 -2.76 35.79 -3.48
CA MET A 95 -2.49 35.60 -2.06
C MET A 95 -1.02 35.78 -1.72
N ALA A 96 -0.75 36.33 -0.53
CA ALA A 96 0.55 36.24 0.11
C ALA A 96 0.29 35.78 1.53
N ALA A 97 0.79 34.61 1.89
CA ALA A 97 0.60 34.10 3.24
C ALA A 97 1.94 33.75 3.84
N SER A 98 2.04 33.92 5.15
CA SER A 98 3.16 33.41 5.91
C SER A 98 4.47 34.06 5.41
N MET A 99 5.51 33.28 5.11
CA MET A 99 6.75 33.80 4.54
C MET A 99 6.52 34.59 3.22
N GLY A 100 5.44 34.29 2.51
CA GLY A 100 5.02 35.09 1.37
C GLY A 100 4.67 36.55 1.72
N SER A 101 3.92 36.76 2.80
CA SER A 101 3.60 38.12 3.27
CA SER A 101 3.61 38.13 3.26
C SER A 101 4.82 38.81 3.85
N PHE A 102 5.73 38.02 4.45
CA PHE A 102 6.98 38.57 4.96
C PHE A 102 7.77 39.20 3.80
N LEU A 103 7.88 38.47 2.70
CA LEU A 103 8.57 38.97 1.51
C LEU A 103 7.84 40.13 0.86
N LEU A 104 6.52 40.11 0.86
CA LEU A 104 5.73 41.25 0.39
C LEU A 104 6.11 42.54 1.15
N ALA A 105 6.18 42.43 2.47
CA ALA A 105 6.58 43.53 3.35
C ALA A 105 8.05 43.95 3.20
N ALA A 106 8.86 43.09 2.60
CA ALA A 106 10.29 43.32 2.39
C ALA A 106 10.66 44.11 1.14
N GLY A 107 9.68 44.43 0.30
CA GLY A 107 9.92 45.21 -0.92
C GLY A 107 10.39 46.62 -0.62
N ALA A 108 10.87 47.32 -1.64
CA ALA A 108 11.38 48.68 -1.47
C ALA A 108 10.32 49.59 -0.86
N LYS A 109 10.73 50.43 0.10
CA LYS A 109 9.79 51.31 0.80
C LYS A 109 9.12 52.24 -0.20
N GLY A 110 7.79 52.31 -0.11
CA GLY A 110 6.96 53.04 -1.09
C GLY A 110 6.57 52.26 -2.33
N LYS A 111 7.12 51.05 -2.52
CA LYS A 111 6.90 50.27 -3.74
C LYS A 111 6.41 48.84 -3.42
N ARG A 112 5.65 48.72 -2.33
CA ARG A 112 5.01 47.46 -1.97
C ARG A 112 3.51 47.61 -2.24
N PHE A 113 2.97 46.73 -3.08
CA PHE A 113 1.60 46.85 -3.56
C PHE A 113 0.82 45.55 -3.40
N ALA A 114 -0.49 45.69 -3.41
CA ALA A 114 -1.39 44.56 -3.59
C ALA A 114 -2.54 45.00 -4.46
N LEU A 115 -3.07 44.08 -5.27
CA LEU A 115 -4.27 44.33 -6.04
C LEU A 115 -5.49 44.22 -5.08
N PRO A 116 -6.63 44.84 -5.44
CA PRO A 116 -7.70 45.08 -4.44
C PRO A 116 -8.30 43.85 -3.75
N ASN A 117 -8.37 42.73 -4.46
CA ASN A 117 -8.96 41.49 -3.93
C ASN A 117 -7.92 40.46 -3.50
N ALA A 118 -6.64 40.85 -3.51
CA ALA A 118 -5.56 39.99 -3.04
C ALA A 118 -5.69 39.78 -1.53
N GLU A 119 -5.33 38.58 -1.08
CA GLU A 119 -5.44 38.19 0.31
C GLU A 119 -4.06 38.15 0.94
N VAL A 120 -3.91 38.75 2.12
CA VAL A 120 -2.66 38.70 2.86
C VAL A 120 -2.91 38.01 4.20
N MET A 121 -2.08 37.01 4.53
CA MET A 121 -2.21 36.31 5.81
C MET A 121 -0.88 36.29 6.55
N ILE A 122 -0.94 36.60 7.84
CA ILE A 122 0.23 36.54 8.72
C ILE A 122 -0.05 35.57 9.87
N HIS A 123 0.97 34.81 10.25
CA HIS A 123 0.88 33.92 11.41
C HIS A 123 2.28 33.55 11.91
N GLN A 124 2.36 32.83 13.02
CA GLN A 124 3.65 32.45 13.58
C GLN A 124 4.25 31.26 12.82
N PRO A 125 5.59 31.09 12.88
CA PRO A 125 6.20 29.96 12.18
C PRO A 125 5.76 28.59 12.70
N LEU A 126 5.76 27.61 11.79
CA LEU A 126 5.37 26.24 12.06
C LEU A 126 6.59 25.34 12.00
N GLY A 127 6.61 24.29 12.80
CA GLY A 127 7.72 23.35 12.78
C GLY A 127 7.45 22.05 13.50
N GLY A 128 8.51 21.31 13.74
CA GLY A 128 8.42 20.01 14.36
C GLY A 128 9.70 19.66 15.07
N ALA A 129 9.60 18.73 16.01
CA ALA A 129 10.74 18.25 16.75
C ALA A 129 10.39 16.88 17.31
N GLN A 130 11.30 15.91 17.18
CA GLN A 130 11.12 14.59 17.79
C GLN A 130 12.51 14.09 18.30
N GLY A 131 12.46 13.33 19.39
CA GLY A 131 13.65 12.73 19.99
C GLY A 131 13.77 13.01 21.47
N GLN A 132 15.01 13.15 21.94
CA GLN A 132 15.29 13.35 23.37
C GLN A 132 14.86 14.73 23.85
N ALA A 133 14.61 14.84 25.14
CA ALA A 133 14.23 16.11 25.76
C ALA A 133 15.16 17.28 25.37
N THR A 134 16.47 17.05 25.42
CA THR A 134 17.45 18.09 25.07
C THR A 134 17.41 18.46 23.57
N GLU A 135 17.08 17.49 22.71
CA GLU A 135 16.89 17.75 21.28
C GLU A 135 15.62 18.60 21.04
N ILE A 136 14.56 18.30 21.78
CA ILE A 136 13.30 19.07 21.70
C ILE A 136 13.55 20.50 22.17
N GLU A 137 14.34 20.65 23.23
CA GLU A 137 14.71 21.97 23.77
C GLU A 137 15.47 22.81 22.73
N ILE A 138 16.46 22.19 22.07
CA ILE A 138 17.23 22.85 21.01
C ILE A 138 16.31 23.30 19.87
N ALA A 139 15.43 22.41 19.42
CA ALA A 139 14.46 22.72 18.36
C ALA A 139 13.50 23.86 18.77
N ALA A 140 13.03 23.82 20.01
CA ALA A 140 12.14 24.85 20.54
C ALA A 140 12.83 26.21 20.59
N ASN A 141 14.04 26.25 21.16
CA ASN A 141 14.83 27.47 21.23
C ASN A 141 15.10 28.04 19.84
N HIS A 142 15.38 27.15 18.88
CA HIS A 142 15.62 27.56 17.51
C HIS A 142 14.39 28.22 16.84
N ILE A 143 13.22 27.57 16.92
CA ILE A 143 12.02 28.15 16.30
C ILE A 143 11.57 29.44 17.00
N LEU A 144 11.76 29.52 18.32
CA LEU A 144 11.45 30.73 19.07
C LEU A 144 12.35 31.90 18.67
N LYS A 145 13.65 31.64 18.52
CA LYS A 145 14.59 32.65 18.04
C LYS A 145 14.28 33.08 16.60
N THR A 146 13.90 32.12 15.76
CA THR A 146 13.46 32.40 14.40
C THR A 146 12.22 33.31 14.39
N ARG A 147 11.29 33.08 15.30
CA ARG A 147 10.12 33.91 15.36
C ARG A 147 10.48 35.34 15.77
N GLU A 148 11.40 35.49 16.70
CA GLU A 148 11.83 36.80 17.17
C GLU A 148 12.43 37.62 16.04
N LYS A 149 13.25 36.96 15.25
CA LYS A 149 13.91 37.54 14.11
C LYS A 149 12.85 38.00 13.09
N LEU A 150 11.96 37.10 12.76
CA LEU A 150 10.87 37.47 11.85
C LEU A 150 10.07 38.66 12.37
N ASN A 151 9.68 38.62 13.63
CA ASN A 151 8.91 39.71 14.24
C ASN A 151 9.65 41.04 14.27
N ARG A 152 10.93 40.99 14.63
CA ARG A 152 11.77 42.19 14.67
C ARG A 152 11.80 42.87 13.30
N ILE A 153 12.04 42.08 12.24
CA ILE A 153 12.14 42.61 10.88
C ILE A 153 10.77 43.14 10.45
N LEU A 154 9.71 42.39 10.71
CA LEU A 154 8.35 42.81 10.38
C LEU A 154 7.96 44.13 11.09
N SER A 155 8.38 44.28 12.34
CA SER A 155 8.22 45.53 13.09
C SER A 155 8.92 46.71 12.36
N GLU A 156 10.17 46.50 11.96
CA GLU A 156 10.95 47.50 11.22
C GLU A 156 10.28 47.88 9.89
N ARG A 157 9.76 46.88 9.19
CA ARG A 157 9.20 47.06 7.85
C ARG A 157 7.80 47.67 7.87
N THR A 158 7.02 47.39 8.92
CA THR A 158 5.63 47.84 9.03
C THR A 158 5.44 49.09 9.88
N GLY A 159 6.37 49.36 10.80
CA GLY A 159 6.19 50.41 11.80
C GLY A 159 5.36 49.97 13.00
N GLN A 160 4.91 48.71 13.03
CA GLN A 160 4.18 48.18 14.18
C GLN A 160 5.19 47.74 15.24
N SER A 161 4.77 47.76 16.51
CA SER A 161 5.61 47.26 17.60
C SER A 161 5.77 45.74 17.54
N ILE A 162 6.88 45.25 18.08
CA ILE A 162 7.13 43.80 18.18
C ILE A 162 6.01 43.13 18.99
N GLU A 163 5.57 43.80 20.06
CA GLU A 163 4.48 43.36 20.93
C GLU A 163 3.17 43.14 20.16
N LYS A 164 2.83 44.11 19.31
CA LYS A 164 1.64 44.01 18.45
C LYS A 164 1.78 42.90 17.41
N ILE A 165 2.96 42.80 16.77
CA ILE A 165 3.23 41.74 15.78
C ILE A 165 3.05 40.35 16.43
N GLN A 166 3.65 40.16 17.60
CA GLN A 166 3.52 38.91 18.36
C GLN A 166 2.05 38.53 18.57
N LYS A 167 1.27 39.49 19.06
CA LYS A 167 -0.15 39.26 19.34
C LYS A 167 -0.94 38.97 18.06
N ASP A 168 -0.67 39.74 17.00
CA ASP A 168 -1.40 39.62 15.73
C ASP A 168 -1.02 38.41 14.88
N THR A 169 0.11 37.75 15.19
CA THR A 169 0.54 36.53 14.50
C THR A 169 0.38 35.26 15.35
N ASP A 170 -0.23 35.38 16.53
CA ASP A 170 -0.44 34.23 17.41
C ASP A 170 -1.25 33.12 16.73
N ARG A 171 -2.27 33.55 16.00
CA ARG A 171 -3.11 32.67 15.18
C ARG A 171 -3.15 33.21 13.76
N ASP A 172 -3.76 32.44 12.85
CA ASP A 172 -3.95 32.88 11.46
C ASP A 172 -4.72 34.19 11.41
N ASN A 173 -4.12 35.19 10.77
CA ASN A 173 -4.69 36.52 10.69
C ASN A 173 -4.81 36.92 9.22
N PHE A 174 -6.04 36.87 8.69
CA PHE A 174 -6.30 37.19 7.28
C PHE A 174 -6.61 38.67 7.13
N LEU A 175 -5.93 39.33 6.18
CA LEU A 175 -6.13 40.75 5.90
C LEU A 175 -6.51 40.97 4.45
N THR A 176 -7.40 41.93 4.23
CA THR A 176 -7.67 42.44 2.88
C THR A 176 -6.48 43.28 2.45
N ALA A 177 -6.42 43.62 1.16
CA ALA A 177 -5.36 44.50 0.65
C ALA A 177 -5.35 45.83 1.39
N GLU A 178 -6.53 46.42 1.58
CA GLU A 178 -6.65 47.69 2.30
C GLU A 178 -6.18 47.58 3.75
N GLU A 179 -6.56 46.49 4.42
CA GLU A 179 -6.09 46.23 5.79
C GLU A 179 -4.57 46.04 5.85
N ALA A 180 -4.01 45.36 4.85
CA ALA A 180 -2.56 45.20 4.76
C ALA A 180 -1.84 46.54 4.62
N LYS A 181 -2.42 47.45 3.86
CA LYS A 181 -1.91 48.83 3.73
C LYS A 181 -1.98 49.54 5.08
N GLU A 182 -3.13 49.47 5.73
CA GLU A 182 -3.33 50.04 7.07
C GLU A 182 -2.31 49.50 8.10
N TYR A 183 -2.02 48.20 7.99
CA TYR A 183 -1.05 47.54 8.86
C TYR A 183 0.41 47.94 8.61
N GLY A 184 0.71 48.40 7.39
CA GLY A 184 2.08 48.71 6.98
C GLY A 184 2.81 47.59 6.26
N LEU A 185 2.11 46.51 5.93
CA LEU A 185 2.69 45.41 5.13
C LEU A 185 2.90 45.80 3.66
N ILE A 186 2.02 46.68 3.16
CA ILE A 186 2.17 47.28 1.84
C ILE A 186 2.02 48.79 1.97
N ASP A 187 2.38 49.49 0.90
CA ASP A 187 2.26 50.95 0.82
C ASP A 187 0.99 51.40 0.12
N GLU A 188 0.59 50.71 -0.91
CA GLU A 188 -0.59 51.09 -1.65
C GLU A 188 -1.38 49.92 -2.26
N VAL A 189 -2.68 50.12 -2.33
CA VAL A 189 -3.54 49.19 -3.04
C VAL A 189 -3.54 49.70 -4.48
N MET A 190 -3.08 48.87 -5.41
CA MET A 190 -2.98 49.25 -6.81
C MET A 190 -4.37 49.19 -7.44
N VAL A 191 -4.91 50.36 -7.78
CA VAL A 191 -6.27 50.46 -8.33
C VAL A 191 -6.25 50.37 -9.86
N PRO A 192 -7.38 49.97 -10.48
CA PRO A 192 -7.43 49.83 -11.94
C PRO A 192 -7.10 51.09 -12.74
N LEU B 3 10.31 24.92 -13.14
CA LEU B 3 10.49 25.79 -14.34
C LEU B 3 11.63 26.80 -14.14
N ILE B 4 12.79 26.48 -14.74
CA ILE B 4 14.00 27.30 -14.67
C ILE B 4 14.00 28.32 -15.82
N PRO B 5 14.02 29.62 -15.52
CA PRO B 5 13.92 30.61 -16.59
C PRO B 5 15.17 30.71 -17.47
N THR B 6 14.96 31.18 -18.70
CA THR B 6 16.01 31.35 -19.69
C THR B 6 16.32 32.84 -19.84
N VAL B 7 17.60 33.16 -19.98
CA VAL B 7 18.06 34.51 -20.32
C VAL B 7 18.79 34.53 -21.66
N ILE B 8 18.50 35.55 -22.46
CA ILE B 8 19.08 35.71 -23.80
C ILE B 8 19.85 37.02 -23.86
N GLU B 9 21.12 36.91 -24.26
CA GLU B 9 22.02 38.04 -24.39
C GLU B 9 22.47 38.14 -25.85
N THR B 10 22.46 39.36 -26.39
CA THR B 10 23.07 39.68 -27.71
C THR B 10 24.52 40.07 -27.47
N THR B 11 25.42 39.09 -27.61
CA THR B 11 26.81 39.22 -27.16
C THR B 11 27.74 39.37 -28.36
N ASN B 12 28.23 40.58 -28.69
CA ASN B 12 29.09 40.90 -29.86
C ASN B 12 29.27 39.93 -31.05
N ARG B 13 29.62 38.67 -30.75
CA ARG B 13 29.76 37.62 -31.77
C ARG B 13 28.45 36.86 -32.09
N GLY B 14 27.30 37.37 -31.65
CA GLY B 14 25.99 36.72 -31.87
C GLY B 14 25.10 36.74 -30.63
N GLU B 15 23.94 36.08 -30.72
CA GLU B 15 22.99 35.96 -29.59
C GLU B 15 23.05 34.55 -28.98
N ARG B 16 23.09 34.50 -27.64
CA ARG B 16 23.17 33.24 -26.88
C ARG B 16 22.11 33.09 -25.77
N ALA B 17 21.50 31.91 -25.68
CA ALA B 17 20.45 31.59 -24.70
C ALA B 17 21.01 30.71 -23.58
N TYR B 18 20.75 31.11 -22.33
CA TYR B 18 21.23 30.40 -21.15
C TYR B 18 20.07 30.15 -20.19
N ASP B 19 19.97 28.95 -19.64
CA ASP B 19 19.20 28.78 -18.40
C ASP B 19 19.91 29.59 -17.31
N ILE B 20 19.17 30.08 -16.32
CA ILE B 20 19.72 31.04 -15.36
C ILE B 20 20.99 30.52 -14.63
N TYR B 21 21.02 29.24 -14.30
CA TYR B 21 22.18 28.66 -13.58
C TYR B 21 23.42 28.60 -14.46
N SER B 22 23.24 28.20 -15.72
CA SER B 22 24.32 28.21 -16.69
C SER B 22 24.83 29.63 -16.95
N ARG B 23 23.93 30.62 -16.92
CA ARG B 23 24.34 32.02 -17.02
C ARG B 23 25.24 32.43 -15.85
N LEU B 24 24.87 32.03 -14.64
CA LEU B 24 25.71 32.29 -13.46
C LEU B 24 27.08 31.60 -13.57
N LEU B 25 27.10 30.37 -14.08
CA LEU B 25 28.35 29.65 -14.29
C LEU B 25 29.31 30.35 -15.26
N LYS B 26 28.77 31.04 -16.27
CA LYS B 26 29.57 31.88 -17.17
C LYS B 26 30.39 32.94 -16.42
N ASP B 27 29.83 33.46 -15.32
CA ASP B 27 30.56 34.38 -14.43
C ASP B 27 31.17 33.70 -13.18
N ARG B 28 31.51 32.41 -13.32
CA ARG B 28 32.28 31.66 -12.32
C ARG B 28 31.54 31.46 -10.99
N ILE B 29 30.21 31.41 -11.06
CA ILE B 29 29.38 31.18 -9.89
C ILE B 29 28.82 29.76 -9.99
N ILE B 30 29.07 28.97 -8.94
CA ILE B 30 28.58 27.59 -8.83
C ILE B 30 27.54 27.56 -7.72
N MET B 31 26.42 26.90 -7.98
CA MET B 31 25.31 26.83 -7.03
C MET B 31 25.29 25.47 -6.33
N LEU B 32 25.59 25.46 -5.02
CA LEU B 32 25.31 24.30 -4.17
C LEU B 32 24.00 24.62 -3.44
N GLY B 33 22.89 24.24 -4.08
CA GLY B 33 21.55 24.64 -3.64
C GLY B 33 20.63 23.50 -3.26
N SER B 34 21.19 22.35 -2.92
CA SER B 34 20.40 21.17 -2.59
C SER B 34 21.13 20.28 -1.60
N GLN B 35 20.45 19.21 -1.19
CA GLN B 35 21.09 18.15 -0.43
C GLN B 35 22.29 17.60 -1.21
N ILE B 36 23.38 17.34 -0.50
CA ILE B 36 24.62 16.86 -1.12
C ILE B 36 24.53 15.34 -1.29
N ASP B 37 24.47 14.90 -2.55
CA ASP B 37 24.64 13.49 -2.91
C ASP B 37 25.74 13.40 -3.96
N ASP B 38 26.01 12.18 -4.45
CA ASP B 38 27.09 12.00 -5.42
C ASP B 38 26.86 12.76 -6.74
N ASN B 39 25.61 12.82 -7.20
CA ASN B 39 25.26 13.57 -8.41
C ASN B 39 25.61 15.04 -8.29
N VAL B 40 25.21 15.63 -7.17
CA VAL B 40 25.50 17.03 -6.88
C VAL B 40 27.02 17.25 -6.82
N ALA B 41 27.72 16.37 -6.09
CA ALA B 41 29.18 16.44 -5.99
C ALA B 41 29.86 16.33 -7.36
N ASN B 42 29.46 15.36 -8.16
CA ASN B 42 30.06 15.17 -9.50
C ASN B 42 29.91 16.43 -10.36
N SER B 43 28.73 17.03 -10.32
CA SER B 43 28.44 18.24 -11.07
C SER B 43 29.32 19.40 -10.61
N ILE B 44 29.40 19.62 -9.29
CA ILE B 44 30.19 20.72 -8.73
C ILE B 44 31.69 20.52 -8.99
N VAL B 45 32.18 19.30 -8.81
CA VAL B 45 33.56 18.94 -9.15
C VAL B 45 33.88 19.28 -10.62
N SER B 46 32.99 18.89 -11.53
CA SER B 46 33.15 19.15 -12.95
C SER B 46 33.18 20.65 -13.26
N GLN B 47 32.29 21.40 -12.62
CA GLN B 47 32.24 22.86 -12.77
C GLN B 47 33.52 23.53 -12.27
N LEU B 48 34.01 23.09 -11.11
CA LEU B 48 35.29 23.57 -10.56
C LEU B 48 36.47 23.32 -11.50
N LEU B 49 36.56 22.10 -12.03
CA LEU B 49 37.63 21.74 -12.97
C LEU B 49 37.56 22.58 -14.25
N PHE B 50 36.34 22.74 -14.76
CA PHE B 50 36.11 23.57 -15.95
C PHE B 50 36.53 25.02 -15.73
N LEU B 51 36.08 25.60 -14.62
CA LEU B 51 36.40 27.00 -14.31
C LEU B 51 37.91 27.24 -14.13
N GLN B 52 38.61 26.31 -13.48
CA GLN B 52 40.09 26.38 -13.39
C GLN B 52 40.74 26.40 -14.78
N ALA B 53 40.28 25.51 -15.66
CA ALA B 53 40.81 25.41 -17.03
C ALA B 53 40.57 26.69 -17.82
N GLN B 54 39.39 27.29 -17.61
CA GLN B 54 39.03 28.56 -18.24
C GLN B 54 39.90 29.72 -17.78
N ASP B 55 40.16 29.78 -16.48
CA ASP B 55 41.02 30.81 -15.89
C ASP B 55 41.53 30.31 -14.54
N SER B 56 42.84 30.07 -14.45
CA SER B 56 43.44 29.54 -13.23
C SER B 56 43.63 30.58 -12.11
N GLU B 57 43.44 31.87 -12.42
CA GLU B 57 43.71 32.95 -11.48
C GLU B 57 42.46 33.63 -10.91
N LYS B 58 41.39 33.75 -11.69
CA LYS B 58 40.19 34.46 -11.26
C LYS B 58 39.42 33.67 -10.21
N ASP B 59 38.89 34.39 -9.22
CA ASP B 59 38.09 33.78 -8.15
C ASP B 59 36.87 33.01 -8.70
N ILE B 60 36.50 31.97 -7.97
CA ILE B 60 35.26 31.22 -8.19
C ILE B 60 34.38 31.54 -6.98
N TYR B 61 33.06 31.55 -7.21
CA TYR B 61 32.07 31.86 -6.18
C TYR B 61 31.16 30.65 -5.96
N LEU B 62 31.25 30.04 -4.78
CA LEU B 62 30.39 28.90 -4.43
C LEU B 62 29.27 29.35 -3.50
N TYR B 63 28.07 29.41 -4.08
CA TYR B 63 26.84 29.72 -3.36
C TYR B 63 26.42 28.47 -2.60
N ILE B 64 26.11 28.62 -1.30
CA ILE B 64 25.70 27.50 -0.47
C ILE B 64 24.34 27.78 0.18
N ASN B 65 23.33 27.06 -0.28
CA ASN B 65 22.03 26.95 0.39
C ASN B 65 21.71 25.45 0.46
N SER B 66 22.18 24.79 1.50
CA SER B 66 22.16 23.32 1.55
C SER B 66 22.02 22.79 2.99
N PRO B 67 21.18 21.75 3.18
CA PRO B 67 21.10 21.07 4.47
C PRO B 67 22.22 20.04 4.71
N GLY B 68 23.18 19.95 3.79
CA GLY B 68 24.25 18.96 3.89
C GLY B 68 23.86 17.69 3.18
N GLY B 69 24.40 16.57 3.65
CA GLY B 69 24.16 15.27 3.02
C GLY B 69 25.36 14.35 3.14
N SER B 70 25.68 13.64 2.05
CA SER B 70 26.75 12.64 2.07
C SER B 70 28.13 13.25 2.40
N VAL B 71 28.80 12.64 3.37
CA VAL B 71 30.12 13.10 3.80
C VAL B 71 31.16 12.87 2.70
N THR B 72 31.15 11.69 2.07
CA THR B 72 32.10 11.40 1.00
C THR B 72 31.87 12.30 -0.23
N ALA B 73 30.60 12.54 -0.57
CA ALA B 73 30.26 13.50 -1.63
C ALA B 73 30.74 14.91 -1.29
N GLY B 74 30.54 15.30 -0.03
CA GLY B 74 31.08 16.55 0.47
C GLY B 74 32.59 16.65 0.33
N PHE B 75 33.28 15.56 0.66
CA PHE B 75 34.75 15.53 0.53
C PHE B 75 35.24 15.53 -0.92
N ALA B 76 34.43 15.04 -1.86
CA ALA B 76 34.73 15.19 -3.29
C ALA B 76 34.83 16.67 -3.65
N ILE B 77 33.85 17.44 -3.19
CA ILE B 77 33.82 18.89 -3.42
C ILE B 77 34.98 19.55 -2.67
N TYR B 78 35.14 19.22 -1.39
CA TYR B 78 36.21 19.78 -0.55
C TYR B 78 37.59 19.62 -1.20
N ASP B 79 37.94 18.40 -1.56
CA ASP B 79 39.27 18.12 -2.13
C ASP B 79 39.50 18.80 -3.47
N THR B 80 38.44 18.90 -4.27
CA THR B 80 38.56 19.60 -5.56
C THR B 80 38.78 21.10 -5.35
N ILE B 81 38.05 21.69 -4.39
CA ILE B 81 38.29 23.09 -4.00
C ILE B 81 39.76 23.31 -3.64
N GLN B 82 40.30 22.47 -2.76
CA GLN B 82 41.67 22.65 -2.28
C GLN B 82 42.70 22.33 -3.37
N HIS B 83 42.38 21.42 -4.28
CA HIS B 83 43.30 21.05 -5.36
C HIS B 83 43.53 22.17 -6.38
N ILE B 84 42.46 22.83 -6.80
CA ILE B 84 42.53 23.81 -7.89
C ILE B 84 43.24 25.10 -7.47
N LYS B 85 43.78 25.80 -8.47
CA LYS B 85 44.50 27.06 -8.23
C LYS B 85 43.67 28.23 -7.76
N PRO B 86 42.55 28.54 -8.45
CA PRO B 86 41.76 29.72 -8.07
C PRO B 86 41.22 29.64 -6.64
N ASP B 87 41.14 30.80 -5.98
CA ASP B 87 40.40 30.91 -4.73
C ASP B 87 38.92 30.61 -4.99
N VAL B 88 38.32 29.80 -4.12
CA VAL B 88 36.89 29.55 -4.16
C VAL B 88 36.27 30.27 -2.97
N GLN B 89 35.57 31.36 -3.27
CA GLN B 89 34.81 32.06 -2.24
C GLN B 89 33.59 31.20 -1.89
N THR B 90 33.17 31.24 -0.65
CA THR B 90 31.93 30.58 -0.24
C THR B 90 30.98 31.63 0.32
N ILE B 91 29.71 31.51 -0.06
CA ILE B 91 28.70 32.46 0.37
C ILE B 91 27.45 31.71 0.83
N CYS B 92 27.16 31.77 2.12
CA CYS B 92 25.98 31.13 2.67
C CYS B 92 24.76 32.04 2.56
N ILE B 93 23.75 31.57 1.84
CA ILE B 93 22.48 32.30 1.65
C ILE B 93 21.36 31.31 1.96
N GLY B 94 20.48 31.69 2.87
CA GLY B 94 19.44 30.78 3.37
C GLY B 94 19.94 29.92 4.52
N MET B 95 20.57 28.78 4.18
CA MET B 95 21.07 27.86 5.20
C MET B 95 22.32 27.12 4.72
N ALA B 96 23.23 26.86 5.65
CA ALA B 96 24.26 25.86 5.47
C ALA B 96 24.23 24.99 6.71
N ALA B 97 23.91 23.71 6.55
CA ALA B 97 23.88 22.80 7.67
C ALA B 97 24.76 21.60 7.39
N SER B 98 25.35 21.06 8.46
CA SER B 98 26.04 19.78 8.36
CA SER B 98 26.05 19.80 8.41
C SER B 98 27.23 19.89 7.41
N MET B 99 27.35 18.94 6.47
CA MET B 99 28.38 18.99 5.43
C MET B 99 28.33 20.29 4.59
N GLY B 100 27.16 20.93 4.53
CA GLY B 100 27.02 22.27 3.95
C GLY B 100 27.83 23.35 4.67
N SER B 101 27.78 23.36 6.00
CA SER B 101 28.59 24.29 6.79
C SER B 101 30.08 23.94 6.76
N PHE B 102 30.38 22.64 6.65
CA PHE B 102 31.77 22.19 6.48
C PHE B 102 32.35 22.81 5.20
N LEU B 103 31.61 22.74 4.11
CA LEU B 103 32.05 23.33 2.83
C LEU B 103 32.09 24.86 2.87
N LEU B 104 31.16 25.48 3.58
CA LEU B 104 31.22 26.92 3.82
C LEU B 104 32.56 27.33 4.47
N ALA B 105 32.95 26.60 5.50
CA ALA B 105 34.22 26.82 6.20
C ALA B 105 35.46 26.49 5.36
N ALA B 106 35.27 25.74 4.28
CA ALA B 106 36.35 25.32 3.38
C ALA B 106 36.72 26.31 2.29
N GLY B 107 35.98 27.42 2.17
CA GLY B 107 36.30 28.45 1.19
C GLY B 107 37.63 29.12 1.44
N ALA B 108 38.11 29.87 0.44
CA ALA B 108 39.40 30.56 0.55
C ALA B 108 39.44 31.46 1.78
N LYS B 109 40.55 31.44 2.51
CA LYS B 109 40.69 32.22 3.75
C LYS B 109 40.52 33.70 3.43
N GLY B 110 39.67 34.36 4.22
CA GLY B 110 39.28 35.74 3.99
C GLY B 110 38.11 35.95 3.02
N LYS B 111 37.65 34.87 2.36
CA LYS B 111 36.60 34.97 1.34
C LYS B 111 35.44 34.00 1.62
N ARG B 112 35.17 33.75 2.90
CA ARG B 112 34.02 32.97 3.33
C ARG B 112 33.00 33.93 3.92
N PHE B 113 31.79 33.94 3.35
CA PHE B 113 30.76 34.91 3.71
C PHE B 113 29.43 34.25 4.03
N ALA B 114 28.61 35.00 4.74
CA ALA B 114 27.19 34.68 4.89
C ALA B 114 26.41 35.98 4.84
N LEU B 115 25.21 35.93 4.27
CA LEU B 115 24.28 37.07 4.33
C LEU B 115 23.69 37.12 5.77
N PRO B 116 23.18 38.29 6.21
CA PRO B 116 22.89 38.50 7.65
C PRO B 116 21.90 37.55 8.33
N ASN B 117 20.91 37.07 7.59
CA ASN B 117 19.85 36.20 8.13
C ASN B 117 20.03 34.74 7.74
N ALA B 118 21.16 34.42 7.12
CA ALA B 118 21.50 33.05 6.78
C ALA B 118 21.75 32.25 8.06
N GLU B 119 21.34 30.99 8.04
CA GLU B 119 21.45 30.10 9.19
C GLU B 119 22.58 29.10 8.96
N VAL B 120 23.44 28.94 9.95
CA VAL B 120 24.51 27.95 9.89
C VAL B 120 24.30 26.94 11.01
N MET B 121 24.32 25.66 10.67
CA MET B 121 24.18 24.61 11.67
C MET B 121 25.33 23.61 11.59
N ILE B 122 25.89 23.26 12.75
CA ILE B 122 26.94 22.25 12.83
C ILE B 122 26.47 21.13 13.77
N HIS B 123 26.79 19.89 13.42
CA HIS B 123 26.50 18.73 14.27
C HIS B 123 27.38 17.55 13.88
N GLN B 124 27.31 16.48 14.65
CA GLN B 124 28.14 15.30 14.35
C GLN B 124 27.53 14.50 13.20
N PRO B 125 28.37 13.70 12.50
CA PRO B 125 27.83 12.89 11.40
C PRO B 125 26.78 11.87 11.83
N LEU B 126 25.87 11.57 10.90
CA LEU B 126 24.78 10.62 11.10
C LEU B 126 25.02 9.39 10.25
N GLY B 127 24.58 8.24 10.73
CA GLY B 127 24.72 7.02 9.97
C GLY B 127 23.88 5.89 10.50
N GLY B 128 24.18 4.70 10.01
CA GLY B 128 23.44 3.52 10.38
C GLY B 128 24.31 2.30 10.27
N ALA B 129 23.93 1.26 10.97
CA ALA B 129 24.62 -0.02 10.91
C ALA B 129 23.65 -1.10 11.36
N GLN B 130 23.61 -2.20 10.62
CA GLN B 130 22.85 -3.39 11.00
C GLN B 130 23.61 -4.65 10.65
N GLY B 131 23.39 -5.69 11.44
CA GLY B 131 23.95 -7.00 11.20
C GLY B 131 24.67 -7.53 12.41
N GLN B 132 25.76 -8.27 12.17
CA GLN B 132 26.52 -8.93 13.21
C GLN B 132 27.28 -7.92 14.07
N ALA B 133 27.58 -8.31 15.31
CA ALA B 133 28.35 -7.46 16.22
C ALA B 133 29.63 -6.90 15.58
N THR B 134 30.39 -7.75 14.89
CA THR B 134 31.64 -7.31 14.25
C THR B 134 31.39 -6.32 13.09
N GLU B 135 30.28 -6.49 12.39
CA GLU B 135 29.87 -5.53 11.34
C GLU B 135 29.51 -4.17 11.95
N ILE B 136 28.79 -4.20 13.07
CA ILE B 136 28.42 -2.98 13.79
C ILE B 136 29.69 -2.26 14.30
N GLU B 137 30.64 -3.04 14.80
CA GLU B 137 31.93 -2.51 15.24
C GLU B 137 32.68 -1.79 14.11
N ILE B 138 32.74 -2.43 12.94
CA ILE B 138 33.39 -1.85 11.75
C ILE B 138 32.72 -0.54 11.35
N ALA B 139 31.39 -0.54 11.31
CA ALA B 139 30.62 0.67 10.99
C ALA B 139 30.82 1.78 12.02
N ALA B 140 30.86 1.42 13.30
CA ALA B 140 31.10 2.38 14.37
C ALA B 140 32.50 3.01 14.28
N ASN B 141 33.51 2.15 14.12
CA ASN B 141 34.89 2.62 13.95
C ASN B 141 35.02 3.55 12.74
N HIS B 142 34.34 3.21 11.65
CA HIS B 142 34.35 4.02 10.43
C HIS B 142 33.75 5.42 10.64
N ILE B 143 32.55 5.50 11.23
CA ILE B 143 31.90 6.80 11.44
C ILE B 143 32.66 7.65 12.47
N LEU B 144 33.24 7.00 13.48
CA LEU B 144 34.07 7.70 14.47
C LEU B 144 35.33 8.29 13.84
N LYS B 145 36.01 7.52 12.99
CA LYS B 145 37.18 8.02 12.26
C LYS B 145 36.80 9.16 11.30
N THR B 146 35.65 9.03 10.64
CA THR B 146 35.12 10.09 9.79
C THR B 146 34.86 11.38 10.59
N ARG B 147 34.33 11.27 11.80
CA ARG B 147 34.12 12.43 12.65
C ARG B 147 35.45 13.10 13.03
N GLU B 148 36.45 12.31 13.37
CA GLU B 148 37.77 12.84 13.71
C GLU B 148 38.35 13.62 12.53
N LYS B 149 38.21 13.09 11.34
CA LYS B 149 38.66 13.71 10.10
C LYS B 149 37.97 15.06 9.92
N LEU B 150 36.67 15.04 10.01
CA LEU B 150 35.89 16.27 9.91
C LEU B 150 36.29 17.31 10.97
N ASN B 151 36.37 16.87 12.23
CA ASN B 151 36.69 17.75 13.36
C ASN B 151 38.11 18.37 13.20
N ARG B 152 39.07 17.55 12.79
CA ARG B 152 40.45 18.02 12.58
C ARG B 152 40.51 19.12 11.54
N ILE B 153 39.84 18.91 10.40
CA ILE B 153 39.82 19.90 9.32
C ILE B 153 39.09 21.17 9.78
N LEU B 154 37.94 21.00 10.44
CA LEU B 154 37.19 22.14 10.96
C LEU B 154 38.00 22.97 11.97
N SER B 155 38.78 22.29 12.80
CA SER B 155 39.72 22.95 13.72
C SER B 155 40.73 23.81 12.97
N GLU B 156 41.33 23.23 11.94
CA GLU B 156 42.29 23.94 11.06
C GLU B 156 41.66 25.16 10.38
N ARG B 157 40.42 25.00 9.91
CA ARG B 157 39.73 26.04 9.14
C ARG B 157 39.17 27.17 10.01
N THR B 158 38.78 26.84 11.25
CA THR B 158 38.14 27.82 12.15
C THR B 158 39.09 28.44 13.16
N GLY B 159 40.19 27.75 13.48
CA GLY B 159 41.06 28.13 14.59
C GLY B 159 40.57 27.66 15.95
N GLN B 160 39.46 26.92 15.99
CA GLN B 160 38.96 26.34 17.24
C GLN B 160 39.68 25.04 17.51
N SER B 161 39.80 24.67 18.79
CA SER B 161 40.40 23.39 19.17
C SER B 161 39.50 22.22 18.77
N ILE B 162 40.11 21.06 18.53
CA ILE B 162 39.38 19.82 18.23
C ILE B 162 38.42 19.49 19.39
N GLU B 163 38.88 19.71 20.62
CA GLU B 163 38.04 19.52 21.82
C GLU B 163 36.80 20.34 21.84
N LYS B 164 36.94 21.62 21.51
CA LYS B 164 35.80 22.53 21.43
C LYS B 164 34.85 22.13 20.30
N ILE B 165 35.40 21.77 19.13
CA ILE B 165 34.60 21.32 17.98
C ILE B 165 33.75 20.09 18.38
N GLN B 166 34.41 19.11 19.00
CA GLN B 166 33.74 17.89 19.48
C GLN B 166 32.54 18.24 20.37
N LYS B 167 32.78 19.10 21.36
CA LYS B 167 31.73 19.49 22.31
C LYS B 167 30.60 20.26 21.62
N ASP B 168 30.96 21.19 20.75
CA ASP B 168 29.98 22.03 20.05
C ASP B 168 29.19 21.34 18.94
N THR B 169 29.64 20.17 18.49
CA THR B 169 28.93 19.40 17.47
C THR B 169 28.23 18.14 18.04
N ASP B 170 28.25 17.98 19.36
CA ASP B 170 27.64 16.81 20.00
C ASP B 170 26.15 16.71 19.69
N ARG B 171 25.49 17.87 19.70
CA ARG B 171 24.09 18.00 19.32
C ARG B 171 23.98 19.08 18.25
N ASP B 172 22.77 19.24 17.69
CA ASP B 172 22.50 20.30 16.71
C ASP B 172 22.81 21.65 17.31
N ASN B 173 23.67 22.41 16.62
CA ASN B 173 24.11 23.71 17.09
C ASN B 173 23.83 24.74 15.99
N PHE B 174 22.78 25.53 16.20
CA PHE B 174 22.36 26.56 15.23
C PHE B 174 23.07 27.87 15.53
N LEU B 175 23.67 28.45 14.50
CA LEU B 175 24.38 29.73 14.61
C LEU B 175 23.80 30.75 13.65
N THR B 176 23.74 32.00 14.10
CA THR B 176 23.47 33.13 13.22
C THR B 176 24.71 33.37 12.37
N ALA B 177 24.57 34.18 11.33
CA ALA B 177 25.71 34.56 10.50
C ALA B 177 26.83 35.21 11.34
N GLU B 178 26.45 36.12 12.22
CA GLU B 178 27.42 36.77 13.10
C GLU B 178 28.12 35.78 14.02
N GLU B 179 27.37 34.84 14.59
CA GLU B 179 27.94 33.79 15.43
C GLU B 179 28.88 32.87 14.66
N ALA B 180 28.53 32.56 13.41
CA ALA B 180 29.39 31.79 12.51
C ALA B 180 30.72 32.51 12.23
N LYS B 181 30.67 33.83 12.07
CA LYS B 181 31.88 34.64 11.95
C LYS B 181 32.71 34.55 13.23
N GLU B 182 32.08 34.72 14.38
CA GLU B 182 32.77 34.66 15.66
C GLU B 182 33.45 33.31 15.83
N TYR B 183 32.74 32.26 15.44
CA TYR B 183 33.25 30.89 15.52
C TYR B 183 34.44 30.60 14.60
N GLY B 184 34.57 31.36 13.51
CA GLY B 184 35.60 31.13 12.51
C GLY B 184 35.16 30.28 11.32
N LEU B 185 33.85 29.99 11.22
CA LEU B 185 33.30 29.26 10.07
C LEU B 185 33.25 30.14 8.83
N ILE B 186 33.06 31.45 9.02
CA ILE B 186 33.15 32.43 7.95
C ILE B 186 34.05 33.56 8.40
N ASP B 187 34.42 34.40 7.45
CA ASP B 187 35.25 35.58 7.71
C ASP B 187 34.45 36.86 7.87
N GLU B 188 33.38 36.98 7.09
CA GLU B 188 32.59 38.18 7.13
C GLU B 188 31.09 38.00 6.89
N VAL B 189 30.30 38.83 7.57
CA VAL B 189 28.88 38.89 7.28
C VAL B 189 28.75 39.94 6.18
N MET B 190 28.25 39.53 5.03
CA MET B 190 28.14 40.43 3.88
C MET B 190 26.94 41.36 4.10
N VAL B 191 27.21 42.64 4.32
CA VAL B 191 26.17 43.63 4.61
C VAL B 191 25.65 44.28 3.32
N PRO B 192 24.42 44.85 3.34
CA PRO B 192 23.83 45.48 2.14
C PRO B 192 24.65 46.67 1.56
N LEU C 3 19.62 19.08 -12.44
CA LEU C 3 19.92 20.18 -13.40
C LEU C 3 21.43 20.29 -13.69
N ILE C 4 21.83 19.78 -14.84
CA ILE C 4 23.23 19.75 -15.30
C ILE C 4 23.51 21.04 -16.09
N PRO C 5 24.47 21.87 -15.64
CA PRO C 5 24.69 23.14 -16.34
C PRO C 5 25.33 23.00 -17.73
N THR C 6 25.09 24.01 -18.55
CA THR C 6 25.60 24.07 -19.91
C THR C 6 26.71 25.11 -19.98
N VAL C 7 27.73 24.79 -20.77
CA VAL C 7 28.84 25.68 -21.06
C VAL C 7 28.95 25.97 -22.57
N ILE C 8 29.13 27.25 -22.92
CA ILE C 8 29.21 27.69 -24.33
C ILE C 8 30.55 28.36 -24.61
N GLU C 9 31.24 27.92 -25.67
CA GLU C 9 32.54 28.53 -26.05
C GLU C 9 32.73 28.55 -27.56
N ARG C 16 29.84 26.51 -29.90
CA ARG C 16 29.39 25.17 -29.43
C ARG C 16 28.92 25.11 -27.96
N ALA C 17 27.76 24.49 -27.74
CA ALA C 17 27.18 24.36 -26.41
C ALA C 17 27.36 22.91 -25.91
N TYR C 18 27.87 22.78 -24.69
CA TYR C 18 28.12 21.48 -24.05
C TYR C 18 27.47 21.44 -22.69
N ASP C 19 26.81 20.33 -22.34
CA ASP C 19 26.57 20.02 -20.94
C ASP C 19 27.95 19.79 -20.30
N ILE C 20 28.06 20.07 -19.00
CA ILE C 20 29.38 20.07 -18.34
C ILE C 20 30.14 18.74 -18.49
N TYR C 21 29.44 17.62 -18.44
CA TYR C 21 30.09 16.30 -18.56
C TYR C 21 30.64 16.06 -19.97
N SER C 22 29.85 16.41 -20.97
CA SER C 22 30.28 16.36 -22.37
C SER C 22 31.47 17.29 -22.63
N ARG C 23 31.50 18.44 -21.96
CA ARG C 23 32.66 19.33 -22.05
C ARG C 23 33.92 18.66 -21.50
N LEU C 24 33.80 17.99 -20.35
CA LEU C 24 34.93 17.23 -19.79
C LEU C 24 35.40 16.11 -20.72
N LEU C 25 34.44 15.42 -21.35
CA LEU C 25 34.76 14.36 -22.32
C LEU C 25 35.58 14.88 -23.52
N LYS C 26 35.33 16.11 -23.94
CA LYS C 26 36.14 16.76 -24.99
C LYS C 26 37.63 16.79 -24.64
N ASP C 27 37.95 16.93 -23.34
CA ASP C 27 39.32 16.85 -22.85
C ASP C 27 39.71 15.48 -22.27
N ARG C 28 39.07 14.43 -22.78
CA ARG C 28 39.42 13.03 -22.49
C ARG C 28 39.22 12.64 -21.02
N ILE C 29 38.25 13.29 -20.36
CA ILE C 29 37.88 12.98 -18.98
C ILE C 29 36.54 12.24 -18.99
N ILE C 30 36.53 11.04 -18.40
CA ILE C 30 35.32 10.21 -18.26
C ILE C 30 34.95 10.18 -16.77
N MET C 31 33.66 10.37 -16.50
CA MET C 31 33.16 10.41 -15.13
C MET C 31 32.48 9.10 -14.76
N LEU C 32 33.08 8.35 -13.85
CA LEU C 32 32.41 7.23 -13.18
C LEU C 32 31.95 7.76 -11.82
N GLY C 33 30.74 8.32 -11.80
CA GLY C 33 30.23 9.07 -10.65
C GLY C 33 28.97 8.50 -10.03
N SER C 34 28.71 7.22 -10.24
CA SER C 34 27.48 6.60 -9.74
C SER C 34 27.72 5.12 -9.46
N GLN C 35 26.68 4.48 -8.93
CA GLN C 35 26.65 3.03 -8.81
C GLN C 35 26.88 2.41 -10.20
N ILE C 36 27.67 1.35 -10.24
CA ILE C 36 28.01 0.67 -11.49
C ILE C 36 26.91 -0.32 -11.85
N ASP C 37 26.17 -0.03 -12.92
CA ASP C 37 25.25 -0.99 -13.53
C ASP C 37 25.60 -1.11 -15.02
N ASP C 38 24.84 -1.89 -15.77
CA ASP C 38 25.14 -2.10 -17.18
C ASP C 38 25.08 -0.81 -18.01
N ASN C 39 24.11 0.05 -17.72
CA ASN C 39 23.98 1.34 -18.41
C ASN C 39 25.22 2.20 -18.25
N VAL C 40 25.69 2.31 -17.01
CA VAL C 40 26.91 3.05 -16.70
C VAL C 40 28.11 2.43 -17.43
N ALA C 41 28.23 1.11 -17.36
CA ALA C 41 29.32 0.40 -18.05
C ALA C 41 29.28 0.61 -19.57
N ASN C 42 28.10 0.50 -20.18
CA ASN C 42 27.98 0.68 -21.64
C ASN C 42 28.41 2.07 -22.07
N SER C 43 28.01 3.07 -21.29
CA SER C 43 28.38 4.46 -21.55
C SER C 43 29.89 4.66 -21.46
N ILE C 44 30.50 4.18 -20.37
CA ILE C 44 31.94 4.33 -20.17
C ILE C 44 32.75 3.56 -21.23
N VAL C 45 32.33 2.35 -21.55
CA VAL C 45 32.94 1.56 -22.63
C VAL C 45 32.92 2.32 -23.96
N SER C 46 31.76 2.90 -24.29
CA SER C 46 31.60 3.67 -25.51
C SER C 46 32.51 4.91 -25.53
N GLN C 47 32.59 5.59 -24.40
CA GLN C 47 33.46 6.76 -24.26
C GLN C 47 34.94 6.39 -24.44
N LEU C 48 35.35 5.29 -23.83
CA LEU C 48 36.71 4.78 -23.99
C LEU C 48 37.06 4.46 -25.44
N LEU C 49 36.16 3.76 -26.12
CA LEU C 49 36.35 3.41 -27.53
C LEU C 49 36.43 4.65 -28.41
N PHE C 50 35.55 5.61 -28.15
CA PHE C 50 35.56 6.89 -28.87
C PHE C 50 36.86 7.66 -28.67
N LEU C 51 37.30 7.78 -27.43
CA LEU C 51 38.54 8.51 -27.11
C LEU C 51 39.77 7.87 -27.75
N GLN C 52 39.86 6.53 -27.74
CA GLN C 52 40.94 5.82 -28.45
C GLN C 52 40.95 6.16 -29.94
N ALA C 53 39.78 6.14 -30.56
CA ALA C 53 39.64 6.44 -32.00
C ALA C 53 40.06 7.88 -32.31
N GLN C 54 39.71 8.79 -31.42
CA GLN C 54 40.11 10.19 -31.53
C GLN C 54 41.61 10.41 -31.43
N ASP C 55 42.25 9.72 -30.49
CA ASP C 55 43.69 9.78 -30.30
C ASP C 55 44.14 8.54 -29.54
N SER C 56 44.90 7.67 -30.21
CA SER C 56 45.35 6.41 -29.60
C SER C 56 46.52 6.57 -28.63
N GLU C 57 47.12 7.76 -28.58
CA GLU C 57 48.33 7.99 -27.77
C GLU C 57 48.12 8.84 -26.52
N LYS C 58 47.21 9.81 -26.56
CA LYS C 58 47.00 10.72 -25.43
C LYS C 58 46.29 10.02 -24.27
N ASP C 59 46.71 10.35 -23.04
CA ASP C 59 46.10 9.79 -21.83
C ASP C 59 44.59 10.07 -21.76
N ILE C 60 43.88 9.15 -21.11
CA ILE C 60 42.49 9.31 -20.75
C ILE C 60 42.46 9.43 -19.22
N TYR C 61 41.49 10.18 -18.70
CA TYR C 61 41.35 10.40 -17.26
C TYR C 61 40.00 9.86 -16.79
N LEU C 62 40.04 8.81 -15.96
CA LEU C 62 38.83 8.24 -15.39
C LEU C 62 38.65 8.71 -13.94
N TYR C 63 37.70 9.62 -13.77
CA TYR C 63 37.27 10.09 -12.45
C TYR C 63 36.41 9.01 -11.80
N ILE C 64 36.70 8.69 -10.55
CA ILE C 64 35.94 7.67 -9.81
C ILE C 64 35.42 8.23 -8.49
N ASN C 65 34.09 8.39 -8.44
CA ASN C 65 33.34 8.65 -7.22
C ASN C 65 32.16 7.68 -7.23
N SER C 66 32.37 6.47 -6.72
CA SER C 66 31.42 5.38 -6.91
C SER C 66 31.42 4.39 -5.74
N PRO C 67 30.23 3.94 -5.30
CA PRO C 67 30.14 2.89 -4.29
C PRO C 67 30.30 1.47 -4.87
N GLY C 68 30.61 1.35 -6.15
CA GLY C 68 30.72 0.07 -6.82
C GLY C 68 29.39 -0.35 -7.41
N GLY C 69 29.17 -1.66 -7.50
CA GLY C 69 27.95 -2.21 -8.10
C GLY C 69 28.22 -3.52 -8.79
N SER C 70 27.63 -3.70 -9.98
CA SER C 70 27.71 -4.96 -10.70
C SER C 70 29.14 -5.35 -11.07
N VAL C 71 29.52 -6.57 -10.73
CA VAL C 71 30.86 -7.10 -11.01
C VAL C 71 31.07 -7.26 -12.53
N THR C 72 30.09 -7.83 -13.22
CA THR C 72 30.20 -8.00 -14.69
C THR C 72 30.26 -6.66 -15.41
N ALA C 73 29.44 -5.69 -14.97
CA ALA C 73 29.49 -4.33 -15.51
C ALA C 73 30.86 -3.69 -15.26
N GLY C 74 31.38 -3.89 -14.06
CA GLY C 74 32.73 -3.47 -13.72
C GLY C 74 33.78 -4.08 -14.63
N PHE C 75 33.65 -5.38 -14.91
CA PHE C 75 34.59 -6.06 -15.82
C PHE C 75 34.46 -5.64 -17.29
N ALA C 76 33.28 -5.15 -17.71
CA ALA C 76 33.14 -4.52 -19.01
C ALA C 76 34.06 -3.31 -19.13
N ILE C 77 34.06 -2.47 -18.09
CA ILE C 77 34.91 -1.29 -18.04
C ILE C 77 36.38 -1.71 -17.93
N TYR C 78 36.67 -2.63 -17.02
CA TYR C 78 38.04 -3.13 -16.81
C TYR C 78 38.67 -3.63 -18.11
N ASP C 79 37.99 -4.55 -18.79
CA ASP C 79 38.54 -5.13 -20.03
C ASP C 79 38.71 -4.11 -21.15
N THR C 80 37.80 -3.14 -21.24
CA THR C 80 37.93 -2.08 -22.25
C THR C 80 39.13 -1.18 -21.94
N ILE C 81 39.33 -0.84 -20.67
CA ILE C 81 40.53 -0.10 -20.25
C ILE C 81 41.80 -0.83 -20.70
N GLN C 82 41.89 -2.13 -20.41
CA GLN C 82 43.10 -2.89 -20.73
C GLN C 82 43.27 -3.12 -22.23
N HIS C 83 42.15 -3.21 -22.95
CA HIS C 83 42.20 -3.43 -24.40
C HIS C 83 42.76 -2.25 -25.19
N ILE C 84 42.33 -1.03 -24.84
CA ILE C 84 42.68 0.15 -25.64
C ILE C 84 44.14 0.57 -25.46
N LYS C 85 44.64 1.31 -26.44
CA LYS C 85 46.02 1.80 -26.48
C LYS C 85 46.41 2.83 -25.44
N PRO C 86 45.62 3.92 -25.35
CA PRO C 86 45.97 4.98 -24.41
C PRO C 86 46.00 4.52 -22.95
N ASP C 87 46.91 5.11 -22.17
CA ASP C 87 46.87 4.96 -20.72
C ASP C 87 45.58 5.58 -20.17
N VAL C 88 44.92 4.88 -19.26
CA VAL C 88 43.77 5.40 -18.56
C VAL C 88 44.20 5.69 -17.13
N GLN C 89 44.33 6.97 -16.81
CA GLN C 89 44.61 7.39 -15.44
C GLN C 89 43.31 7.19 -14.65
N THR C 90 43.46 6.86 -13.37
CA THR C 90 42.31 6.79 -12.47
C THR C 90 42.53 7.79 -11.35
N ILE C 91 41.48 8.54 -11.00
CA ILE C 91 41.61 9.52 -9.90
C ILE C 91 40.35 9.33 -8.97
N CYS C 92 40.59 8.89 -7.73
CA CYS C 92 39.51 8.74 -6.76
C CYS C 92 39.25 10.04 -6.04
N ILE C 93 38.01 10.53 -6.16
CA ILE C 93 37.57 11.77 -5.52
C ILE C 93 36.25 11.45 -4.83
N GLY C 94 36.18 11.73 -3.53
CA GLY C 94 35.04 11.36 -2.71
C GLY C 94 35.16 9.96 -2.18
N MET C 95 34.74 8.97 -2.98
CA MET C 95 34.80 7.57 -2.56
C MET C 95 35.01 6.62 -3.75
N ALA C 96 35.76 5.55 -3.51
CA ALA C 96 35.76 4.39 -4.39
C ALA C 96 35.56 3.19 -3.49
N ALA C 97 34.45 2.47 -3.66
CA ALA C 97 34.18 1.29 -2.87
C ALA C 97 33.91 0.11 -3.77
N SER C 98 34.31 -1.07 -3.29
CA SER C 98 33.93 -2.31 -3.91
C SER C 98 34.47 -2.38 -5.36
N MET C 99 33.65 -2.70 -6.35
CA MET C 99 34.06 -2.67 -7.77
C MET C 99 34.62 -1.29 -8.21
N GLY C 100 34.22 -0.22 -7.52
CA GLY C 100 34.80 1.10 -7.73
C GLY C 100 36.30 1.16 -7.40
N SER C 101 36.69 0.57 -6.26
CA SER C 101 38.11 0.50 -5.90
C SER C 101 38.87 -0.47 -6.79
N PHE C 102 38.20 -1.52 -7.25
CA PHE C 102 38.79 -2.45 -8.21
C PHE C 102 39.21 -1.69 -9.48
N LEU C 103 38.30 -0.88 -10.00
CA LEU C 103 38.59 -0.05 -11.19
C LEU C 103 39.63 1.03 -10.93
N LEU C 104 39.63 1.60 -9.73
CA LEU C 104 40.70 2.54 -9.33
C LEU C 104 42.08 1.88 -9.46
N ALA C 105 42.20 0.66 -8.93
CA ALA C 105 43.43 -0.13 -9.00
C ALA C 105 43.81 -0.58 -10.41
N ALA C 106 42.84 -0.54 -11.33
CA ALA C 106 43.02 -0.96 -12.72
C ALA C 106 43.58 0.10 -13.66
N GLY C 107 43.76 1.33 -13.19
CA GLY C 107 44.34 2.40 -14.00
C GLY C 107 45.77 2.12 -14.40
N ALA C 108 46.28 2.90 -15.36
CA ALA C 108 47.65 2.74 -15.85
C ALA C 108 48.65 2.81 -14.71
N LYS C 109 49.62 1.91 -14.73
CA LYS C 109 50.61 1.84 -13.66
C LYS C 109 51.38 3.15 -13.56
N GLY C 110 51.48 3.68 -12.34
CA GLY C 110 52.05 5.00 -12.09
C GLY C 110 51.08 6.17 -12.24
N LYS C 111 49.86 5.91 -12.72
CA LYS C 111 48.88 6.97 -12.98
C LYS C 111 47.54 6.70 -12.28
N ARG C 112 47.60 6.07 -11.10
CA ARG C 112 46.43 5.85 -10.26
C ARG C 112 46.56 6.78 -9.06
N PHE C 113 45.55 7.64 -8.87
CA PHE C 113 45.60 8.69 -7.86
C PHE C 113 44.35 8.72 -6.98
N ALA C 114 44.50 9.34 -5.82
CA ALA C 114 43.37 9.72 -4.99
C ALA C 114 43.68 11.07 -4.39
N LEU C 115 42.66 11.90 -4.17
CA LEU C 115 42.79 13.16 -3.45
C LEU C 115 42.87 12.83 -1.95
N PRO C 116 43.42 13.73 -1.15
CA PRO C 116 43.82 13.37 0.23
C PRO C 116 42.73 12.84 1.17
N ASN C 117 41.50 13.33 1.01
CA ASN C 117 40.38 12.96 1.88
C ASN C 117 39.42 11.97 1.23
N ALA C 118 39.79 11.47 0.04
CA ALA C 118 39.00 10.45 -0.63
C ALA C 118 39.04 9.14 0.18
N GLU C 119 37.93 8.43 0.16
CA GLU C 119 37.80 7.17 0.90
C GLU C 119 37.84 5.99 -0.08
N VAL C 120 38.63 4.98 0.26
CA VAL C 120 38.69 3.76 -0.53
C VAL C 120 38.25 2.59 0.35
N MET C 121 37.31 1.79 -0.16
CA MET C 121 36.83 0.62 0.58
C MET C 121 36.94 -0.64 -0.28
N ILE C 122 37.46 -1.71 0.32
CA ILE C 122 37.52 -3.01 -0.32
C ILE C 122 36.78 -4.04 0.53
N HIS C 123 36.06 -4.94 -0.14
CA HIS C 123 35.37 -6.04 0.53
C HIS C 123 35.08 -7.17 -0.46
N GLN C 124 34.57 -8.28 0.03
CA GLN C 124 34.24 -9.41 -0.84
C GLN C 124 32.94 -9.16 -1.60
N PRO C 125 32.76 -9.85 -2.76
CA PRO C 125 31.53 -9.65 -3.51
C PRO C 125 30.27 -10.08 -2.75
N LEU C 126 29.15 -9.43 -3.08
CA LEU C 126 27.85 -9.69 -2.48
C LEU C 126 26.94 -10.31 -3.52
N GLY C 127 26.04 -11.17 -3.07
CA GLY C 127 25.08 -11.79 -3.98
C GLY C 127 23.93 -12.47 -3.26
N GLY C 128 23.21 -13.26 -4.03
CA GLY C 128 22.04 -13.95 -3.52
C GLY C 128 21.80 -15.23 -4.28
N ALA C 129 21.06 -16.14 -3.66
CA ALA C 129 20.69 -17.39 -4.28
C ALA C 129 19.47 -17.92 -3.57
N GLN C 130 18.51 -18.41 -4.36
CA GLN C 130 17.32 -19.03 -3.82
C GLN C 130 16.85 -20.16 -4.71
N GLY C 131 16.28 -21.18 -4.09
CA GLY C 131 15.74 -22.33 -4.81
C GLY C 131 16.25 -23.65 -4.26
N GLN C 132 16.44 -24.61 -5.16
CA GLN C 132 16.88 -25.96 -4.80
C GLN C 132 18.32 -25.98 -4.34
N ALA C 133 18.67 -26.99 -3.54
CA ALA C 133 20.04 -27.16 -3.04
C ALA C 133 21.09 -27.08 -4.15
N THR C 134 20.84 -27.77 -5.27
CA THR C 134 21.79 -27.78 -6.40
C THR C 134 21.89 -26.39 -7.09
N GLU C 135 20.79 -25.64 -7.10
CA GLU C 135 20.81 -24.25 -7.59
C GLU C 135 21.64 -23.35 -6.67
N ILE C 136 21.51 -23.53 -5.36
CA ILE C 136 22.27 -22.76 -4.37
CA ILE C 136 22.29 -22.77 -4.37
C ILE C 136 23.77 -23.09 -4.52
N GLU C 137 24.07 -24.36 -4.74
CA GLU C 137 25.44 -24.82 -4.97
C GLU C 137 26.07 -24.14 -6.20
N ILE C 138 25.33 -24.11 -7.31
CA ILE C 138 25.78 -23.45 -8.54
C ILE C 138 26.04 -21.96 -8.30
N ALA C 139 25.11 -21.29 -7.64
CA ALA C 139 25.27 -19.88 -7.30
C ALA C 139 26.47 -19.62 -6.37
N ALA C 140 26.65 -20.49 -5.39
CA ALA C 140 27.80 -20.40 -4.47
C ALA C 140 29.14 -20.58 -5.19
N ASN C 141 29.22 -21.63 -6.01
CA ASN C 141 30.43 -21.89 -6.81
C ASN C 141 30.74 -20.71 -7.73
N HIS C 142 29.70 -20.12 -8.33
CA HIS C 142 29.86 -18.97 -9.22
C HIS C 142 30.43 -17.75 -8.51
N ILE C 143 29.84 -17.37 -7.37
CA ILE C 143 30.32 -16.18 -6.64
C ILE C 143 31.73 -16.40 -6.06
N LEU C 144 32.01 -17.62 -5.63
CA LEU C 144 33.36 -17.97 -5.15
C LEU C 144 34.41 -17.87 -6.25
N LYS C 145 34.09 -18.38 -7.44
CA LYS C 145 34.99 -18.24 -8.59
C LYS C 145 35.18 -16.77 -9.01
N THR C 146 34.10 -16.00 -8.96
CA THR C 146 34.16 -14.56 -9.21
C THR C 146 35.08 -13.85 -8.21
N ARG C 147 35.01 -14.26 -6.95
CA ARG C 147 35.87 -13.72 -5.92
C ARG C 147 37.34 -14.07 -6.17
N GLU C 148 37.63 -15.30 -6.59
CA GLU C 148 39.00 -15.69 -6.91
C GLU C 148 39.52 -14.85 -8.06
N LYS C 149 38.68 -14.63 -9.07
CA LYS C 149 39.01 -13.82 -10.24
C LYS C 149 39.40 -12.39 -9.85
N LEU C 150 38.55 -11.77 -9.08
CA LEU C 150 38.79 -10.44 -8.54
C LEU C 150 40.08 -10.36 -7.72
N ASN C 151 40.25 -11.32 -6.80
CA ASN C 151 41.44 -11.33 -5.93
C ASN C 151 42.73 -11.49 -6.70
N ARG C 152 42.73 -12.39 -7.69
CA ARG C 152 43.90 -12.64 -8.53
C ARG C 152 44.34 -11.37 -9.24
N ILE C 153 43.39 -10.66 -9.85
CA ILE C 153 43.68 -9.41 -10.56
C ILE C 153 44.15 -8.33 -9.59
N LEU C 154 43.46 -8.20 -8.46
CA LEU C 154 43.87 -7.23 -7.42
C LEU C 154 45.28 -7.49 -6.90
N SER C 155 45.63 -8.77 -6.74
CA SER C 155 46.99 -9.16 -6.37
C SER C 155 48.01 -8.66 -7.40
N GLU C 156 47.71 -8.88 -8.67
CA GLU C 156 48.57 -8.46 -9.79
C GLU C 156 48.73 -6.94 -9.84
N ARG C 157 47.62 -6.23 -9.59
CA ARG C 157 47.59 -4.77 -9.67
C ARG C 157 48.21 -4.07 -8.45
N THR C 158 48.11 -4.68 -7.27
CA THR C 158 48.61 -4.09 -6.03
C THR C 158 49.99 -4.56 -5.59
N GLY C 159 50.39 -5.75 -6.04
CA GLY C 159 51.59 -6.41 -5.52
C GLY C 159 51.38 -7.15 -4.21
N GLN C 160 50.15 -7.16 -3.69
CA GLN C 160 49.82 -7.92 -2.48
C GLN C 160 49.53 -9.37 -2.87
N SER C 161 49.77 -10.29 -1.94
CA SER C 161 49.46 -11.71 -2.17
C SER C 161 47.95 -11.93 -2.21
N ILE C 162 47.54 -12.98 -2.93
CA ILE C 162 46.13 -13.40 -2.96
C ILE C 162 45.63 -13.72 -1.53
N GLU C 163 46.48 -14.36 -0.74
CA GLU C 163 46.20 -14.70 0.68
C GLU C 163 45.88 -13.46 1.51
N LYS C 164 46.69 -12.41 1.35
CA LYS C 164 46.48 -11.14 2.05
C LYS C 164 45.20 -10.44 1.56
N ILE C 165 44.98 -10.42 0.24
CA ILE C 165 43.76 -9.84 -0.34
C ILE C 165 42.51 -10.52 0.23
N GLN C 166 42.51 -11.86 0.24
CA GLN C 166 41.41 -12.65 0.81
C GLN C 166 41.09 -12.22 2.24
N LYS C 167 42.13 -12.17 3.07
CA LYS C 167 41.98 -11.80 4.47
C LYS C 167 41.48 -10.36 4.64
N ASP C 168 42.07 -9.45 3.88
CA ASP C 168 41.73 -8.02 3.98
C ASP C 168 40.38 -7.63 3.39
N THR C 169 39.77 -8.50 2.60
CA THR C 169 38.46 -8.25 2.01
C THR C 169 37.34 -9.09 2.63
N ASP C 170 37.66 -9.84 3.69
CA ASP C 170 36.69 -10.70 4.37
C ASP C 170 35.50 -9.89 4.90
N ARG C 171 35.80 -8.73 5.43
CA ARG C 171 34.78 -7.77 5.87
C ARG C 171 35.13 -6.39 5.27
N ASP C 172 34.23 -5.43 5.46
CA ASP C 172 34.43 -4.06 4.96
C ASP C 172 35.72 -3.50 5.50
N ASN C 173 36.59 -3.05 4.60
CA ASN C 173 37.90 -2.52 4.96
C ASN C 173 38.03 -1.12 4.37
N PHE C 174 37.91 -0.11 5.22
CA PHE C 174 38.00 1.29 4.82
C PHE C 174 39.43 1.78 4.90
N LEU C 175 39.91 2.39 3.82
CA LEU C 175 41.26 2.93 3.75
C LEU C 175 41.23 4.42 3.43
N THR C 176 42.15 5.15 4.06
CA THR C 176 42.44 6.53 3.66
C THR C 176 43.18 6.49 2.32
N ALA C 177 43.30 7.65 1.68
CA ALA C 177 44.06 7.75 0.42
C ALA C 177 45.50 7.29 0.62
N GLU C 178 46.13 7.74 1.71
CA GLU C 178 47.50 7.33 2.02
C GLU C 178 47.63 5.82 2.25
N GLU C 179 46.66 5.24 2.97
CA GLU C 179 46.63 3.80 3.18
C GLU C 179 46.44 3.03 1.87
N ALA C 180 45.60 3.56 0.98
CA ALA C 180 45.40 2.97 -0.35
C ALA C 180 46.70 2.96 -1.17
N LYS C 181 47.48 4.04 -1.06
CA LYS C 181 48.80 4.10 -1.69
C LYS C 181 49.73 3.04 -1.10
N GLU C 182 49.78 2.97 0.23
CA GLU C 182 50.58 1.97 0.93
C GLU C 182 50.20 0.53 0.53
N TYR C 183 48.90 0.31 0.33
CA TYR C 183 48.37 -0.98 -0.09
C TYR C 183 48.70 -1.37 -1.55
N GLY C 184 48.94 -0.36 -2.40
CA GLY C 184 49.19 -0.56 -3.83
C GLY C 184 47.95 -0.41 -4.70
N LEU C 185 46.84 0.06 -4.12
CA LEU C 185 45.62 0.34 -4.90
C LEU C 185 45.75 1.59 -5.75
N ILE C 186 46.54 2.55 -5.28
CA ILE C 186 46.92 3.72 -6.04
C ILE C 186 48.43 3.91 -5.97
N ASP C 187 48.94 4.79 -6.82
CA ASP C 187 50.37 5.11 -6.87
C ASP C 187 50.71 6.35 -6.08
N GLU C 188 49.82 7.33 -6.10
CA GLU C 188 50.05 8.55 -5.37
C GLU C 188 48.84 9.27 -4.84
N VAL C 189 49.04 9.93 -3.71
CA VAL C 189 48.05 10.86 -3.21
C VAL C 189 48.31 12.21 -3.90
N MET C 190 47.33 12.70 -4.66
CA MET C 190 47.49 13.95 -5.39
C MET C 190 47.34 15.11 -4.41
N VAL C 191 48.44 15.83 -4.17
CA VAL C 191 48.46 16.94 -3.21
C VAL C 191 48.12 18.27 -3.90
N PRO C 192 47.63 19.27 -3.14
CA PRO C 192 47.23 20.56 -3.72
C PRO C 192 48.33 21.33 -4.47
N GLU C 193 47.97 21.92 -5.62
CA GLU C 193 48.98 22.60 -6.46
C GLU C 193 49.56 23.84 -5.80
N LEU D 3 22.35 12.16 -18.80
CA LEU D 3 23.03 10.86 -18.54
C LEU D 3 24.09 10.53 -19.61
N ILE D 4 23.67 10.58 -20.87
CA ILE D 4 24.47 10.13 -22.02
C ILE D 4 25.25 11.31 -22.63
N PRO D 5 26.59 11.24 -22.65
CA PRO D 5 27.36 12.38 -23.14
C PRO D 5 27.26 12.61 -24.65
N THR D 6 27.50 13.85 -25.05
CA THR D 6 27.48 14.28 -26.44
C THR D 6 28.91 14.48 -26.93
N VAL D 7 29.16 14.09 -28.17
CA VAL D 7 30.42 14.38 -28.87
C VAL D 7 30.19 15.23 -30.12
N ILE D 8 31.05 16.23 -30.32
CA ILE D 8 30.96 17.16 -31.46
C ILE D 8 32.23 17.10 -32.30
N GLU D 9 32.09 16.85 -33.60
CA GLU D 9 33.23 16.74 -34.52
C GLU D 9 33.25 17.84 -35.59
N ALA D 17 26.82 17.14 -34.01
CA ALA D 17 26.71 16.71 -32.62
C ALA D 17 26.04 15.35 -32.54
N TYR D 18 26.66 14.43 -31.81
CA TYR D 18 26.16 13.06 -31.64
C TYR D 18 26.12 12.71 -30.15
N ASP D 19 25.04 12.07 -29.70
CA ASP D 19 25.12 11.31 -28.45
C ASP D 19 26.11 10.16 -28.70
N ILE D 20 26.78 9.70 -27.65
CA ILE D 20 27.88 8.74 -27.81
C ILE D 20 27.47 7.46 -28.57
N TYR D 21 26.27 6.95 -28.33
CA TYR D 21 25.80 5.71 -28.97
C TYR D 21 25.55 5.92 -30.46
N SER D 22 24.92 7.04 -30.81
CA SER D 22 24.74 7.43 -32.21
C SER D 22 26.09 7.63 -32.93
N ARG D 23 27.08 8.16 -32.21
CA ARG D 23 28.43 8.27 -32.77
C ARG D 23 29.01 6.90 -33.10
N LEU D 24 28.84 5.93 -32.19
CA LEU D 24 29.29 4.56 -32.46
C LEU D 24 28.57 3.94 -33.65
N LEU D 25 27.27 4.21 -33.77
CA LEU D 25 26.47 3.72 -34.90
C LEU D 25 26.99 4.24 -36.25
N LYS D 26 27.49 5.47 -36.28
CA LYS D 26 28.13 6.02 -37.48
C LYS D 26 29.28 5.15 -38.00
N ASP D 27 30.00 4.49 -37.08
CA ASP D 27 31.04 3.52 -37.43
C ASP D 27 30.58 2.05 -37.37
N ARG D 28 29.29 1.84 -37.60
CA ARG D 28 28.69 0.51 -37.76
C ARG D 28 28.76 -0.36 -36.50
N ILE D 29 28.73 0.29 -35.34
CA ILE D 29 28.73 -0.40 -34.04
C ILE D 29 27.34 -0.27 -33.43
N ILE D 30 26.73 -1.41 -33.13
CA ILE D 30 25.41 -1.49 -32.48
C ILE D 30 25.62 -2.00 -31.06
N MET D 31 24.96 -1.36 -30.11
CA MET D 31 25.09 -1.71 -28.69
C MET D 31 23.87 -2.50 -28.22
N LEU D 32 24.09 -3.78 -27.91
CA LEU D 32 23.10 -4.57 -27.17
C LEU D 32 23.57 -4.58 -25.72
N GLY D 33 23.14 -3.59 -24.96
CA GLY D 33 23.65 -3.31 -23.61
C GLY D 33 22.63 -3.39 -22.49
N SER D 34 21.53 -4.10 -22.73
CA SER D 34 20.46 -4.18 -21.76
C SER D 34 19.73 -5.51 -21.87
N GLN D 35 18.77 -5.72 -20.97
CA GLN D 35 17.82 -6.81 -21.09
C GLN D 35 17.11 -6.74 -22.44
N ILE D 36 16.93 -7.89 -23.07
CA ILE D 36 16.32 -7.97 -24.40
C ILE D 36 14.79 -7.98 -24.24
N ASP D 37 14.15 -6.90 -24.68
CA ASP D 37 12.70 -6.85 -24.83
C ASP D 37 12.37 -6.43 -26.27
N ASP D 38 11.09 -6.28 -26.59
CA ASP D 38 10.71 -5.93 -27.96
C ASP D 38 11.23 -4.57 -28.41
N ASN D 39 11.26 -3.58 -27.51
CA ASN D 39 11.80 -2.25 -27.82
C ASN D 39 13.27 -2.32 -28.23
N VAL D 40 14.06 -3.05 -27.44
CA VAL D 40 15.47 -3.26 -27.74
C VAL D 40 15.62 -3.97 -29.09
N ALA D 41 14.86 -5.03 -29.30
CA ALA D 41 14.91 -5.77 -30.56
C ALA D 41 14.54 -4.90 -31.76
N ASN D 42 13.46 -4.11 -31.65
CA ASN D 42 13.02 -3.24 -32.76
C ASN D 42 14.10 -2.24 -33.13
N SER D 43 14.74 -1.66 -32.12
CA SER D 43 15.83 -0.72 -32.33
C SER D 43 17.02 -1.37 -33.05
N ILE D 44 17.45 -2.52 -32.55
CA ILE D 44 18.60 -3.23 -33.14
C ILE D 44 18.31 -3.69 -34.57
N VAL D 45 17.11 -4.24 -34.79
CA VAL D 45 16.66 -4.62 -36.14
C VAL D 45 16.73 -3.42 -37.10
N SER D 46 16.21 -2.27 -36.66
CA SER D 46 16.23 -1.05 -37.45
C SER D 46 17.65 -0.58 -37.78
N GLN D 47 18.53 -0.64 -36.78
CA GLN D 47 19.93 -0.30 -36.97
C GLN D 47 20.62 -1.23 -37.97
N LEU D 48 20.35 -2.53 -37.87
CA LEU D 48 20.92 -3.51 -38.80
C LEU D 48 20.47 -3.24 -40.25
N LEU D 49 19.17 -2.98 -40.42
CA LEU D 49 18.61 -2.68 -41.74
C LEU D 49 19.21 -1.41 -42.33
N PHE D 50 19.33 -0.37 -41.49
CA PHE D 50 19.95 0.88 -41.88
C PHE D 50 21.41 0.71 -42.32
N LEU D 51 22.20 0.00 -41.51
CA LEU D 51 23.61 -0.23 -41.81
C LEU D 51 23.82 -1.03 -43.10
N GLN D 52 22.99 -2.05 -43.35
CA GLN D 52 23.02 -2.78 -44.62
C GLN D 52 22.78 -1.85 -45.81
N ALA D 53 21.77 -0.98 -45.69
CA ALA D 53 21.43 -0.03 -46.75
C ALA D 53 22.56 0.96 -47.02
N GLN D 54 23.21 1.39 -45.95
CA GLN D 54 24.37 2.26 -46.04
C GLN D 54 25.56 1.62 -46.75
N ASP D 55 25.83 0.37 -46.42
CA ASP D 55 26.92 -0.39 -47.03
C ASP D 55 26.64 -1.87 -46.84
N SER D 56 26.37 -2.57 -47.94
CA SER D 56 26.03 -4.01 -47.88
C SER D 56 27.24 -4.93 -47.69
N GLU D 57 28.47 -4.39 -47.82
CA GLU D 57 29.70 -5.21 -47.79
C GLU D 57 30.53 -5.04 -46.48
N LYS D 58 30.56 -3.86 -45.88
CA LYS D 58 31.33 -3.60 -44.66
C LYS D 58 30.78 -4.28 -43.39
N ASP D 59 31.67 -4.81 -42.59
CA ASP D 59 31.28 -5.49 -41.34
C ASP D 59 30.47 -4.58 -40.42
N ILE D 60 29.58 -5.20 -39.65
CA ILE D 60 28.86 -4.56 -38.57
C ILE D 60 29.42 -5.17 -37.27
N TYR D 61 29.43 -4.37 -36.20
CA TYR D 61 29.95 -4.81 -34.89
C TYR D 61 28.82 -4.75 -33.85
N LEU D 62 28.43 -5.92 -33.36
CA LEU D 62 27.40 -6.00 -32.31
C LEU D 62 28.05 -6.24 -30.96
N TYR D 63 28.07 -5.19 -30.15
CA TYR D 63 28.52 -5.23 -28.76
C TYR D 63 27.43 -5.90 -27.93
N ILE D 64 27.82 -6.87 -27.10
CA ILE D 64 26.86 -7.58 -26.24
C ILE D 64 27.29 -7.52 -24.77
N ASN D 65 26.53 -6.76 -23.99
CA ASN D 65 26.58 -6.76 -22.53
C ASN D 65 25.14 -6.88 -22.06
N SER D 66 24.64 -8.11 -21.93
CA SER D 66 23.22 -8.34 -21.73
C SER D 66 22.94 -9.62 -20.94
N PRO D 67 21.97 -9.56 -19.99
CA PRO D 67 21.54 -10.75 -19.27
C PRO D 67 20.53 -11.61 -20.05
N GLY D 68 20.24 -11.24 -21.29
CA GLY D 68 19.25 -11.92 -22.11
C GLY D 68 17.89 -11.30 -21.94
N GLY D 69 16.85 -12.11 -22.09
CA GLY D 69 15.46 -11.63 -22.00
C GLY D 69 14.53 -12.40 -22.93
N SER D 70 13.64 -11.67 -23.61
CA SER D 70 12.61 -12.31 -24.45
C SER D 70 13.21 -13.13 -25.60
N VAL D 71 12.76 -14.37 -25.71
CA VAL D 71 13.25 -15.30 -26.74
C VAL D 71 12.79 -14.81 -28.13
N THR D 72 11.52 -14.41 -28.26
CA THR D 72 11.02 -13.93 -29.55
C THR D 72 11.71 -12.63 -29.98
N ALA D 73 11.94 -11.73 -29.03
CA ALA D 73 12.71 -10.51 -29.29
C ALA D 73 14.14 -10.84 -29.73
N GLY D 74 14.74 -11.81 -29.04
CA GLY D 74 16.05 -12.32 -29.43
C GLY D 74 16.06 -12.87 -30.85
N PHE D 75 15.03 -13.62 -31.20
CA PHE D 75 14.92 -14.15 -32.57
C PHE D 75 14.65 -13.11 -33.64
N ALA D 76 14.03 -11.98 -33.27
CA ALA D 76 13.93 -10.83 -34.18
C ALA D 76 15.32 -10.34 -34.60
N ILE D 77 16.19 -10.22 -33.61
CA ILE D 77 17.58 -9.80 -33.85
C ILE D 77 18.32 -10.88 -34.62
N TYR D 78 18.20 -12.14 -34.17
CA TYR D 78 18.87 -13.28 -34.81
C TYR D 78 18.55 -13.36 -36.31
N ASP D 79 17.27 -13.37 -36.65
CA ASP D 79 16.84 -13.49 -38.05
C ASP D 79 17.29 -12.32 -38.91
N THR D 80 17.28 -11.12 -38.34
CA THR D 80 17.74 -9.94 -39.08
C THR D 80 19.25 -10.02 -39.34
N ILE D 81 20.03 -10.46 -38.35
CA ILE D 81 21.46 -10.71 -38.54
C ILE D 81 21.69 -11.67 -39.72
N GLN D 82 20.99 -12.80 -39.72
CA GLN D 82 21.19 -13.81 -40.75
C GLN D 82 20.67 -13.36 -42.12
N HIS D 83 19.63 -12.53 -42.13
CA HIS D 83 19.05 -12.05 -43.38
C HIS D 83 19.96 -11.10 -44.15
N ILE D 84 20.59 -10.17 -43.46
CA ILE D 84 21.35 -9.10 -44.11
C ILE D 84 22.68 -9.61 -44.69
N LYS D 85 23.18 -8.87 -45.68
CA LYS D 85 24.43 -9.22 -46.37
C LYS D 85 25.69 -9.10 -45.56
N PRO D 86 25.91 -7.95 -44.89
CA PRO D 86 27.17 -7.78 -44.14
C PRO D 86 27.35 -8.81 -43.04
N ASP D 87 28.60 -9.19 -42.79
CA ASP D 87 28.95 -9.95 -41.59
C ASP D 87 28.67 -9.10 -40.36
N VAL D 88 28.04 -9.72 -39.34
CA VAL D 88 27.83 -9.07 -38.06
C VAL D 88 28.78 -9.74 -37.06
N GLN D 89 29.83 -9.02 -36.68
CA GLN D 89 30.72 -9.50 -35.62
C GLN D 89 29.98 -9.36 -34.31
N THR D 90 30.25 -10.26 -33.38
CA THR D 90 29.72 -10.16 -32.02
C THR D 90 30.87 -10.09 -31.03
N ILE D 91 30.74 -9.21 -30.05
CA ILE D 91 31.79 -9.00 -29.07
C ILE D 91 31.19 -8.94 -27.67
N CYS D 92 31.48 -9.94 -26.85
CA CYS D 92 30.97 -9.98 -25.48
C CYS D 92 31.89 -9.22 -24.54
N ILE D 93 31.34 -8.19 -23.91
CA ILE D 93 32.06 -7.36 -22.96
C ILE D 93 31.18 -7.27 -21.71
N GLY D 94 31.74 -7.63 -20.56
CA GLY D 94 30.99 -7.70 -19.31
C GLY D 94 30.31 -9.06 -19.17
N MET D 95 29.12 -9.20 -19.74
CA MET D 95 28.36 -10.44 -19.65
C MET D 95 27.51 -10.69 -20.91
N ALA D 96 27.37 -11.96 -21.27
CA ALA D 96 26.32 -12.41 -22.17
C ALA D 96 25.67 -13.60 -21.50
N ALA D 97 24.39 -13.49 -21.16
CA ALA D 97 23.68 -14.59 -20.53
C ALA D 97 22.44 -14.90 -21.31
N SER D 98 22.06 -16.18 -21.31
CA SER D 98 20.75 -16.57 -21.83
CA SER D 98 20.78 -16.62 -21.81
C SER D 98 20.64 -16.26 -23.33
N MET D 99 19.55 -15.63 -23.74
CA MET D 99 19.39 -15.15 -25.11
C MET D 99 20.54 -14.22 -25.58
N GLY D 100 21.21 -13.56 -24.62
CA GLY D 100 22.42 -12.79 -24.92
C GLY D 100 23.56 -13.64 -25.44
N SER D 101 23.80 -14.79 -24.81
CA SER D 101 24.84 -15.72 -25.28
C SER D 101 24.43 -16.41 -26.59
N PHE D 102 23.13 -16.62 -26.77
CA PHE D 102 22.61 -17.15 -28.02
C PHE D 102 22.97 -16.21 -29.17
N LEU D 103 22.74 -14.92 -28.99
CA LEU D 103 23.10 -13.92 -29.99
C LEU D 103 24.60 -13.77 -30.19
N LEU D 104 25.37 -13.90 -29.11
CA LEU D 104 26.83 -13.93 -29.21
C LEU D 104 27.30 -15.05 -30.17
N ALA D 105 26.75 -16.24 -29.97
CA ALA D 105 27.03 -17.40 -30.83
C ALA D 105 26.52 -17.25 -32.27
N ALA D 106 25.59 -16.33 -32.50
CA ALA D 106 24.99 -16.08 -33.80
C ALA D 106 25.76 -15.14 -34.73
N GLY D 107 26.86 -14.56 -34.25
CA GLY D 107 27.69 -13.68 -35.07
C GLY D 107 28.37 -14.41 -36.21
N ALA D 108 28.91 -13.65 -37.15
CA ALA D 108 29.57 -14.22 -38.34
C ALA D 108 30.66 -15.21 -37.93
N LYS D 109 30.72 -16.36 -38.61
CA LYS D 109 31.69 -17.40 -38.28
C LYS D 109 33.10 -16.85 -38.42
N GLY D 110 33.91 -17.07 -37.39
CA GLY D 110 35.26 -16.49 -37.28
C GLY D 110 35.33 -15.09 -36.68
N LYS D 111 34.19 -14.44 -36.45
CA LYS D 111 34.14 -13.06 -35.98
C LYS D 111 33.28 -12.91 -34.70
N ARG D 112 33.28 -13.95 -33.88
CA ARG D 112 32.61 -13.92 -32.58
C ARG D 112 33.69 -13.87 -31.51
N PHE D 113 33.65 -12.82 -30.69
CA PHE D 113 34.69 -12.55 -29.71
C PHE D 113 34.15 -12.32 -28.30
N ALA D 114 35.03 -12.49 -27.33
CA ALA D 114 34.80 -12.01 -25.97
C ALA D 114 36.09 -11.46 -25.43
N LEU D 115 35.99 -10.46 -24.56
CA LEU D 115 37.14 -9.92 -23.85
C LEU D 115 37.49 -10.89 -22.70
N PRO D 116 38.73 -10.88 -22.23
CA PRO D 116 39.21 -11.97 -21.36
C PRO D 116 38.44 -12.25 -20.06
N ASN D 117 37.87 -11.21 -19.46
CA ASN D 117 37.14 -11.33 -18.18
C ASN D 117 35.61 -11.27 -18.36
N ALA D 118 35.15 -11.28 -19.61
CA ALA D 118 33.72 -11.33 -19.91
C ALA D 118 33.14 -12.68 -19.48
N GLU D 119 31.91 -12.65 -19.00
CA GLU D 119 31.23 -13.83 -18.48
C GLU D 119 30.16 -14.27 -19.48
N VAL D 120 30.14 -15.57 -19.78
CA VAL D 120 29.12 -16.12 -20.66
C VAL D 120 28.32 -17.16 -19.88
N MET D 121 27.00 -17.04 -19.91
CA MET D 121 26.13 -18.01 -19.23
C MET D 121 25.09 -18.58 -20.17
N ILE D 122 24.92 -19.89 -20.11
CA ILE D 122 23.90 -20.58 -20.91
C ILE D 122 22.98 -21.35 -19.95
N HIS D 123 21.69 -21.35 -20.26
CA HIS D 123 20.71 -22.13 -19.50
C HIS D 123 19.45 -22.35 -20.34
N GLN D 124 18.52 -23.14 -19.82
CA GLN D 124 17.28 -23.39 -20.55
C GLN D 124 16.30 -22.21 -20.44
N PRO D 125 15.36 -22.09 -21.39
CA PRO D 125 14.41 -20.97 -21.31
C PRO D 125 13.51 -21.02 -20.07
N LEU D 126 13.09 -19.84 -19.63
CA LEU D 126 12.22 -19.66 -18.48
C LEU D 126 10.86 -19.18 -18.93
N GLY D 127 9.83 -19.57 -18.20
CA GLY D 127 8.48 -19.13 -18.53
C GLY D 127 7.47 -19.38 -17.43
N GLY D 128 6.21 -19.24 -17.79
CA GLY D 128 5.12 -19.41 -16.85
C GLY D 128 3.86 -19.84 -17.56
N ALA D 129 2.95 -20.44 -16.79
CA ALA D 129 1.67 -20.86 -17.31
C ALA D 129 0.71 -21.00 -16.16
N GLN D 130 -0.51 -20.52 -16.37
CA GLN D 130 -1.55 -20.62 -15.39
C GLN D 130 -2.91 -20.78 -16.03
N GLY D 131 -3.79 -21.53 -15.37
CA GLY D 131 -5.15 -21.76 -15.86
C GLY D 131 -5.50 -23.24 -15.90
N GLN D 132 -6.29 -23.61 -16.90
CA GLN D 132 -6.77 -24.98 -17.05
C GLN D 132 -5.67 -25.93 -17.46
N ALA D 133 -5.85 -27.22 -17.16
CA ALA D 133 -4.88 -28.26 -17.53
C ALA D 133 -4.47 -28.20 -19.00
N THR D 134 -5.45 -28.05 -19.90
CA THR D 134 -5.16 -27.98 -21.33
C THR D 134 -4.39 -26.71 -21.73
N GLU D 135 -4.63 -25.60 -21.03
CA GLU D 135 -3.86 -24.36 -21.22
C GLU D 135 -2.41 -24.54 -20.76
N ILE D 136 -2.22 -25.22 -19.64
CA ILE D 136 -0.88 -25.52 -19.12
C ILE D 136 -0.12 -26.44 -20.09
N GLU D 137 -0.83 -27.41 -20.66
CA GLU D 137 -0.27 -28.31 -21.66
C GLU D 137 0.22 -27.55 -22.90
N ILE D 138 -0.61 -26.64 -23.40
CA ILE D 138 -0.26 -25.81 -24.56
C ILE D 138 0.99 -24.96 -24.28
N ALA D 139 1.01 -24.32 -23.11
CA ALA D 139 2.18 -23.53 -22.68
C ALA D 139 3.44 -24.38 -22.53
N ALA D 140 3.30 -25.58 -21.96
CA ALA D 140 4.42 -26.51 -21.80
C ALA D 140 4.97 -26.98 -23.15
N ASN D 141 4.08 -27.40 -24.04
CA ASN D 141 4.47 -27.81 -25.39
C ASN D 141 5.18 -26.67 -26.14
N HIS D 142 4.67 -25.45 -25.97
CA HIS D 142 5.27 -24.27 -26.60
C HIS D 142 6.71 -24.00 -26.12
N ILE D 143 6.92 -23.96 -24.81
CA ILE D 143 8.26 -23.68 -24.27
C ILE D 143 9.25 -24.82 -24.58
N LEU D 144 8.76 -26.05 -24.58
CA LEU D 144 9.59 -27.20 -24.97
C LEU D 144 10.02 -27.14 -26.44
N LYS D 145 9.09 -26.80 -27.32
CA LYS D 145 9.43 -26.61 -28.74
C LYS D 145 10.41 -25.45 -28.95
N THR D 146 10.21 -24.37 -28.20
CA THR D 146 11.12 -23.23 -28.22
C THR D 146 12.53 -23.64 -27.78
N ARG D 147 12.62 -24.46 -26.73
CA ARG D 147 13.92 -24.97 -26.28
C ARG D 147 14.61 -25.79 -27.38
N GLU D 148 13.86 -26.69 -28.02
CA GLU D 148 14.38 -27.53 -29.11
C GLU D 148 14.92 -26.67 -30.27
N LYS D 149 14.18 -25.62 -30.62
CA LYS D 149 14.58 -24.64 -31.64
C LYS D 149 15.89 -23.97 -31.27
N LEU D 150 15.98 -23.46 -30.04
CA LEU D 150 17.20 -22.84 -29.52
C LEU D 150 18.39 -23.81 -29.53
N ASN D 151 18.16 -25.03 -29.02
CA ASN D 151 19.23 -26.04 -28.94
C ASN D 151 19.75 -26.46 -30.31
N ARG D 152 18.84 -26.66 -31.26
CA ARG D 152 19.20 -27.01 -32.63
C ARG D 152 20.11 -25.97 -33.26
N ILE D 153 19.74 -24.70 -33.13
CA ILE D 153 20.54 -23.60 -33.70
C ILE D 153 21.88 -23.49 -32.97
N LEU D 154 21.87 -23.59 -31.64
CA LEU D 154 23.11 -23.56 -30.86
C LEU D 154 24.07 -24.69 -31.23
N SER D 155 23.52 -25.88 -31.48
CA SER D 155 24.29 -27.02 -31.99
C SER D 155 24.98 -26.69 -33.31
N GLU D 156 24.21 -26.13 -34.24
CA GLU D 156 24.71 -25.70 -35.56
C GLU D 156 25.82 -24.64 -35.45
N ARG D 157 25.63 -23.70 -34.53
CA ARG D 157 26.55 -22.57 -34.35
C ARG D 157 27.83 -22.93 -33.59
N THR D 158 27.73 -23.88 -32.67
CA THR D 158 28.86 -24.27 -31.81
C THR D 158 29.61 -25.51 -32.27
N GLY D 159 28.94 -26.38 -33.03
CA GLY D 159 29.49 -27.69 -33.36
C GLY D 159 29.26 -28.74 -32.28
N GLN D 160 28.59 -28.37 -31.18
CA GLN D 160 28.27 -29.33 -30.13
C GLN D 160 26.99 -30.06 -30.52
N SER D 161 26.83 -31.29 -30.01
CA SER D 161 25.61 -32.06 -30.25
C SER D 161 24.43 -31.46 -29.50
N ILE D 162 23.23 -31.69 -30.02
CA ILE D 162 21.98 -31.28 -29.36
C ILE D 162 21.89 -31.91 -27.96
N GLU D 163 22.28 -33.19 -27.86
CA GLU D 163 22.32 -33.94 -26.60
C GLU D 163 23.20 -33.26 -25.54
N LYS D 164 24.40 -32.83 -25.96
CA LYS D 164 25.32 -32.11 -25.07
C LYS D 164 24.76 -30.74 -24.66
N ILE D 165 24.20 -30.00 -25.63
CA ILE D 165 23.58 -28.69 -25.37
C ILE D 165 22.46 -28.83 -24.32
N GLN D 166 21.58 -29.81 -24.52
CA GLN D 166 20.49 -30.10 -23.57
C GLN D 166 21.02 -30.29 -22.16
N LYS D 167 22.02 -31.15 -22.03
CA LYS D 167 22.61 -31.47 -20.73
C LYS D 167 23.29 -30.24 -20.10
N ASP D 168 24.06 -29.51 -20.90
CA ASP D 168 24.81 -28.35 -20.42
C ASP D 168 23.97 -27.10 -20.12
N THR D 169 22.72 -27.07 -20.59
CA THR D 169 21.80 -25.96 -20.33
C THR D 169 20.69 -26.32 -19.33
N ASP D 170 20.74 -27.51 -18.75
CA ASP D 170 19.72 -27.97 -17.79
C ASP D 170 19.64 -27.03 -16.58
N ARG D 171 20.80 -26.60 -16.11
CA ARG D 171 20.93 -25.60 -15.06
C ARG D 171 21.82 -24.46 -15.53
N ASP D 172 21.92 -23.41 -14.73
CA ASP D 172 22.79 -22.28 -15.04
C ASP D 172 24.23 -22.76 -15.20
N ASN D 173 24.82 -22.44 -16.35
CA ASN D 173 26.16 -22.87 -16.68
C ASN D 173 27.00 -21.63 -17.02
N PHE D 174 27.86 -21.24 -16.09
CA PHE D 174 28.73 -20.06 -16.26
C PHE D 174 30.04 -20.47 -16.90
N LEU D 175 30.42 -19.76 -17.96
CA LEU D 175 31.67 -19.99 -18.68
C LEU D 175 32.55 -18.74 -18.68
N THR D 176 33.85 -18.95 -18.57
CA THR D 176 34.83 -17.90 -18.84
C THR D 176 34.88 -17.67 -20.35
N ALA D 177 35.53 -16.59 -20.77
CA ALA D 177 35.71 -16.31 -22.18
C ALA D 177 36.44 -17.45 -22.89
N GLU D 178 37.51 -17.94 -22.26
CA GLU D 178 38.28 -19.07 -22.81
C GLU D 178 37.43 -20.35 -22.92
N GLU D 179 36.63 -20.63 -21.89
CA GLU D 179 35.71 -21.77 -21.93
C GLU D 179 34.65 -21.62 -23.01
N ALA D 180 34.16 -20.40 -23.21
CA ALA D 180 33.18 -20.12 -24.29
C ALA D 180 33.79 -20.39 -25.67
N LYS D 181 35.08 -20.04 -25.84
CA LYS D 181 35.81 -20.36 -27.08
C LYS D 181 35.93 -21.87 -27.25
N GLU D 182 36.35 -22.57 -26.19
CA GLU D 182 36.43 -24.03 -26.20
C GLU D 182 35.10 -24.70 -26.55
N TYR D 183 34.01 -24.13 -26.04
CA TYR D 183 32.66 -24.62 -26.30
C TYR D 183 32.17 -24.40 -27.74
N GLY D 184 32.73 -23.39 -28.41
CA GLY D 184 32.29 -22.99 -29.75
C GLY D 184 31.27 -21.85 -29.78
N LEU D 185 31.01 -21.22 -28.64
CA LEU D 185 30.11 -20.05 -28.56
C LEU D 185 30.77 -18.80 -29.16
N ILE D 186 32.10 -18.73 -29.04
CA ILE D 186 32.89 -17.68 -29.70
C ILE D 186 34.06 -18.33 -30.42
N ASP D 187 34.72 -17.55 -31.27
CA ASP D 187 35.87 -18.00 -32.03
C ASP D 187 37.18 -17.61 -31.37
N GLU D 188 37.26 -16.43 -30.79
CA GLU D 188 38.47 -15.99 -30.16
C GLU D 188 38.28 -15.11 -28.93
N VAL D 189 39.23 -15.21 -28.03
CA VAL D 189 39.30 -14.30 -26.89
C VAL D 189 40.14 -13.13 -27.38
N MET D 190 39.56 -11.94 -27.40
CA MET D 190 40.25 -10.75 -27.90
C MET D 190 41.23 -10.28 -26.83
N VAL D 191 42.53 -10.40 -27.13
CA VAL D 191 43.59 -10.06 -26.17
C VAL D 191 44.00 -8.59 -26.35
N PRO D 192 44.57 -7.96 -25.30
CA PRO D 192 44.97 -6.54 -25.38
C PRO D 192 45.96 -6.18 -26.50
N GLU D 193 45.69 -5.03 -27.17
CA GLU D 193 46.44 -4.50 -28.33
C GLU D 193 47.41 -3.45 -27.84
N ILE E 4 16.77 6.02 -28.26
CA ILE E 4 16.61 5.82 -29.73
C ILE E 4 17.72 6.57 -30.49
N PRO E 5 18.58 5.85 -31.24
CA PRO E 5 19.69 6.54 -31.89
C PRO E 5 19.29 7.44 -33.06
N THR E 6 20.16 8.42 -33.33
CA THR E 6 19.96 9.39 -34.40
C THR E 6 20.91 9.05 -35.54
N VAL E 7 20.42 9.21 -36.76
CA VAL E 7 21.24 9.12 -37.99
C VAL E 7 21.23 10.43 -38.75
N ILE E 8 22.42 10.83 -39.24
CA ILE E 8 22.60 12.07 -39.99
C ILE E 8 23.08 11.78 -41.41
N ALA E 17 18.98 15.33 -39.85
CA ALA E 17 19.06 14.42 -38.71
C ALA E 17 17.72 13.72 -38.49
N TYR E 18 17.76 12.39 -38.36
CA TYR E 18 16.58 11.56 -38.15
C TYR E 18 16.80 10.64 -36.96
N ASP E 19 15.80 10.50 -36.10
CA ASP E 19 15.75 9.32 -35.22
C ASP E 19 15.56 8.10 -36.14
N ILE E 20 16.06 6.95 -35.71
CA ILE E 20 16.12 5.76 -36.57
C ILE E 20 14.74 5.38 -37.18
N TYR E 21 13.67 5.49 -36.39
CA TYR E 21 12.33 5.13 -36.87
C TYR E 21 11.80 6.09 -37.93
N SER E 22 12.02 7.38 -37.71
CA SER E 22 11.70 8.40 -38.72
C SER E 22 12.52 8.21 -40.00
N ARG E 23 13.77 7.77 -39.87
CA ARG E 23 14.58 7.44 -41.05
C ARG E 23 13.95 6.29 -41.84
N LEU E 24 13.51 5.25 -41.15
CA LEU E 24 12.82 4.13 -41.82
C LEU E 24 11.52 4.59 -42.50
N LEU E 25 10.78 5.49 -41.86
CA LEU E 25 9.55 6.04 -42.46
C LEU E 25 9.82 6.79 -43.77
N LYS E 26 10.97 7.46 -43.88
CA LYS E 26 11.38 8.11 -45.13
C LYS E 26 11.42 7.12 -46.31
N ASP E 27 11.77 5.87 -46.04
CA ASP E 27 11.73 4.79 -47.04
C ASP E 27 10.46 3.90 -46.96
N ARG E 28 9.37 4.50 -46.48
CA ARG E 28 8.02 3.90 -46.51
C ARG E 28 7.90 2.65 -45.64
N ILE E 29 8.69 2.60 -44.56
CA ILE E 29 8.65 1.51 -43.59
C ILE E 29 7.97 2.02 -42.33
N ILE E 30 6.90 1.35 -41.92
CA ILE E 30 6.16 1.65 -40.69
C ILE E 30 6.41 0.51 -39.70
N MET E 31 6.68 0.88 -38.45
CA MET E 31 6.99 -0.08 -37.39
C MET E 31 5.78 -0.27 -36.48
N LEU E 32 5.19 -1.47 -36.52
CA LEU E 32 4.24 -1.90 -35.50
C LEU E 32 5.02 -2.81 -34.56
N GLY E 33 5.63 -2.20 -33.54
CA GLY E 33 6.58 -2.88 -32.66
C GLY E 33 6.18 -2.93 -31.19
N SER E 34 4.89 -2.80 -30.91
CA SER E 34 4.41 -2.78 -29.53
C SER E 34 3.00 -3.34 -29.44
N GLN E 35 2.50 -3.42 -28.21
CA GLN E 35 1.09 -3.71 -27.98
C GLN E 35 0.23 -2.69 -28.72
N ILE E 36 -0.85 -3.16 -29.32
CA ILE E 36 -1.75 -2.31 -30.10
C ILE E 36 -2.76 -1.64 -29.16
N ASP E 37 -2.63 -0.32 -29.01
CA ASP E 37 -3.64 0.50 -28.36
C ASP E 37 -4.04 1.63 -29.31
N ASP E 38 -4.92 2.52 -28.87
CA ASP E 38 -5.40 3.59 -29.75
C ASP E 38 -4.28 4.54 -30.19
N ASN E 39 -3.33 4.85 -29.30
CA ASN E 39 -2.18 5.70 -29.65
C ASN E 39 -1.36 5.11 -30.79
N VAL E 40 -1.04 3.82 -30.67
CA VAL E 40 -0.30 3.10 -31.70
C VAL E 40 -1.08 3.10 -33.01
N ALA E 41 -2.38 2.79 -32.94
CA ALA E 41 -3.24 2.81 -34.13
C ALA E 41 -3.30 4.20 -34.79
N ASN E 42 -3.50 5.24 -34.00
CA ASN E 42 -3.57 6.62 -34.55
C ASN E 42 -2.29 6.98 -35.30
N SER E 43 -1.15 6.62 -34.70
CA SER E 43 0.16 6.89 -35.31
C SER E 43 0.32 6.15 -36.64
N ILE E 44 0.00 4.86 -36.65
CA ILE E 44 0.15 4.03 -37.85
C ILE E 44 -0.82 4.49 -38.96
N VAL E 45 -2.06 4.79 -38.58
CA VAL E 45 -3.05 5.35 -39.52
C VAL E 45 -2.52 6.64 -40.17
N SER E 46 -1.98 7.54 -39.35
CA SER E 46 -1.41 8.80 -39.84
C SER E 46 -0.24 8.58 -40.79
N GLN E 47 0.64 7.64 -40.44
CA GLN E 47 1.77 7.29 -41.29
C GLN E 47 1.32 6.72 -42.64
N LEU E 48 0.31 5.85 -42.62
CA LEU E 48 -0.26 5.28 -43.83
C LEU E 48 -0.85 6.36 -44.75
N LEU E 49 -1.62 7.27 -44.17
CA LEU E 49 -2.23 8.37 -44.91
C LEU E 49 -1.16 9.28 -45.52
N PHE E 50 -0.13 9.60 -44.73
CA PHE E 50 1.00 10.41 -45.19
C PHE E 50 1.73 9.75 -46.36
N LEU E 51 2.06 8.47 -46.22
CA LEU E 51 2.79 7.73 -47.26
C LEU E 51 2.00 7.64 -48.57
N GLN E 52 0.68 7.41 -48.48
CA GLN E 52 -0.18 7.44 -49.68
C GLN E 52 -0.10 8.79 -50.39
N ALA E 53 -0.18 9.87 -49.62
CA ALA E 53 -0.14 11.23 -50.17
C ALA E 53 1.20 11.53 -50.84
N GLN E 54 2.27 11.04 -50.23
CA GLN E 54 3.60 11.14 -50.79
C GLN E 54 3.77 10.40 -52.12
N ASP E 55 3.24 9.18 -52.18
CA ASP E 55 3.29 8.37 -53.38
C ASP E 55 2.19 7.33 -53.31
N SER E 56 1.18 7.45 -54.18
CA SER E 56 0.04 6.54 -54.19
C SER E 56 0.32 5.17 -54.80
N GLU E 57 1.48 5.01 -55.45
CA GLU E 57 1.80 3.79 -56.20
C GLU E 57 2.86 2.90 -55.56
N LYS E 58 3.85 3.48 -54.89
CA LYS E 58 4.94 2.72 -54.29
C LYS E 58 4.50 1.92 -53.07
N ASP E 59 5.02 0.70 -52.94
CA ASP E 59 4.71 -0.17 -51.80
C ASP E 59 5.06 0.48 -50.45
N ILE E 60 4.29 0.11 -49.44
CA ILE E 60 4.56 0.45 -48.04
C ILE E 60 4.95 -0.86 -47.36
N TYR E 61 5.82 -0.78 -46.35
CA TYR E 61 6.30 -1.96 -45.62
C TYR E 61 5.91 -1.82 -44.15
N LEU E 62 5.02 -2.72 -43.70
CA LEU E 62 4.60 -2.75 -42.29
C LEU E 62 5.33 -3.87 -41.56
N TYR E 63 6.29 -3.46 -40.73
CA TYR E 63 7.00 -4.35 -39.83
C TYR E 63 6.09 -4.69 -38.65
N ILE E 64 5.98 -5.97 -38.32
CA ILE E 64 5.14 -6.41 -37.20
C ILE E 64 5.95 -7.25 -36.22
N ASN E 65 6.17 -6.67 -35.04
CA ASN E 65 6.66 -7.37 -33.86
C ASN E 65 5.75 -6.96 -32.70
N SER E 66 4.64 -7.68 -32.54
CA SER E 66 3.56 -7.22 -31.64
C SER E 66 2.80 -8.39 -31.02
N PRO E 67 2.48 -8.30 -29.70
CA PRO E 67 1.63 -9.29 -29.06
C PRO E 67 0.13 -9.06 -29.30
N GLY E 68 -0.22 -8.09 -30.13
CA GLY E 68 -1.61 -7.73 -30.38
C GLY E 68 -2.08 -6.67 -29.40
N GLY E 69 -3.37 -6.68 -29.10
CA GLY E 69 -3.98 -5.68 -28.22
C GLY E 69 -5.41 -5.37 -28.62
N SER E 70 -5.76 -4.09 -28.61
CA SER E 70 -7.15 -3.66 -28.85
C SER E 70 -7.65 -4.04 -30.24
N VAL E 71 -8.81 -4.69 -30.28
CA VAL E 71 -9.42 -5.13 -31.53
C VAL E 71 -9.87 -3.92 -32.37
N THR E 72 -10.51 -2.93 -31.75
CA THR E 72 -10.95 -1.73 -32.47
C THR E 72 -9.75 -0.92 -33.00
N ALA E 73 -8.70 -0.81 -32.18
CA ALA E 73 -7.45 -0.16 -32.63
C ALA E 73 -6.83 -0.91 -33.81
N GLY E 74 -6.84 -2.24 -33.72
CA GLY E 74 -6.40 -3.09 -34.82
C GLY E 74 -7.21 -2.86 -36.08
N PHE E 75 -8.52 -2.72 -35.95
CA PHE E 75 -9.39 -2.45 -37.10
C PHE E 75 -9.23 -1.04 -37.68
N ALA E 76 -8.78 -0.08 -36.87
CA ALA E 76 -8.38 1.23 -37.40
C ALA E 76 -7.25 1.09 -38.41
N ILE E 77 -6.24 0.30 -38.05
CA ILE E 77 -5.11 0.03 -38.91
C ILE E 77 -5.56 -0.79 -40.12
N TYR E 78 -6.31 -1.86 -39.88
CA TYR E 78 -6.81 -2.74 -40.94
C TYR E 78 -7.57 -1.96 -42.03
N ASP E 79 -8.56 -1.18 -41.63
CA ASP E 79 -9.38 -0.42 -42.58
C ASP E 79 -8.56 0.62 -43.35
N THR E 80 -7.59 1.25 -42.69
CA THR E 80 -6.75 2.23 -43.37
C THR E 80 -5.85 1.55 -44.40
N ILE E 81 -5.29 0.38 -44.06
CA ILE E 81 -4.53 -0.43 -45.03
C ILE E 81 -5.38 -0.70 -46.28
N GLN E 82 -6.60 -1.19 -46.08
CA GLN E 82 -7.46 -1.57 -47.21
C GLN E 82 -7.95 -0.35 -47.98
N HIS E 83 -8.12 0.79 -47.31
CA HIS E 83 -8.59 1.99 -47.97
C HIS E 83 -7.59 2.60 -48.95
N ILE E 84 -6.33 2.67 -48.56
CA ILE E 84 -5.31 3.37 -49.34
C ILE E 84 -4.93 2.61 -50.62
N LYS E 85 -4.41 3.36 -51.59
CA LYS E 85 -4.03 2.78 -52.89
C LYS E 85 -2.81 1.88 -52.87
N PRO E 86 -1.69 2.31 -52.25
CA PRO E 86 -0.48 1.47 -52.28
C PRO E 86 -0.67 0.12 -51.60
N ASP E 87 0.01 -0.90 -52.12
CA ASP E 87 0.12 -2.18 -51.45
C ASP E 87 0.87 -1.98 -50.13
N VAL E 88 0.37 -2.57 -49.06
CA VAL E 88 1.05 -2.60 -47.78
C VAL E 88 1.57 -4.01 -47.57
N GLN E 89 2.89 -4.18 -47.70
CA GLN E 89 3.53 -5.45 -47.37
C GLN E 89 3.53 -5.59 -45.85
N THR E 90 3.43 -6.82 -45.37
CA THR E 90 3.56 -7.09 -43.94
C THR E 90 4.74 -8.04 -43.76
N ILE E 91 5.58 -7.77 -42.77
CA ILE E 91 6.73 -8.66 -42.50
C ILE E 91 6.77 -8.92 -40.95
N CYS E 92 6.54 -10.18 -40.56
CA CYS E 92 6.60 -10.57 -39.15
C CYS E 92 8.03 -10.90 -38.75
N ILE E 93 8.54 -10.15 -37.77
CA ILE E 93 9.88 -10.33 -37.23
C ILE E 93 9.74 -10.40 -35.71
N GLY E 94 10.25 -11.47 -35.11
CA GLY E 94 10.07 -11.72 -33.68
C GLY E 94 8.77 -12.45 -33.41
N MET E 95 7.68 -11.69 -33.27
CA MET E 95 6.36 -12.28 -32.98
C MET E 95 5.22 -11.47 -33.58
N ALA E 96 4.18 -12.17 -34.01
CA ALA E 96 2.88 -11.56 -34.28
C ALA E 96 1.86 -12.43 -33.55
N ALA E 97 1.18 -11.87 -32.57
CA ALA E 97 0.16 -12.61 -31.84
C ALA E 97 -1.15 -11.87 -31.87
N SER E 98 -2.23 -12.64 -31.87
CA SER E 98 -3.57 -12.08 -31.67
C SER E 98 -3.90 -11.07 -32.79
N MET E 99 -4.37 -9.86 -32.46
CA MET E 99 -4.60 -8.81 -33.45
C MET E 99 -3.35 -8.47 -34.29
N GLY E 100 -2.16 -8.75 -33.76
CA GLY E 100 -0.91 -8.65 -34.53
C GLY E 100 -0.85 -9.61 -35.71
N SER E 101 -1.23 -10.88 -35.50
CA SER E 101 -1.30 -11.86 -36.58
C SER E 101 -2.45 -11.57 -37.55
N PHE E 102 -3.54 -10.99 -37.04
CA PHE E 102 -4.65 -10.55 -37.88
C PHE E 102 -4.14 -9.52 -38.89
N LEU E 103 -3.39 -8.53 -38.41
CA LEU E 103 -2.81 -7.51 -39.29
C LEU E 103 -1.74 -8.05 -40.23
N LEU E 104 -0.95 -9.02 -39.76
CA LEU E 104 0.00 -9.73 -40.63
C LEU E 104 -0.72 -10.33 -41.85
N ALA E 105 -1.83 -11.02 -41.58
CA ALA E 105 -2.66 -11.63 -42.62
C ALA E 105 -3.38 -10.62 -43.53
N ALA E 106 -3.47 -9.37 -43.08
CA ALA E 106 -4.13 -8.29 -43.80
C ALA E 106 -3.28 -7.55 -44.84
N GLY E 107 -2.00 -7.89 -44.92
CA GLY E 107 -1.11 -7.29 -45.93
C GLY E 107 -1.50 -7.64 -47.36
N ALA E 108 -0.92 -6.92 -48.32
CA ALA E 108 -1.23 -7.13 -49.73
C ALA E 108 -0.99 -8.58 -50.14
N LYS E 109 -1.92 -9.14 -50.90
CA LYS E 109 -1.87 -10.55 -51.29
C LYS E 109 -0.57 -10.78 -52.09
N GLY E 110 0.17 -11.83 -51.71
CA GLY E 110 1.50 -12.11 -52.25
C GLY E 110 2.66 -11.39 -51.57
N LYS E 111 2.37 -10.45 -50.67
CA LYS E 111 3.40 -9.62 -50.03
C LYS E 111 3.32 -9.67 -48.50
N ARG E 112 2.90 -10.81 -47.96
CA ARG E 112 2.87 -11.05 -46.53
C ARG E 112 4.00 -12.03 -46.21
N PHE E 113 4.92 -11.61 -45.35
CA PHE E 113 6.12 -12.38 -45.05
C PHE E 113 6.35 -12.57 -43.56
N ALA E 114 7.16 -13.58 -43.25
CA ALA E 114 7.73 -13.74 -41.92
C ALA E 114 9.15 -14.23 -42.08
N LEU E 115 10.04 -13.85 -41.17
CA LEU E 115 11.38 -14.40 -41.17
C LEU E 115 11.32 -15.78 -40.54
N PRO E 116 12.35 -16.59 -40.74
CA PRO E 116 12.23 -18.04 -40.44
C PRO E 116 11.93 -18.44 -39.00
N ASN E 117 12.43 -17.68 -38.02
CA ASN E 117 12.25 -17.98 -36.59
C ASN E 117 11.20 -17.10 -35.92
N ALA E 118 10.48 -16.30 -36.71
CA ALA E 118 9.38 -15.49 -36.19
C ALA E 118 8.24 -16.40 -35.73
N GLU E 119 7.57 -15.97 -34.66
CA GLU E 119 6.48 -16.74 -34.06
C GLU E 119 5.15 -16.08 -34.40
N VAL E 120 4.18 -16.88 -34.83
CA VAL E 120 2.83 -16.38 -35.09
C VAL E 120 1.86 -17.11 -34.18
N MET E 121 1.01 -16.35 -33.47
CA MET E 121 0.01 -16.94 -32.59
C MET E 121 -1.38 -16.40 -32.91
N ILE E 122 -2.35 -17.32 -32.98
CA ILE E 122 -3.75 -16.96 -33.19
C ILE E 122 -4.58 -17.50 -32.04
N HIS E 123 -5.57 -16.73 -31.60
CA HIS E 123 -6.51 -17.16 -30.56
C HIS E 123 -7.78 -16.30 -30.62
N GLN E 124 -8.78 -16.67 -29.82
CA GLN E 124 -10.04 -15.92 -29.81
C GLN E 124 -9.90 -14.61 -29.01
N PRO E 125 -10.78 -13.62 -29.27
CA PRO E 125 -10.68 -12.35 -28.53
C PRO E 125 -10.94 -12.53 -27.03
N LEU E 126 -10.31 -11.64 -26.25
CA LEU E 126 -10.43 -11.63 -24.80
C LEU E 126 -11.22 -10.40 -24.37
N GLY E 127 -11.96 -10.53 -23.27
CA GLY E 127 -12.73 -9.41 -22.73
C GLY E 127 -13.27 -9.64 -21.35
N GLY E 128 -14.18 -8.77 -20.95
CA GLY E 128 -14.76 -8.81 -19.62
C GLY E 128 -16.15 -8.21 -19.61
N ALA E 129 -16.92 -8.55 -18.59
CA ALA E 129 -18.25 -8.00 -18.40
C ALA E 129 -18.61 -8.14 -16.93
N GLN E 130 -19.18 -7.08 -16.34
CA GLN E 130 -19.73 -7.18 -14.98
C GLN E 130 -21.00 -6.32 -14.87
N GLY E 131 -21.90 -6.75 -14.00
CA GLY E 131 -23.14 -6.04 -13.73
C GLY E 131 -24.35 -6.96 -13.85
N GLN E 132 -25.46 -6.39 -14.31
CA GLN E 132 -26.73 -7.10 -14.41
C GLN E 132 -26.71 -8.16 -15.51
N ALA E 133 -27.56 -9.16 -15.38
CA ALA E 133 -27.66 -10.23 -16.38
C ALA E 133 -27.81 -9.71 -17.81
N THR E 134 -28.67 -8.71 -18.01
CA THR E 134 -28.88 -8.13 -19.34
C THR E 134 -27.64 -7.38 -19.86
N GLU E 135 -26.88 -6.77 -18.96
CA GLU E 135 -25.60 -6.13 -19.31
C GLU E 135 -24.57 -7.17 -19.74
N ILE E 136 -24.52 -8.29 -19.02
CA ILE E 136 -23.61 -9.39 -19.35
C ILE E 136 -23.97 -9.99 -20.72
N GLU E 137 -25.27 -10.11 -20.98
CA GLU E 137 -25.79 -10.58 -22.26
C GLU E 137 -25.35 -9.68 -23.42
N ILE E 138 -25.50 -8.37 -23.24
CA ILE E 138 -25.06 -7.38 -24.24
C ILE E 138 -23.56 -7.50 -24.51
N ALA E 139 -22.76 -7.56 -23.45
CA ALA E 139 -21.31 -7.72 -23.58
C ALA E 139 -20.92 -9.03 -24.28
N ALA E 140 -21.61 -10.11 -23.92
CA ALA E 140 -21.37 -11.42 -24.55
C ALA E 140 -21.71 -11.40 -26.04
N ASN E 141 -22.89 -10.89 -26.38
CA ASN E 141 -23.30 -10.75 -27.78
C ASN E 141 -22.31 -9.90 -28.57
N HIS E 142 -21.82 -8.82 -27.96
CA HIS E 142 -20.83 -7.95 -28.59
C HIS E 142 -19.50 -8.65 -28.91
N ILE E 143 -18.92 -9.33 -27.92
CA ILE E 143 -17.63 -10.02 -28.15
C ILE E 143 -17.78 -11.20 -29.11
N LEU E 144 -18.92 -11.89 -29.07
CA LEU E 144 -19.21 -12.97 -30.01
C LEU E 144 -19.34 -12.45 -31.45
N LYS E 145 -20.03 -11.33 -31.64
CA LYS E 145 -20.07 -10.71 -32.97
C LYS E 145 -18.74 -10.24 -33.46
N THR E 146 -17.94 -9.66 -32.56
CA THR E 146 -16.59 -9.25 -32.87
C THR E 146 -15.76 -10.46 -33.33
N ARG E 147 -15.90 -11.59 -32.64
CA ARG E 147 -15.18 -12.81 -33.04
C ARG E 147 -15.59 -13.26 -34.44
N GLU E 148 -16.90 -13.24 -34.72
CA GLU E 148 -17.44 -13.63 -36.05
C GLU E 148 -16.87 -12.73 -37.15
N LYS E 149 -16.82 -11.42 -36.88
CA LYS E 149 -16.21 -10.44 -37.78
C LYS E 149 -14.75 -10.76 -38.07
N LEU E 150 -13.97 -10.99 -37.01
CA LEU E 150 -12.56 -11.38 -37.13
C LEU E 150 -12.39 -12.68 -37.92
N ASN E 151 -13.17 -13.69 -37.57
CA ASN E 151 -13.08 -15.00 -38.24
C ASN E 151 -13.44 -14.94 -39.72
N ARG E 152 -14.50 -14.20 -40.05
CA ARG E 152 -14.92 -14.02 -41.44
C ARG E 152 -13.81 -13.42 -42.29
N ILE E 153 -13.20 -12.34 -41.78
CA ILE E 153 -12.10 -11.67 -42.50
C ILE E 153 -10.88 -12.58 -42.60
N LEU E 154 -10.53 -13.25 -41.50
CA LEU E 154 -9.41 -14.21 -41.52
C LEU E 154 -9.62 -15.34 -42.52
N SER E 155 -10.85 -15.83 -42.61
CA SER E 155 -11.23 -16.83 -43.62
C SER E 155 -10.95 -16.32 -45.03
N GLU E 156 -11.41 -15.10 -45.31
CA GLU E 156 -11.21 -14.43 -46.61
C GLU E 156 -9.71 -14.26 -46.94
N ARG E 157 -8.93 -13.88 -45.93
CA ARG E 157 -7.51 -13.58 -46.10
C ARG E 157 -6.62 -14.83 -46.18
N THR E 158 -7.02 -15.91 -45.51
CA THR E 158 -6.23 -17.15 -45.47
C THR E 158 -6.67 -18.23 -46.47
N GLY E 159 -7.93 -18.18 -46.89
CA GLY E 159 -8.54 -19.27 -47.65
C GLY E 159 -9.05 -20.43 -46.79
N GLN E 160 -8.92 -20.33 -45.46
CA GLN E 160 -9.43 -21.35 -44.55
C GLN E 160 -10.91 -21.09 -44.30
N SER E 161 -11.67 -22.15 -43.99
CA SER E 161 -13.07 -22.01 -43.67
C SER E 161 -13.27 -21.33 -42.32
N ILE E 162 -14.41 -20.72 -42.17
CA ILE E 162 -14.78 -20.11 -40.93
C ILE E 162 -14.83 -21.21 -39.86
N GLU E 163 -15.32 -22.39 -40.24
CA GLU E 163 -15.39 -23.51 -39.31
C GLU E 163 -14.02 -23.85 -38.75
N LYS E 164 -13.04 -23.95 -39.64
CA LYS E 164 -11.68 -24.26 -39.25
C LYS E 164 -11.07 -23.15 -38.37
N ILE E 165 -11.24 -21.90 -38.75
CA ILE E 165 -10.72 -20.75 -38.01
C ILE E 165 -11.25 -20.78 -36.56
N GLN E 166 -12.56 -20.96 -36.41
CA GLN E 166 -13.19 -21.08 -35.08
C GLN E 166 -12.50 -22.14 -34.22
N LYS E 167 -12.34 -23.33 -34.78
CA LYS E 167 -11.74 -24.44 -34.06
C LYS E 167 -10.26 -24.16 -33.71
N ASP E 168 -9.52 -23.63 -34.67
CA ASP E 168 -8.08 -23.37 -34.49
C ASP E 168 -7.75 -22.17 -33.59
N THR E 169 -8.72 -21.31 -33.31
CA THR E 169 -8.54 -20.16 -32.43
C THR E 169 -9.22 -20.32 -31.07
N ASP E 170 -9.79 -21.51 -30.80
CA ASP E 170 -10.48 -21.78 -29.54
C ASP E 170 -9.54 -21.59 -28.34
N ARG E 171 -8.30 -22.06 -28.50
CA ARG E 171 -7.23 -21.87 -27.53
C ARG E 171 -6.03 -21.25 -28.24
N ASP E 172 -5.00 -20.89 -27.45
CA ASP E 172 -3.76 -20.34 -27.99
C ASP E 172 -3.15 -21.33 -28.97
N ASN E 173 -2.89 -20.87 -30.19
CA ASN E 173 -2.36 -21.71 -31.25
C ASN E 173 -1.09 -21.06 -31.79
N PHE E 174 0.06 -21.61 -31.41
CA PHE E 174 1.37 -21.11 -31.82
C PHE E 174 1.82 -21.76 -33.12
N LEU E 175 2.23 -20.94 -34.08
CA LEU E 175 2.68 -21.42 -35.38
C LEU E 175 4.08 -20.93 -35.67
N THR E 176 4.88 -21.79 -36.30
CA THR E 176 6.15 -21.37 -36.90
C THR E 176 5.85 -20.54 -38.15
N ALA E 177 6.87 -19.87 -38.67
CA ALA E 177 6.73 -19.09 -39.91
C ALA E 177 6.24 -19.99 -41.06
N GLU E 178 6.85 -21.17 -41.19
CA GLU E 178 6.46 -22.14 -42.22
C GLU E 178 5.00 -22.61 -42.06
N GLU E 179 4.60 -22.88 -40.82
CA GLU E 179 3.21 -23.25 -40.53
C GLU E 179 2.23 -22.10 -40.84
N ALA E 180 2.63 -20.87 -40.55
CA ALA E 180 1.82 -19.70 -40.89
C ALA E 180 1.63 -19.55 -42.40
N LYS E 181 2.68 -19.85 -43.18
CA LYS E 181 2.58 -19.90 -44.64
C LYS E 181 1.60 -20.98 -45.08
N GLU E 182 1.76 -22.18 -44.52
CA GLU E 182 0.84 -23.28 -44.82
C GLU E 182 -0.61 -22.94 -44.51
N TYR E 183 -0.81 -22.22 -43.41
CA TYR E 183 -2.13 -21.81 -42.97
C TYR E 183 -2.76 -20.73 -43.86
N GLY E 184 -1.93 -19.96 -44.56
CA GLY E 184 -2.40 -18.85 -45.39
C GLY E 184 -2.36 -17.50 -44.71
N LEU E 185 -1.75 -17.43 -43.52
CA LEU E 185 -1.57 -16.16 -42.79
C LEU E 185 -0.49 -15.30 -43.44
N ILE E 186 0.52 -15.94 -44.03
CA ILE E 186 1.52 -15.27 -44.85
C ILE E 186 1.66 -16.01 -46.18
N ASP E 187 2.35 -15.37 -47.12
CA ASP E 187 2.61 -15.92 -48.44
C ASP E 187 3.96 -16.60 -48.54
N GLU E 188 4.97 -16.03 -47.92
CA GLU E 188 6.29 -16.62 -47.97
C GLU E 188 7.15 -16.40 -46.76
N VAL E 189 8.00 -17.37 -46.48
CA VAL E 189 8.99 -17.26 -45.43
C VAL E 189 10.18 -16.59 -46.11
N MET E 190 10.56 -15.41 -45.64
CA MET E 190 11.66 -14.67 -46.24
C MET E 190 12.98 -15.30 -45.81
N VAL E 191 13.69 -15.90 -46.76
CA VAL E 191 14.95 -16.60 -46.49
C VAL E 191 16.14 -15.66 -46.65
N PRO E 192 17.29 -15.98 -45.99
CA PRO E 192 18.46 -15.09 -46.04
C PRO E 192 19.01 -14.80 -47.44
N LEU F 3 8.23 8.17 -29.51
CA LEU F 3 6.95 7.43 -29.85
C LEU F 3 6.43 7.86 -31.24
N ILE F 4 6.28 9.17 -31.43
CA ILE F 4 5.61 9.76 -32.59
C ILE F 4 6.64 10.11 -33.68
N PRO F 5 6.52 9.51 -34.88
CA PRO F 5 7.53 9.77 -35.92
C PRO F 5 7.49 11.18 -36.50
N THR F 6 8.64 11.60 -37.04
CA THR F 6 8.81 12.90 -37.66
C THR F 6 8.89 12.73 -39.18
N VAL F 7 8.27 13.66 -39.90
CA VAL F 7 8.40 13.75 -41.36
C VAL F 7 9.02 15.07 -41.78
N ILE F 8 9.95 15.02 -42.75
CA ILE F 8 10.66 16.19 -43.25
C ILE F 8 10.39 16.35 -44.74
N ALA F 17 10.32 20.30 -40.67
CA ALA F 17 10.14 19.05 -39.92
C ALA F 17 8.84 19.09 -39.14
N TYR F 18 8.03 18.03 -39.28
CA TYR F 18 6.74 17.91 -38.61
C TYR F 18 6.66 16.56 -37.89
N ASP F 19 6.15 16.55 -36.67
CA ASP F 19 5.61 15.31 -36.11
C ASP F 19 4.40 14.92 -36.98
N ILE F 20 4.11 13.63 -37.07
CA ILE F 20 3.10 13.13 -38.03
C ILE F 20 1.72 13.81 -37.85
N TYR F 21 1.31 14.05 -36.62
CA TYR F 21 -0.01 14.66 -36.35
C TYR F 21 -0.06 16.13 -36.81
N SER F 22 1.00 16.87 -36.53
CA SER F 22 1.13 18.24 -37.01
C SER F 22 1.18 18.31 -38.54
N ARG F 23 1.80 17.31 -39.17
CA ARG F 23 1.76 17.21 -40.63
C ARG F 23 0.33 17.05 -41.15
N LEU F 24 -0.45 16.19 -40.50
CA LEU F 24 -1.86 16.00 -40.88
C LEU F 24 -2.66 17.30 -40.69
N LEU F 25 -2.38 18.02 -39.61
CA LEU F 25 -3.04 19.31 -39.36
C LEU F 25 -2.79 20.34 -40.45
N LYS F 26 -1.58 20.32 -41.04
CA LYS F 26 -1.27 21.17 -42.20
C LYS F 26 -2.25 20.97 -43.37
N ASP F 27 -2.75 19.75 -43.53
CA ASP F 27 -3.80 19.45 -44.52
C ASP F 27 -5.22 19.40 -43.94
N ARG F 28 -5.44 20.16 -42.86
CA ARG F 28 -6.77 20.37 -42.26
C ARG F 28 -7.40 19.10 -41.69
N ILE F 29 -6.56 18.18 -41.22
CA ILE F 29 -7.00 16.95 -40.58
C ILE F 29 -6.74 17.07 -39.07
N ILE F 30 -7.80 16.92 -38.27
CA ILE F 30 -7.73 16.92 -36.82
C ILE F 30 -7.99 15.50 -36.31
N MET F 31 -7.17 15.04 -35.37
CA MET F 31 -7.27 13.70 -34.82
C MET F 31 -7.95 13.71 -33.46
N LEU F 32 -9.15 13.15 -33.37
CA LEU F 32 -9.78 12.84 -32.08
C LEU F 32 -9.55 11.35 -31.87
N GLY F 33 -8.42 11.03 -31.25
CA GLY F 33 -7.93 9.65 -31.14
C GLY F 33 -7.80 9.12 -29.72
N SER F 34 -8.52 9.72 -28.78
CA SER F 34 -8.41 9.33 -27.38
C SER F 34 -9.72 9.57 -26.64
N GLN F 35 -9.74 9.19 -25.37
CA GLN F 35 -10.82 9.56 -24.47
C GLN F 35 -10.96 11.08 -24.44
N ILE F 36 -12.20 11.55 -24.45
CA ILE F 36 -12.50 12.98 -24.48
C ILE F 36 -12.45 13.53 -23.05
N ASP F 37 -11.45 14.37 -22.78
CA ASP F 37 -11.40 15.17 -21.55
C ASP F 37 -11.22 16.63 -21.94
N ASP F 38 -11.11 17.52 -20.95
CA ASP F 38 -11.00 18.95 -21.25
C ASP F 38 -9.74 19.29 -22.06
N ASN F 39 -8.62 18.64 -21.77
CA ASN F 39 -7.38 18.86 -22.53
C ASN F 39 -7.54 18.55 -24.01
N VAL F 40 -8.15 17.40 -24.29
CA VAL F 40 -8.43 16.98 -25.67
C VAL F 40 -9.36 18.00 -26.34
N ALA F 41 -10.43 18.37 -25.64
CA ALA F 41 -11.38 19.36 -26.16
C ALA F 41 -10.72 20.71 -26.44
N ASN F 42 -9.91 21.20 -25.51
CA ASN F 42 -9.23 22.49 -25.71
C ASN F 42 -8.34 22.48 -26.95
N SER F 43 -7.61 21.38 -27.13
CA SER F 43 -6.73 21.21 -28.27
C SER F 43 -7.51 21.21 -29.59
N ILE F 44 -8.57 20.41 -29.65
CA ILE F 44 -9.40 20.31 -30.86
C ILE F 44 -10.10 21.64 -31.18
N VAL F 45 -10.65 22.30 -30.15
CA VAL F 45 -11.24 23.63 -30.31
C VAL F 45 -10.23 24.62 -30.92
N SER F 46 -9.01 24.63 -30.38
CA SER F 46 -7.95 25.50 -30.86
C SER F 46 -7.57 25.22 -32.32
N GLN F 47 -7.49 23.93 -32.66
CA GLN F 47 -7.21 23.50 -34.04
C GLN F 47 -8.31 23.93 -35.01
N LEU F 48 -9.56 23.77 -34.59
CA LEU F 48 -10.71 24.22 -35.40
C LEU F 48 -10.68 25.73 -35.65
N LEU F 49 -10.44 26.51 -34.59
CA LEU F 49 -10.35 27.96 -34.71
C LEU F 49 -9.21 28.39 -35.63
N PHE F 50 -8.06 27.76 -35.46
CA PHE F 50 -6.89 28.00 -36.33
C PHE F 50 -7.18 27.69 -37.80
N LEU F 51 -7.75 26.52 -38.07
CA LEU F 51 -8.06 26.11 -39.44
C LEU F 51 -9.08 27.03 -40.13
N GLN F 52 -10.10 27.49 -39.39
CA GLN F 52 -11.05 28.50 -39.91
C GLN F 52 -10.32 29.79 -40.32
N ALA F 53 -9.43 30.26 -39.45
CA ALA F 53 -8.67 31.49 -39.70
C ALA F 53 -7.76 31.36 -40.92
N GLN F 54 -7.17 30.18 -41.07
CA GLN F 54 -6.35 29.86 -42.24
C GLN F 54 -7.14 29.85 -43.55
N ASP F 55 -8.32 29.26 -43.52
CA ASP F 55 -9.20 29.20 -44.68
C ASP F 55 -10.63 28.94 -44.20
N SER F 56 -11.50 29.93 -44.37
CA SER F 56 -12.89 29.83 -43.91
C SER F 56 -13.79 28.98 -44.81
N GLU F 57 -13.31 28.60 -45.99
CA GLU F 57 -14.11 27.89 -46.99
C GLU F 57 -13.77 26.41 -47.18
N LYS F 58 -12.50 26.04 -47.04
CA LYS F 58 -12.06 24.65 -47.26
C LYS F 58 -12.52 23.72 -46.13
N ASP F 59 -12.92 22.50 -46.51
CA ASP F 59 -13.35 21.49 -45.56
C ASP F 59 -12.28 21.17 -44.52
N ILE F 60 -12.74 20.80 -43.32
CA ILE F 60 -11.89 20.27 -42.26
C ILE F 60 -12.28 18.79 -42.12
N TYR F 61 -11.32 17.95 -41.74
CA TYR F 61 -11.52 16.52 -41.58
C TYR F 61 -11.27 16.12 -40.13
N LEU F 62 -12.32 15.70 -39.43
CA LEU F 62 -12.20 15.23 -38.06
C LEU F 62 -12.20 13.70 -38.02
N TYR F 63 -11.02 13.13 -37.78
CA TYR F 63 -10.85 11.70 -37.55
C TYR F 63 -11.33 11.37 -36.15
N ILE F 64 -12.14 10.32 -36.03
CA ILE F 64 -12.67 9.88 -34.73
C ILE F 64 -12.37 8.41 -34.48
N ASN F 65 -11.46 8.18 -33.53
CA ASN F 65 -11.22 6.87 -32.92
C ASN F 65 -11.22 7.10 -31.40
N SER F 66 -12.40 7.03 -30.79
CA SER F 66 -12.56 7.47 -29.42
C SER F 66 -13.67 6.72 -28.68
N PRO F 67 -13.42 6.33 -27.41
CA PRO F 67 -14.47 5.71 -26.58
C PRO F 67 -15.42 6.74 -25.94
N GLY F 68 -15.27 8.01 -26.28
CA GLY F 68 -16.06 9.08 -25.68
C GLY F 68 -15.39 9.63 -24.45
N GLY F 69 -16.19 10.12 -23.51
CA GLY F 69 -15.66 10.74 -22.29
C GLY F 69 -16.56 11.86 -21.80
N SER F 70 -15.96 12.96 -21.37
CA SER F 70 -16.70 14.07 -20.77
C SER F 70 -17.72 14.68 -21.73
N VAL F 71 -18.96 14.80 -21.26
CA VAL F 71 -20.05 15.38 -22.05
C VAL F 71 -19.81 16.87 -22.30
N THR F 72 -19.42 17.63 -21.27
CA THR F 72 -19.15 19.05 -21.45
C THR F 72 -17.96 19.30 -22.38
N ALA F 73 -16.91 18.49 -22.25
CA ALA F 73 -15.77 18.56 -23.17
C ALA F 73 -16.21 18.25 -24.60
N GLY F 74 -17.05 17.24 -24.75
CA GLY F 74 -17.66 16.91 -26.03
C GLY F 74 -18.44 18.07 -26.62
N PHE F 75 -19.22 18.75 -25.77
CA PHE F 75 -19.99 19.92 -26.23
C PHE F 75 -19.12 21.13 -26.57
N ALA F 76 -17.94 21.25 -25.97
CA ALA F 76 -16.96 22.27 -26.39
C ALA F 76 -16.59 22.07 -27.86
N ILE F 77 -16.31 20.82 -28.22
CA ILE F 77 -15.97 20.46 -29.60
C ILE F 77 -17.19 20.66 -30.50
N TYR F 78 -18.35 20.13 -30.07
CA TYR F 78 -19.59 20.23 -30.83
C TYR F 78 -19.93 21.68 -31.21
N ASP F 79 -19.97 22.56 -30.20
CA ASP F 79 -20.32 23.95 -30.44
C ASP F 79 -19.33 24.69 -31.33
N THR F 80 -18.05 24.37 -31.19
CA THR F 80 -17.02 24.97 -32.04
C THR F 80 -17.19 24.52 -33.50
N ILE F 81 -17.46 23.22 -33.71
CA ILE F 81 -17.77 22.70 -35.05
C ILE F 81 -18.92 23.50 -35.68
N GLN F 82 -20.02 23.66 -34.94
CA GLN F 82 -21.20 24.32 -35.48
C GLN F 82 -20.98 25.83 -35.66
N HIS F 83 -20.14 26.44 -34.82
CA HIS F 83 -19.87 27.87 -34.90
C HIS F 83 -19.09 28.28 -36.15
N ILE F 84 -18.05 27.52 -36.48
CA ILE F 84 -17.15 27.89 -37.57
C ILE F 84 -17.77 27.74 -38.96
N LYS F 85 -17.22 28.48 -39.91
CA LYS F 85 -17.74 28.48 -41.29
C LYS F 85 -17.50 27.21 -42.08
N PRO F 86 -16.25 26.68 -42.10
CA PRO F 86 -15.98 25.48 -42.89
C PRO F 86 -16.80 24.27 -42.47
N ASP F 87 -17.16 23.43 -43.44
CA ASP F 87 -17.72 22.11 -43.14
C ASP F 87 -16.67 21.28 -42.43
N VAL F 88 -17.08 20.59 -41.37
CA VAL F 88 -16.22 19.63 -40.68
C VAL F 88 -16.73 18.24 -41.01
N GLN F 89 -15.97 17.53 -41.85
CA GLN F 89 -16.29 16.13 -42.13
C GLN F 89 -15.91 15.32 -40.89
N THR F 90 -16.65 14.25 -40.64
CA THR F 90 -16.29 13.31 -39.58
C THR F 90 -16.07 11.95 -40.18
N ILE F 91 -15.03 11.27 -39.72
CA ILE F 91 -14.68 9.96 -40.23
C ILE F 91 -14.36 9.02 -39.08
N CYS F 92 -15.22 8.01 -38.87
CA CYS F 92 -15.00 7.03 -37.81
C CYS F 92 -14.12 5.90 -38.29
N ILE F 93 -12.98 5.73 -37.62
CA ILE F 93 -12.01 4.68 -37.92
C ILE F 93 -11.67 4.00 -36.60
N GLY F 94 -11.84 2.68 -36.55
CA GLY F 94 -11.69 1.93 -35.32
C GLY F 94 -12.98 1.91 -34.52
N MET F 95 -13.18 2.93 -33.69
CA MET F 95 -14.39 3.01 -32.85
C MET F 95 -14.83 4.46 -32.63
N ALA F 96 -16.14 4.66 -32.56
CA ALA F 96 -16.71 5.87 -31.96
C ALA F 96 -17.76 5.40 -30.96
N ALA F 97 -17.56 5.69 -29.68
CA ALA F 97 -18.51 5.30 -28.66
C ALA F 97 -18.94 6.51 -27.87
N SER F 98 -20.20 6.48 -27.42
CA SER F 98 -20.67 7.45 -26.45
C SER F 98 -20.58 8.88 -27.02
N MET F 99 -19.99 9.84 -26.30
CA MET F 99 -19.76 11.19 -26.82
C MET F 99 -18.95 11.21 -28.14
N GLY F 100 -18.16 10.17 -28.38
CA GLY F 100 -17.47 9.98 -29.66
C GLY F 100 -18.42 9.80 -30.84
N SER F 101 -19.46 8.97 -30.66
CA SER F 101 -20.49 8.79 -31.70
C SER F 101 -21.37 10.02 -31.84
N PHE F 102 -21.58 10.74 -30.73
CA PHE F 102 -22.32 12.00 -30.77
C PHE F 102 -21.61 12.99 -31.70
N LEU F 103 -20.29 13.11 -31.53
CA LEU F 103 -19.49 13.99 -32.40
C LEU F 103 -19.41 13.49 -33.84
N LEU F 104 -19.37 12.18 -34.04
CA LEU F 104 -19.45 11.60 -35.39
C LEU F 104 -20.71 12.07 -36.11
N ALA F 105 -21.84 11.98 -35.42
CA ALA F 105 -23.14 12.44 -35.94
C ALA F 105 -23.24 13.96 -36.13
N ALA F 106 -22.34 14.71 -35.50
CA ALA F 106 -22.32 16.17 -35.56
C ALA F 106 -21.57 16.76 -36.76
N GLY F 107 -20.93 15.93 -37.57
CA GLY F 107 -20.23 16.40 -38.77
C GLY F 107 -21.17 17.00 -39.80
N ALA F 108 -20.59 17.70 -40.79
CA ALA F 108 -21.38 18.35 -41.84
C ALA F 108 -22.30 17.36 -42.54
N LYS F 109 -23.55 17.77 -42.77
CA LYS F 109 -24.55 16.88 -43.38
C LYS F 109 -24.06 16.44 -44.76
N GLY F 110 -24.12 15.13 -45.01
CA GLY F 110 -23.57 14.52 -46.20
C GLY F 110 -22.09 14.16 -46.14
N LYS F 111 -21.39 14.58 -45.08
CA LYS F 111 -19.93 14.37 -44.97
C LYS F 111 -19.55 13.67 -43.65
N ARG F 112 -20.42 12.78 -43.18
CA ARG F 112 -20.15 11.95 -42.02
C ARG F 112 -19.95 10.53 -42.51
N PHE F 113 -18.77 9.97 -42.21
CA PHE F 113 -18.35 8.68 -42.75
C PHE F 113 -17.87 7.73 -41.66
N ALA F 114 -17.88 6.44 -42.00
CA ALA F 114 -17.18 5.43 -41.23
C ALA F 114 -16.58 4.43 -42.20
N LEU F 115 -15.41 3.88 -41.82
CA LEU F 115 -14.77 2.81 -42.57
C LEU F 115 -15.54 1.50 -42.26
N PRO F 116 -15.49 0.50 -43.18
CA PRO F 116 -16.44 -0.64 -43.11
C PRO F 116 -16.47 -1.45 -41.81
N ASN F 117 -15.33 -1.57 -41.14
CA ASN F 117 -15.20 -2.38 -39.92
C ASN F 117 -15.14 -1.54 -38.65
N ALA F 118 -15.36 -0.23 -38.79
CA ALA F 118 -15.43 0.67 -37.65
C ALA F 118 -16.67 0.36 -36.81
N GLU F 119 -16.52 0.50 -35.50
CA GLU F 119 -17.58 0.19 -34.55
C GLU F 119 -18.16 1.48 -33.99
N VAL F 120 -19.49 1.58 -33.98
CA VAL F 120 -20.17 2.73 -33.41
C VAL F 120 -21.04 2.25 -32.25
N MET F 121 -20.90 2.90 -31.10
CA MET F 121 -21.70 2.55 -29.92
C MET F 121 -22.41 3.78 -29.37
N ILE F 122 -23.70 3.62 -29.06
CA ILE F 122 -24.49 4.67 -28.43
C ILE F 122 -25.06 4.13 -27.12
N HIS F 123 -25.08 4.99 -26.10
CA HIS F 123 -25.69 4.65 -24.81
C HIS F 123 -26.02 5.93 -24.03
N GLN F 124 -26.70 5.78 -22.90
CA GLN F 124 -27.05 6.95 -22.08
C GLN F 124 -25.85 7.45 -21.28
N PRO F 125 -25.87 8.74 -20.88
CA PRO F 125 -24.73 9.26 -20.10
C PRO F 125 -24.55 8.58 -18.75
N LEU F 126 -23.29 8.55 -18.30
CA LEU F 126 -22.90 7.94 -17.04
C LEU F 126 -22.48 9.02 -16.06
N GLY F 127 -22.71 8.78 -14.78
CA GLY F 127 -22.32 9.74 -13.76
C GLY F 127 -22.36 9.18 -12.37
N GLY F 128 -22.27 10.09 -11.40
CA GLY F 128 -22.24 9.71 -10.00
C GLY F 128 -22.78 10.84 -9.16
N ALA F 129 -23.20 10.48 -7.95
CA ALA F 129 -23.68 11.45 -6.98
C ALA F 129 -23.58 10.85 -5.60
N GLN F 130 -23.11 11.65 -4.66
CA GLN F 130 -23.02 11.24 -3.28
C GLN F 130 -23.28 12.40 -2.34
N GLY F 131 -23.88 12.11 -1.20
CA GLY F 131 -24.17 13.11 -0.18
C GLY F 131 -25.63 13.10 0.26
N GLN F 132 -26.14 14.28 0.57
CA GLN F 132 -27.49 14.43 1.07
C GLN F 132 -28.54 14.16 -0.01
N ALA F 133 -29.74 13.78 0.42
CA ALA F 133 -30.85 13.51 -0.52
C ALA F 133 -31.05 14.64 -1.54
N THR F 134 -31.04 15.89 -1.07
CA THR F 134 -31.24 17.04 -1.97
C THR F 134 -30.07 17.22 -2.96
N GLU F 135 -28.85 16.88 -2.54
CA GLU F 135 -27.69 16.88 -3.43
C GLU F 135 -27.81 15.80 -4.52
N ILE F 136 -28.30 14.62 -4.12
CA ILE F 136 -28.52 13.52 -5.06
CA ILE F 136 -28.53 13.52 -5.07
C ILE F 136 -29.60 13.91 -6.07
N GLU F 137 -30.65 14.58 -5.59
CA GLU F 137 -31.73 15.09 -6.45
C GLU F 137 -31.22 16.08 -7.50
N ILE F 138 -30.38 17.02 -7.06
CA ILE F 138 -29.77 18.00 -7.97
C ILE F 138 -28.93 17.29 -9.04
N ALA F 139 -28.10 16.35 -8.61
CA ALA F 139 -27.25 15.58 -9.54
C ALA F 139 -28.08 14.77 -10.53
N ALA F 140 -29.15 14.15 -10.03
CA ALA F 140 -30.07 13.36 -10.88
C ALA F 140 -30.75 14.25 -11.92
N ASN F 141 -31.32 15.37 -11.47
CA ASN F 141 -31.97 16.32 -12.37
C ASN F 141 -30.98 16.82 -13.44
N HIS F 142 -29.74 17.09 -13.03
CA HIS F 142 -28.69 17.54 -13.95
C HIS F 142 -28.38 16.52 -15.06
N ILE F 143 -28.11 15.27 -14.67
CA ILE F 143 -27.78 14.24 -15.67
C ILE F 143 -28.97 13.90 -16.57
N LEU F 144 -30.19 13.94 -16.02
CA LEU F 144 -31.40 13.74 -16.82
C LEU F 144 -31.61 14.85 -17.85
N LYS F 145 -31.41 16.11 -17.45
CA LYS F 145 -31.47 17.25 -18.38
C LYS F 145 -30.37 17.14 -19.47
N THR F 146 -29.18 16.72 -19.07
CA THR F 146 -28.08 16.49 -20.00
C THR F 146 -28.44 15.41 -21.03
N ARG F 147 -29.07 14.32 -20.57
CA ARG F 147 -29.52 13.27 -21.48
C ARG F 147 -30.54 13.78 -22.50
N GLU F 148 -31.51 14.57 -22.02
CA GLU F 148 -32.53 15.18 -22.89
C GLU F 148 -31.89 16.06 -23.96
N LYS F 149 -30.91 16.86 -23.55
CA LYS F 149 -30.14 17.73 -24.47
C LYS F 149 -29.43 16.90 -25.55
N LEU F 150 -28.73 15.86 -25.13
CA LEU F 150 -28.06 14.94 -26.05
C LEU F 150 -29.05 14.27 -27.01
N ASN F 151 -30.14 13.73 -26.46
CA ASN F 151 -31.15 13.00 -27.23
C ASN F 151 -31.81 13.94 -28.29
N ARG F 152 -32.14 15.17 -27.89
CA ARG F 152 -32.75 16.16 -28.79
C ARG F 152 -31.86 16.45 -29.98
N ILE F 153 -30.57 16.70 -29.72
CA ILE F 153 -29.61 17.00 -30.79
C ILE F 153 -29.41 15.77 -31.68
N LEU F 154 -29.26 14.60 -31.07
CA LEU F 154 -29.12 13.35 -31.83
C LEU F 154 -30.34 13.08 -32.74
N SER F 155 -31.53 13.39 -32.24
CA SER F 155 -32.76 13.31 -33.04
C SER F 155 -32.68 14.22 -34.28
N GLU F 156 -32.27 15.47 -34.05
CA GLU F 156 -32.09 16.45 -35.13
C GLU F 156 -31.06 15.99 -36.17
N ARG F 157 -29.96 15.42 -35.69
CA ARG F 157 -28.83 15.01 -36.55
C ARG F 157 -29.09 13.70 -37.31
N THR F 158 -29.87 12.80 -36.72
CA THR F 158 -30.12 11.48 -37.32
C THR F 158 -31.44 11.36 -38.06
N GLY F 159 -32.41 12.21 -37.72
CA GLY F 159 -33.77 12.07 -38.22
C GLY F 159 -34.62 11.07 -37.44
N GLN F 160 -34.05 10.46 -36.40
CA GLN F 160 -34.80 9.54 -35.54
C GLN F 160 -35.56 10.34 -34.50
N SER F 161 -36.67 9.80 -34.02
CA SER F 161 -37.46 10.44 -32.96
C SER F 161 -36.71 10.40 -31.62
N ILE F 162 -36.99 11.38 -30.76
CA ILE F 162 -36.44 11.42 -29.41
C ILE F 162 -36.82 10.15 -28.64
N GLU F 163 -38.06 9.70 -28.83
CA GLU F 163 -38.59 8.45 -28.23
C GLU F 163 -37.76 7.22 -28.61
N LYS F 164 -37.44 7.10 -29.90
CA LYS F 164 -36.59 6.01 -30.40
C LYS F 164 -35.16 6.11 -29.86
N ILE F 165 -34.60 7.32 -29.87
CA ILE F 165 -33.24 7.55 -29.32
C ILE F 165 -33.18 7.12 -27.84
N GLN F 166 -34.15 7.55 -27.06
CA GLN F 166 -34.25 7.18 -25.64
C GLN F 166 -34.20 5.66 -25.45
N LYS F 167 -35.05 4.97 -26.20
CA LYS F 167 -35.14 3.52 -26.13
C LYS F 167 -33.85 2.83 -26.57
N ASP F 168 -33.28 3.30 -27.68
CA ASP F 168 -32.07 2.70 -28.26
C ASP F 168 -30.78 3.00 -27.50
N THR F 169 -30.81 3.98 -26.59
CA THR F 169 -29.64 4.31 -25.76
C THR F 169 -29.78 3.89 -24.30
N ASP F 170 -30.87 3.18 -23.98
CA ASP F 170 -31.12 2.74 -22.60
C ASP F 170 -29.99 1.84 -22.08
N ARG F 171 -29.45 1.03 -22.95
CA ARG F 171 -28.31 0.24 -22.65
C ARG F 171 -27.31 0.32 -23.81
N ASP F 172 -26.15 -0.28 -23.65
CA ASP F 172 -25.11 -0.25 -24.67
C ASP F 172 -25.64 -0.82 -25.98
N ASN F 173 -25.53 -0.03 -27.05
CA ASN F 173 -26.06 -0.41 -28.35
C ASN F 173 -24.92 -0.31 -29.38
N PHE F 174 -24.38 -1.46 -29.77
CA PHE F 174 -23.28 -1.53 -30.72
C PHE F 174 -23.82 -1.62 -32.14
N LEU F 175 -23.30 -0.76 -33.02
CA LEU F 175 -23.69 -0.74 -34.42
C LEU F 175 -22.49 -0.94 -35.33
N THR F 176 -22.70 -1.66 -36.42
CA THR F 176 -21.73 -1.72 -37.52
C THR F 176 -21.78 -0.38 -38.25
N ALA F 177 -20.79 -0.15 -39.12
CA ALA F 177 -20.77 1.07 -39.94
C ALA F 177 -22.04 1.18 -40.79
N GLU F 178 -22.44 0.08 -41.42
CA GLU F 178 -23.66 0.05 -42.22
C GLU F 178 -24.92 0.34 -41.39
N GLU F 179 -24.99 -0.24 -40.19
CA GLU F 179 -26.11 0.04 -39.28
C GLU F 179 -26.13 1.50 -38.82
N ALA F 180 -24.95 2.07 -38.59
CA ALA F 180 -24.83 3.49 -38.25
C ALA F 180 -25.35 4.40 -39.37
N LYS F 181 -25.06 4.03 -40.62
CA LYS F 181 -25.61 4.72 -41.79
C LYS F 181 -27.13 4.61 -41.82
N GLU F 182 -27.64 3.39 -41.66
CA GLU F 182 -29.08 3.14 -41.61
C GLU F 182 -29.77 3.96 -40.50
N TYR F 183 -29.10 4.09 -39.36
CA TYR F 183 -29.60 4.86 -38.23
C TYR F 183 -29.61 6.38 -38.45
N GLY F 184 -28.75 6.87 -39.33
CA GLY F 184 -28.59 8.30 -39.59
C GLY F 184 -27.46 8.96 -38.79
N LEU F 185 -26.63 8.15 -38.12
CA LEU F 185 -25.44 8.67 -37.41
C LEU F 185 -24.33 9.07 -38.38
N ILE F 186 -24.25 8.37 -39.52
CA ILE F 186 -23.37 8.74 -40.62
C ILE F 186 -24.16 8.76 -41.91
N ASP F 187 -23.55 9.32 -42.95
CA ASP F 187 -24.15 9.40 -44.28
C ASP F 187 -23.71 8.27 -45.19
N GLU F 188 -22.43 7.89 -45.09
CA GLU F 188 -21.85 6.93 -46.02
C GLU F 188 -20.83 6.03 -45.35
N VAL F 189 -20.80 4.77 -45.77
CA VAL F 189 -19.70 3.86 -45.41
C VAL F 189 -18.66 4.08 -46.50
N MET F 190 -17.47 4.53 -46.11
CA MET F 190 -16.41 4.82 -47.07
C MET F 190 -15.78 3.50 -47.51
N VAL F 191 -15.99 3.16 -48.79
CA VAL F 191 -15.50 1.89 -49.35
C VAL F 191 -14.09 2.07 -49.94
N PRO F 192 -13.31 0.98 -50.05
CA PRO F 192 -11.94 1.07 -50.57
C PRO F 192 -11.78 1.63 -51.98
N LEU G 3 -0.35 15.10 -26.37
CA LEU G 3 0.35 15.53 -27.63
C LEU G 3 -0.30 16.79 -28.23
N ILE G 4 0.34 17.93 -28.01
CA ILE G 4 -0.12 19.24 -28.49
C ILE G 4 0.48 19.51 -29.88
N PRO G 5 -0.37 19.68 -30.91
CA PRO G 5 0.18 19.85 -32.27
C PRO G 5 0.90 21.17 -32.50
N THR G 6 1.80 21.15 -33.48
CA THR G 6 2.60 22.30 -33.87
C THR G 6 2.11 22.83 -35.21
N VAL G 7 2.10 24.15 -35.31
CA VAL G 7 1.76 24.86 -36.53
C VAL G 7 2.92 25.72 -37.03
N ILE G 8 3.21 25.64 -38.33
CA ILE G 8 4.33 26.38 -38.95
C ILE G 8 3.80 27.33 -40.03
N GLU G 9 4.13 28.61 -39.93
CA GLU G 9 3.70 29.63 -40.90
C GLU G 9 4.85 30.26 -41.69
N ARG G 16 8.56 30.58 -37.99
CA ARG G 16 7.73 30.62 -36.80
C ARG G 16 7.03 29.26 -36.70
N ALA G 17 7.56 28.41 -35.83
CA ALA G 17 6.88 27.19 -35.41
C ALA G 17 6.25 27.48 -34.05
N TYR G 18 4.96 27.18 -33.93
CA TYR G 18 4.19 27.44 -32.72
C TYR G 18 3.46 26.17 -32.31
N ASP G 19 3.48 25.85 -31.01
CA ASP G 19 2.46 24.94 -30.47
C ASP G 19 1.11 25.67 -30.61
N ILE G 20 0.03 24.89 -30.75
CA ILE G 20 -1.28 25.48 -31.10
C ILE G 20 -1.74 26.57 -30.10
N TYR G 21 -1.47 26.39 -28.81
CA TYR G 21 -1.88 27.37 -27.81
C TYR G 21 -1.09 28.68 -27.91
N SER G 22 0.23 28.56 -28.11
CA SER G 22 1.07 29.72 -28.37
C SER G 22 0.66 30.46 -29.66
N ARG G 23 0.22 29.71 -30.67
CA ARG G 23 -0.31 30.34 -31.89
C ARG G 23 -1.55 31.17 -31.59
N LEU G 24 -2.46 30.63 -30.78
CA LEU G 24 -3.65 31.38 -30.36
C LEU G 24 -3.28 32.64 -29.56
N LEU G 25 -2.28 32.53 -28.70
CA LEU G 25 -1.79 33.67 -27.92
C LEU G 25 -1.26 34.82 -28.80
N LYS G 26 -0.65 34.47 -29.94
CA LYS G 26 -0.24 35.47 -30.94
C LYS G 26 -1.40 36.36 -31.40
N ASP G 27 -2.60 35.80 -31.47
CA ASP G 27 -3.83 36.57 -31.78
C ASP G 27 -4.65 36.96 -30.54
N ARG G 28 -3.97 37.12 -29.41
CA ARG G 28 -4.53 37.67 -28.17
C ARG G 28 -5.61 36.78 -27.54
N ILE G 29 -5.51 35.48 -27.76
CA ILE G 29 -6.43 34.49 -27.18
C ILE G 29 -5.70 33.74 -26.07
N ILE G 30 -6.28 33.78 -24.87
CA ILE G 30 -5.76 33.08 -23.70
C ILE G 30 -6.72 31.95 -23.37
N MET G 31 -6.17 30.77 -23.10
CA MET G 31 -6.96 29.57 -22.81
C MET G 31 -6.97 29.28 -21.31
N LEU G 32 -8.13 29.45 -20.68
CA LEU G 32 -8.36 28.91 -19.34
C LEU G 32 -9.12 27.61 -19.52
N GLY G 33 -8.37 26.52 -19.67
CA GLY G 33 -8.92 25.23 -20.06
C GLY G 33 -8.73 24.10 -19.05
N SER G 34 -8.53 24.45 -17.79
CA SER G 34 -8.26 23.46 -16.76
C SER G 34 -8.76 23.95 -15.41
N GLN G 35 -8.63 23.09 -14.41
CA GLN G 35 -8.82 23.47 -13.02
C GLN G 35 -7.91 24.65 -12.68
N ILE G 36 -8.43 25.61 -11.93
CA ILE G 36 -7.70 26.82 -11.57
C ILE G 36 -6.85 26.54 -10.33
N ASP G 37 -5.53 26.52 -10.50
CA ASP G 37 -4.59 26.50 -9.39
C ASP G 37 -3.63 27.68 -9.57
N ASP G 38 -2.65 27.80 -8.68
CA ASP G 38 -1.71 28.94 -8.77
C ASP G 38 -0.89 28.94 -10.05
N ASN G 39 -0.48 27.77 -10.52
CA ASN G 39 0.28 27.67 -11.78
C ASN G 39 -0.51 28.22 -12.96
N VAL G 40 -1.78 27.81 -13.05
CA VAL G 40 -2.68 28.28 -14.11
C VAL G 40 -2.87 29.80 -13.99
N ALA G 41 -3.13 30.28 -12.79
CA ALA G 41 -3.26 31.72 -12.54
C ALA G 41 -2.01 32.50 -12.92
N ASN G 42 -0.84 32.03 -12.50
CA ASN G 42 0.43 32.74 -12.82
C ASN G 42 0.63 32.86 -14.32
N SER G 43 0.34 31.78 -15.04
CA SER G 43 0.47 31.74 -16.49
C SER G 43 -0.48 32.76 -17.15
N ILE G 44 -1.75 32.72 -16.75
CA ILE G 44 -2.77 33.62 -17.33
C ILE G 44 -2.47 35.09 -17.00
N VAL G 45 -2.09 35.36 -15.76
CA VAL G 45 -1.64 36.71 -15.35
C VAL G 45 -0.49 37.21 -16.24
N SER G 46 0.51 36.37 -16.45
CA SER G 46 1.66 36.70 -17.29
C SER G 46 1.26 36.99 -18.73
N GLN G 47 0.36 36.15 -19.26
CA GLN G 47 -0.16 36.34 -20.62
C GLN G 47 -0.93 37.66 -20.76
N LEU G 48 -1.76 37.98 -19.77
CA LEU G 48 -2.49 39.25 -19.75
C LEU G 48 -1.56 40.45 -19.74
N LEU G 49 -0.54 40.41 -18.87
CA LEU G 49 0.44 41.50 -18.78
C LEU G 49 1.21 41.67 -20.09
N PHE G 50 1.62 40.54 -20.68
CA PHE G 50 2.31 40.54 -21.97
C PHE G 50 1.45 41.14 -23.10
N LEU G 51 0.19 40.69 -23.19
CA LEU G 51 -0.71 41.19 -24.22
C LEU G 51 -1.01 42.69 -24.09
N GLN G 52 -1.19 43.19 -22.86
CA GLN G 52 -1.32 44.64 -22.62
C GLN G 52 -0.10 45.41 -23.15
N ALA G 53 1.10 44.91 -22.85
CA ALA G 53 2.35 45.55 -23.25
C ALA G 53 2.50 45.57 -24.78
N GLN G 54 2.06 44.49 -25.41
CA GLN G 54 2.04 44.39 -26.86
C GLN G 54 1.09 45.39 -27.52
N ASP G 55 -0.09 45.53 -26.96
CA ASP G 55 -1.10 46.47 -27.45
C ASP G 55 -2.09 46.76 -26.33
N SER G 56 -2.08 48.00 -25.84
CA SER G 56 -2.94 48.40 -24.72
C SER G 56 -4.40 48.65 -25.11
N GLU G 57 -4.70 48.68 -26.41
CA GLU G 57 -6.03 49.03 -26.92
C GLU G 57 -6.84 47.86 -27.48
N LYS G 58 -6.19 46.89 -28.12
CA LYS G 58 -6.87 45.77 -28.75
C LYS G 58 -7.45 44.79 -27.73
N ASP G 59 -8.64 44.27 -28.03
CA ASP G 59 -9.31 43.30 -27.15
C ASP G 59 -8.45 42.05 -26.94
N ILE G 60 -8.64 41.45 -25.76
CA ILE G 60 -8.08 40.14 -25.41
C ILE G 60 -9.29 39.19 -25.33
N TYR G 61 -9.06 37.92 -25.67
CA TYR G 61 -10.11 36.90 -25.65
C TYR G 61 -9.73 35.81 -24.66
N LEU G 62 -10.51 35.69 -23.58
CA LEU G 62 -10.31 34.64 -22.59
C LEU G 62 -11.32 33.51 -22.80
N TYR G 63 -10.81 32.40 -23.32
CA TYR G 63 -11.57 31.16 -23.47
C TYR G 63 -11.68 30.49 -22.10
N ILE G 64 -12.89 30.08 -21.73
CA ILE G 64 -13.12 29.42 -20.43
C ILE G 64 -13.80 28.06 -20.63
N ASN G 65 -13.04 27.00 -20.37
CA ASN G 65 -13.56 25.65 -20.21
C ASN G 65 -12.93 25.10 -18.94
N SER G 66 -13.58 25.36 -17.80
CA SER G 66 -12.96 25.12 -16.50
C SER G 66 -13.98 24.75 -15.43
N PRO G 67 -13.67 23.75 -14.57
CA PRO G 67 -14.51 23.44 -13.42
C PRO G 67 -14.28 24.37 -12.21
N GLY G 68 -13.44 25.39 -12.36
CA GLY G 68 -13.09 26.29 -11.27
C GLY G 68 -11.87 25.78 -10.53
N GLY G 69 -11.78 26.11 -9.24
CA GLY G 69 -10.64 25.73 -8.41
C GLY G 69 -10.36 26.77 -7.35
N SER G 70 -9.08 27.09 -7.15
CA SER G 70 -8.67 27.98 -6.07
C SER G 70 -9.26 29.38 -6.20
N VAL G 71 -9.87 29.87 -5.13
CA VAL G 71 -10.48 31.19 -5.10
C VAL G 71 -9.41 32.30 -5.19
N THR G 72 -8.32 32.15 -4.43
CA THR G 72 -7.24 33.16 -4.50
C THR G 72 -6.57 33.18 -5.88
N ALA G 73 -6.36 32.01 -6.47
CA ALA G 73 -5.82 31.92 -7.83
C ALA G 73 -6.77 32.58 -8.82
N GLY G 74 -8.06 32.32 -8.65
CA GLY G 74 -9.10 32.99 -9.44
C GLY G 74 -9.06 34.50 -9.30
N PHE G 75 -8.87 34.99 -8.08
CA PHE G 75 -8.75 36.44 -7.85
C PHE G 75 -7.46 37.06 -8.39
N ALA G 76 -6.39 36.28 -8.52
CA ALA G 76 -5.20 36.73 -9.25
C ALA G 76 -5.56 37.09 -10.70
N ILE G 77 -6.30 36.21 -11.35
CA ILE G 77 -6.74 36.41 -12.73
C ILE G 77 -7.73 37.58 -12.78
N TYR G 78 -8.72 37.56 -11.89
CA TYR G 78 -9.73 38.61 -11.83
C TYR G 78 -9.12 40.01 -11.72
N ASP G 79 -8.25 40.21 -10.73
CA ASP G 79 -7.64 41.52 -10.50
C ASP G 79 -6.76 41.97 -11.67
N THR G 80 -6.06 41.04 -12.30
CA THR G 80 -5.24 41.37 -13.45
C THR G 80 -6.10 41.79 -14.65
N ILE G 81 -7.21 41.09 -14.88
CA ILE G 81 -8.19 41.49 -15.89
C ILE G 81 -8.63 42.93 -15.67
N GLN G 82 -9.04 43.25 -14.44
CA GLN G 82 -9.58 44.58 -14.14
C GLN G 82 -8.49 45.66 -14.18
N HIS G 83 -7.26 45.28 -13.83
CA HIS G 83 -6.15 46.24 -13.82
C HIS G 83 -5.75 46.73 -15.22
N ILE G 84 -5.66 45.81 -16.17
CA ILE G 84 -5.13 46.15 -17.49
C ILE G 84 -6.09 46.99 -18.33
N LYS G 85 -5.52 47.71 -19.29
CA LYS G 85 -6.26 48.61 -20.20
C LYS G 85 -7.23 47.92 -21.15
N PRO G 86 -6.75 46.93 -21.92
CA PRO G 86 -7.61 46.28 -22.90
C PRO G 86 -8.84 45.61 -22.30
N ASP G 87 -9.95 45.63 -23.04
CA ASP G 87 -11.10 44.80 -22.70
C ASP G 87 -10.71 43.34 -22.82
N VAL G 88 -11.12 42.54 -21.83
CA VAL G 88 -10.96 41.09 -21.88
C VAL G 88 -12.34 40.50 -22.10
N GLN G 89 -12.55 39.98 -23.31
CA GLN G 89 -13.77 39.23 -23.60
C GLN G 89 -13.66 37.87 -22.92
N THR G 90 -14.80 37.34 -22.49
CA THR G 90 -14.84 35.98 -21.95
C THR G 90 -15.79 35.15 -22.78
N ILE G 91 -15.38 33.92 -23.06
CA ILE G 91 -16.18 33.02 -23.89
C ILE G 91 -16.23 31.65 -23.26
N CYS G 92 -17.41 31.25 -22.79
CA CYS G 92 -17.57 29.92 -22.18
C CYS G 92 -17.87 28.87 -23.25
N ILE G 93 -17.00 27.88 -23.33
CA ILE G 93 -17.12 26.77 -24.28
C ILE G 93 -16.93 25.49 -23.48
N GLY G 94 -17.90 24.58 -23.57
CA GLY G 94 -17.92 23.38 -22.75
C GLY G 94 -18.54 23.64 -21.39
N MET G 95 -17.75 24.10 -20.44
CA MET G 95 -18.24 24.35 -19.08
C MET G 95 -17.50 25.52 -18.42
N ALA G 96 -18.23 26.29 -17.61
CA ALA G 96 -17.64 27.18 -16.62
C ALA G 96 -18.34 26.89 -15.30
N ALA G 97 -17.61 26.41 -14.31
CA ALA G 97 -18.19 26.12 -13.01
C ALA G 97 -17.43 26.85 -11.94
N SER G 98 -18.14 27.24 -10.89
CA SER G 98 -17.53 27.73 -9.67
C SER G 98 -16.69 29.00 -9.98
N MET G 99 -15.43 29.08 -9.53
CA MET G 99 -14.56 30.20 -9.87
CA MET G 99 -14.56 30.20 -9.87
C MET G 99 -14.41 30.43 -11.38
N GLY G 100 -14.64 29.38 -12.18
CA GLY G 100 -14.70 29.50 -13.64
C GLY G 100 -15.84 30.39 -14.12
N SER G 101 -17.03 30.22 -13.55
CA SER G 101 -18.19 31.07 -13.88
C SER G 101 -18.02 32.48 -13.32
N PHE G 102 -17.33 32.60 -12.18
CA PHE G 102 -17.01 33.90 -11.61
C PHE G 102 -16.17 34.70 -12.62
N LEU G 103 -15.14 34.07 -13.18
CA LEU G 103 -14.29 34.72 -14.18
C LEU G 103 -15.02 35.00 -15.49
N LEU G 104 -15.92 34.10 -15.89
CA LEU G 104 -16.79 34.34 -17.05
C LEU G 104 -17.57 35.65 -16.89
N ALA G 105 -18.18 35.82 -15.72
CA ALA G 105 -18.91 37.04 -15.36
C ALA G 105 -18.03 38.30 -15.24
N ALA G 106 -16.73 38.11 -15.09
CA ALA G 106 -15.77 39.19 -14.91
C ALA G 106 -15.25 39.82 -16.21
N GLY G 107 -15.63 39.27 -17.36
CA GLY G 107 -15.22 39.82 -18.65
C GLY G 107 -15.78 41.21 -18.91
N ALA G 108 -15.25 41.88 -19.92
CA ALA G 108 -15.66 43.25 -20.25
C ALA G 108 -17.18 43.31 -20.51
N LYS G 109 -17.83 44.34 -19.95
CA LYS G 109 -19.29 44.46 -20.05
C LYS G 109 -19.68 44.54 -21.52
N GLY G 110 -20.66 43.73 -21.90
CA GLY G 110 -21.08 43.56 -23.28
C GLY G 110 -20.29 42.54 -24.10
N LYS G 111 -19.21 42.01 -23.53
CA LYS G 111 -18.32 41.08 -24.26
C LYS G 111 -18.10 39.77 -23.50
N ARG G 112 -19.14 39.33 -22.78
CA ARG G 112 -19.14 38.05 -22.09
C ARG G 112 -20.09 37.13 -22.84
N PHE G 113 -19.57 36.00 -23.32
CA PHE G 113 -20.32 35.09 -24.19
C PHE G 113 -20.27 33.65 -23.70
N ALA G 114 -21.23 32.88 -24.19
CA ALA G 114 -21.19 31.43 -24.10
C ALA G 114 -21.73 30.86 -25.40
N LEU G 115 -21.22 29.72 -25.81
CA LEU G 115 -21.75 28.99 -26.96
C LEU G 115 -23.03 28.26 -26.48
N PRO G 116 -23.93 27.90 -27.41
CA PRO G 116 -25.30 27.51 -27.02
C PRO G 116 -25.47 26.31 -26.08
N ASN G 117 -24.56 25.34 -26.17
CA ASN G 117 -24.63 24.12 -25.35
C ASN G 117 -23.62 24.12 -24.20
N ALA G 118 -22.93 25.24 -23.99
CA ALA G 118 -22.02 25.40 -22.87
C ALA G 118 -22.80 25.39 -21.55
N GLU G 119 -22.20 24.81 -20.52
CA GLU G 119 -22.82 24.66 -19.21
C GLU G 119 -22.18 25.65 -18.24
N VAL G 120 -23.01 26.37 -17.48
CA VAL G 120 -22.53 27.28 -16.46
C VAL G 120 -23.06 26.81 -15.10
N MET G 121 -22.17 26.66 -14.12
CA MET G 121 -22.57 26.27 -12.77
C MET G 121 -22.07 27.26 -11.73
N ILE G 122 -22.94 27.63 -10.80
CA ILE G 122 -22.58 28.50 -9.68
C ILE G 122 -22.90 27.78 -8.37
N HIS G 123 -22.01 27.94 -7.38
CA HIS G 123 -22.24 27.39 -6.04
C HIS G 123 -21.36 28.13 -5.02
N GLN G 124 -21.55 27.83 -3.75
CA GLN G 124 -20.77 28.49 -2.70
C GLN G 124 -19.36 27.90 -2.59
N PRO G 125 -18.40 28.67 -2.04
CA PRO G 125 -17.03 28.14 -1.92
C PRO G 125 -16.94 26.91 -1.01
N LEU G 126 -15.94 26.07 -1.31
CA LEU G 126 -15.67 24.84 -0.57
C LEU G 126 -14.36 24.99 0.18
N GLY G 127 -14.27 24.36 1.33
CA GLY G 127 -13.03 24.39 2.12
C GLY G 127 -13.00 23.38 3.25
N GLY G 128 -12.04 23.58 4.14
CA GLY G 128 -11.80 22.67 5.25
C GLY G 128 -11.16 23.37 6.41
N ALA G 129 -11.28 22.78 7.59
CA ALA G 129 -10.65 23.28 8.79
C ALA G 129 -10.51 22.14 9.79
N GLN G 130 -9.35 22.01 10.42
CA GLN G 130 -9.14 21.03 11.49
C GLN G 130 -8.24 21.66 12.58
N GLY G 131 -8.48 21.26 13.82
CA GLY G 131 -7.70 21.70 14.97
C GLY G 131 -8.57 22.20 16.10
N GLN G 132 -8.06 23.20 16.82
CA GLN G 132 -8.73 23.75 17.99
C GLN G 132 -9.96 24.55 17.60
N ALA G 133 -10.90 24.68 18.55
CA ALA G 133 -12.13 25.45 18.32
C ALA G 133 -11.87 26.85 17.76
N THR G 134 -10.89 27.55 18.33
CA THR G 134 -10.56 28.91 17.86
C THR G 134 -9.96 28.92 16.44
N GLU G 135 -9.22 27.87 16.10
CA GLU G 135 -8.70 27.70 14.73
C GLU G 135 -9.85 27.46 13.74
N ILE G 136 -10.82 26.64 14.14
CA ILE G 136 -11.99 26.35 13.30
CA ILE G 136 -11.99 26.35 13.30
C ILE G 136 -12.79 27.63 13.09
N GLU G 137 -12.92 28.43 14.15
CA GLU G 137 -13.61 29.72 14.10
C GLU G 137 -12.94 30.68 13.10
N ILE G 138 -11.62 30.78 13.17
CA ILE G 138 -10.83 31.61 12.23
C ILE G 138 -11.05 31.14 10.79
N ALA G 139 -10.96 29.84 10.55
CA ALA G 139 -11.18 29.26 9.22
C ALA G 139 -12.61 29.51 8.71
N ALA G 140 -13.60 29.36 9.61
CA ALA G 140 -15.00 29.61 9.26
C ALA G 140 -15.24 31.07 8.89
N ASN G 141 -14.75 31.97 9.74
CA ASN G 141 -14.86 33.42 9.48
C ASN G 141 -14.19 33.78 8.15
N HIS G 142 -13.03 33.18 7.86
CA HIS G 142 -12.32 33.41 6.61
C HIS G 142 -13.12 33.00 5.36
N ILE G 143 -13.64 31.76 5.35
CA ILE G 143 -14.41 31.28 4.19
C ILE G 143 -15.73 32.05 4.02
N LEU G 144 -16.36 32.42 5.14
CA LEU G 144 -17.58 33.23 5.10
C LEU G 144 -17.31 34.63 4.52
N LYS G 145 -16.22 35.28 4.94
CA LYS G 145 -15.82 36.57 4.37
C LYS G 145 -15.48 36.46 2.88
N THR G 146 -14.80 35.38 2.51
CA THR G 146 -14.51 35.09 1.10
C THR G 146 -15.80 34.94 0.28
N ARG G 147 -16.79 34.24 0.83
CA ARG G 147 -18.09 34.10 0.15
C ARG G 147 -18.76 35.47 -0.05
N GLU G 148 -18.75 36.31 0.99
CA GLU G 148 -19.32 37.66 0.92
C GLU G 148 -18.64 38.49 -0.17
N LYS G 149 -17.32 38.40 -0.24
CA LYS G 149 -16.50 39.06 -1.29
C LYS G 149 -16.91 38.61 -2.69
N LEU G 150 -16.99 37.30 -2.88
CA LEU G 150 -17.44 36.73 -4.15
C LEU G 150 -18.85 37.18 -4.51
N ASN G 151 -19.77 37.09 -3.54
CA ASN G 151 -21.17 37.45 -3.80
C ASN G 151 -21.34 38.91 -4.15
N ARG G 152 -20.63 39.79 -3.43
CA ARG G 152 -20.68 41.24 -3.67
C ARG G 152 -20.26 41.56 -5.10
N ILE G 153 -19.14 40.98 -5.54
CA ILE G 153 -18.64 41.20 -6.90
C ILE G 153 -19.60 40.61 -7.94
N LEU G 154 -20.08 39.40 -7.70
CA LEU G 154 -21.06 38.78 -8.61
C LEU G 154 -22.34 39.61 -8.74
N SER G 155 -22.79 40.18 -7.63
CA SER G 155 -23.94 41.09 -7.64
C SER G 155 -23.68 42.30 -8.56
N GLU G 156 -22.51 42.91 -8.40
CA GLU G 156 -22.08 44.04 -9.22
C GLU G 156 -22.01 43.69 -10.72
N ARG G 157 -21.50 42.49 -11.01
CA ARG G 157 -21.28 42.04 -12.38
C ARG G 157 -22.55 41.55 -13.09
N THR G 158 -23.49 41.00 -12.32
CA THR G 158 -24.73 40.42 -12.88
C THR G 158 -25.94 41.34 -12.80
N GLY G 159 -25.94 42.27 -11.85
CA GLY G 159 -27.11 43.08 -11.54
C GLY G 159 -28.10 42.40 -10.61
N GLN G 160 -27.78 41.18 -10.15
CA GLN G 160 -28.61 40.47 -9.18
C GLN G 160 -28.25 40.95 -7.77
N SER G 161 -29.21 40.87 -6.85
CA SER G 161 -28.97 41.26 -5.46
C SER G 161 -28.04 40.25 -4.78
N ILE G 162 -27.32 40.71 -3.77
CA ILE G 162 -26.50 39.83 -2.92
C ILE G 162 -27.34 38.73 -2.28
N GLU G 163 -28.54 39.09 -1.85
CA GLU G 163 -29.49 38.10 -1.31
C GLU G 163 -29.82 37.00 -2.25
N LYS G 164 -30.12 37.37 -3.50
CA LYS G 164 -30.47 36.39 -4.52
C LYS G 164 -29.28 35.49 -4.84
N ILE G 165 -28.09 36.11 -4.95
CA ILE G 165 -26.85 35.37 -5.22
C ILE G 165 -26.61 34.33 -4.09
N GLN G 166 -26.73 34.76 -2.84
CA GLN G 166 -26.62 33.87 -1.67
C GLN G 166 -27.54 32.66 -1.79
N LYS G 167 -28.81 32.92 -2.06
CA LYS G 167 -29.80 31.85 -2.17
C LYS G 167 -29.51 30.93 -3.34
N ASP G 168 -29.17 31.50 -4.49
CA ASP G 168 -28.95 30.72 -5.72
C ASP G 168 -27.65 29.93 -5.74
N THR G 169 -26.72 30.25 -4.83
CA THR G 169 -25.44 29.54 -4.74
C THR G 169 -25.36 28.61 -3.52
N ASP G 170 -26.46 28.48 -2.78
CA ASP G 170 -26.48 27.64 -1.58
C ASP G 170 -26.13 26.18 -1.89
N ARG G 171 -26.66 25.71 -3.01
CA ARG G 171 -26.34 24.40 -3.57
C ARG G 171 -25.90 24.56 -5.02
N ASP G 172 -25.44 23.47 -5.63
CA ASP G 172 -25.03 23.45 -7.04
C ASP G 172 -26.19 23.90 -7.92
N ASN G 173 -25.95 24.94 -8.72
CA ASN G 173 -26.97 25.52 -9.57
C ASN G 173 -26.46 25.51 -11.02
N PHE G 174 -27.00 24.59 -11.82
CA PHE G 174 -26.59 24.43 -13.22
C PHE G 174 -27.47 25.29 -14.12
N LEU G 175 -26.84 26.08 -14.99
CA LEU G 175 -27.53 26.94 -15.93
C LEU G 175 -27.14 26.61 -17.36
N THR G 176 -28.11 26.70 -18.26
CA THR G 176 -27.84 26.70 -19.69
C THR G 176 -27.23 28.05 -20.07
N ALA G 177 -26.68 28.14 -21.28
CA ALA G 177 -26.12 29.40 -21.78
C ALA G 177 -27.18 30.51 -21.77
N GLU G 178 -28.38 30.19 -22.24
CA GLU G 178 -29.48 31.15 -22.25
C GLU G 178 -29.88 31.60 -20.83
N GLU G 179 -29.93 30.66 -19.90
CA GLU G 179 -30.20 30.99 -18.49
C GLU G 179 -29.10 31.85 -17.86
N ALA G 180 -27.84 31.58 -18.24
CA ALA G 180 -26.72 32.40 -17.79
C ALA G 180 -26.82 33.85 -18.30
N LYS G 181 -27.27 34.01 -19.54
CA LYS G 181 -27.55 35.34 -20.09
C LYS G 181 -28.66 36.02 -19.30
N GLU G 182 -29.77 35.31 -19.08
CA GLU G 182 -30.87 35.86 -18.27
C GLU G 182 -30.45 36.26 -16.88
N TYR G 183 -29.55 35.47 -16.28
CA TYR G 183 -29.02 35.74 -14.95
C TYR G 183 -28.09 36.95 -14.89
N GLY G 184 -27.47 37.30 -16.01
CA GLY G 184 -26.50 38.39 -16.09
C GLY G 184 -25.05 37.95 -15.96
N LEU G 185 -24.80 36.64 -15.99
CA LEU G 185 -23.44 36.09 -15.96
C LEU G 185 -22.73 36.29 -17.29
N ILE G 186 -23.50 36.29 -18.38
CA ILE G 186 -23.00 36.63 -19.71
C ILE G 186 -23.94 37.65 -20.34
N ASP G 187 -23.48 38.24 -21.44
CA ASP G 187 -24.26 39.22 -22.20
C ASP G 187 -24.98 38.59 -23.39
N GLU G 188 -24.34 37.65 -24.07
CA GLU G 188 -24.90 37.07 -25.29
C GLU G 188 -24.58 35.59 -25.43
N VAL G 189 -25.53 34.85 -25.99
CA VAL G 189 -25.27 33.49 -26.44
C VAL G 189 -24.75 33.64 -27.86
N MET G 190 -23.53 33.21 -28.11
CA MET G 190 -22.91 33.34 -29.42
C MET G 190 -23.50 32.27 -30.35
N VAL G 191 -24.27 32.72 -31.34
CA VAL G 191 -24.97 31.81 -32.27
C VAL G 191 -24.09 31.53 -33.49
N PRO G 192 -24.32 30.39 -34.18
CA PRO G 192 -23.48 30.02 -35.34
C PRO G 192 -23.44 31.04 -36.49
N GLU G 193 -22.24 31.24 -37.06
CA GLU G 193 -21.92 32.23 -38.09
C GLU G 193 -20.74 31.71 -38.92
N LEU H 3 0.64 -18.73 23.41
CA LEU H 3 0.00 -19.84 24.19
C LEU H 3 0.52 -19.85 25.65
N ILE H 4 -0.30 -19.33 26.55
CA ILE H 4 0.01 -19.23 27.99
C ILE H 4 -0.49 -20.52 28.68
N PRO H 5 0.43 -21.29 29.32
CA PRO H 5 -0.01 -22.55 29.92
C PRO H 5 -0.90 -22.38 31.16
N THR H 6 -1.68 -23.43 31.43
CA THR H 6 -2.61 -23.48 32.56
C THR H 6 -2.05 -24.44 33.59
N VAL H 7 -2.20 -24.08 34.87
CA VAL H 7 -1.88 -24.95 36.00
C VAL H 7 -3.13 -25.24 36.84
N ILE H 8 -3.28 -26.50 37.24
CA ILE H 8 -4.43 -26.94 38.03
C ILE H 8 -3.97 -27.50 39.36
N GLU H 9 -4.56 -26.91 40.39
CA GLU H 9 -4.35 -27.22 41.79
C GLU H 9 -5.69 -27.68 42.38
N THR H 10 -5.66 -28.81 43.09
CA THR H 10 -6.86 -29.36 43.71
C THR H 10 -7.10 -28.74 45.09
N THR H 11 -8.19 -27.99 45.21
CA THR H 11 -8.54 -27.35 46.48
C THR H 11 -9.58 -28.17 47.24
N ASN H 12 -9.99 -27.68 48.39
CA ASN H 12 -10.99 -28.37 49.15
C ASN H 12 -12.38 -28.16 48.62
N ARG H 13 -12.65 -26.98 48.10
CA ARG H 13 -13.98 -26.71 47.62
C ARG H 13 -14.13 -26.92 46.11
N GLY H 14 -13.20 -27.70 45.53
CA GLY H 14 -13.01 -28.10 44.13
C GLY H 14 -11.62 -28.15 43.47
N GLU H 15 -11.49 -28.37 42.15
CA GLU H 15 -10.16 -28.38 41.47
C GLU H 15 -10.00 -27.07 40.69
N ARG H 16 -9.02 -26.23 41.04
CA ARG H 16 -8.82 -24.88 40.48
C ARG H 16 -7.75 -24.59 39.40
N ALA H 17 -8.20 -24.01 38.31
CA ALA H 17 -7.34 -23.74 37.20
C ALA H 17 -6.93 -22.29 37.03
N TYR H 18 -5.65 -22.12 36.85
CA TYR H 18 -5.05 -20.81 36.70
C TYR H 18 -4.18 -20.78 35.44
N ASP H 19 -4.27 -19.70 34.65
CA ASP H 19 -3.19 -19.38 33.72
C ASP H 19 -1.96 -19.05 34.58
N ILE H 20 -0.76 -19.31 34.04
CA ILE H 20 0.47 -19.22 34.84
C ILE H 20 0.66 -17.85 35.52
N TYR H 21 0.31 -16.77 34.83
CA TYR H 21 0.47 -15.42 35.41
C TYR H 21 -0.50 -15.17 36.57
N SER H 22 -1.74 -15.60 36.41
CA SER H 22 -2.72 -15.52 37.48
C SER H 22 -2.31 -16.38 38.68
N ARG H 23 -1.68 -17.52 38.43
CA ARG H 23 -1.12 -18.34 39.51
C ARG H 23 -0.05 -17.58 40.29
N LEU H 24 0.84 -16.90 39.59
CA LEU H 24 1.86 -16.07 40.24
C LEU H 24 1.23 -14.93 41.06
N LEU H 25 0.18 -14.31 40.52
CA LEU H 25 -0.54 -13.26 41.24
C LEU H 25 -1.14 -13.75 42.57
N LYS H 26 -1.59 -15.01 42.62
CA LYS H 26 -2.06 -15.62 43.88
C LYS H 26 -1.00 -15.55 44.99
N ASP H 27 0.28 -15.65 44.62
CA ASP H 27 1.39 -15.49 45.56
C ASP H 27 2.02 -14.08 45.54
N ARG H 28 1.21 -13.08 45.19
CA ARG H 28 1.57 -11.66 45.29
C ARG H 28 2.71 -11.25 44.36
N ILE H 29 2.83 -11.93 43.22
CA ILE H 29 3.82 -11.63 42.20
C ILE H 29 3.12 -10.96 41.02
N ILE H 30 3.57 -9.77 40.67
CA ILE H 30 3.04 -9.01 39.54
C ILE H 30 4.13 -8.98 38.46
N MET H 31 3.73 -9.24 37.22
CA MET H 31 4.66 -9.28 36.09
C MET H 31 4.58 -8.00 35.27
N LEU H 32 5.64 -7.20 35.31
CA LEU H 32 5.82 -6.10 34.33
C LEU H 32 6.78 -6.64 33.28
N GLY H 33 6.22 -7.26 32.25
CA GLY H 33 6.99 -8.02 31.26
C GLY H 33 6.88 -7.51 29.83
N SER H 34 6.49 -6.24 29.67
CA SER H 34 6.29 -5.68 28.34
C SER H 34 6.58 -4.19 28.33
N GLN H 35 6.48 -3.59 27.15
CA GLN H 35 6.49 -2.14 27.01
C GLN H 35 5.39 -1.53 27.88
N ILE H 36 5.70 -0.43 28.55
CA ILE H 36 4.77 0.24 29.44
C ILE H 36 3.86 1.17 28.62
N ASP H 37 2.58 0.81 28.54
CA ASP H 37 1.54 1.70 28.01
C ASP H 37 0.43 1.81 29.06
N ASP H 38 -0.64 2.54 28.74
CA ASP H 38 -1.71 2.74 29.72
C ASP H 38 -2.41 1.45 30.12
N ASN H 39 -2.60 0.54 29.17
CA ASN H 39 -3.21 -0.77 29.47
C ASN H 39 -2.40 -1.55 30.51
N VAL H 40 -1.09 -1.62 30.30
CA VAL H 40 -0.18 -2.29 31.21
C VAL H 40 -0.23 -1.63 32.59
N ALA H 41 -0.16 -0.30 32.61
CA ALA H 41 -0.25 0.46 33.86
C ALA H 41 -1.57 0.22 34.60
N ASN H 42 -2.70 0.28 33.88
CA ASN H 42 -4.01 0.07 34.50
C ASN H 42 -4.08 -1.32 35.16
N SER H 43 -3.57 -2.33 34.46
CA SER H 43 -3.55 -3.71 34.97
C SER H 43 -2.70 -3.84 36.23
N ILE H 44 -1.48 -3.30 36.19
CA ILE H 44 -0.57 -3.36 37.33
C ILE H 44 -1.11 -2.57 38.54
N VAL H 45 -1.64 -1.38 38.29
CA VAL H 45 -2.32 -0.58 39.34
C VAL H 45 -3.44 -1.39 40.01
N SER H 46 -4.29 -2.02 39.19
CA SER H 46 -5.39 -2.85 39.70
C SER H 46 -4.91 -4.02 40.55
N GLN H 47 -3.85 -4.68 40.08
CA GLN H 47 -3.23 -5.79 40.82
C GLN H 47 -2.66 -5.34 42.16
N LEU H 48 -1.99 -4.19 42.16
CA LEU H 48 -1.45 -3.60 43.40
C LEU H 48 -2.55 -3.28 44.42
N LEU H 49 -3.62 -2.65 43.94
CA LEU H 49 -4.75 -2.32 44.80
C LEU H 49 -5.42 -3.58 45.38
N PHE H 50 -5.56 -4.54 44.50
CA PHE H 50 -6.12 -5.82 44.86
C PHE H 50 -5.23 -6.49 45.93
N LEU H 51 -3.93 -6.61 45.65
CA LEU H 51 -3.03 -7.21 46.59
C LEU H 51 -3.02 -6.50 48.00
N GLN H 52 -3.02 -5.19 47.98
CA GLN H 52 -3.10 -4.43 49.22
C GLN H 52 -4.37 -4.78 50.03
N ALA H 53 -5.48 -4.92 49.34
CA ALA H 53 -6.75 -5.23 49.96
C ALA H 53 -6.76 -6.65 50.55
N GLN H 54 -6.08 -7.52 49.87
CA GLN H 54 -5.98 -8.89 50.25
C GLN H 54 -5.15 -9.04 51.50
N ASP H 55 -4.06 -8.29 51.56
CA ASP H 55 -3.16 -8.33 52.69
C ASP H 55 -2.38 -7.01 52.71
N SER H 56 -2.66 -6.15 53.68
CA SER H 56 -1.97 -4.85 53.73
C SER H 56 -0.53 -4.91 54.23
N GLU H 57 -0.12 -6.05 54.71
CA GLU H 57 1.19 -6.18 55.28
C GLU H 57 2.23 -7.03 54.57
N LYS H 58 1.81 -8.06 53.87
CA LYS H 58 2.72 -8.93 53.19
C LYS H 58 3.31 -8.24 51.96
N ASP H 59 4.59 -8.44 51.77
CA ASP H 59 5.30 -7.93 50.63
C ASP H 59 4.67 -8.37 49.30
N ILE H 60 4.83 -7.51 48.32
CA ILE H 60 4.44 -7.75 46.93
C ILE H 60 5.76 -7.83 46.15
N TYR H 61 5.75 -8.64 45.08
CA TYR H 61 6.94 -8.84 44.24
C TYR H 61 6.64 -8.36 42.82
N LEU H 62 7.32 -7.30 42.40
CA LEU H 62 7.18 -6.78 41.03
C LEU H 62 8.37 -7.24 40.18
N TYR H 63 8.08 -8.20 39.30
CA TYR H 63 9.03 -8.68 38.28
C TYR H 63 9.10 -7.62 37.17
N ILE H 64 10.32 -7.26 36.78
CA ILE H 64 10.52 -6.28 35.71
C ILE H 64 11.41 -6.85 34.61
N ASN H 65 10.80 -7.10 33.46
CA ASN H 65 11.50 -7.36 32.19
C ASN H 65 10.85 -6.45 31.15
N SER H 66 11.34 -5.22 31.04
CA SER H 66 10.64 -4.19 30.27
C SER H 66 11.60 -3.18 29.64
N PRO H 67 11.37 -2.81 28.36
CA PRO H 67 12.14 -1.73 27.74
C PRO H 67 11.66 -0.31 28.12
N GLY H 68 10.69 -0.20 29.02
CA GLY H 68 10.12 1.07 29.42
C GLY H 68 8.94 1.42 28.54
N GLY H 69 8.69 2.70 28.35
CA GLY H 69 7.54 3.17 27.58
C GLY H 69 7.00 4.49 28.12
N SER H 70 5.68 4.61 28.19
CA SER H 70 5.03 5.86 28.57
C SER H 70 5.42 6.32 29.98
N VAL H 71 5.84 7.58 30.09
CA VAL H 71 6.25 8.16 31.37
C VAL H 71 5.04 8.31 32.30
N THR H 72 3.91 8.81 31.79
CA THR H 72 2.71 8.96 32.62
C THR H 72 2.18 7.60 33.08
N ALA H 73 2.19 6.61 32.18
CA ALA H 73 1.81 5.24 32.55
C ALA H 73 2.74 4.69 33.63
N GLY H 74 4.04 4.93 33.46
CA GLY H 74 5.03 4.59 34.49
C GLY H 74 4.74 5.24 35.83
N PHE H 75 4.36 6.53 35.80
CA PHE H 75 4.02 7.24 37.03
C PHE H 75 2.72 6.76 37.69
N ALA H 76 1.79 6.22 36.90
CA ALA H 76 0.61 5.55 37.46
C ALA H 76 1.03 4.40 38.36
N ILE H 77 1.97 3.59 37.87
CA ILE H 77 2.50 2.46 38.62
C ILE H 77 3.30 2.96 39.82
N TYR H 78 4.20 3.92 39.58
CA TYR H 78 5.04 4.50 40.62
C TYR H 78 4.23 5.01 41.81
N ASP H 79 3.25 5.87 41.54
CA ASP H 79 2.43 6.47 42.60
C ASP H 79 1.61 5.42 43.36
N THR H 80 1.12 4.41 42.65
CA THR H 80 0.35 3.35 43.30
C THR H 80 1.26 2.54 44.23
N ILE H 81 2.48 2.23 43.78
CA ILE H 81 3.48 1.54 44.63
C ILE H 81 3.69 2.33 45.93
N GLN H 82 3.93 3.64 45.80
CA GLN H 82 4.23 4.46 46.97
C GLN H 82 3.00 4.66 47.86
N HIS H 83 1.80 4.68 47.27
CA HIS H 83 0.58 4.88 48.02
C HIS H 83 0.24 3.72 48.96
N ILE H 84 0.36 2.49 48.46
CA ILE H 84 -0.09 1.31 49.19
C ILE H 84 0.81 0.99 50.39
N LYS H 85 0.23 0.27 51.35
CA LYS H 85 0.92 -0.15 52.58
C LYS H 85 2.07 -1.13 52.41
N PRO H 86 1.80 -2.26 51.74
CA PRO H 86 2.84 -3.28 51.61
C PRO H 86 4.08 -2.79 50.89
N ASP H 87 5.24 -3.32 51.30
CA ASP H 87 6.47 -3.14 50.53
C ASP H 87 6.32 -3.82 49.17
N VAL H 88 6.74 -3.14 48.12
CA VAL H 88 6.80 -3.74 46.78
C VAL H 88 8.26 -3.98 46.46
N GLN H 89 8.67 -5.23 46.47
CA GLN H 89 10.00 -5.60 46.01
C GLN H 89 10.03 -5.47 44.49
N THR H 90 11.19 -5.11 43.96
CA THR H 90 11.39 -5.08 42.51
C THR H 90 12.53 -6.01 42.16
N ILE H 91 12.32 -6.78 41.09
CA ILE H 91 13.31 -7.75 40.65
C ILE H 91 13.51 -7.65 39.14
N CYS H 92 14.69 -7.20 38.73
CA CYS H 92 14.99 -7.08 37.30
C CYS H 92 15.54 -8.40 36.76
N ILE H 93 14.84 -8.95 35.78
CA ILE H 93 15.22 -10.20 35.12
C ILE H 93 15.14 -9.95 33.63
N GLY H 94 16.24 -10.22 32.93
CA GLY H 94 16.36 -9.89 31.50
C GLY H 94 16.82 -8.45 31.31
N MET H 95 15.87 -7.52 31.30
CA MET H 95 16.19 -6.10 31.09
C MET H 95 15.24 -5.17 31.83
N ALA H 96 15.76 -4.06 32.31
CA ALA H 96 14.95 -2.90 32.71
C ALA H 96 15.57 -1.70 32.03
N ALA H 97 14.83 -1.06 31.14
CA ALA H 97 15.32 0.13 30.45
C ALA H 97 14.36 1.27 30.64
N SER H 98 14.91 2.48 30.69
CA SER H 98 14.12 3.69 30.62
C SER H 98 13.14 3.75 31.83
N MET H 99 11.86 4.01 31.61
CA MET H 99 10.85 3.98 32.66
CA MET H 99 10.85 3.98 32.66
C MET H 99 10.82 2.63 33.42
N GLY H 100 11.26 1.56 32.77
CA GLY H 100 11.44 0.27 33.43
C GLY H 100 12.49 0.30 34.55
N SER H 101 13.60 0.97 34.30
CA SER H 101 14.65 1.10 35.30
C SER H 101 14.14 2.01 36.41
N PHE H 102 13.43 3.08 36.02
CA PHE H 102 12.87 4.02 36.97
C PHE H 102 12.02 3.26 38.01
N LEU H 103 11.17 2.37 37.52
CA LEU H 103 10.33 1.56 38.40
C LEU H 103 11.13 0.56 39.22
N LEU H 104 12.18 -0.01 38.64
CA LEU H 104 13.10 -0.87 39.38
C LEU H 104 13.65 -0.15 40.61
N ALA H 105 14.12 1.07 40.39
CA ALA H 105 14.63 1.94 41.46
C ALA H 105 13.58 2.38 42.49
N ALA H 106 12.30 2.28 42.11
CA ALA H 106 11.17 2.69 42.95
C ALA H 106 10.68 1.64 43.95
N GLY H 107 11.24 0.44 43.91
CA GLY H 107 10.89 -0.62 44.87
C GLY H 107 11.26 -0.27 46.30
N ALA H 108 10.73 -1.03 47.24
CA ALA H 108 10.97 -0.79 48.66
C ALA H 108 12.47 -0.78 48.96
N LYS H 109 12.91 0.19 49.77
CA LYS H 109 14.33 0.32 50.09
C LYS H 109 14.84 -0.95 50.76
N GLY H 110 15.97 -1.45 50.26
CA GLY H 110 16.52 -2.74 50.66
C GLY H 110 15.97 -3.97 49.93
N LYS H 111 14.94 -3.79 49.12
CA LYS H 111 14.26 -4.91 48.45
C LYS H 111 14.17 -4.70 46.92
N ARG H 112 15.18 -4.03 46.36
CA ARG H 112 15.32 -3.87 44.92
C ARG H 112 16.47 -4.76 44.46
N PHE H 113 16.16 -5.68 43.53
CA PHE H 113 17.11 -6.70 43.11
C PHE H 113 17.24 -6.78 41.59
N ALA H 114 18.35 -7.36 41.15
CA ALA H 114 18.50 -7.81 39.79
C ALA H 114 19.24 -9.13 39.79
N LEU H 115 18.90 -9.99 38.85
CA LEU H 115 19.67 -11.22 38.66
C LEU H 115 20.98 -10.89 37.90
N PRO H 116 22.03 -11.74 38.03
CA PRO H 116 23.40 -11.32 37.68
C PRO H 116 23.65 -10.86 36.24
N ASN H 117 22.91 -11.41 35.28
CA ASN H 117 23.08 -11.08 33.86
C ASN H 117 21.98 -10.16 33.32
N ALA H 118 21.13 -9.67 34.22
CA ALA H 118 20.11 -8.69 33.85
C ALA H 118 20.76 -7.38 33.42
N GLU H 119 20.15 -6.72 32.46
CA GLU H 119 20.66 -5.47 31.89
C GLU H 119 19.80 -4.31 32.38
N VAL H 120 20.44 -3.24 32.85
CA VAL H 120 19.74 -2.03 33.26
C VAL H 120 20.21 -0.87 32.38
N MET H 121 19.26 -0.14 31.79
CA MET H 121 19.60 1.02 30.97
C MET H 121 18.85 2.27 31.44
N ILE H 122 19.57 3.38 31.54
CA ILE H 122 18.98 4.67 31.89
C ILE H 122 19.28 5.67 30.77
N HIS H 123 18.30 6.51 30.46
CA HIS H 123 18.47 7.60 29.49
C HIS H 123 17.41 8.69 29.70
N GLN H 124 17.52 9.79 28.98
CA GLN H 124 16.56 10.89 29.12
C GLN H 124 15.25 10.56 28.38
N PRO H 125 14.13 11.22 28.79
CA PRO H 125 12.86 10.97 28.10
C PRO H 125 12.85 11.36 26.62
N LEU H 126 12.04 10.65 25.85
CA LEU H 126 11.88 10.86 24.42
C LEU H 126 10.49 11.41 24.15
N GLY H 127 10.37 12.23 23.12
CA GLY H 127 9.08 12.79 22.74
C GLY H 127 9.07 13.49 21.40
N GLY H 128 7.99 14.23 21.17
CA GLY H 128 7.79 14.89 19.89
C GLY H 128 6.93 16.12 20.04
N ALA H 129 7.01 17.01 19.07
CA ALA H 129 6.19 18.21 19.05
C ALA H 129 6.13 18.73 17.63
N GLN H 130 4.93 19.15 17.22
CA GLN H 130 4.73 19.72 15.91
C GLN H 130 3.67 20.81 15.96
N GLY H 131 3.83 21.82 15.11
CA GLY H 131 2.86 22.91 15.00
C GLY H 131 3.54 24.27 15.14
N GLN H 132 2.82 25.21 15.74
CA GLN H 132 3.27 26.59 15.88
C GLN H 132 4.41 26.70 16.88
N ALA H 133 5.22 27.74 16.74
CA ALA H 133 6.34 27.99 17.65
C ALA H 133 5.94 27.94 19.13
N THR H 134 4.82 28.58 19.49
CA THR H 134 4.34 28.57 20.87
C THR H 134 3.88 27.18 21.34
N GLU H 135 3.34 26.37 20.44
CA GLU H 135 3.01 24.98 20.73
C GLU H 135 4.27 24.14 20.99
N ILE H 136 5.30 24.36 20.17
CA ILE H 136 6.59 23.67 20.33
C ILE H 136 7.22 24.05 21.67
N GLU H 137 7.12 25.33 22.03
CA GLU H 137 7.62 25.83 23.31
C GLU H 137 6.92 25.15 24.50
N ILE H 138 5.59 25.04 24.44
CA ILE H 138 4.81 24.35 25.47
C ILE H 138 5.22 22.89 25.60
N ALA H 139 5.35 22.19 24.47
CA ALA H 139 5.81 20.81 24.46
C ALA H 139 7.22 20.64 25.02
N ALA H 140 8.12 21.55 24.65
CA ALA H 140 9.50 21.53 25.13
C ALA H 140 9.56 21.74 26.64
N ASN H 141 8.87 22.77 27.13
CA ASN H 141 8.79 23.06 28.55
C ASN H 141 8.21 21.85 29.32
N HIS H 142 7.20 21.21 28.76
CA HIS H 142 6.58 20.02 29.36
C HIS H 142 7.56 18.85 29.51
N ILE H 143 8.25 18.47 28.43
CA ILE H 143 9.20 17.34 28.49
C ILE H 143 10.40 17.65 29.39
N LEU H 144 10.84 18.91 29.39
CA LEU H 144 11.95 19.33 30.27
C LEU H 144 11.55 19.25 31.75
N LYS H 145 10.34 19.71 32.08
CA LYS H 145 9.82 19.59 33.44
C LYS H 145 9.64 18.12 33.85
N THR H 146 9.17 17.30 32.92
CA THR H 146 9.06 15.84 33.12
C THR H 146 10.43 15.22 33.43
N ARG H 147 11.46 15.61 32.67
CA ARG H 147 12.81 15.14 32.93
C ARG H 147 13.30 15.51 34.34
N GLU H 148 13.07 16.77 34.73
CA GLU H 148 13.45 17.26 36.06
C GLU H 148 12.76 16.46 37.17
N LYS H 149 11.48 16.17 36.97
CA LYS H 149 10.67 15.33 37.89
C LYS H 149 11.27 13.93 38.03
N LEU H 150 11.56 13.31 36.89
CA LEU H 150 12.21 12.00 36.87
C LEU H 150 13.58 12.01 37.57
N ASN H 151 14.41 12.99 37.23
CA ASN H 151 15.74 13.09 37.80
C ASN H 151 15.75 13.33 39.30
N ARG H 152 14.85 14.19 39.77
CA ARG H 152 14.70 14.48 41.19
C ARG H 152 14.37 13.20 41.97
N ILE H 153 13.40 12.44 41.48
CA ILE H 153 12.98 11.19 42.15
C ILE H 153 14.11 10.17 42.09
N LEU H 154 14.74 10.03 40.93
CA LEU H 154 15.88 9.10 40.79
C LEU H 154 17.04 9.45 41.74
N SER H 155 17.29 10.74 41.91
CA SER H 155 18.28 11.22 42.88
C SER H 155 17.93 10.76 44.30
N GLU H 156 16.67 10.96 44.69
CA GLU H 156 16.16 10.54 46.00
C GLU H 156 16.28 9.03 46.21
N ARG H 157 15.98 8.27 45.16
CA ARG H 157 15.94 6.79 45.23
C ARG H 157 17.33 6.15 45.18
N THR H 158 18.28 6.79 44.48
CA THR H 158 19.63 6.26 44.30
C THR H 158 20.68 6.82 45.25
N GLY H 159 20.45 8.02 45.77
CA GLY H 159 21.45 8.76 46.52
C GLY H 159 22.44 9.52 45.64
N GLN H 160 22.27 9.46 44.32
CA GLN H 160 23.11 10.22 43.39
C GLN H 160 22.56 11.65 43.28
N SER H 161 23.43 12.61 42.98
CA SER H 161 23.02 14.00 42.78
C SER H 161 22.21 14.14 41.49
N ILE H 162 21.33 15.13 41.47
CA ILE H 162 20.56 15.48 40.27
C ILE H 162 21.50 15.79 39.10
N GLU H 163 22.58 16.50 39.39
CA GLU H 163 23.57 16.78 38.35
C GLU H 163 24.18 15.54 37.74
N LYS H 164 24.56 14.58 38.58
CA LYS H 164 25.15 13.33 38.10
C LYS H 164 24.13 12.56 37.27
N ILE H 165 22.88 12.50 37.75
CA ILE H 165 21.79 11.85 37.02
C ILE H 165 21.61 12.49 35.62
N GLN H 166 21.55 13.84 35.56
CA GLN H 166 21.44 14.63 34.29
C GLN H 166 22.55 14.18 33.31
N LYS H 167 23.79 14.16 33.80
CA LYS H 167 24.93 13.80 32.96
C LYS H 167 24.88 12.35 32.50
N ASP H 168 24.57 11.44 33.43
CA ASP H 168 24.57 10.00 33.16
C ASP H 168 23.38 9.51 32.32
N THR H 169 22.35 10.33 32.18
CA THR H 169 21.18 10.00 31.34
C THR H 169 21.13 10.80 30.03
N ASP H 170 22.17 11.59 29.74
CA ASP H 170 22.21 12.40 28.52
C ASP H 170 22.10 11.54 27.26
N ARG H 171 22.79 10.41 27.29
CA ARG H 171 22.72 9.39 26.24
C ARG H 171 22.39 8.04 26.88
N ASP H 172 22.16 7.02 26.04
CA ASP H 172 21.90 5.66 26.51
C ASP H 172 23.06 5.17 27.37
N ASN H 173 22.74 4.76 28.59
CA ASN H 173 23.73 4.32 29.56
C ASN H 173 23.37 2.92 30.03
N PHE H 174 24.10 1.92 29.53
CA PHE H 174 23.86 0.52 29.87
C PHE H 174 24.69 0.12 31.08
N LEU H 175 24.02 -0.50 32.06
CA LEU H 175 24.66 -0.96 33.28
C LEU H 175 24.45 -2.46 33.48
N THR H 176 25.48 -3.13 34.01
CA THR H 176 25.35 -4.50 34.50
C THR H 176 24.58 -4.45 35.82
N ALA H 177 24.13 -5.61 36.29
CA ALA H 177 23.44 -5.70 37.57
C ALA H 177 24.31 -5.15 38.70
N GLU H 178 25.59 -5.54 38.72
CA GLU H 178 26.53 -5.05 39.72
C GLU H 178 26.72 -3.53 39.65
N GLU H 179 26.83 -2.98 38.44
CA GLU H 179 26.93 -1.54 38.25
C GLU H 179 25.67 -0.82 38.70
N ALA H 180 24.50 -1.41 38.45
CA ALA H 180 23.23 -0.86 38.92
C ALA H 180 23.16 -0.80 40.46
N LYS H 181 23.71 -1.84 41.12
CA LYS H 181 23.83 -1.83 42.58
C LYS H 181 24.76 -0.72 43.05
N GLU H 182 25.93 -0.62 42.42
CA GLU H 182 26.89 0.46 42.70
C GLU H 182 26.29 1.87 42.53
N TYR H 183 25.45 2.01 41.50
CA TYR H 183 24.76 3.26 41.21
C TYR H 183 23.66 3.63 42.23
N GLY H 184 23.10 2.63 42.89
CA GLY H 184 21.98 2.81 43.81
C GLY H 184 20.60 2.58 43.19
N LEU H 185 20.56 2.06 41.96
CA LEU H 185 19.29 1.70 41.30
C LEU H 185 18.67 0.44 41.92
N ILE H 186 19.54 -0.45 42.39
CA ILE H 186 19.12 -1.64 43.14
C ILE H 186 19.94 -1.73 44.42
N ASP H 187 19.50 -2.60 45.32
CA ASP H 187 20.20 -2.85 46.58
C ASP H 187 21.10 -4.07 46.52
N GLU H 188 20.69 -5.10 45.82
CA GLU H 188 21.48 -6.30 45.75
C GLU H 188 21.34 -7.09 44.45
N VAL H 189 22.43 -7.75 44.11
CA VAL H 189 22.43 -8.67 42.98
C VAL H 189 22.02 -10.00 43.59
N MET H 190 20.91 -10.55 43.15
CA MET H 190 20.41 -11.81 43.70
C MET H 190 21.22 -12.97 43.12
N VAL H 191 22.02 -13.61 43.98
CA VAL H 191 22.92 -14.70 43.56
C VAL H 191 22.20 -16.06 43.65
N PRO H 192 22.66 -17.07 42.88
CA PRO H 192 21.99 -18.38 42.88
C PRO H 192 21.91 -19.10 44.23
N GLU H 193 20.76 -19.72 44.50
CA GLU H 193 20.51 -20.36 45.81
C GLU H 193 21.31 -21.65 46.03
N THR H 194 21.44 -22.07 47.30
CA THR H 194 22.10 -23.34 47.63
C THR H 194 21.22 -24.53 47.27
N LEU I 3 -2.97 -9.48 28.10
CA LEU I 3 -3.25 -10.58 29.06
C LEU I 3 -3.66 -10.02 30.44
N ILE I 4 -4.96 -10.03 30.72
CA ILE I 4 -5.56 -9.54 31.96
C ILE I 4 -5.63 -10.68 32.99
N PRO I 5 -4.95 -10.54 34.15
CA PRO I 5 -4.92 -11.66 35.09
C PRO I 5 -6.24 -11.94 35.78
N THR I 6 -6.39 -13.18 36.24
CA THR I 6 -7.58 -13.65 36.94
C THR I 6 -7.25 -13.81 38.42
N VAL I 7 -8.21 -13.43 39.27
CA VAL I 7 -8.14 -13.67 40.71
C VAL I 7 -9.28 -14.57 41.18
N ILE I 8 -8.94 -15.53 42.05
CA ILE I 8 -9.92 -16.49 42.57
C ILE I 8 -9.99 -16.37 44.08
N GLU I 9 -11.22 -16.17 44.56
CA GLU I 9 -11.53 -16.03 45.98
C GLU I 9 -12.47 -17.13 46.40
N THR I 10 -12.21 -17.72 47.56
CA THR I 10 -13.19 -18.57 48.24
C THR I 10 -14.23 -17.67 48.96
N THR I 11 -15.49 -17.72 48.50
CA THR I 11 -16.62 -17.09 49.17
C THR I 11 -17.44 -18.14 49.95
N ASN I 12 -18.44 -17.64 50.68
CA ASN I 12 -19.37 -18.49 51.46
C ASN I 12 -20.17 -19.46 50.58
N ARG I 13 -20.67 -18.97 49.44
CA ARG I 13 -21.43 -19.80 48.50
C ARG I 13 -20.58 -20.52 47.43
N GLY I 14 -19.26 -20.59 47.61
CA GLY I 14 -18.36 -21.28 46.68
C GLY I 14 -17.08 -20.48 46.39
N GLU I 15 -16.31 -20.93 45.40
CA GLU I 15 -15.18 -20.15 44.88
C GLU I 15 -15.67 -19.39 43.66
N ARG I 16 -15.24 -18.13 43.54
CA ARG I 16 -15.54 -17.27 42.39
C ARG I 16 -14.28 -16.71 41.71
N ALA I 17 -14.27 -16.77 40.38
CA ALA I 17 -13.15 -16.30 39.56
C ALA I 17 -13.49 -14.97 38.90
N TYR I 18 -12.60 -14.00 39.02
CA TYR I 18 -12.77 -12.66 38.45
C TYR I 18 -11.54 -12.26 37.64
N ASP I 19 -11.74 -11.66 36.47
CA ASP I 19 -10.67 -10.86 35.86
C ASP I 19 -10.44 -9.68 36.80
N ILE I 20 -9.22 -9.15 36.82
CA ILE I 20 -8.84 -8.14 37.82
C ILE I 20 -9.77 -6.91 37.83
N TYR I 21 -10.21 -6.46 36.65
CA TYR I 21 -11.07 -5.26 36.56
C TYR I 21 -12.46 -5.53 37.11
N SER I 22 -13.01 -6.70 36.79
CA SER I 22 -14.28 -7.14 37.37
C SER I 22 -14.20 -7.30 38.88
N ARG I 23 -13.05 -7.76 39.39
CA ARG I 23 -12.84 -7.81 40.83
C ARG I 23 -12.90 -6.41 41.45
N LEU I 24 -12.27 -5.43 40.82
CA LEU I 24 -12.32 -4.04 41.31
C LEU I 24 -13.74 -3.49 41.28
N LEU I 25 -14.50 -3.83 40.23
CA LEU I 25 -15.90 -3.41 40.12
C LEU I 25 -16.77 -3.96 41.25
N LYS I 26 -16.49 -5.15 41.72
CA LYS I 26 -17.21 -5.72 42.84
C LYS I 26 -17.12 -4.77 44.05
N ASP I 27 -15.97 -4.10 44.18
CA ASP I 27 -15.76 -3.13 45.23
C ASP I 27 -16.05 -1.64 44.82
N ARG I 28 -16.87 -1.49 43.81
CA ARG I 28 -17.36 -0.22 43.39
C ARG I 28 -16.29 0.69 42.81
N ILE I 29 -15.28 0.10 42.20
CA ILE I 29 -14.21 0.83 41.52
C ILE I 29 -14.41 0.66 40.01
N ILE I 30 -14.51 1.78 39.30
CA ILE I 30 -14.63 1.81 37.84
C ILE I 30 -13.34 2.38 37.27
N MET I 31 -12.83 1.74 36.23
CA MET I 31 -11.57 2.15 35.60
C MET I 31 -11.83 2.90 34.29
N LEU I 32 -11.52 4.19 34.29
CA LEU I 32 -11.45 4.95 33.04
C LEU I 32 -9.96 5.05 32.69
N GLY I 33 -9.49 4.06 31.94
CA GLY I 33 -8.06 3.87 31.71
C GLY I 33 -7.64 3.93 30.25
N SER I 34 -8.44 4.57 29.41
CA SER I 34 -8.16 4.65 27.98
C SER I 34 -8.72 5.93 27.38
N GLN I 35 -8.47 6.11 26.10
CA GLN I 35 -9.10 7.16 25.32
C GLN I 35 -10.62 7.01 25.41
N ILE I 36 -11.32 8.13 25.56
CA ILE I 36 -12.77 8.14 25.71
C ILE I 36 -13.42 8.08 24.33
N ASP I 37 -14.07 6.96 24.03
CA ASP I 37 -14.95 6.83 22.87
C ASP I 37 -16.32 6.34 23.34
N ASP I 38 -17.24 6.12 22.43
CA ASP I 38 -18.59 5.71 22.81
C ASP I 38 -18.63 4.36 23.52
N ASN I 39 -17.79 3.41 23.09
CA ASN I 39 -17.70 2.10 23.75
C ASN I 39 -17.29 2.22 25.21
N VAL I 40 -16.26 3.01 25.47
CA VAL I 40 -15.79 3.28 26.83
C VAL I 40 -16.91 3.94 27.65
N ALA I 41 -17.54 4.96 27.08
CA ALA I 41 -18.64 5.66 27.75
C ALA I 41 -19.81 4.72 28.07
N ASN I 42 -20.22 3.90 27.11
CA ASN I 42 -21.35 2.97 27.33
C ASN I 42 -21.05 2.00 28.47
N SER I 43 -19.82 1.48 28.50
CA SER I 43 -19.38 0.59 29.57
C SER I 43 -19.41 1.27 30.94
N ILE I 44 -18.83 2.46 31.04
CA ILE I 44 -18.79 3.21 32.30
C ILE I 44 -20.19 3.60 32.77
N VAL I 45 -21.03 4.07 31.86
CA VAL I 45 -22.43 4.39 32.16
C VAL I 45 -23.15 3.16 32.75
N SER I 46 -22.97 2.01 32.11
CA SER I 46 -23.59 0.75 32.56
C SER I 46 -23.11 0.34 33.95
N GLN I 47 -21.80 0.49 34.18
CA GLN I 47 -21.21 0.21 35.50
C GLN I 47 -21.76 1.14 36.59
N LEU I 48 -21.88 2.42 36.27
CA LEU I 48 -22.46 3.40 37.20
C LEU I 48 -23.91 3.06 37.56
N LEU I 49 -24.72 2.74 36.55
CA LEU I 49 -26.12 2.37 36.77
C LEU I 49 -26.23 1.11 37.62
N PHE I 50 -25.40 0.11 37.31
CA PHE I 50 -25.35 -1.14 38.07
C PHE I 50 -24.98 -0.91 39.54
N LEU I 51 -23.92 -0.13 39.76
CA LEU I 51 -23.46 0.16 41.13
C LEU I 51 -24.50 0.93 41.97
N GLN I 52 -25.13 1.88 41.32
CA GLN I 52 -26.16 2.65 41.95
C GLN I 52 -27.26 1.67 42.43
N ALA I 53 -27.64 0.73 41.58
CA ALA I 53 -28.66 -0.25 41.91
C ALA I 53 -28.16 -1.15 43.04
N GLN I 54 -26.91 -1.58 42.96
CA GLN I 54 -26.33 -2.42 44.00
C GLN I 54 -26.48 -1.77 45.37
N ASP I 55 -26.14 -0.49 45.46
CA ASP I 55 -26.23 0.26 46.70
C ASP I 55 -26.31 1.72 46.33
N SER I 56 -27.46 2.31 46.52
CA SER I 56 -27.66 3.71 46.17
C SER I 56 -26.93 4.72 47.04
N GLU I 57 -26.35 4.25 48.14
CA GLU I 57 -25.68 5.09 49.09
C GLU I 57 -24.16 5.08 49.16
N LYS I 58 -23.56 3.93 48.99
CA LYS I 58 -22.15 3.81 49.11
C LYS I 58 -21.38 4.52 47.98
N ASP I 59 -20.25 5.10 48.33
CA ASP I 59 -19.42 5.80 47.34
C ASP I 59 -18.99 4.88 46.19
N ILE I 60 -18.83 5.48 45.02
CA ILE I 60 -18.24 4.84 43.85
C ILE I 60 -16.88 5.53 43.64
N TYR I 61 -15.91 4.77 43.12
CA TYR I 61 -14.56 5.26 42.88
C TYR I 61 -14.23 5.20 41.40
N LEU I 62 -14.07 6.36 40.76
CA LEU I 62 -13.71 6.43 39.35
C LEU I 62 -12.23 6.74 39.22
N TYR I 63 -11.48 5.72 38.82
CA TYR I 63 -10.06 5.84 38.48
C TYR I 63 -9.94 6.48 37.11
N ILE I 64 -9.09 7.50 36.98
CA ILE I 64 -8.89 8.18 35.70
C ILE I 64 -7.40 8.20 35.33
N ASN I 65 -7.09 7.42 34.28
CA ASN I 65 -5.81 7.49 33.57
C ASN I 65 -6.15 7.56 32.08
N SER I 66 -6.37 8.77 31.57
CA SER I 66 -6.96 8.94 30.24
C SER I 66 -6.50 10.22 29.56
N PRO I 67 -6.20 10.15 28.24
CA PRO I 67 -5.85 11.35 27.47
C PRO I 67 -7.08 12.12 26.99
N GLY I 68 -8.28 11.70 27.39
CA GLY I 68 -9.53 12.31 26.95
C GLY I 68 -10.04 11.63 25.71
N GLY I 69 -10.76 12.38 24.88
CA GLY I 69 -11.37 11.84 23.67
C GLY I 69 -12.67 12.52 23.33
N SER I 70 -13.67 11.74 22.94
CA SER I 70 -14.95 12.29 22.49
C SER I 70 -15.68 13.10 23.57
N VAL I 71 -16.08 14.32 23.22
CA VAL I 71 -16.77 15.22 24.14
C VAL I 71 -18.16 14.67 24.48
N THR I 72 -18.90 14.22 23.47
CA THR I 72 -20.24 13.66 23.73
C THR I 72 -20.16 12.38 24.57
N ALA I 73 -19.18 11.52 24.29
CA ALA I 73 -18.94 10.32 25.11
C ALA I 73 -18.59 10.71 26.54
N GLY I 74 -17.76 11.73 26.69
CA GLY I 74 -17.45 12.30 28.00
C GLY I 74 -18.68 12.78 28.73
N PHE I 75 -19.57 13.48 28.01
CA PHE I 75 -20.82 13.97 28.60
C PHE I 75 -21.81 12.85 28.97
N ALA I 76 -21.75 11.72 28.27
CA ALA I 76 -22.52 10.53 28.68
C ALA I 76 -22.13 10.10 30.10
N ILE I 77 -20.82 10.05 30.33
CA ILE I 77 -20.29 9.69 31.65
C ILE I 77 -20.62 10.78 32.67
N TYR I 78 -20.37 12.04 32.30
CA TYR I 78 -20.65 13.19 33.17
C TYR I 78 -22.09 13.20 33.67
N ASP I 79 -23.04 13.13 32.75
CA ASP I 79 -24.46 13.20 33.11
C ASP I 79 -24.91 12.02 33.97
N THR I 80 -24.35 10.85 33.71
CA THR I 80 -24.69 9.66 34.49
C THR I 80 -24.15 9.80 35.92
N ILE I 81 -22.92 10.31 36.06
CA ILE I 81 -22.36 10.63 37.38
C ILE I 81 -23.30 11.55 38.16
N GLN I 82 -23.72 12.65 37.54
CA GLN I 82 -24.56 13.62 38.21
C GLN I 82 -25.97 13.10 38.49
N HIS I 83 -26.48 12.22 37.62
CA HIS I 83 -27.82 11.67 37.77
C HIS I 83 -27.96 10.73 38.97
N ILE I 84 -26.98 9.86 39.17
CA ILE I 84 -27.08 8.82 40.20
C ILE I 84 -26.94 9.37 41.61
N LYS I 85 -27.48 8.62 42.57
CA LYS I 85 -27.45 9.03 43.98
C LYS I 85 -26.09 8.98 44.65
N PRO I 86 -25.34 7.87 44.53
CA PRO I 86 -24.05 7.78 45.21
C PRO I 86 -23.06 8.86 44.78
N ASP I 87 -22.23 9.30 45.71
CA ASP I 87 -21.07 10.12 45.38
C ASP I 87 -20.10 9.31 44.52
N VAL I 88 -19.60 9.93 43.46
CA VAL I 88 -18.57 9.32 42.64
C VAL I 88 -17.28 10.07 42.92
N GLN I 89 -16.37 9.41 43.62
CA GLN I 89 -15.03 9.96 43.82
C GLN I 89 -14.27 9.83 42.51
N THR I 90 -13.39 10.78 42.23
CA THR I 90 -12.51 10.70 41.08
C THR I 90 -11.07 10.72 41.56
N ILE I 91 -10.24 9.87 40.95
CA ILE I 91 -8.86 9.74 41.35
C ILE I 91 -7.98 9.72 40.10
N CYS I 92 -7.18 10.76 39.91
CA CYS I 92 -6.26 10.81 38.77
C CYS I 92 -4.93 10.14 39.09
N ILE I 93 -4.62 9.12 38.31
CA ILE I 93 -3.38 8.34 38.46
C ILE I 93 -2.77 8.26 37.05
N GLY I 94 -1.52 8.68 36.94
CA GLY I 94 -0.85 8.76 35.64
C GLY I 94 -1.14 10.07 34.95
N MET I 95 -2.27 10.14 34.23
CA MET I 95 -2.64 11.35 33.51
C MET I 95 -4.16 11.52 33.41
N ALA I 96 -4.62 12.77 33.46
CA ALA I 96 -5.97 13.13 33.02
C ALA I 96 -5.80 14.32 32.10
N ALA I 97 -6.16 14.16 30.83
CA ALA I 97 -6.05 15.24 29.87
C ALA I 97 -7.36 15.46 29.20
N SER I 98 -7.63 16.72 28.85
CA SER I 98 -8.76 17.02 27.99
CA SER I 98 -8.74 17.08 28.01
C SER I 98 -10.08 16.66 28.68
N MET I 99 -10.96 15.94 27.97
CA MET I 99 -12.19 15.43 28.57
C MET I 99 -11.94 14.54 29.80
N GLY I 100 -10.76 13.94 29.90
CA GLY I 100 -10.34 13.22 31.10
C GLY I 100 -10.24 14.10 32.33
N SER I 101 -9.64 15.29 32.18
CA SER I 101 -9.56 16.26 33.30
C SER I 101 -10.92 16.87 33.60
N PHE I 102 -11.76 17.01 32.57
CA PHE I 102 -13.13 17.48 32.77
C PHE I 102 -13.86 16.53 33.71
N LEU I 103 -13.75 15.22 33.44
CA LEU I 103 -14.39 14.21 34.29
C LEU I 103 -13.77 14.12 35.67
N LEU I 104 -12.46 14.32 35.77
CA LEU I 104 -11.79 14.42 37.08
C LEU I 104 -12.44 15.52 37.94
N ALA I 105 -12.63 16.69 37.34
CA ALA I 105 -13.28 17.83 37.99
C ALA I 105 -14.76 17.62 38.30
N ALA I 106 -15.37 16.62 37.66
CA ALA I 106 -16.79 16.31 37.82
C ALA I 106 -17.13 15.37 38.98
N GLY I 107 -16.12 14.87 39.68
CA GLY I 107 -16.34 14.01 40.84
C GLY I 107 -17.03 14.73 41.99
N ALA I 108 -17.51 13.97 42.97
CA ALA I 108 -18.21 14.53 44.12
C ALA I 108 -17.35 15.57 44.83
N LYS I 109 -17.96 16.70 45.20
CA LYS I 109 -17.23 17.80 45.83
C LYS I 109 -16.60 17.33 47.13
N GLY I 110 -15.31 17.61 47.29
CA GLY I 110 -14.50 17.10 48.39
C GLY I 110 -13.87 15.73 48.17
N LYS I 111 -14.23 15.04 47.08
CA LYS I 111 -13.77 13.68 46.83
C LYS I 111 -13.13 13.53 45.44
N ARG I 112 -12.48 14.60 44.98
CA ARG I 112 -11.71 14.58 43.75
C ARG I 112 -10.23 14.62 44.12
N PHE I 113 -9.48 13.61 43.67
CA PHE I 113 -8.10 13.41 44.08
C PHE I 113 -7.17 13.21 42.90
N ALA I 114 -5.90 13.45 43.15
CA ALA I 114 -4.83 13.01 42.26
C ALA I 114 -3.66 12.53 43.10
N LEU I 115 -2.93 11.53 42.59
CA LEU I 115 -1.71 11.07 43.22
C LEU I 115 -0.60 12.12 42.89
N PRO I 116 0.47 12.19 43.71
CA PRO I 116 1.40 13.34 43.64
C PRO I 116 2.10 13.63 42.30
N ASN I 117 2.39 12.58 41.53
CA ASN I 117 3.09 12.70 40.25
C ASN I 117 2.16 12.56 39.04
N ALA I 118 0.86 12.51 39.29
CA ALA I 118 -0.14 12.48 38.22
C ALA I 118 -0.13 13.81 37.47
N GLU I 119 -0.36 13.74 36.16
CA GLU I 119 -0.35 14.91 35.29
C GLU I 119 -1.77 15.27 34.89
N VAL I 120 -2.13 16.54 35.01
CA VAL I 120 -3.45 17.02 34.57
C VAL I 120 -3.23 18.05 33.46
N MET I 121 -3.95 17.87 32.34
CA MET I 121 -3.85 18.82 31.22
C MET I 121 -5.23 19.30 30.82
N ILE I 122 -5.35 20.61 30.61
CA ILE I 122 -6.59 21.22 30.13
C ILE I 122 -6.29 21.99 28.84
N HIS I 123 -7.23 21.92 27.89
CA HIS I 123 -7.12 22.66 26.64
C HIS I 123 -8.49 22.78 25.98
N GLN I 124 -8.57 23.54 24.90
CA GLN I 124 -9.85 23.73 24.21
C GLN I 124 -10.18 22.50 23.34
N PRO I 125 -11.48 22.30 23.03
CA PRO I 125 -11.84 21.14 22.21
C PRO I 125 -11.25 21.18 20.79
N LEU I 126 -11.03 20.00 20.23
CA LEU I 126 -10.47 19.82 18.91
C LEU I 126 -11.53 19.25 17.99
N GLY I 127 -11.46 19.61 16.71
CA GLY I 127 -12.41 19.08 15.75
C GLY I 127 -11.99 19.30 14.32
N GLY I 128 -12.95 19.09 13.42
CA GLY I 128 -12.70 19.22 12.01
C GLY I 128 -13.98 19.57 11.29
N ALA I 129 -13.82 20.14 10.10
CA ALA I 129 -14.95 20.47 9.25
C ALA I 129 -14.45 20.55 7.82
N GLN I 130 -15.17 19.94 6.89
CA GLN I 130 -14.85 20.07 5.46
C GLN I 130 -16.18 20.14 4.66
N GLY I 131 -16.14 20.88 3.55
CA GLY I 131 -17.28 21.03 2.65
C GLY I 131 -17.59 22.49 2.34
N GLN I 132 -18.88 22.76 2.16
CA GLN I 132 -19.34 24.10 1.78
C GLN I 132 -19.18 25.09 2.92
N ALA I 133 -19.08 26.38 2.55
CA ALA I 133 -18.97 27.46 3.55
C ALA I 133 -20.01 27.36 4.66
N THR I 134 -21.27 27.13 4.30
CA THR I 134 -22.35 27.03 5.29
C THR I 134 -22.21 25.79 6.20
N GLU I 135 -21.68 24.70 5.66
CA GLU I 135 -21.36 23.51 6.46
C GLU I 135 -20.23 23.79 7.46
N ILE I 136 -19.22 24.52 7.01
CA ILE I 136 -18.09 24.92 7.88
C ILE I 136 -18.61 25.84 9.00
N GLU I 137 -19.51 26.75 8.65
CA GLU I 137 -20.14 27.65 9.63
C GLU I 137 -20.89 26.88 10.71
N ILE I 138 -21.71 25.90 10.29
CA ILE I 138 -22.46 25.04 11.22
C ILE I 138 -21.51 24.29 12.16
N ALA I 139 -20.45 23.69 11.59
CA ALA I 139 -19.45 22.98 12.39
C ALA I 139 -18.72 23.91 13.37
N ALA I 140 -18.38 25.11 12.91
CA ALA I 140 -17.72 26.10 13.77
C ALA I 140 -18.62 26.53 14.93
N ASN I 141 -19.86 26.88 14.61
CA ASN I 141 -20.84 27.28 15.63
C ASN I 141 -21.04 26.14 16.66
N HIS I 142 -21.09 24.91 16.18
CA HIS I 142 -21.25 23.74 17.04
C HIS I 142 -20.09 23.55 18.03
N ILE I 143 -18.85 23.58 17.53
CA ILE I 143 -17.68 23.41 18.41
C ILE I 143 -17.50 24.58 19.38
N LEU I 144 -17.84 25.80 18.93
CA LEU I 144 -17.80 26.98 19.81
C LEU I 144 -18.83 26.88 20.94
N LYS I 145 -20.05 26.45 20.62
CA LYS I 145 -21.10 26.24 21.63
C LYS I 145 -20.69 25.13 22.62
N THR I 146 -20.08 24.06 22.09
CA THR I 146 -19.56 22.97 22.90
C THR I 146 -18.48 23.47 23.88
N ARG I 147 -17.58 24.33 23.39
CA ARG I 147 -16.56 24.92 24.25
C ARG I 147 -17.18 25.74 25.39
N GLU I 148 -18.18 26.55 25.08
CA GLU I 148 -18.86 27.36 26.09
C GLU I 148 -19.44 26.44 27.15
N LYS I 149 -20.17 25.43 26.70
CA LYS I 149 -20.79 24.43 27.60
C LYS I 149 -19.75 23.84 28.56
N LEU I 150 -18.63 23.38 28.00
CA LEU I 150 -17.52 22.85 28.80
C LEU I 150 -16.97 23.88 29.78
N ASN I 151 -16.72 25.10 29.30
CA ASN I 151 -16.16 26.15 30.15
C ASN I 151 -17.09 26.56 31.29
N ARG I 152 -18.38 26.68 30.99
CA ARG I 152 -19.37 27.01 32.01
C ARG I 152 -19.38 25.98 33.14
N ILE I 153 -19.39 24.70 32.78
CA ILE I 153 -19.42 23.62 33.78
C ILE I 153 -18.10 23.62 34.56
N LEU I 154 -16.98 23.75 33.86
CA LEU I 154 -15.66 23.80 34.51
C LEU I 154 -15.56 24.97 35.50
N SER I 155 -16.12 26.12 35.14
CA SER I 155 -16.22 27.26 36.03
C SER I 155 -16.98 26.93 37.32
N GLU I 156 -18.14 26.30 37.15
CA GLU I 156 -18.98 25.85 38.27
C GLU I 156 -18.24 24.85 39.18
N ARG I 157 -17.52 23.93 38.60
CA ARG I 157 -16.82 22.91 39.36
C ARG I 157 -15.53 23.34 40.02
N THR I 158 -14.85 24.29 39.41
CA THR I 158 -13.55 24.76 39.92
C THR I 158 -13.63 26.02 40.77
N GLY I 159 -14.67 26.82 40.58
CA GLY I 159 -14.76 28.14 41.18
C GLY I 159 -14.00 29.21 40.41
N GLN I 160 -13.38 28.85 39.28
CA GLN I 160 -12.71 29.83 38.43
C GLN I 160 -13.74 30.50 37.51
N SER I 161 -13.46 31.74 37.10
CA SER I 161 -14.33 32.44 36.15
C SER I 161 -14.26 31.81 34.76
N ILE I 162 -15.34 31.96 34.01
CA ILE I 162 -15.39 31.51 32.61
C ILE I 162 -14.29 32.18 31.80
N GLU I 163 -14.05 33.46 32.05
CA GLU I 163 -12.97 34.19 31.37
C GLU I 163 -11.61 33.61 31.62
N LYS I 164 -11.32 33.27 32.88
CA LYS I 164 -10.04 32.65 33.24
C LYS I 164 -9.91 31.26 32.58
N ILE I 165 -10.99 30.48 32.62
CA ILE I 165 -11.01 29.15 31.98
C ILE I 165 -10.69 29.26 30.47
N GLN I 166 -11.39 30.19 29.80
CA GLN I 166 -11.15 30.46 28.37
C GLN I 166 -9.67 30.73 28.09
N LYS I 167 -9.09 31.64 28.86
CA LYS I 167 -7.70 32.03 28.68
C LYS I 167 -6.75 30.87 28.97
N ASP I 168 -7.00 30.15 30.05
CA ASP I 168 -6.13 29.04 30.48
C ASP I 168 -6.24 27.76 29.63
N THR I 169 -7.28 27.65 28.82
CA THR I 169 -7.47 26.51 27.91
C THR I 169 -7.21 26.85 26.44
N ASP I 170 -6.75 28.07 26.15
CA ASP I 170 -6.47 28.50 24.78
C ASP I 170 -5.44 27.60 24.10
N ARG I 171 -4.41 27.23 24.87
CA ARG I 171 -3.39 26.28 24.44
C ARG I 171 -3.28 25.17 25.48
N ASP I 172 -2.48 24.15 25.18
CA ASP I 172 -2.22 23.06 26.11
C ASP I 172 -1.66 23.60 27.42
N ASN I 173 -2.32 23.27 28.52
CA ASN I 173 -1.93 23.76 29.83
C ASN I 173 -1.72 22.57 30.75
N PHE I 174 -0.45 22.24 31.02
CA PHE I 174 -0.10 21.09 31.86
C PHE I 174 0.01 21.54 33.30
N LEU I 175 -0.66 20.81 34.20
CA LEU I 175 -0.63 21.08 35.63
C LEU I 175 -0.12 19.87 36.40
N THR I 176 0.64 20.15 37.46
CA THR I 176 0.97 19.13 38.46
C THR I 176 -0.29 18.86 39.29
N ALA I 177 -0.25 17.79 40.08
CA ALA I 177 -1.36 17.46 40.98
C ALA I 177 -1.64 18.62 41.93
N GLU I 178 -0.58 19.18 42.53
CA GLU I 178 -0.71 20.33 43.43
C GLU I 178 -1.31 21.56 42.74
N GLU I 179 -0.86 21.84 41.52
CA GLU I 179 -1.43 22.93 40.72
C GLU I 179 -2.91 22.70 40.37
N ALA I 180 -3.26 21.45 40.08
CA ALA I 180 -4.66 21.08 39.82
C ALA I 180 -5.54 21.33 41.06
N LYS I 181 -5.00 21.04 42.24
CA LYS I 181 -5.70 21.35 43.50
C LYS I 181 -5.87 22.86 43.65
N GLU I 182 -4.79 23.61 43.43
CA GLU I 182 -4.83 25.07 43.49
C GLU I 182 -5.86 25.67 42.53
N TYR I 183 -5.95 25.06 41.34
CA TYR I 183 -6.92 25.48 40.31
C TYR I 183 -8.38 25.18 40.64
N GLY I 184 -8.61 24.17 41.48
CA GLY I 184 -9.96 23.72 41.81
C GLY I 184 -10.45 22.52 40.98
N LEU I 185 -9.56 21.92 40.19
CA LEU I 185 -9.89 20.72 39.42
C LEU I 185 -10.00 19.49 40.31
N ILE I 186 -9.21 19.47 41.38
CA ILE I 186 -9.30 18.44 42.42
C ILE I 186 -9.37 19.13 43.79
N ASP I 187 -9.72 18.35 44.80
CA ASP I 187 -9.79 18.82 46.17
C ASP I 187 -8.52 18.53 46.97
N GLU I 188 -7.92 17.39 46.75
CA GLU I 188 -6.73 17.06 47.48
C GLU I 188 -5.74 16.19 46.70
N VAL I 189 -4.48 16.35 47.04
CA VAL I 189 -3.42 15.49 46.53
C VAL I 189 -3.34 14.34 47.54
N MET I 190 -3.59 13.11 47.06
CA MET I 190 -3.60 11.94 47.95
C MET I 190 -2.15 11.55 48.26
N VAL I 191 -1.75 11.74 49.51
CA VAL I 191 -0.36 11.47 49.93
C VAL I 191 -0.22 10.03 50.41
N PRO I 192 1.01 9.47 50.38
CA PRO I 192 1.22 8.07 50.78
C PRO I 192 0.78 7.73 52.21
N GLU I 193 0.07 6.60 52.38
CA GLU I 193 -0.51 6.21 53.68
C GLU I 193 0.54 5.82 54.73
N ILE J 4 -14.99 -5.89 28.49
CA ILE J 4 -16.35 -5.75 29.12
C ILE J 4 -16.37 -6.47 30.48
N PRO J 5 -16.61 -5.74 31.59
CA PRO J 5 -16.51 -6.39 32.90
C PRO J 5 -17.66 -7.35 33.19
N THR J 6 -17.38 -8.29 34.09
CA THR J 6 -18.33 -9.30 34.52
C THR J 6 -18.82 -8.96 35.92
N VAL J 7 -20.11 -9.18 36.16
CA VAL J 7 -20.72 -9.09 37.49
C VAL J 7 -21.31 -10.45 37.94
N ILE J 8 -21.09 -10.78 39.21
CA ILE J 8 -21.59 -12.03 39.79
C ILE J 8 -22.57 -11.74 40.92
N GLU J 9 -23.77 -12.33 40.80
CA GLU J 9 -24.86 -12.19 41.79
C GLU J 9 -25.32 -13.55 42.31
N THR J 10 -25.93 -13.50 43.49
CA THR J 10 -26.39 -14.70 44.21
C THR J 10 -27.84 -15.03 43.91
N GLU J 15 -25.14 -19.02 42.26
CA GLU J 15 -24.57 -17.78 41.72
C GLU J 15 -24.59 -17.77 40.20
N ARG J 16 -24.90 -16.60 39.63
CA ARG J 16 -24.90 -16.37 38.17
C ARG J 16 -23.94 -15.24 37.75
N ALA J 17 -23.16 -15.48 36.69
CA ALA J 17 -22.19 -14.53 36.16
C ALA J 17 -22.73 -13.88 34.89
N TYR J 18 -22.68 -12.55 34.82
CA TYR J 18 -23.17 -11.76 33.69
C TYR J 18 -22.10 -10.80 33.22
N ASP J 19 -21.91 -10.67 31.91
CA ASP J 19 -21.26 -9.47 31.37
C ASP J 19 -22.20 -8.29 31.66
N ILE J 20 -21.64 -7.10 31.83
CA ILE J 20 -22.40 -5.95 32.33
C ILE J 20 -23.66 -5.66 31.48
N TYR J 21 -23.55 -5.81 30.16
CA TYR J 21 -24.69 -5.51 29.26
C TYR J 21 -25.81 -6.54 29.40
N SER J 22 -25.44 -7.81 29.49
CA SER J 22 -26.39 -8.87 29.78
C SER J 22 -27.06 -8.68 31.16
N ARG J 23 -26.31 -8.18 32.13
CA ARG J 23 -26.91 -7.85 33.43
C ARG J 23 -27.98 -6.77 33.30
N LEU J 24 -27.69 -5.73 32.53
CA LEU J 24 -28.68 -4.67 32.27
C LEU J 24 -29.91 -5.21 31.55
N LEU J 25 -29.71 -6.12 30.61
CA LEU J 25 -30.82 -6.76 29.89
C LEU J 25 -31.75 -7.55 30.83
N LYS J 26 -31.20 -8.15 31.87
CA LYS J 26 -32.01 -8.82 32.91
C LYS J 26 -33.05 -7.88 33.54
N ASP J 27 -32.70 -6.59 33.66
CA ASP J 27 -33.65 -5.56 34.13
C ASP J 27 -34.29 -4.75 32.99
N ARG J 28 -34.43 -5.39 31.83
CA ARG J 28 -35.19 -4.85 30.69
C ARG J 28 -34.59 -3.57 30.08
N ILE J 29 -33.26 -3.45 30.18
CA ILE J 29 -32.52 -2.33 29.61
C ILE J 29 -31.77 -2.83 28.37
N ILE J 30 -32.03 -2.19 27.22
CA ILE J 30 -31.35 -2.49 25.97
C ILE J 30 -30.45 -1.30 25.63
N MET J 31 -29.21 -1.61 25.22
CA MET J 31 -28.22 -0.60 24.90
C MET J 31 -28.08 -0.43 23.39
N LEU J 32 -28.50 0.73 22.88
CA LEU J 32 -28.15 1.14 21.52
C LEU J 32 -26.99 2.13 21.65
N GLY J 33 -25.77 1.59 21.65
CA GLY J 33 -24.57 2.34 21.98
C GLY J 33 -23.53 2.43 20.88
N SER J 34 -23.96 2.26 19.63
CA SER J 34 -23.05 2.23 18.50
C SER J 34 -23.75 2.72 17.24
N GLN J 35 -22.97 2.81 16.17
CA GLN J 35 -23.52 3.03 14.84
C GLN J 35 -24.54 1.94 14.52
N ILE J 36 -25.65 2.33 13.90
CA ILE J 36 -26.73 1.41 13.57
C ILE J 36 -26.43 0.71 12.25
N ASP J 37 -26.15 -0.59 12.32
CA ASP J 37 -26.08 -1.44 11.14
C ASP J 37 -27.04 -2.62 11.33
N ASP J 38 -27.07 -3.55 10.37
CA ASP J 38 -28.00 -4.67 10.47
C ASP J 38 -27.74 -5.57 11.67
N ASN J 39 -26.48 -5.80 12.01
CA ASN J 39 -26.11 -6.60 13.20
C ASN J 39 -26.68 -6.01 14.48
N VAL J 40 -26.50 -4.70 14.65
CA VAL J 40 -27.02 -3.98 15.80
C VAL J 40 -28.55 -4.08 15.82
N ALA J 41 -29.18 -3.83 14.68
CA ALA J 41 -30.65 -3.93 14.58
C ALA J 41 -31.16 -5.34 14.91
N ASN J 42 -30.52 -6.38 14.36
CA ASN J 42 -30.95 -7.76 14.63
C ASN J 42 -30.88 -8.09 16.11
N SER J 43 -29.80 -7.66 16.76
CA SER J 43 -29.63 -7.87 18.19
C SER J 43 -30.72 -7.17 19.00
N ILE J 44 -30.97 -5.90 18.71
CA ILE J 44 -31.97 -5.10 19.44
C ILE J 44 -33.38 -5.66 19.22
N VAL J 45 -33.69 -6.02 17.98
CA VAL J 45 -34.97 -6.65 17.64
C VAL J 45 -35.18 -7.93 18.46
N SER J 46 -34.15 -8.77 18.52
CA SER J 46 -34.20 -10.01 19.28
C SER J 46 -34.40 -9.77 20.78
N GLN J 47 -33.70 -8.76 21.32
CA GLN J 47 -33.86 -8.38 22.72
C GLN J 47 -35.27 -7.90 23.02
N LEU J 48 -35.82 -7.07 22.14
CA LEU J 48 -37.18 -6.58 22.28
C LEU J 48 -38.21 -7.71 22.30
N LEU J 49 -38.06 -8.65 21.35
CA LEU J 49 -38.96 -9.80 21.26
C LEU J 49 -38.87 -10.68 22.51
N PHE J 50 -37.64 -10.91 22.98
CA PHE J 50 -37.40 -11.68 24.20
C PHE J 50 -38.04 -11.01 25.42
N LEU J 51 -37.81 -9.71 25.59
CA LEU J 51 -38.36 -8.98 26.74
C LEU J 51 -39.89 -8.97 26.75
N GLN J 52 -40.52 -8.81 25.58
CA GLN J 52 -41.99 -8.92 25.48
C GLN J 52 -42.48 -10.30 25.96
N ALA J 53 -41.80 -11.35 25.51
CA ALA J 53 -42.17 -12.73 25.87
C ALA J 53 -42.01 -12.98 27.38
N GLN J 54 -40.97 -12.40 27.95
CA GLN J 54 -40.73 -12.46 29.38
C GLN J 54 -41.82 -11.76 30.20
N ASP J 55 -42.23 -10.57 29.75
CA ASP J 55 -43.27 -9.80 30.41
C ASP J 55 -43.84 -8.80 29.40
N SER J 56 -45.10 -9.02 29.01
CA SER J 56 -45.76 -8.17 28.02
C SER J 56 -46.22 -6.81 28.55
N GLU J 57 -46.17 -6.62 29.86
CA GLU J 57 -46.64 -5.40 30.48
C GLU J 57 -45.61 -4.42 31.06
N LYS J 58 -44.52 -4.95 31.54
CA LYS J 58 -43.48 -4.10 32.13
C LYS J 58 -42.73 -3.29 31.08
N ASP J 59 -42.41 -2.04 31.43
CA ASP J 59 -41.66 -1.16 30.54
C ASP J 59 -40.29 -1.74 30.15
N ILE J 60 -39.86 -1.37 28.96
CA ILE J 60 -38.52 -1.65 28.46
C ILE J 60 -37.81 -0.28 28.39
N TYR J 61 -36.49 -0.29 28.61
CA TYR J 61 -35.68 0.92 28.60
C TYR J 61 -34.65 0.84 27.49
N LEU J 62 -34.78 1.69 26.48
CA LEU J 62 -33.80 1.76 25.38
C LEU J 62 -32.85 2.95 25.58
N TYR J 63 -31.62 2.63 25.96
CA TYR J 63 -30.53 3.59 26.07
C TYR J 63 -30.02 3.91 24.67
N ILE J 64 -29.88 5.20 24.37
CA ILE J 64 -29.40 5.63 23.06
C ILE J 64 -28.18 6.55 23.20
N ASN J 65 -27.03 6.02 22.79
CA ASN J 65 -25.80 6.80 22.56
C ASN J 65 -25.27 6.37 21.19
N SER J 66 -25.75 7.04 20.14
CA SER J 66 -25.54 6.56 18.76
C SER J 66 -25.48 7.70 17.76
N PRO J 67 -24.53 7.63 16.80
CA PRO J 67 -24.48 8.61 15.71
C PRO J 67 -25.45 8.29 14.57
N GLY J 68 -26.28 7.25 14.72
CA GLY J 68 -27.22 6.82 13.69
C GLY J 68 -26.57 5.77 12.81
N GLY J 69 -26.99 5.72 11.56
CA GLY J 69 -26.50 4.72 10.60
C GLY J 69 -27.57 4.32 9.61
N SER J 70 -27.67 3.02 9.33
CA SER J 70 -28.57 2.51 8.29
C SER J 70 -30.04 2.82 8.59
N VAL J 71 -30.72 3.40 7.61
CA VAL J 71 -32.13 3.76 7.75
C VAL J 71 -33.01 2.50 7.84
N THR J 72 -32.75 1.50 6.98
CA THR J 72 -33.53 0.24 7.03
C THR J 72 -33.30 -0.50 8.35
N ALA J 73 -32.06 -0.54 8.82
CA ALA J 73 -31.74 -1.13 10.13
C ALA J 73 -32.46 -0.39 11.25
N GLY J 74 -32.46 0.94 11.16
CA GLY J 74 -33.22 1.77 12.09
C GLY J 74 -34.71 1.45 12.08
N PHE J 75 -35.27 1.26 10.88
CA PHE J 75 -36.69 0.89 10.77
C PHE J 75 -37.02 -0.52 11.25
N ALA J 76 -36.05 -1.43 11.23
CA ALA J 76 -36.20 -2.74 11.88
C ALA J 76 -36.47 -2.58 13.37
N ILE J 77 -35.67 -1.72 14.01
CA ILE J 77 -35.83 -1.41 15.43
C ILE J 77 -37.16 -0.67 15.66
N TYR J 78 -37.41 0.37 14.85
CA TYR J 78 -38.62 1.18 14.97
C TYR J 78 -39.88 0.32 14.93
N ASP J 79 -40.02 -0.51 13.89
CA ASP J 79 -41.21 -1.33 13.72
C ASP J 79 -41.40 -2.35 14.84
N THR J 80 -40.29 -2.91 15.33
CA THR J 80 -40.35 -3.86 16.43
C THR J 80 -40.81 -3.17 17.73
N ILE J 81 -40.30 -1.97 17.99
CA ILE J 81 -40.77 -1.15 19.12
C ILE J 81 -42.28 -0.97 19.05
N GLN J 82 -42.79 -0.54 17.89
CA GLN J 82 -44.22 -0.25 17.75
C GLN J 82 -45.07 -1.52 17.77
N HIS J 83 -44.52 -2.63 17.30
CA HIS J 83 -45.26 -3.90 17.28
C HIS J 83 -45.53 -4.48 18.66
N ILE J 84 -44.52 -4.46 19.53
CA ILE J 84 -44.62 -5.13 20.83
C ILE J 84 -45.56 -4.39 21.80
N LYS J 85 -46.06 -5.15 22.78
CA LYS J 85 -47.00 -4.60 23.77
C LYS J 85 -46.40 -3.62 24.77
N PRO J 86 -45.26 -3.98 25.42
CA PRO J 86 -44.70 -3.08 26.43
C PRO J 86 -44.32 -1.71 25.88
N ASP J 87 -44.45 -0.68 26.70
CA ASP J 87 -43.89 0.63 26.40
C ASP J 87 -42.36 0.52 26.36
N VAL J 88 -41.75 1.13 25.35
CA VAL J 88 -40.30 1.23 25.27
C VAL J 88 -39.93 2.68 25.55
N GLN J 89 -39.36 2.91 26.74
CA GLN J 89 -38.83 4.22 27.07
C GLN J 89 -37.54 4.42 26.28
N THR J 90 -37.26 5.65 25.89
CA THR J 90 -35.99 5.99 25.25
C THR J 90 -35.28 7.01 26.12
N ILE J 91 -33.97 6.82 26.32
CA ILE J 91 -33.19 7.78 27.13
C ILE J 91 -31.87 8.10 26.32
N CYS J 92 -31.73 9.36 25.91
CA CYS J 92 -30.53 9.80 25.20
C CYS J 92 -29.45 10.22 26.19
N ILE J 93 -28.32 9.54 26.12
CA ILE J 93 -27.17 9.81 26.99
C ILE J 93 -25.96 9.92 26.07
N GLY J 94 -25.25 11.04 26.15
CA GLY J 94 -24.13 11.32 25.26
C GLY J 94 -24.62 11.99 23.98
N MET J 95 -25.03 11.18 23.00
CA MET J 95 -25.51 11.71 21.72
C MET J 95 -26.57 10.81 21.09
N ALA J 96 -27.52 11.44 20.42
CA ALA J 96 -28.39 10.75 19.46
C ALA J 96 -28.36 11.59 18.20
N ALA J 97 -27.86 11.02 17.11
CA ALA J 97 -27.81 11.73 15.84
C ALA J 97 -28.48 10.93 14.77
N SER J 98 -29.09 11.63 13.82
CA SER J 98 -29.57 10.96 12.62
CA SER J 98 -29.58 11.02 12.61
C SER J 98 -30.65 9.94 12.94
N MET J 99 -30.54 8.73 12.40
CA MET J 99 -31.45 7.62 12.75
C MET J 99 -31.49 7.33 14.26
N GLY J 100 -30.43 7.69 14.99
CA GLY J 100 -30.42 7.63 16.45
C GLY J 100 -31.45 8.55 17.09
N SER J 101 -31.55 9.81 16.61
CA SER J 101 -32.57 10.74 17.12
CA SER J 101 -32.59 10.72 17.13
C SER J 101 -33.98 10.33 16.68
N PHE J 102 -34.07 9.72 15.49
CA PHE J 102 -35.34 9.20 15.00
C PHE J 102 -35.88 8.15 15.99
N LEU J 103 -35.01 7.23 16.41
CA LEU J 103 -35.40 6.21 17.38
C LEU J 103 -35.67 6.78 18.77
N LEU J 104 -34.92 7.81 19.17
CA LEU J 104 -35.19 8.54 20.41
C LEU J 104 -36.64 9.06 20.43
N ALA J 105 -37.02 9.70 19.32
CA ALA J 105 -38.39 10.21 19.15
C ALA J 105 -39.48 9.13 19.06
N ALA J 106 -39.07 7.89 18.77
CA ALA J 106 -39.98 6.76 18.60
C ALA J 106 -40.37 6.04 19.89
N GLY J 107 -39.80 6.45 21.03
CA GLY J 107 -40.14 5.86 22.32
C GLY J 107 -41.57 6.13 22.73
N ALA J 108 -42.04 5.41 23.74
CA ALA J 108 -43.42 5.56 24.22
C ALA J 108 -43.72 7.01 24.60
N LYS J 109 -44.89 7.49 24.19
CA LYS J 109 -45.28 8.88 24.44
C LYS J 109 -45.29 9.16 25.94
N GLY J 110 -44.63 10.24 26.33
CA GLY J 110 -44.41 10.58 27.72
C GLY J 110 -43.19 9.95 28.38
N LYS J 111 -42.53 9.02 27.69
CA LYS J 111 -41.39 8.28 28.26
C LYS J 111 -40.13 8.37 27.38
N ARG J 112 -39.97 9.52 26.71
CA ARG J 112 -38.77 9.80 25.92
C ARG J 112 -37.97 10.86 26.68
N PHE J 113 -36.73 10.53 27.02
CA PHE J 113 -35.89 11.36 27.88
C PHE J 113 -34.52 11.63 27.27
N ALA J 114 -33.89 12.68 27.76
CA ALA J 114 -32.47 12.91 27.56
C ALA J 114 -31.90 13.46 28.84
N LEU J 115 -30.63 13.16 29.11
CA LEU J 115 -29.93 13.76 30.24
C LEU J 115 -29.49 15.20 29.81
N PRO J 116 -29.22 16.07 30.77
CA PRO J 116 -29.11 17.51 30.48
C PRO J 116 -28.06 17.95 29.45
N ASN J 117 -26.93 17.26 29.38
CA ASN J 117 -25.83 17.61 28.47
C ASN J 117 -25.76 16.70 27.24
N ALA J 118 -26.76 15.83 27.07
CA ALA J 118 -26.84 14.97 25.90
C ALA J 118 -27.09 15.83 24.66
N GLU J 119 -26.52 15.41 23.54
CA GLU J 119 -26.63 16.12 22.28
C GLU J 119 -27.57 15.38 21.34
N VAL J 120 -28.50 16.11 20.71
CA VAL J 120 -29.40 15.53 19.72
C VAL J 120 -29.18 16.23 18.39
N MET J 121 -28.97 15.46 17.32
CA MET J 121 -28.78 16.03 16.00
C MET J 121 -29.74 15.42 14.99
N ILE J 122 -30.36 16.27 14.19
CA ILE J 122 -31.26 15.83 13.12
C ILE J 122 -30.74 16.38 11.79
N HIS J 123 -30.84 15.56 10.75
CA HIS J 123 -30.47 15.97 9.39
C HIS J 123 -31.12 15.06 8.36
N GLN J 124 -30.99 15.39 7.08
CA GLN J 124 -31.59 14.57 6.03
C GLN J 124 -30.76 13.32 5.77
N PRO J 125 -31.39 12.26 5.20
CA PRO J 125 -30.63 11.04 4.93
C PRO J 125 -29.49 11.24 3.93
N LEU J 126 -28.45 10.42 4.07
CA LEU J 126 -27.27 10.44 3.22
C LEU J 126 -27.25 9.19 2.36
N GLY J 127 -26.70 9.31 1.16
CA GLY J 127 -26.57 8.16 0.28
C GLY J 127 -25.66 8.40 -0.89
N GLY J 128 -25.74 7.49 -1.85
CA GLY J 128 -24.89 7.54 -3.04
C GLY J 128 -25.57 6.87 -4.20
N ALA J 129 -25.11 7.22 -5.39
CA ALA J 129 -25.60 6.61 -6.61
C ALA J 129 -24.52 6.79 -7.68
N GLN J 130 -24.23 5.73 -8.43
CA GLN J 130 -23.32 5.80 -9.59
C GLN J 130 -23.86 4.89 -10.71
N GLY J 131 -23.61 5.31 -11.94
CA GLY J 131 -23.99 4.56 -13.13
C GLY J 131 -24.75 5.40 -14.14
N GLN J 132 -25.69 4.76 -14.82
CA GLN J 132 -26.46 5.39 -15.89
C GLN J 132 -27.44 6.42 -15.34
N ALA J 133 -27.83 7.38 -16.17
CA ALA J 133 -28.79 8.42 -15.79
C ALA J 133 -30.07 7.84 -15.16
N THR J 134 -30.63 6.79 -15.77
CA THR J 134 -31.85 6.15 -15.24
C THR J 134 -31.62 5.45 -13.89
N GLU J 135 -30.42 4.90 -13.69
CA GLU J 135 -30.04 4.33 -12.39
C GLU J 135 -29.93 5.41 -11.30
N ILE J 136 -29.35 6.55 -11.67
CA ILE J 136 -29.22 7.70 -10.75
C ILE J 136 -30.62 8.22 -10.38
N GLU J 137 -31.51 8.28 -11.37
CA GLU J 137 -32.90 8.67 -11.16
C GLU J 137 -33.62 7.75 -10.16
N ILE J 138 -33.47 6.44 -10.34
CA ILE J 138 -34.06 5.45 -9.43
C ILE J 138 -33.53 5.64 -8.00
N ALA J 139 -32.22 5.78 -7.87
CA ALA J 139 -31.59 6.01 -6.56
C ALA J 139 -32.05 7.32 -5.92
N ALA J 140 -32.17 8.38 -6.72
CA ALA J 140 -32.66 9.67 -6.23
C ALA J 140 -34.11 9.59 -5.75
N ASN J 141 -34.98 9.01 -6.57
CA ASN J 141 -36.38 8.79 -6.20
C ASN J 141 -36.50 7.96 -4.91
N HIS J 142 -35.66 6.93 -4.78
CA HIS J 142 -35.66 6.08 -3.58
C HIS J 142 -35.30 6.85 -2.29
N ILE J 143 -34.19 7.61 -2.33
CA ILE J 143 -33.76 8.34 -1.13
C ILE J 143 -34.73 9.48 -0.78
N LEU J 144 -35.32 10.11 -1.81
CA LEU J 144 -36.34 11.14 -1.60
C LEU J 144 -37.61 10.56 -0.95
N LYS J 145 -38.07 9.41 -1.42
CA LYS J 145 -39.21 8.71 -0.80
C LYS J 145 -38.90 8.29 0.65
N THR J 146 -37.68 7.81 0.87
CA THR J 146 -37.22 7.46 2.23
C THR J 146 -37.26 8.69 3.15
N ARG J 147 -36.80 9.83 2.64
CA ARG J 147 -36.84 11.08 3.43
C ARG J 147 -38.27 11.47 3.80
N GLU J 148 -39.19 11.37 2.83
CA GLU J 148 -40.61 11.67 3.06
C GLU J 148 -41.21 10.77 4.14
N LYS J 149 -40.86 9.48 4.09
CA LYS J 149 -41.27 8.48 5.10
C LYS J 149 -40.78 8.86 6.50
N LEU J 150 -39.48 9.16 6.58
CA LEU J 150 -38.88 9.62 7.84
C LEU J 150 -39.55 10.90 8.36
N ASN J 151 -39.71 11.89 7.49
CA ASN J 151 -40.30 13.17 7.89
C ASN J 151 -41.74 13.03 8.38
N ARG J 152 -42.52 12.22 7.67
CA ARG J 152 -43.93 11.97 8.04
C ARG J 152 -44.04 11.40 9.45
N ILE J 153 -43.23 10.38 9.73
CA ILE J 153 -43.21 9.73 11.06
C ILE J 153 -42.70 10.70 12.13
N LEU J 154 -41.62 11.42 11.83
CA LEU J 154 -41.10 12.44 12.76
C LEU J 154 -42.14 13.53 13.07
N SER J 155 -42.90 13.86 12.08
CA SER J 155 -43.95 14.80 12.28
C SER J 155 -44.96 14.21 13.30
N GLU J 156 -45.37 12.97 13.07
CA GLU J 156 -46.33 12.29 13.93
C GLU J 156 -45.82 12.18 15.36
N ARG J 157 -44.53 11.87 15.51
CA ARG J 157 -43.94 11.74 16.82
C ARG J 157 -43.63 13.04 17.55
N THR J 158 -43.35 14.14 16.85
CA THR J 158 -42.98 15.42 17.46
C THR J 158 -44.13 16.43 17.57
N GLY J 159 -45.14 16.31 16.72
CA GLY J 159 -46.17 17.34 16.59
C GLY J 159 -45.76 18.52 15.70
N GLN J 160 -44.55 18.47 15.13
CA GLN J 160 -44.12 19.49 14.17
C GLN J 160 -44.64 19.15 12.76
N SER J 161 -44.84 20.16 11.94
CA SER J 161 -45.31 19.95 10.58
C SER J 161 -44.23 19.28 9.74
N ILE J 162 -44.64 18.55 8.70
CA ILE J 162 -43.71 18.00 7.72
C ILE J 162 -42.85 19.10 7.07
N GLU J 163 -43.48 20.23 6.77
CA GLU J 163 -42.81 21.42 6.19
C GLU J 163 -41.66 21.90 7.09
N LYS J 164 -41.93 22.01 8.38
CA LYS J 164 -40.93 22.44 9.36
C LYS J 164 -39.80 21.42 9.49
N ILE J 165 -40.15 20.14 9.54
CA ILE J 165 -39.14 19.06 9.58
C ILE J 165 -38.22 19.12 8.39
N GLN J 166 -38.80 19.24 7.20
CA GLN J 166 -38.03 19.36 5.97
C GLN J 166 -37.00 20.49 6.07
N LYS J 167 -37.47 21.67 6.46
CA LYS J 167 -36.60 22.85 6.59
C LYS J 167 -35.52 22.66 7.66
N ASP J 168 -35.91 22.13 8.81
CA ASP J 168 -34.99 21.96 9.94
C ASP J 168 -33.97 20.82 9.77
N THR J 169 -34.19 19.92 8.82
CA THR J 169 -33.27 18.81 8.56
C THR J 169 -32.47 18.99 7.27
N ASP J 170 -32.61 20.14 6.61
CA ASP J 170 -31.93 20.41 5.35
C ASP J 170 -30.40 20.33 5.51
N ARG J 171 -29.93 20.87 6.63
CA ARG J 171 -28.52 20.75 7.05
C ARG J 171 -28.47 20.17 8.47
N ASP J 172 -27.25 19.90 8.94
CA ASP J 172 -27.03 19.40 10.29
C ASP J 172 -27.59 20.37 11.30
N ASN J 173 -28.48 19.88 12.17
CA ASN J 173 -29.15 20.71 13.15
C ASN J 173 -28.90 20.11 14.53
N PHE J 174 -28.02 20.74 15.30
CA PHE J 174 -27.67 20.28 16.64
C PHE J 174 -28.58 20.92 17.68
N LEU J 175 -29.15 20.09 18.55
CA LEU J 175 -30.03 20.54 19.60
C LEU J 175 -29.49 20.12 20.96
N THR J 176 -29.68 20.99 21.95
CA THR J 176 -29.48 20.63 23.35
C THR J 176 -30.66 19.75 23.78
N ALA J 177 -30.52 19.11 24.94
CA ALA J 177 -31.61 18.28 25.49
C ALA J 177 -32.88 19.11 25.66
N GLU J 178 -32.75 20.32 26.21
CA GLU J 178 -33.89 21.21 26.40
C GLU J 178 -34.54 21.60 25.06
N GLU J 179 -33.72 21.90 24.06
CA GLU J 179 -34.21 22.21 22.72
C GLU J 179 -34.93 21.01 22.08
N ALA J 180 -34.40 19.81 22.31
CA ALA J 180 -35.04 18.58 21.83
C ALA J 180 -36.43 18.37 22.47
N LYS J 181 -36.54 18.69 23.75
CA LYS J 181 -37.85 18.69 24.44
C LYS J 181 -38.79 19.71 23.82
N GLU J 182 -38.32 20.93 23.63
CA GLU J 182 -39.16 21.94 22.98
C GLU J 182 -39.61 21.54 21.59
N TYR J 183 -38.72 20.87 20.86
CA TYR J 183 -39.01 20.40 19.50
C TYR J 183 -40.04 19.26 19.45
N GLY J 184 -40.15 18.51 20.56
CA GLY J 184 -41.03 17.35 20.63
C GLY J 184 -40.34 16.02 20.33
N LEU J 185 -39.01 16.03 20.23
CA LEU J 185 -38.23 14.80 20.04
C LEU J 185 -38.17 13.97 21.32
N ILE J 186 -38.20 14.64 22.46
CA ILE J 186 -38.32 14.00 23.77
C ILE J 186 -39.42 14.70 24.57
N ASP J 187 -39.80 14.07 25.68
CA ASP J 187 -40.82 14.57 26.54
C ASP J 187 -40.25 15.34 27.71
N GLU J 188 -39.15 14.86 28.24
CA GLU J 188 -38.54 15.49 29.38
C GLU J 188 -37.01 15.39 29.48
N VAL J 189 -36.43 16.39 30.07
CA VAL J 189 -35.01 16.37 30.38
C VAL J 189 -34.93 15.75 31.76
N MET J 190 -34.24 14.61 31.87
CA MET J 190 -34.14 13.92 33.14
C MET J 190 -33.12 14.63 34.02
N VAL J 191 -33.61 15.24 35.09
CA VAL J 191 -32.75 16.03 36.00
C VAL J 191 -32.21 15.16 37.14
N PRO J 192 -31.08 15.58 37.75
CA PRO J 192 -30.50 14.79 38.85
C PRO J 192 -31.52 14.55 39.99
N ILE K 4 -23.03 -9.88 21.60
CA ILE K 4 -24.35 -10.56 21.60
C ILE K 4 -24.74 -10.89 23.06
N PRO K 5 -25.85 -10.32 23.56
CA PRO K 5 -26.20 -10.56 24.96
C PRO K 5 -26.65 -11.99 25.28
N THR K 6 -26.50 -12.36 26.54
CA THR K 6 -26.88 -13.67 27.06
C THR K 6 -28.15 -13.54 27.91
N VAL K 7 -29.04 -14.51 27.78
CA VAL K 7 -30.22 -14.63 28.63
C VAL K 7 -30.20 -15.93 29.43
N ILE K 8 -30.56 -15.83 30.70
CA ILE K 8 -30.58 -16.98 31.61
C ILE K 8 -32.00 -17.20 32.13
N ARG K 16 -30.45 -22.50 32.54
CA ARG K 16 -29.86 -22.60 31.21
C ARG K 16 -29.54 -21.21 30.65
N ALA K 17 -28.32 -21.06 30.12
CA ALA K 17 -27.84 -19.80 29.56
C ALA K 17 -27.82 -19.88 28.03
N TYR K 18 -28.41 -18.87 27.38
CA TYR K 18 -28.51 -18.80 25.92
C TYR K 18 -28.00 -17.45 25.44
N ASP K 19 -27.22 -17.42 24.37
CA ASP K 19 -27.08 -16.19 23.59
C ASP K 19 -28.47 -15.90 22.99
N ILE K 20 -28.76 -14.62 22.75
CA ILE K 20 -30.12 -14.21 22.37
C ILE K 20 -30.65 -14.94 21.12
N TYR K 21 -29.79 -15.17 20.13
CA TYR K 21 -30.21 -15.84 18.88
C TYR K 21 -30.55 -17.32 19.11
N SER K 22 -29.72 -18.00 19.89
CA SER K 22 -29.99 -19.38 20.31
C SER K 22 -31.28 -19.47 21.14
N ARG K 23 -31.56 -18.47 21.96
CA ARG K 23 -32.84 -18.41 22.68
C ARG K 23 -34.03 -18.34 21.71
N LEU K 24 -33.92 -17.49 20.69
CA LEU K 24 -34.98 -17.40 19.67
C LEU K 24 -35.15 -18.73 18.92
N LEU K 25 -34.04 -19.41 18.63
CA LEU K 25 -34.09 -20.72 17.96
C LEU K 25 -34.86 -21.77 18.78
N LYS K 26 -34.75 -21.70 20.11
CA LYS K 26 -35.53 -22.58 21.01
C LYS K 26 -37.04 -22.46 20.76
N ASP K 27 -37.50 -21.27 20.38
CA ASP K 27 -38.90 -21.06 19.98
C ASP K 27 -39.13 -21.06 18.46
N ARG K 28 -38.28 -21.79 17.73
CA ARG K 28 -38.44 -22.06 16.30
C ARG K 28 -38.32 -20.81 15.41
N ILE K 29 -37.54 -19.84 15.87
CA ILE K 29 -37.29 -18.59 15.13
C ILE K 29 -35.86 -18.66 14.59
N ILE K 30 -35.74 -18.52 13.26
CA ILE K 30 -34.44 -18.49 12.58
C ILE K 30 -34.23 -17.07 12.06
N MET K 31 -33.02 -16.55 12.26
CA MET K 31 -32.67 -15.18 11.85
C MET K 31 -31.84 -15.19 10.58
N LEU K 32 -32.43 -14.69 9.49
CA LEU K 32 -31.67 -14.36 8.29
C LEU K 32 -31.44 -12.85 8.33
N GLY K 33 -30.35 -12.45 8.97
CA GLY K 33 -30.08 -11.05 9.30
C GLY K 33 -28.82 -10.47 8.68
N SER K 34 -28.33 -11.08 7.61
CA SER K 34 -27.11 -10.63 6.96
C SER K 34 -27.14 -10.92 5.47
N GLN K 35 -26.08 -10.49 4.79
CA GLN K 35 -25.84 -10.87 3.41
C GLN K 35 -25.80 -12.41 3.31
N ILE K 36 -26.42 -12.94 2.26
CA ILE K 36 -26.52 -14.38 2.06
C ILE K 36 -25.25 -14.89 1.38
N ASP K 37 -24.46 -15.66 2.11
CA ASP K 37 -23.34 -16.42 1.56
C ASP K 37 -23.50 -17.89 1.94
N ASP K 38 -22.55 -18.73 1.56
CA ASP K 38 -22.67 -20.16 1.85
C ASP K 38 -22.69 -20.48 3.34
N ASN K 39 -21.91 -19.77 4.15
CA ASN K 39 -21.91 -19.94 5.61
C ASN K 39 -23.29 -19.68 6.21
N VAL K 40 -23.91 -18.58 5.81
CA VAL K 40 -25.25 -18.22 6.26
C VAL K 40 -26.24 -19.29 5.83
N ALA K 41 -26.18 -19.70 4.56
CA ALA K 41 -27.06 -20.76 4.05
C ALA K 41 -26.89 -22.07 4.80
N ASN K 42 -25.64 -22.50 5.02
CA ASN K 42 -25.39 -23.77 5.74
C ASN K 42 -25.99 -23.75 7.14
N SER K 43 -25.83 -22.62 7.83
CA SER K 43 -26.38 -22.44 9.16
C SER K 43 -27.91 -22.52 9.16
N ILE K 44 -28.55 -21.78 8.27
CA ILE K 44 -30.01 -21.76 8.18
C ILE K 44 -30.57 -23.13 7.77
N VAL K 45 -29.94 -23.78 6.80
CA VAL K 45 -30.31 -25.15 6.39
C VAL K 45 -30.26 -26.11 7.60
N SER K 46 -29.17 -26.03 8.37
CA SER K 46 -29.00 -26.87 9.56
C SER K 46 -30.07 -26.61 10.61
N GLN K 47 -30.38 -25.34 10.83
CA GLN K 47 -31.44 -24.95 11.77
C GLN K 47 -32.81 -25.46 11.32
N LEU K 48 -33.11 -25.35 10.04
CA LEU K 48 -34.36 -25.88 9.48
C LEU K 48 -34.49 -27.39 9.68
N LEU K 49 -33.42 -28.12 9.37
CA LEU K 49 -33.40 -29.58 9.53
C LEU K 49 -33.57 -29.99 10.99
N PHE K 50 -32.89 -29.28 11.88
CA PHE K 50 -33.01 -29.49 13.33
C PHE K 50 -34.44 -29.25 13.83
N LEU K 51 -35.03 -28.12 13.45
CA LEU K 51 -36.38 -27.76 13.88
C LEU K 51 -37.43 -28.76 13.38
N GLN K 52 -37.30 -29.24 12.14
CA GLN K 52 -38.18 -30.31 11.62
C GLN K 52 -38.09 -31.57 12.49
N ALA K 53 -36.86 -31.97 12.82
CA ALA K 53 -36.62 -33.17 13.63
C ALA K 53 -37.21 -33.03 15.03
N GLN K 54 -37.10 -31.84 15.58
CA GLN K 54 -37.70 -31.51 16.87
C GLN K 54 -39.23 -31.59 16.87
N ASP K 55 -39.84 -31.04 15.84
CA ASP K 55 -41.29 -31.07 15.67
C ASP K 55 -41.63 -30.87 14.19
N SER K 56 -42.16 -31.91 13.56
CA SER K 56 -42.49 -31.86 12.13
C SER K 56 -43.76 -31.08 11.79
N GLU K 57 -44.55 -30.71 12.81
CA GLU K 57 -45.85 -30.08 12.60
C GLU K 57 -45.91 -28.59 12.96
N LYS K 58 -45.17 -28.16 13.97
CA LYS K 58 -45.21 -26.76 14.41
C LYS K 58 -44.54 -25.81 13.42
N ASP K 59 -45.12 -24.64 13.25
CA ASP K 59 -44.57 -23.61 12.37
C ASP K 59 -43.15 -23.21 12.75
N ILE K 60 -42.38 -22.83 11.74
CA ILE K 60 -41.07 -22.22 11.90
C ILE K 60 -41.23 -20.75 11.46
N TYR K 61 -40.45 -19.86 12.06
CA TYR K 61 -40.50 -18.42 11.76
C TYR K 61 -39.15 -17.96 11.23
N LEU K 62 -39.11 -17.57 9.96
CA LEU K 62 -37.88 -17.05 9.34
C LEU K 62 -37.94 -15.53 9.28
N TYR K 63 -37.16 -14.90 10.15
CA TYR K 63 -36.95 -13.45 10.16
C TYR K 63 -36.02 -13.09 9.01
N ILE K 64 -36.39 -12.08 8.23
CA ILE K 64 -35.57 -11.64 7.09
C ILE K 64 -35.28 -10.13 7.20
N ASN K 65 -34.00 -9.83 7.47
CA ASN K 65 -33.44 -8.49 7.33
C ASN K 65 -32.13 -8.65 6.57
N SER K 66 -32.21 -8.63 5.24
CA SER K 66 -31.08 -9.05 4.40
C SER K 66 -31.07 -8.31 3.05
N PRO K 67 -29.87 -7.87 2.60
CA PRO K 67 -29.74 -7.28 1.27
C PRO K 67 -29.61 -8.33 0.15
N GLY K 68 -29.76 -9.61 0.48
CA GLY K 68 -29.59 -10.69 -0.48
C GLY K 68 -28.16 -11.16 -0.52
N GLY K 69 -27.74 -11.67 -1.68
CA GLY K 69 -26.39 -12.22 -1.84
C GLY K 69 -26.37 -13.37 -2.84
N SER K 70 -25.64 -14.43 -2.50
CA SER K 70 -25.44 -15.56 -3.41
C SER K 70 -26.75 -16.26 -3.78
N VAL K 71 -26.96 -16.43 -5.08
CA VAL K 71 -28.17 -17.06 -5.61
C VAL K 71 -28.19 -18.55 -5.23
N THR K 72 -27.06 -19.24 -5.39
CA THR K 72 -27.00 -20.67 -5.04
C THR K 72 -27.17 -20.89 -3.54
N ALA K 73 -26.57 -20.03 -2.72
CA ALA K 73 -26.77 -20.06 -1.28
C ALA K 73 -28.24 -19.82 -0.92
N GLY K 74 -28.86 -18.85 -1.61
CA GLY K 74 -30.28 -18.60 -1.47
C GLY K 74 -31.13 -19.83 -1.81
N PHE K 75 -30.77 -20.51 -2.89
CA PHE K 75 -31.48 -21.73 -3.29
C PHE K 75 -31.27 -22.92 -2.35
N ALA K 76 -30.15 -22.96 -1.63
CA ALA K 76 -29.95 -23.93 -0.55
C ALA K 76 -31.03 -23.77 0.52
N ILE K 77 -31.26 -22.51 0.91
CA ILE K 77 -32.30 -22.19 1.88
C ILE K 77 -33.68 -22.48 1.30
N TYR K 78 -33.92 -21.99 0.09
CA TYR K 78 -35.21 -22.18 -0.59
C TYR K 78 -35.63 -23.65 -0.64
N ASP K 79 -34.74 -24.50 -1.17
CA ASP K 79 -35.05 -25.92 -1.32
C ASP K 79 -35.26 -26.64 0.01
N THR K 80 -34.50 -26.24 1.03
CA THR K 80 -34.67 -26.83 2.36
C THR K 80 -36.03 -26.42 2.96
N ILE K 81 -36.42 -25.15 2.80
CA ILE K 81 -37.76 -24.70 3.20
C ILE K 81 -38.84 -25.57 2.57
N GLN K 82 -38.76 -25.75 1.25
CA GLN K 82 -39.79 -26.50 0.52
C GLN K 82 -39.76 -28.00 0.84
N HIS K 83 -38.57 -28.53 1.14
CA HIS K 83 -38.44 -29.94 1.45
C HIS K 83 -39.09 -30.36 2.78
N ILE K 84 -38.88 -29.55 3.82
CA ILE K 84 -39.33 -29.92 5.16
C ILE K 84 -40.85 -29.85 5.33
N LYS K 85 -41.35 -30.60 6.32
CA LYS K 85 -42.79 -30.66 6.60
C LYS K 85 -43.41 -29.40 7.16
N PRO K 86 -42.81 -28.83 8.23
CA PRO K 86 -43.42 -27.63 8.83
C PRO K 86 -43.55 -26.46 7.89
N ASP K 87 -44.61 -25.67 8.05
CA ASP K 87 -44.71 -24.38 7.39
C ASP K 87 -43.59 -23.47 7.90
N VAL K 88 -42.94 -22.77 6.99
CA VAL K 88 -41.96 -21.74 7.35
C VAL K 88 -42.59 -20.39 7.04
N GLN K 89 -42.96 -19.67 8.11
CA GLN K 89 -43.42 -18.30 7.95
C GLN K 89 -42.22 -17.44 7.62
N THR K 90 -42.43 -16.40 6.83
CA THR K 90 -41.39 -15.40 6.56
C THR K 90 -41.87 -14.04 7.02
N ILE K 91 -40.98 -13.30 7.68
CA ILE K 91 -41.31 -11.99 8.21
C ILE K 91 -40.21 -10.99 7.86
N CYS K 92 -40.52 -10.03 6.99
CA CYS K 92 -39.56 -9.01 6.61
C CYS K 92 -39.59 -7.85 7.60
N ILE K 93 -38.44 -7.60 8.23
CA ILE K 93 -38.25 -6.51 9.18
C ILE K 93 -36.99 -5.77 8.76
N GLY K 94 -37.11 -4.47 8.57
CA GLY K 94 -36.01 -3.66 8.05
C GLY K 94 -35.98 -3.67 6.53
N MET K 95 -35.33 -4.67 5.95
CA MET K 95 -35.22 -4.79 4.50
C MET K 95 -35.17 -6.25 4.04
N ALA K 96 -35.76 -6.51 2.88
CA ALA K 96 -35.48 -7.72 2.11
C ALA K 96 -35.19 -7.26 0.70
N ALA K 97 -33.98 -7.51 0.22
CA ALA K 97 -33.62 -7.13 -1.14
C ALA K 97 -33.08 -8.33 -1.87
N SER K 98 -33.33 -8.36 -3.19
CA SER K 98 -32.67 -9.35 -4.03
CA SER K 98 -32.70 -9.31 -4.07
C SER K 98 -33.07 -10.77 -3.66
N MET K 99 -32.10 -11.67 -3.50
CA MET K 99 -32.35 -13.02 -3.02
C MET K 99 -33.07 -13.05 -1.64
N GLY K 100 -32.92 -11.98 -0.86
CA GLY K 100 -33.68 -11.80 0.37
C GLY K 100 -35.19 -11.70 0.15
N SER K 101 -35.61 -10.92 -0.84
CA SER K 101 -37.03 -10.82 -1.19
C SER K 101 -37.54 -12.10 -1.86
N PHE K 102 -36.66 -12.79 -2.58
CA PHE K 102 -37.00 -14.09 -3.15
C PHE K 102 -37.38 -15.06 -2.04
N LEU K 103 -36.56 -15.13 -0.99
CA LEU K 103 -36.84 -15.99 0.15
C LEU K 103 -38.07 -15.54 0.96
N LEU K 104 -38.29 -14.23 1.05
CA LEU K 104 -39.51 -13.71 1.66
C LEU K 104 -40.76 -14.26 0.96
N ALA K 105 -40.74 -14.20 -0.37
CA ALA K 105 -41.82 -14.74 -1.20
C ALA K 105 -41.97 -16.26 -1.15
N ALA K 106 -40.92 -16.95 -0.68
CA ALA K 106 -40.88 -18.41 -0.59
C ALA K 106 -41.50 -19.01 0.67
N GLY K 107 -41.92 -18.17 1.61
CA GLY K 107 -42.56 -18.64 2.84
C GLY K 107 -43.89 -19.33 2.60
N ALA K 108 -44.40 -20.02 3.60
CA ALA K 108 -45.67 -20.76 3.49
C ALA K 108 -46.79 -19.83 3.04
N LYS K 109 -47.61 -20.31 2.10
CA LYS K 109 -48.68 -19.49 1.53
C LYS K 109 -49.65 -19.08 2.64
N GLY K 110 -49.95 -17.79 2.69
CA GLY K 110 -50.73 -17.18 3.75
C GLY K 110 -49.94 -16.74 4.99
N LYS K 111 -48.65 -17.09 5.05
CA LYS K 111 -47.83 -16.82 6.23
C LYS K 111 -46.54 -16.05 5.87
N ARG K 112 -46.63 -15.20 4.86
CA ARG K 112 -45.55 -14.31 4.47
C ARG K 112 -45.93 -12.90 4.88
N PHE K 113 -45.11 -12.28 5.72
CA PHE K 113 -45.42 -10.98 6.32
C PHE K 113 -44.30 -9.97 6.14
N ALA K 114 -44.66 -8.71 6.29
CA ALA K 114 -43.70 -7.63 6.48
C ALA K 114 -44.27 -6.65 7.47
N LEU K 115 -43.41 -6.04 8.29
CA LEU K 115 -43.81 -4.95 9.17
C LEU K 115 -44.00 -3.68 8.31
N PRO K 116 -44.78 -2.70 8.79
CA PRO K 116 -45.28 -1.61 7.92
C PRO K 116 -44.22 -0.75 7.21
N ASN K 117 -43.07 -0.55 7.84
CA ASN K 117 -42.01 0.31 7.29
C ASN K 117 -40.84 -0.49 6.72
N ALA K 118 -40.99 -1.81 6.64
CA ALA K 118 -40.01 -2.67 6.02
C ALA K 118 -39.93 -2.38 4.51
N GLU K 119 -38.73 -2.49 3.97
CA GLU K 119 -38.47 -2.19 2.56
C GLU K 119 -38.23 -3.49 1.82
N VAL K 120 -38.89 -3.65 0.67
CA VAL K 120 -38.69 -4.82 -0.18
C VAL K 120 -38.16 -4.34 -1.52
N MET K 121 -37.06 -4.94 -1.98
CA MET K 121 -36.49 -4.58 -3.29
C MET K 121 -36.31 -5.83 -4.15
N ILE K 122 -36.71 -5.72 -5.41
CA ILE K 122 -36.51 -6.78 -6.40
C ILE K 122 -35.70 -6.24 -7.57
N HIS K 123 -34.79 -7.06 -8.09
CA HIS K 123 -34.02 -6.71 -9.29
C HIS K 123 -33.44 -7.97 -9.93
N GLN K 124 -32.83 -7.82 -11.10
CA GLN K 124 -32.25 -8.98 -11.79
C GLN K 124 -30.92 -9.39 -11.15
N PRO K 125 -30.52 -10.66 -11.33
CA PRO K 125 -29.25 -11.10 -10.76
C PRO K 125 -28.03 -10.36 -11.30
N LEU K 126 -27.00 -10.26 -10.46
CA LEU K 126 -25.75 -9.59 -10.78
C LEU K 126 -24.64 -10.63 -10.88
N GLY K 127 -23.67 -10.36 -11.74
CA GLY K 127 -22.54 -11.27 -11.88
C GLY K 127 -21.38 -10.66 -12.64
N GLY K 128 -20.47 -11.53 -13.03
CA GLY K 128 -19.27 -11.12 -13.72
C GLY K 128 -18.76 -12.24 -14.59
N ALA K 129 -17.95 -11.86 -15.57
CA ALA K 129 -17.32 -12.83 -16.45
C ALA K 129 -16.10 -12.16 -17.07
N GLN K 130 -14.98 -12.90 -17.09
CA GLN K 130 -13.78 -12.46 -17.79
C GLN K 130 -13.10 -13.62 -18.47
N GLY K 131 -12.41 -13.32 -19.56
CA GLY K 131 -11.62 -14.30 -20.30
C GLY K 131 -11.98 -14.33 -21.76
N GLN K 132 -11.92 -15.53 -22.34
CA GLN K 132 -12.16 -15.74 -23.76
C GLN K 132 -13.63 -15.56 -24.10
N ALA K 133 -13.89 -15.22 -25.36
CA ALA K 133 -15.28 -15.05 -25.85
C ALA K 133 -16.20 -16.22 -25.49
N THR K 134 -15.73 -17.45 -25.68
CA THR K 134 -16.54 -18.64 -25.36
C THR K 134 -16.78 -18.79 -23.85
N GLU K 135 -15.82 -18.37 -23.02
CA GLU K 135 -16.00 -18.34 -21.56
C GLU K 135 -17.04 -17.30 -21.15
N ILE K 136 -17.01 -16.14 -21.79
CA ILE K 136 -18.00 -15.07 -21.55
C ILE K 136 -19.40 -15.55 -21.96
N GLU K 137 -19.48 -16.26 -23.08
CA GLU K 137 -20.73 -16.85 -23.56
C GLU K 137 -21.33 -17.84 -22.54
N ILE K 138 -20.49 -18.72 -22.02
CA ILE K 138 -20.90 -19.71 -21.01
C ILE K 138 -21.42 -19.01 -19.75
N ALA K 139 -20.68 -18.01 -19.28
CA ALA K 139 -21.09 -17.21 -18.12
C ALA K 139 -22.41 -16.47 -18.36
N ALA K 140 -22.56 -15.89 -19.55
CA ALA K 140 -23.79 -15.18 -19.92
C ALA K 140 -25.00 -16.12 -19.98
N ASN K 141 -24.85 -17.25 -20.65
CA ASN K 141 -25.90 -18.26 -20.72
CA ASN K 141 -25.91 -18.27 -20.69
C ASN K 141 -26.30 -18.74 -19.32
N HIS K 142 -25.30 -18.93 -18.45
CA HIS K 142 -25.54 -19.38 -17.07
C HIS K 142 -26.36 -18.37 -16.27
N ILE K 143 -25.97 -17.10 -16.27
CA ILE K 143 -26.71 -16.08 -15.50
C ILE K 143 -28.11 -15.84 -16.08
N LEU K 144 -28.25 -15.91 -17.40
CA LEU K 144 -29.56 -15.79 -18.05
C LEU K 144 -30.50 -16.94 -17.66
N LYS K 145 -29.98 -18.18 -17.67
CA LYS K 145 -30.77 -19.34 -17.22
C LYS K 145 -31.15 -19.23 -15.74
N THR K 146 -30.21 -18.75 -14.91
CA THR K 146 -30.47 -18.49 -13.50
C THR K 146 -31.59 -17.46 -13.32
N ARG K 147 -31.57 -16.40 -14.12
CA ARG K 147 -32.64 -15.40 -14.05
C ARG K 147 -34.01 -16.00 -14.40
N GLU K 148 -34.05 -16.80 -15.46
CA GLU K 148 -35.29 -17.49 -15.87
C GLU K 148 -35.84 -18.39 -14.76
N LYS K 149 -34.95 -19.12 -14.10
CA LYS K 149 -35.27 -19.98 -12.95
C LYS K 149 -35.89 -19.16 -11.81
N LEU K 150 -35.23 -18.08 -11.45
CA LEU K 150 -35.73 -17.16 -10.43
C LEU K 150 -37.09 -16.57 -10.80
N ASN K 151 -37.22 -16.07 -12.02
CA ASN K 151 -38.47 -15.45 -12.49
C ASN K 151 -39.64 -16.42 -12.52
N ARG K 152 -39.39 -17.64 -12.99
CA ARG K 152 -40.41 -18.69 -13.02
C ARG K 152 -40.97 -18.98 -11.62
N ILE K 153 -40.07 -19.15 -10.65
CA ILE K 153 -40.47 -19.43 -9.28
C ILE K 153 -41.21 -18.23 -8.69
N LEU K 154 -40.68 -17.03 -8.91
CA LEU K 154 -41.34 -15.80 -8.42
C LEU K 154 -42.74 -15.63 -8.99
N SER K 155 -42.90 -15.96 -10.27
CA SER K 155 -44.22 -15.97 -10.91
C SER K 155 -45.18 -16.92 -10.19
N GLU K 156 -44.72 -18.15 -9.92
CA GLU K 156 -45.51 -19.15 -9.19
C GLU K 156 -45.89 -18.69 -7.78
N ARG K 157 -44.95 -18.04 -7.09
CA ARG K 157 -45.13 -17.61 -5.70
C ARG K 157 -45.98 -16.35 -5.56
N THR K 158 -45.93 -15.45 -6.56
CA THR K 158 -46.64 -14.17 -6.51
C THR K 158 -47.96 -14.14 -7.26
N GLY K 159 -48.12 -15.02 -8.25
CA GLY K 159 -49.25 -14.97 -9.16
C GLY K 159 -49.06 -13.98 -10.30
N GLN K 160 -47.91 -13.31 -10.37
CA GLN K 160 -47.60 -12.41 -11.48
C GLN K 160 -47.05 -13.21 -12.64
N SER K 161 -47.25 -12.70 -13.86
CA SER K 161 -46.70 -13.35 -15.06
C SER K 161 -45.18 -13.23 -15.10
N ILE K 162 -44.54 -14.19 -15.76
CA ILE K 162 -43.08 -14.15 -15.99
C ILE K 162 -42.69 -12.88 -16.74
N GLU K 163 -43.51 -12.49 -17.72
CA GLU K 163 -43.34 -11.25 -18.51
C GLU K 163 -43.31 -10.01 -17.62
N LYS K 164 -44.24 -9.91 -16.69
CA LYS K 164 -44.31 -8.80 -15.74
C LYS K 164 -43.11 -8.81 -14.78
N ILE K 165 -42.75 -9.98 -14.26
CA ILE K 165 -41.59 -10.14 -13.37
C ILE K 165 -40.30 -9.65 -14.08
N GLN K 166 -40.10 -10.10 -15.32
CA GLN K 166 -38.95 -9.68 -16.13
C GLN K 166 -38.87 -8.16 -16.23
N LYS K 167 -39.98 -7.53 -16.59
CA LYS K 167 -40.05 -6.09 -16.75
C LYS K 167 -39.80 -5.35 -15.43
N ASP K 168 -40.44 -5.83 -14.36
CA ASP K 168 -40.34 -5.19 -13.04
C ASP K 168 -39.01 -5.40 -12.31
N THR K 169 -38.20 -6.35 -12.78
CA THR K 169 -36.87 -6.60 -12.18
C THR K 169 -35.72 -6.13 -13.08
N ASP K 170 -36.03 -5.47 -14.18
CA ASP K 170 -35.01 -4.99 -15.13
C ASP K 170 -34.02 -4.03 -14.45
N ARG K 171 -34.58 -3.16 -13.60
CA ARG K 171 -33.81 -2.25 -12.76
C ARG K 171 -34.24 -2.42 -11.31
N ASP K 172 -33.53 -1.76 -10.39
CA ASP K 172 -33.88 -1.78 -8.97
C ASP K 172 -35.31 -1.28 -8.77
N ASN K 173 -36.12 -2.10 -8.11
CA ASN K 173 -37.53 -1.79 -7.90
C ASN K 173 -37.82 -1.87 -6.41
N PHE K 174 -37.96 -0.71 -5.76
CA PHE K 174 -38.21 -0.61 -4.33
C PHE K 174 -39.70 -0.60 -4.06
N LEU K 175 -40.14 -1.46 -3.14
CA LEU K 175 -41.54 -1.56 -2.76
C LEU K 175 -41.71 -1.33 -1.27
N THR K 176 -42.80 -0.66 -0.92
CA THR K 176 -43.25 -0.59 0.48
C THR K 176 -43.84 -1.95 0.85
N ALA K 177 -44.05 -2.17 2.15
CA ALA K 177 -44.68 -3.40 2.62
C ALA K 177 -46.05 -3.61 1.97
N GLU K 178 -46.85 -2.55 1.92
CA GLU K 178 -48.17 -2.61 1.29
C GLU K 178 -48.09 -2.93 -0.21
N GLU K 179 -47.14 -2.31 -0.90
CA GLU K 179 -46.90 -2.62 -2.32
C GLU K 179 -46.45 -4.07 -2.54
N ALA K 180 -45.61 -4.57 -1.63
CA ALA K 180 -45.17 -5.98 -1.68
C ALA K 180 -46.34 -6.94 -1.52
N LYS K 181 -47.29 -6.59 -0.65
CA LYS K 181 -48.54 -7.36 -0.50
C LYS K 181 -49.36 -7.32 -1.79
N GLU K 182 -49.54 -6.12 -2.34
CA GLU K 182 -50.24 -5.94 -3.62
C GLU K 182 -49.60 -6.75 -4.76
N TYR K 183 -48.28 -6.81 -4.76
CA TYR K 183 -47.52 -7.57 -5.75
C TYR K 183 -47.64 -9.09 -5.60
N GLY K 184 -47.92 -9.57 -4.40
CA GLY K 184 -47.97 -11.00 -4.10
C GLY K 184 -46.67 -11.57 -3.51
N LEU K 185 -45.72 -10.70 -3.17
CA LEU K 185 -44.48 -11.13 -2.50
C LEU K 185 -44.72 -11.52 -1.05
N ILE K 186 -45.69 -10.87 -0.41
CA ILE K 186 -46.16 -11.22 0.92
C ILE K 186 -47.68 -11.33 0.91
N ASP K 187 -48.22 -11.90 1.98
CA ASP K 187 -49.67 -12.04 2.15
C ASP K 187 -50.29 -10.94 2.99
N GLU K 188 -49.56 -10.49 4.00
CA GLU K 188 -50.08 -9.49 4.88
C GLU K 188 -49.05 -8.52 5.46
N VAL K 189 -49.48 -7.30 5.70
CA VAL K 189 -48.67 -6.34 6.43
C VAL K 189 -49.05 -6.52 7.89
N MET K 190 -48.07 -6.90 8.71
CA MET K 190 -48.35 -7.19 10.12
C MET K 190 -48.48 -5.87 10.86
N VAL K 191 -49.69 -5.57 11.32
CA VAL K 191 -49.99 -4.29 11.99
C VAL K 191 -49.77 -4.42 13.52
N PRO K 192 -49.52 -3.30 14.21
CA PRO K 192 -49.25 -3.34 15.66
C PRO K 192 -50.34 -3.94 16.56
N GLU K 193 -49.93 -4.68 17.59
CA GLU K 193 -50.84 -5.28 18.58
C GLU K 193 -51.45 -4.21 19.52
N LEU L 3 -21.80 -16.20 13.67
CA LEU L 3 -22.50 -16.63 14.92
C LEU L 3 -23.29 -17.93 14.68
N ILE L 4 -22.72 -19.04 15.15
CA ILE L 4 -23.30 -20.39 15.02
C ILE L 4 -24.19 -20.66 16.25
N PRO L 5 -25.50 -20.91 16.04
CA PRO L 5 -26.38 -21.09 17.20
C PRO L 5 -26.15 -22.40 17.96
N THR L 6 -26.55 -22.38 19.23
CA THR L 6 -26.44 -23.52 20.13
C THR L 6 -27.83 -24.11 20.35
N VAL L 7 -27.88 -25.44 20.41
CA VAL L 7 -29.09 -26.18 20.79
C VAL L 7 -28.86 -27.01 22.06
N ILE L 8 -29.84 -26.97 22.96
CA ILE L 8 -29.78 -27.68 24.25
C ILE L 8 -30.93 -28.69 24.35
N GLU L 9 -30.62 -29.96 24.61
CA GLU L 9 -31.63 -31.03 24.72
C GLU L 9 -31.70 -31.64 26.13
C ARG L 16 -26.53 -30.16 25.81
N ALA L 17 -25.44 -29.42 25.63
CA ALA L 17 -25.41 -28.29 24.71
C ALA L 17 -24.55 -28.59 23.49
N TYR L 18 -25.09 -28.32 22.31
CA TYR L 18 -24.41 -28.54 21.03
C TYR L 18 -24.47 -27.28 20.18
N ASP L 19 -23.36 -26.92 19.53
CA ASP L 19 -23.45 -26.04 18.37
C ASP L 19 -24.21 -26.82 17.29
N ILE L 20 -24.90 -26.11 16.40
CA ILE L 20 -25.82 -26.76 15.45
C ILE L 20 -25.14 -27.83 14.58
N TYR L 21 -23.90 -27.59 14.16
CA TYR L 21 -23.19 -28.56 13.31
C TYR L 21 -22.82 -29.83 14.07
N SER L 22 -22.35 -29.67 15.30
CA SER L 22 -22.08 -30.80 16.18
C SER L 22 -23.36 -31.60 16.50
N ARG L 23 -24.49 -30.91 16.62
CA ARG L 23 -25.78 -31.59 16.78
C ARG L 23 -26.10 -32.46 15.56
N LEU L 24 -25.88 -31.94 14.35
CA LEU L 24 -26.07 -32.72 13.13
C LEU L 24 -25.14 -33.92 13.07
N LEU L 25 -23.89 -33.75 13.49
CA LEU L 25 -22.93 -34.84 13.54
C LEU L 25 -23.37 -35.99 14.45
N LYS L 26 -24.06 -35.67 15.55
CA LYS L 26 -24.65 -36.69 16.43
C LYS L 26 -25.59 -37.64 15.69
N ASP L 27 -26.30 -37.13 14.67
CA ASP L 27 -27.13 -37.95 13.78
C ASP L 27 -26.45 -38.32 12.45
N ARG L 28 -25.12 -38.41 12.47
CA ARG L 28 -24.32 -38.94 11.37
C ARG L 28 -24.37 -38.08 10.10
N ILE L 29 -24.57 -36.78 10.28
CA ILE L 29 -24.59 -35.81 9.18
C ILE L 29 -23.30 -35.00 9.22
N ILE L 30 -22.56 -35.01 8.12
CA ILE L 30 -21.33 -34.25 7.95
C ILE L 30 -21.59 -33.15 6.94
N MET L 31 -21.13 -31.94 7.26
CA MET L 31 -21.34 -30.77 6.42
C MET L 31 -20.07 -30.43 5.64
N LEU L 32 -20.12 -30.61 4.32
CA LEU L 32 -19.10 -30.05 3.43
C LEU L 32 -19.72 -28.79 2.85
N GLY L 33 -19.52 -27.67 3.55
CA GLY L 33 -20.20 -26.41 3.25
C GLY L 33 -19.28 -25.25 2.89
N SER L 34 -18.08 -25.55 2.42
CA SER L 34 -17.10 -24.51 2.11
C SER L 34 -16.17 -24.98 1.00
N GLN L 35 -15.28 -24.07 0.59
CA GLN L 35 -14.18 -24.41 -0.28
C GLN L 35 -13.36 -25.54 0.35
N ILE L 36 -12.94 -26.51 -0.47
CA ILE L 36 -12.19 -27.66 0.00
C ILE L 36 -10.70 -27.30 0.09
N ASP L 37 -10.19 -27.25 1.32
CA ASP L 37 -8.75 -27.15 1.57
C ASP L 37 -8.35 -28.29 2.52
N ASP L 38 -7.09 -28.35 2.91
CA ASP L 38 -6.63 -29.44 3.77
C ASP L 38 -7.32 -29.46 5.14
N ASN L 39 -7.58 -28.29 5.72
CA ASN L 39 -8.28 -28.20 7.01
C ASN L 39 -9.67 -28.82 6.94
N VAL L 40 -10.42 -28.46 5.89
CA VAL L 40 -11.75 -29.02 5.65
C VAL L 40 -11.67 -30.52 5.45
N ALA L 41 -10.73 -30.98 4.63
CA ALA L 41 -10.52 -32.41 4.41
C ALA L 41 -10.16 -33.17 5.70
N ASN L 42 -9.24 -32.63 6.48
CA ASN L 42 -8.84 -33.29 7.74
C ASN L 42 -10.03 -33.46 8.68
N SER L 43 -10.84 -32.41 8.78
CA SER L 43 -12.03 -32.44 9.63
C SER L 43 -13.03 -33.50 9.17
N ILE L 44 -13.33 -33.50 7.88
CA ILE L 44 -14.29 -34.46 7.31
C ILE L 44 -13.79 -35.90 7.43
N VAL L 45 -12.50 -36.12 7.14
CA VAL L 45 -11.86 -37.43 7.32
C VAL L 45 -12.01 -37.92 8.77
N SER L 46 -11.74 -37.04 9.73
CA SER L 46 -11.86 -37.36 11.15
C SER L 46 -13.30 -37.70 11.54
N GLN L 47 -14.25 -36.93 11.03
CA GLN L 47 -15.66 -37.19 11.27
C GLN L 47 -16.11 -38.53 10.70
N LEU L 48 -15.67 -38.85 9.49
CA LEU L 48 -15.95 -40.15 8.86
C LEU L 48 -15.41 -41.32 9.68
N LEU L 49 -14.15 -41.20 10.12
CA LEU L 49 -13.53 -42.24 10.93
C LEU L 49 -14.25 -42.43 12.26
N PHE L 50 -14.62 -41.31 12.90
CA PHE L 50 -15.37 -41.34 14.15
C PHE L 50 -16.74 -42.01 13.98
N LEU L 51 -17.47 -41.62 12.95
CA LEU L 51 -18.81 -42.18 12.70
C LEU L 51 -18.76 -43.69 12.41
N GLN L 52 -17.76 -44.14 11.64
CA GLN L 52 -17.55 -45.59 11.43
C GLN L 52 -17.35 -46.33 12.75
N ALA L 53 -16.49 -45.77 13.61
CA ALA L 53 -16.19 -46.37 14.92
C ALA L 53 -17.42 -46.44 15.81
N GLN L 54 -18.24 -45.40 15.75
CA GLN L 54 -19.51 -45.36 16.47
C GLN L 54 -20.50 -46.42 16.01
N ASP L 55 -20.62 -46.59 14.69
CA ASP L 55 -21.51 -47.58 14.10
C ASP L 55 -21.03 -47.87 12.68
N SER L 56 -20.55 -49.10 12.46
CA SER L 56 -20.00 -49.48 11.15
C SER L 56 -21.06 -49.81 10.10
N GLU L 57 -22.34 -49.88 10.51
CA GLU L 57 -23.42 -50.30 9.62
C GLU L 57 -24.39 -49.19 9.19
N LYS L 58 -24.64 -48.22 10.07
CA LYS L 58 -25.60 -47.15 9.78
C LYS L 58 -25.07 -46.15 8.75
N ASP L 59 -25.94 -45.69 7.86
CA ASP L 59 -25.58 -44.71 6.84
C ASP L 59 -25.03 -43.42 7.44
N ILE L 60 -24.13 -42.79 6.67
CA ILE L 60 -23.62 -41.46 6.96
C ILE L 60 -24.20 -40.56 5.86
N TYR L 61 -24.44 -39.29 6.20
CA TYR L 61 -25.01 -38.31 5.28
C TYR L 61 -24.03 -37.17 5.07
N LEU L 62 -23.50 -37.05 3.85
CA LEU L 62 -22.59 -35.95 3.50
C LEU L 62 -23.34 -34.88 2.73
N TYR L 63 -23.59 -33.77 3.41
CA TYR L 63 -24.17 -32.57 2.81
C TYR L 63 -23.08 -31.85 2.00
N ILE L 64 -23.39 -31.48 0.77
CA ILE L 64 -22.43 -30.78 -0.10
C ILE L 64 -23.02 -29.47 -0.61
N ASN L 65 -22.46 -28.37 -0.11
CA ASN L 65 -22.65 -27.03 -0.66
C ASN L 65 -21.26 -26.41 -0.80
N SER L 66 -20.60 -26.65 -1.92
CA SER L 66 -19.17 -26.35 -2.05
C SER L 66 -18.79 -25.99 -3.49
N PRO L 67 -17.95 -24.96 -3.67
CA PRO L 67 -17.40 -24.64 -4.98
C PRO L 67 -16.19 -25.50 -5.39
N GLY L 68 -15.85 -26.49 -4.57
CA GLY L 68 -14.69 -27.34 -4.81
C GLY L 68 -13.45 -26.75 -4.14
N GLY L 69 -12.29 -27.03 -4.72
CA GLY L 69 -11.01 -26.59 -4.16
C GLY L 69 -9.90 -27.57 -4.44
N SER L 70 -9.07 -27.83 -3.43
CA SER L 70 -7.88 -28.67 -3.61
C SER L 70 -8.23 -30.10 -4.02
N VAL L 71 -7.58 -30.56 -5.09
CA VAL L 71 -7.80 -31.91 -5.61
C VAL L 71 -7.29 -32.97 -4.62
N THR L 72 -6.09 -32.77 -4.07
CA THR L 72 -5.54 -33.73 -3.10
C THR L 72 -6.38 -33.77 -1.81
N ALA L 73 -6.84 -32.61 -1.34
CA ALA L 73 -7.75 -32.55 -0.19
C ALA L 73 -9.07 -33.28 -0.50
N GLY L 74 -9.58 -33.07 -1.70
CA GLY L 74 -10.75 -33.80 -2.18
C GLY L 74 -10.54 -35.31 -2.19
N PHE L 75 -9.37 -35.74 -2.64
CA PHE L 75 -9.04 -37.17 -2.62
C PHE L 75 -8.82 -37.77 -1.23
N ALA L 76 -8.42 -36.95 -0.26
CA ALA L 76 -8.41 -37.37 1.15
C ALA L 76 -9.82 -37.80 1.59
N ILE L 77 -10.80 -36.97 1.26
CA ILE L 77 -12.20 -37.24 1.59
C ILE L 77 -12.68 -38.46 0.79
N TYR L 78 -12.42 -38.44 -0.52
CA TYR L 78 -12.84 -39.53 -1.41
C TYR L 78 -12.37 -40.90 -0.91
N ASP L 79 -11.07 -41.03 -0.66
CA ASP L 79 -10.50 -42.31 -0.23
C ASP L 79 -11.02 -42.76 1.13
N THR L 80 -11.26 -41.82 2.04
CA THR L 80 -11.82 -42.16 3.34
C THR L 80 -13.26 -42.67 3.20
N ILE L 81 -14.06 -42.01 2.35
CA ILE L 81 -15.42 -42.47 2.03
C ILE L 81 -15.39 -43.93 1.55
N GLN L 82 -14.53 -44.22 0.58
CA GLN L 82 -14.47 -45.56 -0.01
C GLN L 82 -13.88 -46.59 0.96
N HIS L 83 -12.98 -46.16 1.85
CA HIS L 83 -12.36 -47.06 2.81
C HIS L 83 -13.32 -47.60 3.88
N ILE L 84 -14.14 -46.71 4.43
CA ILE L 84 -15.00 -47.06 5.57
C ILE L 84 -16.16 -47.99 5.18
N LYS L 85 -16.67 -48.71 6.16
CA LYS L 85 -17.78 -49.66 6.01
C LYS L 85 -19.13 -49.05 5.64
N PRO L 86 -19.59 -48.07 6.43
CA PRO L 86 -20.91 -47.49 6.18
C PRO L 86 -21.05 -46.85 4.80
N ASP L 87 -22.25 -46.93 4.23
CA ASP L 87 -22.59 -46.14 3.05
C ASP L 87 -22.56 -44.66 3.42
N VAL L 88 -21.96 -43.85 2.56
CA VAL L 88 -21.98 -42.40 2.70
C VAL L 88 -22.90 -41.85 1.63
N GLN L 89 -24.08 -41.40 2.04
CA GLN L 89 -25.00 -40.72 1.13
C GLN L 89 -24.43 -39.33 0.85
N THR L 90 -24.65 -38.83 -0.35
CA THR L 90 -24.27 -37.46 -0.70
C THR L 90 -25.50 -36.71 -1.11
N ILE L 91 -25.62 -35.47 -0.63
CA ILE L 91 -26.78 -34.63 -0.91
C ILE L 91 -26.32 -33.23 -1.30
N CYS L 92 -26.54 -32.87 -2.56
CA CYS L 92 -26.16 -31.53 -3.04
C CYS L 92 -27.29 -30.53 -2.78
N ILE L 93 -26.97 -29.51 -1.99
CA ILE L 93 -27.90 -28.44 -1.64
C ILE L 93 -27.17 -27.12 -1.92
N GLY L 94 -27.78 -26.26 -2.73
CA GLY L 94 -27.14 -25.02 -3.18
C GLY L 94 -26.28 -25.25 -4.40
N MET L 95 -25.03 -25.66 -4.19
CA MET L 95 -24.10 -25.90 -5.31
C MET L 95 -23.11 -27.01 -4.98
N ALA L 96 -22.75 -27.78 -6.01
CA ALA L 96 -21.54 -28.60 -5.98
C ALA L 96 -20.80 -28.29 -7.27
N ALA L 97 -19.59 -27.75 -7.14
CA ALA L 97 -18.78 -27.45 -8.30
C ALA L 97 -17.43 -28.10 -8.19
N SER L 98 -16.87 -28.49 -9.33
CA SER L 98 -15.49 -28.92 -9.42
C SER L 98 -15.26 -30.16 -8.53
N MET L 99 -14.24 -30.17 -7.67
CA MET L 99 -14.03 -31.26 -6.72
C MET L 99 -15.25 -31.53 -5.82
N GLY L 100 -16.11 -30.52 -5.61
CA GLY L 100 -17.38 -30.70 -4.92
C GLY L 100 -18.34 -31.65 -5.64
N SER L 101 -18.45 -31.50 -6.97
CA SER L 101 -19.28 -32.43 -7.77
CA SER L 101 -19.29 -32.44 -7.75
C SER L 101 -18.64 -33.80 -7.88
N PHE L 102 -17.31 -33.85 -7.86
CA PHE L 102 -16.59 -35.12 -7.85
C PHE L 102 -16.99 -35.91 -6.61
N LEU L 103 -16.97 -35.25 -5.45
CA LEU L 103 -17.38 -35.90 -4.20
C LEU L 103 -18.86 -36.25 -4.15
N LEU L 104 -19.71 -35.41 -4.74
CA LEU L 104 -21.12 -35.72 -4.90
C LEU L 104 -21.32 -37.07 -5.63
N ALA L 105 -20.61 -37.23 -6.74
CA ALA L 105 -20.62 -38.47 -7.53
C ALA L 105 -20.00 -39.68 -6.82
N ALA L 106 -19.22 -39.42 -5.76
CA ALA L 106 -18.52 -40.46 -5.00
C ALA L 106 -19.35 -41.10 -3.88
N GLY L 107 -20.56 -40.61 -3.64
CA GLY L 107 -21.43 -41.19 -2.62
C GLY L 107 -21.86 -42.62 -2.96
N ALA L 108 -22.42 -43.31 -1.96
CA ALA L 108 -22.86 -44.70 -2.14
C ALA L 108 -23.83 -44.82 -3.32
N LYS L 109 -23.63 -45.84 -4.15
CA LYS L 109 -24.44 -46.03 -5.34
C LYS L 109 -25.92 -46.22 -4.96
N GLY L 110 -26.78 -45.45 -5.61
CA GLY L 110 -28.21 -45.34 -5.25
C GLY L 110 -28.55 -44.31 -4.17
N LYS L 111 -27.55 -43.72 -3.54
CA LYS L 111 -27.77 -42.78 -2.42
C LYS L 111 -27.07 -41.43 -2.65
N ARG L 112 -26.99 -41.02 -3.91
CA ARG L 112 -26.47 -39.70 -4.29
C ARG L 112 -27.65 -38.86 -4.74
N PHE L 113 -27.86 -37.73 -4.06
CA PHE L 113 -29.03 -36.88 -4.28
C PHE L 113 -28.66 -35.42 -4.51
N ALA L 114 -29.60 -34.71 -5.11
CA ALA L 114 -29.57 -33.25 -5.15
C ALA L 114 -30.99 -32.76 -4.98
N LEU L 115 -31.13 -31.59 -4.34
CA LEU L 115 -32.43 -30.89 -4.22
C LEU L 115 -32.72 -30.24 -5.60
N PRO L 116 -33.99 -29.96 -5.90
CA PRO L 116 -34.37 -29.61 -7.28
C PRO L 116 -33.70 -28.39 -7.92
N ASN L 117 -33.37 -27.38 -7.12
CA ASN L 117 -32.75 -26.14 -7.61
C ASN L 117 -31.26 -26.05 -7.32
N ALA L 118 -30.68 -27.15 -6.82
CA ALA L 118 -29.23 -27.23 -6.61
C ALA L 118 -28.49 -27.21 -7.96
N GLU L 119 -27.33 -26.57 -7.96
CA GLU L 119 -26.53 -26.40 -9.16
C GLU L 119 -25.32 -27.33 -9.10
N VAL L 120 -25.06 -28.05 -10.18
CA VAL L 120 -23.87 -28.90 -10.27
C VAL L 120 -23.01 -28.41 -11.42
N MET L 121 -21.72 -28.21 -11.17
CA MET L 121 -20.79 -27.79 -12.21
C MET L 121 -19.59 -28.71 -12.28
N ILE L 122 -19.22 -29.08 -13.50
CA ILE L 122 -18.03 -29.90 -13.75
C ILE L 122 -17.10 -29.16 -14.71
N HIS L 123 -15.80 -29.26 -14.45
CA HIS L 123 -14.79 -28.67 -15.34
C HIS L 123 -13.43 -29.34 -15.10
N GLN L 124 -12.45 -29.01 -15.93
CA GLN L 124 -11.12 -29.58 -15.78
C GLN L 124 -10.34 -28.92 -14.63
N PRO L 125 -9.33 -29.62 -14.07
CA PRO L 125 -8.57 -29.03 -12.97
C PRO L 125 -7.80 -27.77 -13.37
N LEU L 126 -7.60 -26.89 -12.39
CA LEU L 126 -6.89 -25.64 -12.57
C LEU L 126 -5.58 -25.69 -11.83
N GLY L 127 -4.57 -25.00 -12.37
CA GLY L 127 -3.26 -24.95 -11.73
C GLY L 127 -2.34 -23.90 -12.32
N GLY L 128 -1.07 -24.01 -11.96
CA GLY L 128 -0.05 -23.05 -12.36
C GLY L 128 1.31 -23.67 -12.38
N ALA L 129 2.22 -23.04 -13.12
CA ALA L 129 3.61 -23.47 -13.18
C ALA L 129 4.46 -22.29 -13.61
N GLN L 130 5.60 -22.09 -12.94
CA GLN L 130 6.58 -21.07 -13.36
C GLN L 130 7.99 -21.61 -13.14
N GLY L 131 8.92 -21.18 -13.99
CA GLY L 131 10.32 -21.54 -13.90
C GLY L 131 10.87 -22.06 -15.22
N GLN L 132 11.80 -23.00 -15.12
CA GLN L 132 12.50 -23.56 -16.29
C GLN L 132 11.57 -24.42 -17.13
N ALA L 133 11.90 -24.57 -18.40
CA ALA L 133 11.12 -25.41 -19.33
C ALA L 133 10.85 -26.81 -18.77
N THR L 134 11.87 -27.45 -18.21
CA THR L 134 11.72 -28.80 -17.65
C THR L 134 10.82 -28.82 -16.40
N GLU L 135 10.85 -27.75 -15.61
CA GLU L 135 9.94 -27.59 -14.47
C GLU L 135 8.48 -27.43 -14.93
N ILE L 136 8.28 -26.65 -16.00
CA ILE L 136 6.95 -26.46 -16.59
C ILE L 136 6.42 -27.78 -17.14
N GLU L 137 7.30 -28.55 -17.78
CA GLU L 137 6.97 -29.88 -18.29
C GLU L 137 6.51 -30.83 -17.18
N ILE L 138 7.25 -30.86 -16.07
CA ILE L 138 6.90 -31.68 -14.91
C ILE L 138 5.52 -31.28 -14.36
N ALA L 139 5.30 -29.98 -14.19
CA ALA L 139 4.01 -29.46 -13.70
C ALA L 139 2.86 -29.80 -14.67
N ALA L 140 3.11 -29.67 -15.97
CA ALA L 140 2.11 -29.99 -16.99
C ALA L 140 1.74 -31.49 -16.97
N ASN L 141 2.77 -32.34 -16.96
CA ASN L 141 2.58 -33.79 -16.87
C ASN L 141 1.80 -34.17 -15.60
N HIS L 142 2.12 -33.52 -14.48
CA HIS L 142 1.43 -33.76 -13.21
C HIS L 142 -0.08 -33.42 -13.26
N ILE L 143 -0.42 -32.22 -13.73
CA ILE L 143 -1.84 -31.82 -13.80
C ILE L 143 -2.62 -32.64 -14.84
N LEU L 144 -1.97 -33.00 -15.94
CA LEU L 144 -2.58 -33.89 -16.94
C LEU L 144 -2.85 -35.29 -16.39
N LYS L 145 -1.90 -35.86 -15.66
CA LYS L 145 -2.11 -37.15 -14.99
C LYS L 145 -3.23 -37.08 -13.94
N THR L 146 -3.27 -35.97 -13.19
CA THR L 146 -4.33 -35.73 -12.20
C THR L 146 -5.70 -35.67 -12.90
N ARG L 147 -5.77 -35.00 -14.04
CA ARG L 147 -7.02 -34.95 -14.81
C ARG L 147 -7.47 -36.35 -15.26
N GLU L 148 -6.53 -37.14 -15.76
CA GLU L 148 -6.81 -38.52 -16.19
C GLU L 148 -7.35 -39.38 -15.04
N LYS L 149 -6.74 -39.22 -13.86
CA LYS L 149 -7.19 -39.89 -12.62
C LYS L 149 -8.62 -39.51 -12.26
N LEU L 150 -8.90 -38.20 -12.25
CA LEU L 150 -10.24 -37.70 -12.00
C LEU L 150 -11.26 -38.22 -13.03
N ASN L 151 -10.91 -38.14 -14.30
CA ASN L 151 -11.80 -38.57 -15.37
C ASN L 151 -12.11 -40.06 -15.31
N ARG L 152 -11.09 -40.88 -15.01
CA ARG L 152 -11.25 -42.34 -14.84
C ARG L 152 -12.30 -42.65 -13.83
N ILE L 153 -12.12 -42.05 -12.66
CA ILE L 153 -13.00 -42.30 -11.51
C ILE L 153 -14.40 -41.80 -11.81
N LEU L 154 -14.50 -40.60 -12.38
CA LEU L 154 -15.80 -40.06 -12.78
C LEU L 154 -16.53 -40.95 -13.80
N SER L 155 -15.77 -41.51 -14.74
CA SER L 155 -16.33 -42.47 -15.71
C SER L 155 -16.93 -43.68 -14.98
N GLU L 156 -16.17 -44.24 -14.04
CA GLU L 156 -16.60 -45.38 -13.22
C GLU L 156 -17.86 -45.07 -12.40
N ARG L 157 -17.89 -43.87 -11.84
CA ARG L 157 -18.99 -43.45 -10.96
C ARG L 157 -20.27 -43.04 -11.71
N THR L 158 -20.12 -42.50 -12.92
CA THR L 158 -21.26 -42.02 -13.72
C THR L 158 -21.76 -42.99 -14.79
N GLY L 159 -20.90 -43.90 -15.25
CA GLY L 159 -21.18 -44.75 -16.40
C GLY L 159 -20.88 -44.08 -17.73
N GLN L 160 -20.39 -42.84 -17.72
CA GLN L 160 -20.05 -42.14 -18.95
C GLN L 160 -18.64 -42.55 -19.36
N SER L 161 -18.36 -42.49 -20.66
CA SER L 161 -17.01 -42.80 -21.16
C SER L 161 -16.01 -41.71 -20.75
N ILE L 162 -14.75 -42.10 -20.63
CA ILE L 162 -13.66 -41.16 -20.36
C ILE L 162 -13.60 -40.08 -21.44
N GLU L 163 -13.81 -40.49 -22.70
CA GLU L 163 -13.86 -39.59 -23.87
C GLU L 163 -14.94 -38.50 -23.71
N LYS L 164 -16.14 -38.91 -23.30
CA LYS L 164 -17.24 -37.98 -23.05
C LYS L 164 -16.92 -37.04 -21.88
N ILE L 165 -16.37 -37.58 -20.80
CA ILE L 165 -15.99 -36.75 -19.63
C ILE L 165 -14.99 -35.69 -20.01
N GLN L 166 -13.97 -36.10 -20.75
CA GLN L 166 -12.95 -35.17 -21.24
C GLN L 166 -13.59 -34.01 -21.98
N LYS L 167 -14.45 -34.33 -22.93
CA LYS L 167 -15.12 -33.32 -23.76
C LYS L 167 -16.03 -32.42 -22.93
N ASP L 168 -16.82 -33.03 -22.03
CA ASP L 168 -17.79 -32.29 -21.21
C ASP L 168 -17.17 -31.44 -20.09
N THR L 169 -15.91 -31.69 -19.75
CA THR L 169 -15.21 -30.91 -18.72
C THR L 169 -14.17 -29.94 -19.28
N ASP L 170 -14.09 -29.84 -20.61
CA ASP L 170 -13.12 -28.96 -21.27
C ASP L 170 -13.29 -27.50 -20.85
N ARG L 171 -14.54 -27.08 -20.73
CA ARG L 171 -14.92 -25.78 -20.20
C ARG L 171 -15.92 -25.96 -19.06
N ASP L 172 -16.27 -24.87 -18.39
CA ASP L 172 -17.27 -24.89 -17.31
C ASP L 172 -18.59 -25.42 -17.85
N ASN L 173 -19.11 -26.46 -17.21
CA ASN L 173 -20.33 -27.11 -17.64
C ASN L 173 -21.31 -27.13 -16.47
N PHE L 174 -22.30 -26.25 -16.53
CA PHE L 174 -23.31 -26.13 -15.47
C PHE L 174 -24.48 -27.06 -15.76
N LEU L 175 -24.87 -27.84 -14.74
CA LEU L 175 -25.98 -28.77 -14.85
C LEU L 175 -27.03 -28.48 -13.79
N THR L 176 -28.30 -28.64 -14.17
CA THR L 176 -29.39 -28.67 -13.20
C THR L 176 -29.34 -29.99 -12.46
N ALA L 177 -30.10 -30.11 -11.37
CA ALA L 177 -30.17 -31.36 -10.61
C ALA L 177 -30.64 -32.51 -11.50
N GLU L 178 -31.68 -32.25 -12.30
CA GLU L 178 -32.20 -33.27 -13.23
C GLU L 178 -31.15 -33.68 -14.27
N GLU L 179 -30.42 -32.71 -14.82
CA GLU L 179 -29.34 -33.00 -15.76
C GLU L 179 -28.20 -33.79 -15.11
N ALA L 180 -27.89 -33.48 -13.86
CA ALA L 180 -26.89 -34.24 -13.10
C ALA L 180 -27.31 -35.71 -12.90
N LYS L 181 -28.60 -35.93 -12.66
CA LYS L 181 -29.15 -37.29 -12.59
C LYS L 181 -28.99 -37.98 -13.94
N GLU L 182 -29.38 -37.30 -15.02
CA GLU L 182 -29.24 -37.86 -16.37
C GLU L 182 -27.81 -38.23 -16.71
N TYR L 183 -26.89 -37.38 -16.25
CA TYR L 183 -25.46 -37.59 -16.47
C TYR L 183 -24.88 -38.76 -15.68
N GLY L 184 -25.52 -39.13 -14.56
CA GLY L 184 -25.03 -40.17 -13.66
C GLY L 184 -24.20 -39.66 -12.49
N LEU L 185 -24.17 -38.34 -12.30
CA LEU L 185 -23.47 -37.73 -11.14
C LEU L 185 -24.25 -37.95 -9.85
N ILE L 186 -25.58 -37.99 -9.95
CA ILE L 186 -26.45 -38.37 -8.84
C ILE L 186 -27.42 -39.44 -9.31
N ASP L 187 -28.10 -40.05 -8.35
CA ASP L 187 -29.11 -41.09 -8.60
C ASP L 187 -30.52 -40.54 -8.64
N GLU L 188 -30.78 -39.55 -7.81
CA GLU L 188 -32.10 -39.00 -7.73
C GLU L 188 -32.22 -37.53 -7.34
N VAL L 189 -33.19 -36.87 -7.92
CA VAL L 189 -33.54 -35.54 -7.46
C VAL L 189 -34.50 -35.73 -6.28
N MET L 190 -34.11 -35.25 -5.10
CA MET L 190 -34.93 -35.41 -3.90
C MET L 190 -36.08 -34.40 -3.95
N VAL L 191 -37.30 -34.91 -4.10
CA VAL L 191 -38.50 -34.06 -4.25
C VAL L 191 -39.12 -33.78 -2.87
N PRO L 192 -39.89 -32.68 -2.74
CA PRO L 192 -40.49 -32.31 -1.45
C PRO L 192 -41.41 -33.36 -0.82
N GLU L 193 -41.30 -33.53 0.50
CA GLU L 193 -42.04 -34.57 1.22
C GLU L 193 -43.56 -34.29 1.23
N LEU M 3 -14.51 -24.04 11.69
CA LEU M 3 -15.41 -24.67 12.72
C LEU M 3 -15.15 -26.17 12.88
N ILE M 4 -14.44 -26.54 13.94
CA ILE M 4 -14.12 -27.94 14.27
C ILE M 4 -15.26 -28.50 15.12
N PRO M 5 -15.92 -29.58 14.67
CA PRO M 5 -17.06 -30.10 15.42
C PRO M 5 -16.68 -30.78 16.74
N THR M 6 -17.64 -30.81 17.65
CA THR M 6 -17.49 -31.42 18.97
C THR M 6 -18.27 -32.74 19.00
N VAL M 7 -17.69 -33.74 19.65
CA VAL M 7 -18.36 -35.02 19.93
C VAL M 7 -18.49 -35.26 21.44
N ILE M 8 -19.67 -35.73 21.86
CA ILE M 8 -19.95 -35.99 23.28
C ILE M 8 -20.32 -37.46 23.48
N GLU M 9 -19.62 -38.15 24.38
CA GLU M 9 -19.85 -39.57 24.66
C GLU M 9 -20.35 -39.84 26.08
N ALA M 17 -16.86 -34.20 26.57
CA ALA M 17 -16.93 -33.49 25.30
C ALA M 17 -15.53 -33.33 24.72
N TYR M 18 -15.39 -33.70 23.43
CA TYR M 18 -14.13 -33.63 22.71
C TYR M 18 -14.32 -32.89 21.39
N ASP M 19 -13.39 -31.99 21.04
CA ASP M 19 -13.26 -31.61 19.64
C ASP M 19 -12.81 -32.86 18.88
N ILE M 20 -13.16 -32.95 17.60
CA ILE M 20 -12.96 -34.18 16.83
C ILE M 20 -11.50 -34.67 16.84
N TYR M 21 -10.54 -33.76 16.77
CA TYR M 21 -9.11 -34.14 16.73
C TYR M 21 -8.65 -34.70 18.07
N SER M 22 -9.07 -34.06 19.16
CA SER M 22 -8.82 -34.58 20.50
C SER M 22 -9.46 -35.95 20.73
N ARG M 23 -10.65 -36.16 20.15
CA ARG M 23 -11.27 -37.49 20.20
C ARG M 23 -10.41 -38.54 19.51
N LEU M 24 -9.88 -38.21 18.33
CA LEU M 24 -8.97 -39.12 17.62
C LEU M 24 -7.70 -39.41 18.43
N LEU M 25 -7.16 -38.39 19.10
CA LEU M 25 -6.00 -38.55 19.96
C LEU M 25 -6.23 -39.54 21.11
N LYS M 26 -7.45 -39.55 21.64
CA LYS M 26 -7.83 -40.54 22.67
C LYS M 26 -7.61 -41.99 22.20
N ASP M 27 -7.79 -42.25 20.90
CA ASP M 27 -7.49 -43.55 20.30
C ASP M 27 -6.13 -43.61 19.59
N ARG M 28 -5.18 -42.80 20.06
CA ARG M 28 -3.78 -42.84 19.66
C ARG M 28 -3.54 -42.46 18.19
N ILE M 29 -4.41 -41.60 17.67
CA ILE M 29 -4.31 -41.09 16.29
C ILE M 29 -3.84 -39.65 16.36
N ILE M 30 -2.72 -39.36 15.69
CA ILE M 30 -2.16 -38.01 15.59
C ILE M 30 -2.33 -37.53 14.14
N MET M 31 -2.78 -36.29 13.98
CA MET M 31 -3.04 -35.71 12.67
C MET M 31 -1.92 -34.77 12.27
N LEU M 32 -1.15 -35.15 11.25
CA LEU M 32 -0.24 -34.21 10.58
C LEU M 32 -0.96 -33.79 9.30
N GLY M 33 -1.74 -32.72 9.42
CA GLY M 33 -2.66 -32.29 8.37
C GLY M 33 -2.40 -30.91 7.80
N SER M 34 -1.18 -30.41 7.95
CA SER M 34 -0.85 -29.06 7.51
C SER M 34 0.61 -28.97 7.10
N GLN M 35 1.01 -27.79 6.62
CA GLN M 35 2.41 -27.48 6.41
C GLN M 35 3.17 -27.67 7.73
N ILE M 36 4.37 -28.23 7.63
CA ILE M 36 5.20 -28.51 8.81
C ILE M 36 5.99 -27.25 9.18
N ASP M 37 5.65 -26.66 10.32
CA ASP M 37 6.46 -25.61 10.94
C ASP M 37 6.76 -26.03 12.38
N ASP M 38 7.44 -25.17 13.14
CA ASP M 38 7.83 -25.53 14.50
C ASP M 38 6.63 -25.77 15.42
N ASN M 39 5.57 -24.97 15.26
CA ASN M 39 4.35 -25.15 16.07
C ASN M 39 3.73 -26.53 15.85
N VAL M 40 3.61 -26.94 14.59
CA VAL M 40 3.10 -28.25 14.23
C VAL M 40 3.99 -29.36 14.81
N ALA M 41 5.30 -29.21 14.64
CA ALA M 41 6.26 -30.17 15.19
C ALA M 41 6.18 -30.27 16.72
N ASN M 42 6.13 -29.13 17.41
CA ASN M 42 6.04 -29.15 18.89
C ASN M 42 4.79 -29.88 19.37
N SER M 43 3.67 -29.63 18.71
CA SER M 43 2.41 -30.28 19.03
C SER M 43 2.49 -31.80 18.83
N ILE M 44 3.00 -32.23 17.68
CA ILE M 44 3.10 -33.66 17.36
C ILE M 44 4.09 -34.36 18.30
N VAL M 45 5.23 -33.73 18.57
CA VAL M 45 6.21 -34.25 19.54
C VAL M 45 5.55 -34.46 20.91
N SER M 46 4.81 -33.46 21.38
CA SER M 46 4.11 -33.53 22.66
C SER M 46 3.08 -34.67 22.70
N GLN M 47 2.32 -34.81 21.61
CA GLN M 47 1.35 -35.90 21.48
C GLN M 47 2.01 -37.29 21.50
N LEU M 48 3.12 -37.42 20.79
CA LEU M 48 3.90 -38.67 20.80
C LEU M 48 4.40 -39.03 22.19
N LEU M 49 4.97 -38.06 22.90
CA LEU M 49 5.47 -38.26 24.26
C LEU M 49 4.34 -38.64 25.22
N PHE M 50 3.22 -37.97 25.13
CA PHE M 50 2.02 -38.23 25.94
C PHE M 50 1.50 -39.65 25.73
N LEU M 51 1.25 -40.02 24.48
CA LEU M 51 0.79 -41.34 24.14
C LEU M 51 1.70 -42.45 24.65
N GLN M 52 3.00 -42.27 24.51
CA GLN M 52 3.93 -43.23 25.01
C GLN M 52 3.79 -43.38 26.50
N ALA M 53 3.58 -42.29 27.22
CA ALA M 53 3.42 -42.32 28.65
C ALA M 53 2.14 -43.07 29.05
N GLN M 54 1.12 -42.89 28.27
CA GLN M 54 -0.14 -43.56 28.46
C GLN M 54 -0.03 -45.06 28.19
N ASP M 55 0.68 -45.47 27.16
CA ASP M 55 0.87 -46.88 26.85
C ASP M 55 2.11 -47.02 25.98
N SER M 56 3.16 -47.64 26.53
CA SER M 56 4.43 -47.80 25.81
C SER M 56 4.42 -48.91 24.75
N GLU M 57 3.38 -49.74 24.72
CA GLU M 57 3.30 -50.92 23.85
C GLU M 57 2.33 -50.79 22.67
N LYS M 58 1.21 -50.10 22.85
CA LYS M 58 0.19 -49.99 21.80
C LYS M 58 0.64 -49.08 20.66
N ASP M 59 0.30 -49.47 19.43
CA ASP M 59 0.62 -48.69 18.24
C ASP M 59 0.05 -47.27 18.30
N ILE M 60 0.77 -46.36 17.66
CA ILE M 60 0.31 -44.99 17.43
C ILE M 60 0.07 -44.89 15.91
N TYR M 61 -0.91 -44.07 15.52
CA TYR M 61 -1.28 -43.87 14.11
C TYR M 61 -1.04 -42.41 13.73
N LEU M 62 -0.08 -42.18 12.83
CA LEU M 62 0.20 -40.84 12.32
C LEU M 62 -0.42 -40.68 10.92
N TYR M 63 -1.50 -39.91 10.88
CA TYR M 63 -2.15 -39.50 9.65
C TYR M 63 -1.31 -38.40 9.00
N ILE M 64 -1.04 -38.54 7.70
CA ILE M 64 -0.26 -37.54 6.97
C ILE M 64 -1.02 -37.05 5.74
N ASN M 65 -1.46 -35.79 5.80
CA ASN M 65 -1.94 -35.02 4.66
C ASN M 65 -1.21 -33.67 4.71
N SER M 66 -0.03 -33.61 4.09
CA SER M 66 0.87 -32.47 4.29
C SER M 66 1.75 -32.20 3.07
N PRO M 67 1.92 -30.92 2.71
CA PRO M 67 2.85 -30.55 1.62
C PRO M 67 4.31 -30.47 2.09
N GLY M 68 4.59 -30.83 3.34
CA GLY M 68 5.93 -30.74 3.91
C GLY M 68 6.13 -29.38 4.55
N GLY M 69 7.38 -28.93 4.59
CA GLY M 69 7.73 -27.66 5.23
C GLY M 69 9.13 -27.70 5.81
N SER M 70 9.27 -27.17 7.03
CA SER M 70 10.59 -27.05 7.65
C SER M 70 11.27 -28.40 7.88
N VAL M 71 12.52 -28.50 7.44
CA VAL M 71 13.31 -29.72 7.56
C VAL M 71 13.64 -30.00 9.04
N THR M 72 14.05 -28.97 9.78
CA THR M 72 14.36 -29.15 11.20
C THR M 72 13.12 -29.52 12.01
N ALA M 73 11.99 -28.88 11.71
CA ALA M 73 10.71 -29.23 12.33
C ALA M 73 10.33 -30.68 12.02
N GLY M 74 10.52 -31.07 10.76
CA GLY M 74 10.35 -32.46 10.35
C GLY M 74 11.22 -33.42 11.13
N PHE M 75 12.48 -33.05 11.33
CA PHE M 75 13.40 -33.89 12.12
C PHE M 75 13.07 -33.96 13.61
N ALA M 76 12.41 -32.92 14.14
CA ALA M 76 11.87 -32.99 15.51
C ALA M 76 10.88 -34.15 15.64
N ILE M 77 9.98 -34.24 14.67
CA ILE M 77 8.98 -35.30 14.62
C ILE M 77 9.68 -36.65 14.38
N TYR M 78 10.55 -36.69 13.37
CA TYR M 78 11.29 -37.92 13.02
C TYR M 78 12.01 -38.52 14.22
N ASP M 79 12.83 -37.72 14.90
CA ASP M 79 13.61 -38.22 16.04
C ASP M 79 12.74 -38.67 17.20
N THR M 80 11.62 -37.98 17.44
CA THR M 80 10.69 -38.37 18.50
C THR M 80 10.02 -39.71 18.17
N ILE M 81 9.62 -39.89 16.91
CA ILE M 81 9.10 -41.19 16.43
C ILE M 81 10.09 -42.31 16.74
N GLN M 82 11.35 -42.12 16.35
CA GLN M 82 12.35 -43.17 16.51
C GLN M 82 12.73 -43.38 17.98
N HIS M 83 12.66 -42.32 18.79
CA HIS M 83 13.01 -42.42 20.21
C HIS M 83 12.03 -43.26 21.02
N ILE M 84 10.73 -43.05 20.80
CA ILE M 84 9.70 -43.69 21.63
C ILE M 84 9.58 -45.19 21.37
N LYS M 85 9.05 -45.88 22.36
CA LYS M 85 8.85 -47.31 22.36
C LYS M 85 7.80 -47.84 21.34
N PRO M 86 6.57 -47.29 21.39
CA PRO M 86 5.53 -47.78 20.48
C PRO M 86 5.86 -47.63 19.00
N ASP M 87 5.39 -48.57 18.19
CA ASP M 87 5.41 -48.42 16.73
C ASP M 87 4.51 -47.25 16.35
N VAL M 88 5.00 -46.40 15.45
CA VAL M 88 4.19 -45.33 14.88
C VAL M 88 3.88 -45.71 13.44
N GLN M 89 2.62 -46.08 13.20
CA GLN M 89 2.16 -46.33 11.84
C GLN M 89 2.03 -44.98 11.14
N THR M 90 2.29 -44.96 9.84
CA THR M 90 2.06 -43.76 9.03
C THR M 90 1.07 -44.09 7.94
N ILE M 91 0.13 -43.16 7.72
CA ILE M 91 -0.92 -43.35 6.74
C ILE M 91 -1.08 -42.09 5.90
N CYS M 92 -0.73 -42.17 4.62
CA CYS M 92 -0.87 -41.03 3.71
C CYS M 92 -2.27 -41.00 3.12
N ILE M 93 -2.96 -39.90 3.38
CA ILE M 93 -4.32 -39.66 2.86
C ILE M 93 -4.31 -38.26 2.25
N GLY M 94 -4.71 -38.16 0.99
CA GLY M 94 -4.64 -36.91 0.23
C GLY M 94 -3.27 -36.73 -0.39
N MET M 95 -2.33 -36.18 0.36
CA MET M 95 -0.97 -35.93 -0.15
C MET M 95 0.08 -36.04 0.95
N ALA M 96 1.26 -36.54 0.58
CA ALA M 96 2.47 -36.36 1.37
C ALA M 96 3.53 -35.86 0.40
N ALA M 97 4.02 -34.65 0.62
CA ALA M 97 5.06 -34.09 -0.23
C ALA M 97 6.24 -33.65 0.60
N SER M 98 7.43 -33.77 0.03
CA SER M 98 8.62 -33.18 0.65
C SER M 98 8.93 -33.83 1.99
N MET M 99 9.16 -33.02 3.03
CA MET M 99 9.32 -33.52 4.39
C MET M 99 8.12 -34.35 4.88
N GLY M 100 6.94 -34.14 4.30
CA GLY M 100 5.78 -34.99 4.55
C GLY M 100 5.98 -36.44 4.10
N SER M 101 6.54 -36.64 2.90
CA SER M 101 6.85 -37.99 2.40
C SER M 101 8.02 -38.61 3.15
N PHE M 102 8.95 -37.76 3.61
CA PHE M 102 10.06 -38.22 4.44
C PHE M 102 9.49 -38.87 5.72
N LEU M 103 8.56 -38.18 6.37
CA LEU M 103 7.92 -38.69 7.58
C LEU M 103 7.04 -39.92 7.32
N LEU M 104 6.38 -39.95 6.17
CA LEU M 104 5.64 -41.15 5.75
C LEU M 104 6.55 -42.38 5.71
N ALA M 105 7.72 -42.21 5.09
CA ALA M 105 8.75 -43.27 5.01
C ALA M 105 9.37 -43.64 6.36
N ALA M 106 9.23 -42.75 7.35
CA ALA M 106 9.79 -42.93 8.69
C ALA M 106 8.94 -43.75 9.66
N GLY M 107 7.74 -44.15 9.26
CA GLY M 107 6.87 -44.98 10.08
C GLY M 107 7.44 -46.37 10.34
N ALA M 108 6.86 -47.07 11.31
CA ALA M 108 7.32 -48.41 11.68
C ALA M 108 7.34 -49.34 10.47
N LYS M 109 8.41 -50.12 10.35
CA LYS M 109 8.59 -50.99 9.20
C LYS M 109 7.46 -52.02 9.13
N GLY M 110 6.87 -52.14 7.95
CA GLY M 110 5.65 -52.92 7.74
C GLY M 110 4.33 -52.21 8.03
N LYS M 111 4.38 -51.00 8.59
CA LYS M 111 3.19 -50.26 9.01
C LYS M 111 3.13 -48.85 8.40
N ARG M 112 3.67 -48.70 7.19
CA ARG M 112 3.58 -47.47 6.43
C ARG M 112 2.60 -47.69 5.28
N PHE M 113 1.55 -46.88 5.25
CA PHE M 113 0.45 -47.05 4.30
C PHE M 113 0.11 -45.79 3.54
N ALA M 114 -0.55 -45.98 2.42
CA ALA M 114 -1.22 -44.90 1.71
C ALA M 114 -2.53 -45.42 1.17
N LEU M 115 -3.53 -44.53 1.13
CA LEU M 115 -4.81 -44.86 0.49
C LEU M 115 -4.61 -44.80 -1.05
N PRO M 116 -5.46 -45.48 -1.84
CA PRO M 116 -5.14 -45.71 -3.26
C PRO M 116 -4.92 -44.48 -4.14
N ASN M 117 -5.62 -43.37 -3.86
CA ASN M 117 -5.54 -42.15 -4.65
C ASN M 117 -4.71 -41.06 -3.99
N ALA M 118 -4.04 -41.40 -2.88
CA ALA M 118 -3.13 -40.47 -2.21
C ALA M 118 -1.92 -40.21 -3.10
N GLU M 119 -1.42 -38.98 -3.04
CA GLU M 119 -0.30 -38.54 -3.87
C GLU M 119 0.94 -38.41 -2.99
N VAL M 120 2.05 -38.95 -3.47
CA VAL M 120 3.33 -38.84 -2.77
C VAL M 120 4.31 -38.11 -3.68
N MET M 121 4.96 -37.07 -3.16
CA MET M 121 5.96 -36.32 -3.93
C MET M 121 7.27 -36.22 -3.17
N ILE M 122 8.36 -36.47 -3.88
CA ILE M 122 9.70 -36.33 -3.33
C ILE M 122 10.50 -35.34 -4.17
N HIS M 123 11.30 -34.50 -3.51
CA HIS M 123 12.19 -33.57 -4.19
C HIS M 123 13.31 -33.12 -3.26
N GLN M 124 14.27 -32.37 -3.78
CA GLN M 124 15.39 -31.90 -2.96
C GLN M 124 14.97 -30.71 -2.09
N PRO M 125 15.70 -30.49 -0.97
CA PRO M 125 15.34 -29.36 -0.09
C PRO M 125 15.47 -27.99 -0.78
N LEU M 126 14.65 -27.06 -0.33
CA LEU M 126 14.61 -25.70 -0.85
C LEU M 126 15.13 -24.74 0.20
N GLY M 127 15.77 -23.67 -0.24
CA GLY M 127 16.29 -22.66 0.69
C GLY M 127 16.70 -21.37 0.01
N GLY M 128 17.42 -20.56 0.77
CA GLY M 128 17.84 -19.26 0.30
C GLY M 128 19.10 -18.82 1.01
N ALA M 129 19.81 -17.88 0.39
CA ALA M 129 21.01 -17.31 0.97
C ALA M 129 21.25 -15.96 0.33
N GLN M 130 21.58 -14.97 1.15
CA GLN M 130 21.99 -13.66 0.67
C GLN M 130 23.11 -13.09 1.51
N GLY M 131 23.95 -12.28 0.89
CA GLY M 131 25.02 -11.57 1.57
C GLY M 131 26.36 -11.80 0.90
N GLN M 132 27.40 -11.86 1.72
CA GLN M 132 28.78 -12.01 1.24
C GLN M 132 29.03 -13.41 0.67
N ALA M 133 30.02 -13.50 -0.22
CA ALA M 133 30.39 -14.78 -0.84
C ALA M 133 30.60 -15.90 0.20
N THR M 134 31.31 -15.59 1.29
CA THR M 134 31.57 -16.60 2.33
C THR M 134 30.30 -16.99 3.10
N GLU M 135 29.35 -16.06 3.24
CA GLU M 135 28.03 -16.37 3.82
C GLU M 135 27.22 -17.30 2.91
N ILE M 136 27.27 -17.03 1.60
CA ILE M 136 26.59 -17.86 0.60
C ILE M 136 27.19 -19.28 0.60
N GLU M 137 28.51 -19.36 0.72
CA GLU M 137 29.22 -20.64 0.83
C GLU M 137 28.77 -21.45 2.04
N ILE M 138 28.70 -20.80 3.19
CA ILE M 138 28.22 -21.43 4.43
C ILE M 138 26.79 -21.97 4.27
N ALA M 139 25.91 -21.13 3.72
CA ALA M 139 24.52 -21.53 3.47
C ALA M 139 24.42 -22.69 2.47
N ALA M 140 25.22 -22.65 1.42
CA ALA M 140 25.26 -23.73 0.42
C ALA M 140 25.74 -25.05 1.03
N ASN M 141 26.86 -24.99 1.76
CA ASN M 141 27.39 -26.17 2.45
C ASN M 141 26.36 -26.75 3.43
N HIS M 142 25.66 -25.88 4.14
CA HIS M 142 24.61 -26.30 5.08
C HIS M 142 23.46 -27.06 4.40
N ILE M 143 22.88 -26.48 3.34
CA ILE M 143 21.76 -27.13 2.66
C ILE M 143 22.19 -28.42 1.94
N LEU M 144 23.41 -28.45 1.42
CA LEU M 144 23.96 -29.66 0.81
C LEU M 144 24.15 -30.79 1.83
N LYS M 145 24.69 -30.45 3.01
CA LYS M 145 24.81 -31.43 4.10
C LYS M 145 23.45 -31.94 4.58
N THR M 146 22.47 -31.03 4.67
CA THR M 146 21.10 -31.37 5.02
C THR M 146 20.50 -32.34 3.99
N ARG M 147 20.73 -32.09 2.70
CA ARG M 147 20.28 -33.01 1.65
C ARG M 147 20.89 -34.41 1.80
N GLU M 148 22.20 -34.46 2.06
CA GLU M 148 22.92 -35.73 2.26
C GLU M 148 22.34 -36.52 3.44
N LYS M 149 22.04 -35.81 4.54
CA LYS M 149 21.39 -36.38 5.73
C LYS M 149 20.03 -36.98 5.38
N LEU M 150 19.20 -36.20 4.70
CA LEU M 150 17.89 -36.67 4.23
C LEU M 150 18.00 -37.89 3.32
N ASN M 151 18.89 -37.81 2.33
CA ASN M 151 19.07 -38.90 1.36
C ASN M 151 19.55 -40.19 2.00
N ARG M 152 20.51 -40.08 2.92
CA ARG M 152 21.04 -41.23 3.65
C ARG M 152 19.93 -41.96 4.41
N ILE M 153 19.11 -41.20 5.15
CA ILE M 153 18.01 -41.79 5.92
C ILE M 153 16.97 -42.40 4.97
N LEU M 154 16.62 -41.68 3.91
CA LEU M 154 15.66 -42.19 2.92
C LEU M 154 16.13 -43.49 2.27
N SER M 155 17.43 -43.56 1.99
CA SER M 155 18.05 -44.79 1.49
C SER M 155 17.86 -45.96 2.47
N GLU M 156 18.14 -45.71 3.74
CA GLU M 156 17.95 -46.70 4.81
C GLU M 156 16.50 -47.16 4.95
N ARG M 157 15.57 -46.21 4.83
CA ARG M 157 14.15 -46.47 5.02
C ARG M 157 13.47 -47.13 3.81
N THR M 158 13.96 -46.84 2.60
CA THR M 158 13.37 -47.36 1.36
C THR M 158 14.08 -48.59 0.78
N GLY M 159 15.35 -48.77 1.11
CA GLY M 159 16.18 -49.77 0.46
C GLY M 159 16.77 -49.32 -0.87
N GLN M 160 16.50 -48.08 -1.29
CA GLN M 160 17.07 -47.54 -2.52
C GLN M 160 18.46 -46.99 -2.22
N SER M 161 19.33 -46.97 -3.22
CA SER M 161 20.68 -46.42 -3.06
C SER M 161 20.62 -44.90 -2.92
N ILE M 162 21.62 -44.33 -2.25
CA ILE M 162 21.76 -42.88 -2.11
C ILE M 162 21.86 -42.22 -3.50
N GLU M 163 22.58 -42.87 -4.42
CA GLU M 163 22.74 -42.45 -5.81
C GLU M 163 21.39 -42.32 -6.53
N LYS M 164 20.54 -43.33 -6.38
CA LYS M 164 19.20 -43.33 -6.97
C LYS M 164 18.31 -42.24 -6.33
N ILE M 165 18.36 -42.12 -5.00
CA ILE M 165 17.59 -41.10 -4.28
C ILE M 165 17.98 -39.69 -4.79
N GLN M 166 19.28 -39.43 -4.89
CA GLN M 166 19.79 -38.15 -5.42
C GLN M 166 19.19 -37.83 -6.78
N LYS M 167 19.27 -38.80 -7.69
CA LYS M 167 18.77 -38.63 -9.05
C LYS M 167 17.25 -38.42 -9.07
N ASP M 168 16.54 -39.23 -8.30
CA ASP M 168 15.07 -39.18 -8.28
C ASP M 168 14.46 -37.98 -7.55
N THR M 169 15.27 -37.26 -6.76
CA THR M 169 14.82 -36.07 -6.05
C THR M 169 15.38 -34.76 -6.65
N ASP M 170 16.10 -34.86 -7.77
CA ASP M 170 16.69 -33.68 -8.42
C ASP M 170 15.62 -32.65 -8.80
N ARG M 171 14.50 -33.15 -9.31
CA ARG M 171 13.32 -32.35 -9.60
C ARG M 171 12.11 -32.95 -8.90
N ASP M 172 10.97 -32.26 -8.96
CA ASP M 172 9.72 -32.75 -8.38
C ASP M 172 9.37 -34.09 -9.00
N ASN M 173 9.17 -35.09 -8.14
CA ASN M 173 8.88 -36.44 -8.57
C ASN M 173 7.58 -36.89 -7.90
N PHE M 174 6.49 -36.91 -8.67
CA PHE M 174 5.18 -37.31 -8.18
C PHE M 174 4.98 -38.81 -8.34
N LEU M 175 4.51 -39.46 -7.30
CA LEU M 175 4.26 -40.89 -7.33
C LEU M 175 2.86 -41.23 -6.86
N THR M 176 2.26 -42.21 -7.49
CA THR M 176 1.00 -42.78 -7.03
C THR M 176 1.29 -43.59 -5.76
N ALA M 177 0.24 -43.97 -5.05
CA ALA M 177 0.38 -44.82 -3.87
C ALA M 177 1.10 -46.13 -4.21
N GLU M 178 0.70 -46.76 -5.32
CA GLU M 178 1.33 -48.00 -5.76
C GLU M 178 2.81 -47.81 -6.11
N GLU M 179 3.13 -46.71 -6.79
CA GLU M 179 4.52 -46.38 -7.08
C GLU M 179 5.34 -46.11 -5.82
N ALA M 180 4.73 -45.47 -4.83
CA ALA M 180 5.38 -45.23 -3.54
C ALA M 180 5.70 -46.55 -2.81
N LYS M 181 4.78 -47.51 -2.92
CA LYS M 181 5.04 -48.87 -2.40
C LYS M 181 6.20 -49.53 -3.13
N GLU M 182 6.17 -49.47 -4.46
CA GLU M 182 7.25 -50.01 -5.31
C GLU M 182 8.62 -49.38 -4.97
N TYR M 183 8.60 -48.08 -4.68
CA TYR M 183 9.80 -47.34 -4.31
C TYR M 183 10.35 -47.68 -2.91
N GLY M 184 9.49 -48.17 -2.02
CA GLY M 184 9.85 -48.46 -0.63
C GLY M 184 9.55 -47.34 0.35
N LEU M 185 8.83 -46.31 -0.09
CA LEU M 185 8.39 -45.22 0.79
C LEU M 185 7.25 -45.66 1.71
N ILE M 186 6.43 -46.59 1.24
CA ILE M 186 5.41 -47.24 2.05
C ILE M 186 5.51 -48.76 1.87
N ASP M 187 4.83 -49.48 2.73
CA ASP M 187 4.78 -50.95 2.69
C ASP M 187 3.55 -51.48 1.97
N GLU M 188 2.42 -50.82 2.11
CA GLU M 188 1.21 -51.28 1.50
C GLU M 188 0.23 -50.19 1.13
N VAL M 189 -0.51 -50.45 0.06
CA VAL M 189 -1.61 -49.58 -0.34
C VAL M 189 -2.81 -50.14 0.40
N MET M 190 -3.41 -49.33 1.27
CA MET M 190 -4.54 -49.78 2.07
C MET M 190 -5.80 -49.79 1.20
N VAL M 191 -6.30 -50.99 0.93
CA VAL M 191 -7.46 -51.17 0.04
C VAL M 191 -8.76 -51.14 0.84
N PRO M 192 -9.90 -50.80 0.19
CA PRO M 192 -11.18 -50.70 0.91
C PRO M 192 -11.63 -51.98 1.65
N GLU M 193 -12.13 -51.78 2.89
CA GLU M 193 -12.49 -52.83 3.87
C GLU M 193 -13.99 -53.03 3.82
N ILE N 4 -4.56 -26.69 19.07
CA ILE N 4 -3.84 -27.44 20.16
C ILE N 4 -4.80 -28.46 20.78
N PRO N 5 -4.48 -29.77 20.70
CA PRO N 5 -5.41 -30.77 21.21
C PRO N 5 -5.54 -30.80 22.74
N THR N 6 -6.67 -31.30 23.20
CA THR N 6 -6.98 -31.43 24.61
C THR N 6 -6.91 -32.90 25.02
N VAL N 7 -6.36 -33.14 26.21
CA VAL N 7 -6.36 -34.48 26.83
C VAL N 7 -7.14 -34.48 28.14
N ILE N 8 -7.94 -35.52 28.36
CA ILE N 8 -8.74 -35.69 29.58
C ILE N 8 -8.28 -36.91 30.38
N ALA N 17 -9.33 -31.74 32.38
CA ALA N 17 -9.04 -31.49 30.98
C ALA N 17 -7.84 -30.55 30.85
N TYR N 18 -6.87 -30.95 30.03
CA TYR N 18 -5.63 -30.20 29.79
C TYR N 18 -5.41 -30.00 28.31
N ASP N 19 -5.02 -28.80 27.89
CA ASP N 19 -4.36 -28.66 26.58
C ASP N 19 -3.02 -29.42 26.69
N ILE N 20 -2.53 -29.93 25.57
CA ILE N 20 -1.38 -30.85 25.59
C ILE N 20 -0.14 -30.25 26.28
N TYR N 21 0.11 -28.96 26.08
CA TYR N 21 1.28 -28.31 26.69
C TYR N 21 1.15 -28.19 28.21
N SER N 22 -0.03 -27.82 28.67
CA SER N 22 -0.34 -27.79 30.11
C SER N 22 -0.24 -29.18 30.73
N ARG N 23 -0.62 -30.21 29.98
CA ARG N 23 -0.45 -31.60 30.45
C ARG N 23 1.03 -31.92 30.65
N LEU N 24 1.88 -31.52 29.69
CA LEU N 24 3.33 -31.72 29.83
C LEU N 24 3.90 -30.97 31.03
N LEU N 25 3.41 -29.75 31.27
CA LEU N 25 3.83 -28.94 32.42
C LEU N 25 3.52 -29.63 33.77
N LYS N 26 2.41 -30.36 33.83
CA LYS N 26 2.07 -31.17 35.02
C LYS N 26 3.18 -32.17 35.37
N ASP N 27 3.87 -32.70 34.36
CA ASP N 27 5.05 -33.56 34.58
C ASP N 27 6.40 -32.82 34.47
N ARG N 28 6.40 -31.53 34.78
CA ARG N 28 7.61 -30.70 34.90
C ARG N 28 8.37 -30.52 33.58
N ILE N 29 7.64 -30.56 32.47
CA ILE N 29 8.21 -30.34 31.14
C ILE N 29 7.78 -28.95 30.65
N ILE N 30 8.77 -28.11 30.31
CA ILE N 30 8.55 -26.78 29.77
C ILE N 30 8.98 -26.78 28.30
N MET N 31 8.14 -26.20 27.45
CA MET N 31 8.40 -26.17 26.01
C MET N 31 8.92 -24.79 25.59
N LEU N 32 10.18 -24.74 25.18
CA LEU N 32 10.72 -23.58 24.46
C LEU N 32 10.70 -23.96 22.98
N GLY N 33 9.57 -23.66 22.32
CA GLY N 33 9.31 -24.14 20.97
C GLY N 33 9.11 -23.05 19.93
N SER N 34 9.62 -21.85 20.20
CA SER N 34 9.43 -20.71 19.30
C SER N 34 10.61 -19.76 19.38
N GLN N 35 10.56 -18.72 18.55
CA GLN N 35 11.46 -17.59 18.68
C GLN N 35 11.37 -17.00 20.08
N ILE N 36 12.52 -16.65 20.66
CA ILE N 36 12.59 -16.11 22.01
C ILE N 36 12.33 -14.61 21.98
N ASP N 37 11.19 -14.20 22.54
CA ASP N 37 10.89 -12.80 22.80
C ASP N 37 10.54 -12.66 24.29
N ASP N 38 10.20 -11.45 24.72
CA ASP N 38 9.89 -11.23 26.13
C ASP N 38 8.68 -12.04 26.62
N ASN N 39 7.65 -12.19 25.79
CA ASN N 39 6.47 -12.98 26.15
C ASN N 39 6.84 -14.43 26.44
N VAL N 40 7.63 -15.02 25.56
CA VAL N 40 8.11 -16.39 25.72
C VAL N 40 8.95 -16.51 26.99
N ALA N 41 9.88 -15.57 27.18
CA ALA N 41 10.70 -15.54 28.40
C ALA N 41 9.88 -15.41 29.68
N ASN N 42 8.92 -14.49 29.70
CA ASN N 42 8.07 -14.31 30.89
C ASN N 42 7.32 -15.60 31.25
N SER N 43 6.79 -16.26 30.23
CA SER N 43 6.06 -17.52 30.41
C SER N 43 6.96 -18.60 31.00
N ILE N 44 8.14 -18.78 30.39
CA ILE N 44 9.08 -19.81 30.84
C ILE N 44 9.61 -19.54 32.26
N VAL N 45 9.93 -18.28 32.53
CA VAL N 45 10.32 -17.85 33.88
C VAL N 45 9.24 -18.20 34.91
N SER N 46 7.99 -17.88 34.60
CA SER N 46 6.86 -18.18 35.47
C SER N 46 6.69 -19.68 35.71
N GLN N 47 6.82 -20.47 34.65
CA GLN N 47 6.75 -21.93 34.74
C GLN N 47 7.86 -22.50 35.62
N LEU N 48 9.08 -21.99 35.44
CA LEU N 48 10.22 -22.40 36.27
C LEU N 48 9.98 -22.10 37.75
N LEU N 49 9.52 -20.88 38.05
CA LEU N 49 9.24 -20.48 39.43
C LEU N 49 8.14 -21.36 40.04
N PHE N 50 7.14 -21.67 39.28
CA PHE N 50 6.04 -22.48 39.70
C PHE N 50 6.49 -23.91 39.99
N LEU N 51 7.24 -24.51 39.07
CA LEU N 51 7.69 -25.86 39.23
C LEU N 51 8.58 -25.97 40.46
N GLN N 52 9.40 -24.97 40.68
CA GLN N 52 10.26 -24.95 41.83
C GLN N 52 9.40 -24.98 43.11
N ALA N 53 8.36 -24.19 43.17
CA ALA N 53 7.52 -24.10 44.34
C ALA N 53 6.79 -25.41 44.58
N GLN N 54 6.39 -26.03 43.52
CA GLN N 54 5.75 -27.33 43.58
C GLN N 54 6.66 -28.42 44.16
N ASP N 55 7.91 -28.43 43.73
CA ASP N 55 8.90 -29.40 44.19
C ASP N 55 10.29 -28.83 43.92
N SER N 56 11.01 -28.51 44.99
CA SER N 56 12.35 -27.91 44.87
C SER N 56 13.45 -28.92 44.52
N GLU N 57 13.15 -30.21 44.56
CA GLU N 57 14.15 -31.27 44.37
C GLU N 57 14.06 -32.02 43.04
N LYS N 58 12.85 -32.21 42.51
CA LYS N 58 12.66 -32.98 41.27
C LYS N 58 13.14 -32.21 40.03
N ASP N 59 13.75 -32.94 39.11
CA ASP N 59 14.24 -32.35 37.86
C ASP N 59 13.12 -31.67 37.06
N ILE N 60 13.51 -30.63 36.33
CA ILE N 60 12.67 -29.98 35.34
C ILE N 60 13.26 -30.33 33.98
N TYR N 61 12.40 -30.41 32.96
CA TYR N 61 12.81 -30.75 31.59
C TYR N 61 12.48 -29.60 30.65
N LEU N 62 13.51 -28.95 30.10
CA LEU N 62 13.31 -27.87 29.14
C LEU N 62 13.56 -28.39 27.72
N TYR N 63 12.47 -28.53 26.99
CA TYR N 63 12.49 -28.87 25.57
C TYR N 63 12.87 -27.63 24.78
N ILE N 64 13.83 -27.77 23.86
CA ILE N 64 14.28 -26.65 23.03
C ILE N 64 14.17 -27.00 21.55
N ASN N 65 13.22 -26.34 20.89
CA ASN N 65 13.13 -26.29 19.43
C ASN N 65 12.94 -24.82 19.06
N SER N 66 14.04 -24.10 18.89
CA SER N 66 14.00 -22.64 18.79
C SER N 66 15.13 -22.07 17.93
N PRO N 67 14.81 -21.07 17.08
CA PRO N 67 15.85 -20.38 16.32
C PRO N 67 16.57 -19.29 17.11
N GLY N 68 16.27 -19.16 18.40
CA GLY N 68 16.82 -18.10 19.25
C GLY N 68 15.95 -16.86 19.21
N GLY N 69 16.56 -15.70 19.40
CA GLY N 69 15.83 -14.43 19.45
C GLY N 69 16.50 -13.44 20.39
N SER N 70 15.69 -12.75 21.19
CA SER N 70 16.19 -11.69 22.07
C SER N 70 17.20 -12.20 23.10
N VAL N 71 18.35 -11.53 23.16
CA VAL N 71 19.41 -11.89 24.10
C VAL N 71 18.98 -11.62 25.54
N THR N 72 18.37 -10.46 25.81
CA THR N 72 17.90 -10.15 27.17
C THR N 72 16.80 -11.10 27.62
N ALA N 73 15.88 -11.43 26.71
CA ALA N 73 14.83 -12.42 27.00
C ALA N 73 15.45 -13.79 27.30
N GLY N 74 16.46 -14.16 26.50
CA GLY N 74 17.23 -15.37 26.76
C GLY N 74 17.89 -15.36 28.13
N PHE N 75 18.46 -14.24 28.51
CA PHE N 75 19.07 -14.11 29.84
C PHE N 75 18.07 -14.12 31.01
N ALA N 76 16.82 -13.71 30.77
CA ALA N 76 15.76 -13.88 31.75
C ALA N 76 15.58 -15.35 32.08
N ILE N 77 15.52 -16.18 31.04
CA ILE N 77 15.39 -17.62 31.19
C ILE N 77 16.65 -18.20 31.84
N TYR N 78 17.81 -17.82 31.32
CA TYR N 78 19.10 -18.30 31.82
C TYR N 78 19.27 -18.07 33.33
N ASP N 79 19.07 -16.83 33.77
CA ASP N 79 19.22 -16.49 35.18
C ASP N 79 18.22 -17.21 36.08
N THR N 80 16.99 -17.39 35.61
CA THR N 80 15.98 -18.11 36.37
C THR N 80 16.35 -19.58 36.52
N ILE N 81 16.84 -20.20 35.43
CA ILE N 81 17.35 -21.57 35.49
C ILE N 81 18.43 -21.70 36.59
N GLN N 82 19.41 -20.80 36.57
CA GLN N 82 20.52 -20.88 37.52
C GLN N 82 20.10 -20.54 38.94
N HIS N 83 19.09 -19.67 39.09
CA HIS N 83 18.62 -19.28 40.41
C HIS N 83 17.91 -20.41 41.18
N ILE N 84 17.04 -21.13 40.49
CA ILE N 84 16.20 -22.14 41.16
C ILE N 84 16.98 -23.38 41.61
N LYS N 85 16.42 -24.08 42.60
CA LYS N 85 17.00 -25.29 43.20
C LYS N 85 17.08 -26.50 42.27
N PRO N 86 15.95 -26.90 41.65
CA PRO N 86 15.96 -28.08 40.81
C PRO N 86 16.90 -28.00 39.61
N ASP N 87 17.48 -29.14 39.24
CA ASP N 87 18.21 -29.26 37.98
C ASP N 87 17.23 -29.06 36.83
N VAL N 88 17.64 -28.26 35.84
CA VAL N 88 16.86 -28.10 34.62
C VAL N 88 17.61 -28.84 33.52
N GLN N 89 17.07 -29.97 33.09
CA GLN N 89 17.60 -30.69 31.95
C GLN N 89 17.23 -29.91 30.70
N THR N 90 18.10 -29.93 29.70
CA THR N 90 17.79 -29.34 28.40
C THR N 90 17.85 -30.43 27.34
N ILE N 91 16.88 -30.40 26.42
CA ILE N 91 16.78 -31.40 25.37
C ILE N 91 16.51 -30.72 24.04
N CYS N 92 17.48 -30.76 23.13
CA CYS N 92 17.32 -30.17 21.80
C CYS N 92 16.66 -31.16 20.86
N ILE N 93 15.50 -30.78 20.34
CA ILE N 93 14.75 -31.58 19.37
C ILE N 93 14.39 -30.64 18.21
N GLY N 94 14.76 -31.05 16.99
CA GLY N 94 14.60 -30.21 15.81
C GLY N 94 15.79 -29.29 15.64
N MET N 95 15.76 -28.14 16.30
CA MET N 95 16.84 -27.15 16.19
C MET N 95 17.02 -26.35 17.47
N ALA N 96 18.26 -26.01 17.77
CA ALA N 96 18.58 -24.93 18.72
C ALA N 96 19.58 -24.03 18.02
N ALA N 97 19.21 -22.78 17.79
CA ALA N 97 20.10 -21.83 17.14
C ALA N 97 20.25 -20.60 18.00
N SER N 98 21.44 -20.00 17.95
CA SER N 98 21.67 -18.69 18.52
C SER N 98 21.42 -18.71 20.05
N MET N 99 20.63 -17.80 20.59
CA MET N 99 20.24 -17.83 22.01
C MET N 99 19.58 -19.16 22.44
N GLY N 100 18.97 -19.88 21.49
CA GLY N 100 18.46 -21.22 21.73
C GLY N 100 19.55 -22.23 22.10
N SER N 101 20.67 -22.21 21.38
CA SER N 101 21.82 -23.07 21.71
C SER N 101 22.51 -22.62 22.98
N PHE N 102 22.50 -21.32 23.25
CA PHE N 102 23.03 -20.79 24.51
C PHE N 102 22.26 -21.41 25.69
N LEU N 103 20.94 -21.42 25.60
CA LEU N 103 20.10 -22.01 26.66
C LEU N 103 20.24 -23.53 26.74
N LEU N 104 20.41 -24.19 25.59
CA LEU N 104 20.72 -25.61 25.58
C LEU N 104 21.97 -25.92 26.42
N ALA N 105 23.02 -25.14 26.20
CA ALA N 105 24.27 -25.26 26.96
C ALA N 105 24.16 -24.89 28.44
N ALA N 106 23.09 -24.19 28.80
CA ALA N 106 22.85 -23.71 30.16
C ALA N 106 22.15 -24.72 31.08
N GLY N 107 21.75 -25.86 30.55
CA GLY N 107 21.10 -26.90 31.35
C GLY N 107 22.04 -27.51 32.39
N ALA N 108 21.47 -28.24 33.33
CA ALA N 108 22.24 -28.85 34.42
C ALA N 108 23.37 -29.71 33.86
N LYS N 109 24.56 -29.58 34.45
CA LYS N 109 25.74 -30.29 33.97
C LYS N 109 25.49 -31.81 34.06
N GLY N 110 25.76 -32.50 32.94
CA GLY N 110 25.42 -33.92 32.77
C GLY N 110 24.02 -34.22 32.25
N LYS N 111 23.16 -33.20 32.16
CA LYS N 111 21.76 -33.39 31.78
C LYS N 111 21.35 -32.49 30.60
N ARG N 112 22.30 -32.24 29.71
CA ARG N 112 22.04 -31.50 28.47
C ARG N 112 22.10 -32.50 27.32
N PHE N 113 21.01 -32.60 26.58
CA PHE N 113 20.85 -33.62 25.54
C PHE N 113 20.42 -33.03 24.20
N ALA N 114 20.66 -33.80 23.16
CA ALA N 114 20.05 -33.57 21.86
C ALA N 114 19.69 -34.92 21.25
N LEU N 115 18.62 -34.96 20.47
CA LEU N 115 18.25 -36.13 19.69
C LEU N 115 19.19 -36.20 18.46
N PRO N 116 19.36 -37.39 17.87
CA PRO N 116 20.46 -37.58 16.90
C PRO N 116 20.49 -36.69 15.66
N ASN N 117 19.32 -36.30 15.16
CA ASN N 117 19.21 -35.47 13.94
C ASN N 117 18.88 -34.02 14.25
N ALA N 118 18.91 -33.64 15.53
CA ALA N 118 18.71 -32.25 15.93
C ALA N 118 19.88 -31.40 15.45
N GLU N 119 19.59 -30.17 15.08
CA GLU N 119 20.58 -29.24 14.56
C GLU N 119 20.90 -28.18 15.61
N VAL N 120 22.18 -27.93 15.83
CA VAL N 120 22.62 -26.88 16.75
C VAL N 120 23.42 -25.85 15.96
N MET N 121 23.06 -24.57 16.10
CA MET N 121 23.79 -23.50 15.43
C MET N 121 24.24 -22.44 16.42
N ILE N 122 25.50 -22.02 16.30
CA ILE N 122 26.04 -20.94 17.11
C ILE N 122 26.55 -19.83 16.18
N HIS N 123 26.33 -18.58 16.59
CA HIS N 123 26.85 -17.41 15.86
C HIS N 123 26.89 -16.20 16.78
N GLN N 124 27.47 -15.10 16.29
CA GLN N 124 27.56 -13.88 17.10
C GLN N 124 26.23 -13.15 17.14
N PRO N 125 26.01 -12.31 18.18
CA PRO N 125 24.74 -11.57 18.25
C PRO N 125 24.53 -10.60 17.08
N LEU N 126 23.25 -10.38 16.76
CA LEU N 126 22.83 -9.49 15.69
C LEU N 126 22.16 -8.26 16.29
N GLY N 127 22.30 -7.12 15.62
CA GLY N 127 21.67 -5.90 16.07
C GLY N 127 21.69 -4.79 15.05
N GLY N 128 21.36 -3.59 15.53
CA GLY N 128 21.26 -2.42 14.68
C GLY N 128 21.53 -1.15 15.45
N ALA N 129 21.87 -0.11 14.73
CA ALA N 129 22.10 1.20 15.32
C ALA N 129 21.96 2.26 14.25
N GLN N 130 21.29 3.35 14.59
CA GLN N 130 21.11 4.46 13.69
C GLN N 130 21.12 5.77 14.45
N GLY N 131 21.64 6.82 13.82
CA GLY N 131 21.67 8.16 14.40
C GLY N 131 23.07 8.75 14.38
N GLN N 132 23.39 9.53 15.41
CA GLN N 132 24.65 10.25 15.50
C GLN N 132 25.80 9.31 15.76
N ALA N 133 27.00 9.74 15.39
CA ALA N 133 28.22 8.95 15.59
C ALA N 133 28.36 8.44 17.03
N THR N 134 28.12 9.30 18.01
CA THR N 134 28.22 8.91 19.43
C THR N 134 27.14 7.90 19.84
N GLU N 135 25.96 7.99 19.24
CA GLU N 135 24.90 6.99 19.45
C GLU N 135 25.28 5.63 18.86
N ILE N 136 25.89 5.64 17.67
CA ILE N 136 26.37 4.42 17.01
CA ILE N 136 26.34 4.41 17.03
C ILE N 136 27.47 3.77 17.86
N GLU N 137 28.36 4.61 18.41
CA GLU N 137 29.43 4.15 19.30
C GLU N 137 28.88 3.45 20.55
N ILE N 138 27.88 4.08 21.19
CA ILE N 138 27.21 3.49 22.36
C ILE N 138 26.58 2.14 22.01
N ALA N 139 25.85 2.07 20.90
CA ALA N 139 25.23 0.83 20.44
C ALA N 139 26.27 -0.25 20.13
N ALA N 140 27.37 0.14 19.48
CA ALA N 140 28.46 -0.79 19.17
C ALA N 140 29.12 -1.34 20.44
N ASN N 141 29.47 -0.45 21.36
CA ASN N 141 30.04 -0.85 22.65
C ASN N 141 29.10 -1.81 23.40
N HIS N 142 27.79 -1.51 23.37
CA HIS N 142 26.78 -2.36 24.02
C HIS N 142 26.72 -3.78 23.44
N ILE N 143 26.62 -3.91 22.12
CA ILE N 143 26.54 -5.24 21.50
C ILE N 143 27.86 -6.02 21.65
N LEU N 144 28.99 -5.32 21.61
CA LEU N 144 30.29 -5.95 21.85
C LEU N 144 30.42 -6.47 23.29
N LYS N 145 29.95 -5.70 24.26
CA LYS N 145 29.97 -6.12 25.65
C LYS N 145 29.08 -7.35 25.78
N THR N 146 27.88 -7.27 25.22
CA THR N 146 26.92 -8.38 25.24
C THR N 146 27.55 -9.66 24.67
N ARG N 147 28.27 -9.54 23.55
CA ARG N 147 28.97 -10.69 22.96
C ARG N 147 29.99 -11.28 23.94
N GLU N 148 30.78 -10.42 24.58
CA GLU N 148 31.79 -10.86 25.57
C GLU N 148 31.13 -11.62 26.74
N LYS N 149 30.00 -11.10 27.21
CA LYS N 149 29.19 -11.75 28.26
C LYS N 149 28.74 -13.14 27.84
N LEU N 150 28.16 -13.23 26.64
CA LEU N 150 27.74 -14.51 26.08
C LEU N 150 28.90 -15.49 25.93
N ASN N 151 30.00 -15.02 25.36
CA ASN N 151 31.18 -15.86 25.13
C ASN N 151 31.79 -16.38 26.43
N ARG N 152 31.89 -15.52 27.43
CA ARG N 152 32.43 -15.89 28.74
C ARG N 152 31.61 -17.01 29.37
N ILE N 153 30.29 -16.87 29.36
CA ILE N 153 29.39 -17.90 29.92
C ILE N 153 29.47 -19.19 29.10
N LEU N 154 29.44 -19.07 27.78
CA LEU N 154 29.58 -20.24 26.90
C LEU N 154 30.90 -21.00 27.14
N SER N 155 31.98 -20.25 27.35
CA SER N 155 33.28 -20.83 27.69
C SER N 155 33.19 -21.66 28.99
N GLU N 156 32.56 -21.08 30.01
CA GLU N 156 32.35 -21.73 31.31
C GLU N 156 31.49 -22.99 31.19
N ARG N 157 30.47 -22.93 30.36
CA ARG N 157 29.52 -24.04 30.17
C ARG N 157 30.04 -25.16 29.27
N THR N 158 30.88 -24.83 28.29
CA THR N 158 31.41 -25.82 27.33
C THR N 158 32.81 -26.35 27.65
N GLY N 159 33.58 -25.59 28.42
CA GLY N 159 35.01 -25.89 28.62
C GLY N 159 35.91 -25.39 27.48
N GLN N 160 35.34 -24.74 26.46
CA GLN N 160 36.13 -24.16 25.37
C GLN N 160 36.64 -22.79 25.79
N SER N 161 37.76 -22.37 25.22
CA SER N 161 38.31 -21.05 25.52
C SER N 161 37.44 -19.96 24.92
N ILE N 162 37.49 -18.77 25.52
CA ILE N 162 36.82 -17.58 24.98
C ILE N 162 37.32 -17.27 23.56
N GLU N 163 38.63 -17.42 23.35
CA GLU N 163 39.27 -17.24 22.04
C GLU N 163 38.66 -18.15 20.97
N LYS N 164 38.49 -19.43 21.31
CA LYS N 164 37.90 -20.40 20.39
C LYS N 164 36.43 -20.08 20.11
N ILE N 165 35.69 -19.72 21.16
CA ILE N 165 34.27 -19.33 20.98
C ILE N 165 34.12 -18.16 20.05
N GLN N 166 34.93 -17.14 20.27
CA GLN N 166 34.97 -15.97 19.39
C GLN N 166 35.15 -16.37 17.92
N LYS N 167 36.17 -17.21 17.65
CA LYS N 167 36.52 -17.69 16.27
C LYS N 167 35.35 -18.48 15.69
N ASP N 168 34.82 -19.40 16.49
CA ASP N 168 33.78 -20.32 16.04
C ASP N 168 32.39 -19.70 15.87
N THR N 169 32.17 -18.51 16.44
CA THR N 169 30.88 -17.81 16.32
C THR N 169 30.94 -16.60 15.38
N ASP N 170 32.08 -16.39 14.73
CA ASP N 170 32.26 -15.24 13.84
C ASP N 170 31.24 -15.25 12.70
N ARG N 171 30.98 -16.44 12.16
CA ARG N 171 29.94 -16.68 11.18
C ARG N 171 29.03 -17.81 11.67
N ASP N 172 27.95 -18.06 10.93
CA ASP N 172 27.02 -19.14 11.24
C ASP N 172 27.76 -20.47 11.26
N ASN N 173 27.66 -21.20 12.37
CA ASN N 173 28.36 -22.44 12.57
C ASN N 173 27.34 -23.52 12.92
N PHE N 174 27.02 -24.37 11.95
CA PHE N 174 26.06 -25.46 12.13
C PHE N 174 26.74 -26.71 12.64
N LEU N 175 26.19 -27.30 13.71
CA LEU N 175 26.71 -28.51 14.30
C LEU N 175 25.66 -29.60 14.32
N THR N 176 26.09 -30.84 14.09
CA THR N 176 25.26 -32.01 14.35
C THR N 176 25.17 -32.21 15.87
N ALA N 177 24.26 -33.08 16.30
CA ALA N 177 24.13 -33.40 17.73
C ALA N 177 25.44 -33.94 18.29
N GLU N 178 26.08 -34.85 17.55
CA GLU N 178 27.35 -35.42 17.95
C GLU N 178 28.47 -34.36 18.05
N GLU N 179 28.50 -33.45 17.07
CA GLU N 179 29.46 -32.34 17.11
C GLU N 179 29.20 -31.39 18.28
N ALA N 180 27.93 -31.15 18.59
CA ALA N 180 27.57 -30.34 19.77
C ALA N 180 28.04 -30.98 21.08
N LYS N 181 27.96 -32.31 21.17
CA LYS N 181 28.51 -33.05 22.30
C LYS N 181 30.01 -32.88 22.37
N GLU N 182 30.69 -33.08 21.24
CA GLU N 182 32.14 -32.90 21.15
C GLU N 182 32.58 -31.49 21.57
N TYR N 183 31.77 -30.49 21.20
CA TYR N 183 32.03 -29.09 21.52
C TYR N 183 31.82 -28.74 23.01
N GLY N 184 30.99 -29.53 23.71
CA GLY N 184 30.64 -29.28 25.10
C GLY N 184 29.35 -28.49 25.28
N LEU N 185 28.59 -28.30 24.20
CA LEU N 185 27.27 -27.64 24.27
C LEU N 185 26.22 -28.55 24.90
N ILE N 186 26.37 -29.86 24.68
CA ILE N 186 25.55 -30.88 25.33
C ILE N 186 26.46 -31.94 25.91
N ASP N 187 25.88 -32.79 26.76
CA ASP N 187 26.59 -33.89 27.40
C ASP N 187 26.41 -35.21 26.66
N GLU N 188 25.23 -35.45 26.13
CA GLU N 188 24.96 -36.68 25.43
C GLU N 188 23.96 -36.60 24.30
N VAL N 189 24.17 -37.44 23.33
CA VAL N 189 23.20 -37.60 22.25
C VAL N 189 22.24 -38.68 22.75
N MET N 190 20.97 -38.34 22.89
CA MET N 190 19.98 -39.28 23.41
C MET N 190 19.61 -40.26 22.30
N VAL N 191 20.00 -41.52 22.49
CA VAL N 191 19.78 -42.57 21.47
C VAL N 191 18.44 -43.28 21.71
N PRO N 192 17.85 -43.90 20.66
CA PRO N 192 16.54 -44.54 20.79
C PRO N 192 16.45 -45.66 21.83
N GLU N 193 15.33 -45.69 22.57
CA GLU N 193 15.17 -46.65 23.67
C GLU N 193 15.09 -48.09 23.18
#